data_9K2D
#
_entry.id   9K2D
#
_cell.length_a   94.659
_cell.length_b   190.444
_cell.length_c   96.562
_cell.angle_alpha   90.00
_cell.angle_beta   117.40
_cell.angle_gamma   90.00
#
_symmetry.space_group_name_H-M   'P 1 21 1'
#
loop_
_entity.id
_entity.type
_entity.pdbx_description
1 polymer 'ATP-dependent Clp protease proteolytic subunit'
2 non-polymer (6~{S},9~{a}~{S})-6-[(2~{S})-butan-2-yl]-8-[(4-methoxynaphthalen-1-yl)methyl]-4,7-bis(oxidanylidene)-~{N}-[4,4,4-tris(fluoranyl)butyl]-3,6,9,9~{a}-tetrahydro-2~{H}-pyrazino[1,2-a]pyrimidine-1-carboxamide
3 non-polymer (4S)-2-METHYL-2,4-PENTANEDIOL
4 water water
#
_entity_poly.entity_id   1
_entity_poly.type   'polypeptide(L)'
_entity_poly.pdbx_seq_one_letter_code
;MNLIPTVIETTNRGERAYDIYSRLLKDRIIMLGSQIDDNVANSIVSQLLFLQAQDSEKDIYLYINSPGGSVTAGFAIYDT
IQHIKPDVQTICIGMAASMGSFLLAAGAKGKRFALPNAEVMIHQPLGGAQGQATEIEIAANHILKTREKLNRILSERTGQ
SIEKIQKDTDRDNFLTAEEAKEYGLIDEVMVPETKHHHHHH
;
_entity_poly.pdbx_strand_id   A,B,C,D,E,F,G,H,I,J,K,L,M,N
#
loop_
_chem_comp.id
_chem_comp.type
_chem_comp.name
_chem_comp.formula
A1EEK non-polymer (6~{S},9~{a}~{S})-6-[(2~{S})-butan-2-yl]-8-[(4-methoxynaphthalen-1-yl)methyl]-4,7-bis(oxidanylidene)-~{N}-[4,4,4-tris(fluoranyl)butyl]-3,6,9,9~{a}-tetrahydro-2~{H}-pyrazino[1,2-a]pyrimidine-1-carboxamide 'C28 H35 F3 N4 O4'
MPD non-polymer (4S)-2-METHYL-2,4-PENTANEDIOL 'C6 H14 O2'
#
# COMPACT_ATOMS: atom_id res chain seq x y z
N LEU A 3 -5.06 16.30 25.01
CA LEU A 3 -4.59 17.58 25.64
C LEU A 3 -4.27 17.38 27.12
N ILE A 4 -3.00 17.59 27.48
CA ILE A 4 -2.55 17.51 28.88
C ILE A 4 -2.86 18.85 29.56
N PRO A 5 -3.63 18.82 30.67
CA PRO A 5 -4.10 20.07 31.28
C PRO A 5 -3.00 20.90 31.95
N THR A 6 -3.28 22.21 32.06
CA THR A 6 -2.36 23.19 32.66
C THR A 6 -2.87 23.56 34.06
N VAL A 7 -1.92 23.84 34.96
CA VAL A 7 -2.22 24.32 36.32
C VAL A 7 -1.36 25.57 36.62
N ILE A 8 -1.95 26.53 37.32
CA ILE A 8 -1.29 27.81 37.63
C ILE A 8 -1.40 28.09 39.13
N ALA A 17 3.20 28.79 34.91
CA ALA A 17 2.17 27.92 34.35
C ALA A 17 2.76 26.53 34.07
N TYR A 18 2.38 25.56 34.91
CA TYR A 18 2.86 24.18 34.79
C TYR A 18 1.86 23.33 34.01
N ASP A 19 2.36 22.49 33.11
CA ASP A 19 1.60 21.31 32.68
C ASP A 19 1.52 20.36 33.88
N ILE A 20 0.48 19.53 33.95
CA ILE A 20 0.21 18.70 35.13
C ILE A 20 1.41 17.87 35.60
N TYR A 21 2.18 17.31 34.66
CA TYR A 21 3.32 16.45 34.99
C TYR A 21 4.51 17.25 35.53
N SER A 22 4.71 18.46 35.00
CA SER A 22 5.71 19.39 35.53
C SER A 22 5.39 19.88 36.94
N ARG A 23 4.10 20.07 37.24
CA ARG A 23 3.66 20.39 38.60
C ARG A 23 3.98 19.25 39.58
N LEU A 24 3.78 18.00 39.13
CA LEU A 24 4.15 16.83 39.94
C LEU A 24 5.67 16.74 40.19
N LEU A 25 6.46 17.07 39.18
CA LEU A 25 7.93 17.09 39.31
C LEU A 25 8.42 18.13 40.32
N LYS A 26 7.66 19.22 40.51
CA LYS A 26 7.92 20.21 41.56
C LYS A 26 7.91 19.62 42.98
N ASP A 27 7.07 18.59 43.20
CA ASP A 27 7.05 17.84 44.46
C ASP A 27 7.76 16.47 44.36
N ARG A 28 8.79 16.40 43.52
CA ARG A 28 9.69 15.23 43.42
C ARG A 28 8.99 13.94 42.97
N ILE A 29 7.98 14.07 42.10
CA ILE A 29 7.27 12.92 41.54
C ILE A 29 7.64 12.79 40.06
N ILE A 30 8.24 11.64 39.69
CA ILE A 30 8.59 11.33 38.31
C ILE A 30 7.59 10.32 37.76
N MET A 31 7.13 10.56 36.52
CA MET A 31 6.16 9.69 35.85
C MET A 31 6.84 8.74 34.86
N LEU A 32 6.76 7.44 35.15
CA LEU A 32 7.04 6.39 34.17
C LEU A 32 5.69 5.83 33.74
N GLY A 33 5.06 6.51 32.79
CA GLY A 33 3.69 6.21 32.36
C GLY A 33 3.54 5.76 30.92
N SER A 34 4.57 5.09 30.39
CA SER A 34 4.59 4.67 28.99
C SER A 34 5.57 3.52 28.76
N GLN A 35 5.60 3.05 27.52
CA GLN A 35 6.59 2.06 27.09
C GLN A 35 8.00 2.65 27.23
N ILE A 36 8.93 1.83 27.72
CA ILE A 36 10.29 2.28 28.00
C ILE A 36 11.13 2.19 26.72
N ASP A 37 11.46 3.36 26.18
CA ASP A 37 12.47 3.49 25.12
C ASP A 37 13.58 4.42 25.64
N ASP A 38 14.56 4.73 24.80
CA ASP A 38 15.68 5.59 25.21
C ASP A 38 15.24 7.01 25.57
N ASN A 39 14.26 7.55 24.85
CA ASN A 39 13.71 8.89 25.15
C ASN A 39 13.12 8.97 26.56
N VAL A 40 12.29 7.99 26.90
CA VAL A 40 11.69 7.91 28.24
C VAL A 40 12.78 7.78 29.30
N ALA A 41 13.75 6.91 29.06
CA ALA A 41 14.87 6.69 29.99
C ALA A 41 15.73 7.94 30.18
N ASN A 42 16.05 8.63 29.08
CA ASN A 42 16.84 9.88 29.15
C ASN A 42 16.13 10.94 29.98
N SER A 43 14.81 11.06 29.81
CA SER A 43 14.00 12.01 30.57
C SER A 43 13.99 11.69 32.06
N ILE A 44 13.70 10.43 32.41
CA ILE A 44 13.63 9.99 33.81
C ILE A 44 15.00 10.09 34.50
N VAL A 45 16.05 9.65 33.81
CA VAL A 45 17.43 9.76 34.31
C VAL A 45 17.80 11.23 34.60
N SER A 46 17.45 12.11 33.66
CA SER A 46 17.67 13.55 33.83
C SER A 46 16.88 14.15 34.98
N GLN A 47 15.62 13.73 35.13
CA GLN A 47 14.78 14.15 36.27
C GLN A 47 15.37 13.71 37.61
N LEU A 48 15.87 12.47 37.68
CA LEU A 48 16.52 11.95 38.89
C LEU A 48 17.76 12.77 39.27
N LEU A 49 18.59 13.11 38.27
CA LEU A 49 19.78 13.93 38.49
C LEU A 49 19.44 15.35 38.95
N PHE A 50 18.38 15.92 38.37
CA PHE A 50 17.94 17.26 38.74
C PHE A 50 17.42 17.30 40.18
N LEU A 51 16.55 16.35 40.53
CA LEU A 51 15.94 16.32 41.87
C LEU A 51 16.95 16.11 43.00
N GLN A 52 17.90 15.20 42.81
CA GLN A 52 18.97 14.99 43.78
C GLN A 52 19.89 16.22 43.93
N ALA A 53 20.07 16.96 42.84
CA ALA A 53 20.81 18.22 42.87
C ALA A 53 20.05 19.31 43.66
N GLN A 54 18.73 19.35 43.50
CA GLN A 54 17.88 20.24 44.31
C GLN A 54 17.94 19.88 45.80
N ASP A 55 17.81 18.58 46.10
CA ASP A 55 17.86 18.08 47.47
C ASP A 55 18.30 16.61 47.48
N SER A 56 19.45 16.34 48.10
CA SER A 56 20.01 14.97 48.15
C SER A 56 19.46 14.10 49.29
N GLU A 57 18.67 14.68 50.19
CA GLU A 57 18.09 13.96 51.34
C GLU A 57 16.63 13.54 51.14
N LYS A 58 15.81 14.43 50.58
CA LYS A 58 14.37 14.18 50.41
C LYS A 58 14.08 13.03 49.45
N ASP A 59 13.05 12.25 49.76
CA ASP A 59 12.63 11.14 48.91
C ASP A 59 12.15 11.62 47.53
N ILE A 60 12.35 10.76 46.53
CA ILE A 60 11.82 10.93 45.18
C ILE A 60 10.75 9.84 45.01
N TYR A 61 9.73 10.14 44.21
CA TYR A 61 8.61 9.23 43.99
C TYR A 61 8.49 8.87 42.50
N LEU A 62 8.69 7.60 42.18
CA LEU A 62 8.59 7.10 40.81
C LEU A 62 7.23 6.41 40.61
N TYR A 63 6.36 7.07 39.86
CA TYR A 63 5.08 6.50 39.44
C TYR A 63 5.32 5.54 38.28
N ILE A 64 4.80 4.32 38.36
CA ILE A 64 4.98 3.31 37.33
C ILE A 64 3.64 2.80 36.79
N ASN A 65 3.31 3.21 35.56
CA ASN A 65 2.22 2.63 34.78
C ASN A 65 2.79 2.31 33.38
N SER A 66 3.46 1.17 33.28
CA SER A 66 4.25 0.84 32.09
C SER A 66 4.18 -0.65 31.73
N PRO A 67 4.12 -0.96 30.42
CA PRO A 67 4.26 -2.36 29.97
C PRO A 67 5.71 -2.83 29.80
N GLY A 68 6.69 -2.00 30.20
CA GLY A 68 8.10 -2.32 30.02
C GLY A 68 8.60 -1.80 28.69
N GLY A 69 9.63 -2.44 28.15
CA GLY A 69 10.23 -2.04 26.88
C GLY A 69 11.69 -2.41 26.82
N SER A 70 12.54 -1.46 26.40
CA SER A 70 13.97 -1.72 26.22
C SER A 70 14.67 -2.03 27.54
N VAL A 71 15.45 -3.12 27.54
CA VAL A 71 16.20 -3.55 28.72
C VAL A 71 17.32 -2.57 29.05
N THR A 72 18.06 -2.11 28.03
CA THR A 72 19.15 -1.14 28.24
C THR A 72 18.61 0.21 28.73
N ALA A 73 17.50 0.65 28.15
CA ALA A 73 16.80 1.86 28.61
C ALA A 73 16.32 1.69 30.05
N GLY A 74 15.81 0.51 30.38
CA GLY A 74 15.42 0.16 31.76
C GLY A 74 16.58 0.21 32.73
N PHE A 75 17.73 -0.31 32.32
CA PHE A 75 18.94 -0.28 33.16
C PHE A 75 19.57 1.12 33.30
N ALA A 76 19.30 2.00 32.35
CA ALA A 76 19.65 3.43 32.48
C ALA A 76 18.96 4.04 33.70
N ILE A 77 17.67 3.74 33.84
CA ILE A 77 16.86 4.20 34.96
C ILE A 77 17.29 3.49 36.25
N TYR A 78 17.46 2.18 36.18
CA TYR A 78 17.87 1.36 37.33
C TYR A 78 19.16 1.90 37.98
N ASP A 79 20.21 2.03 37.17
CA ASP A 79 21.51 2.48 37.66
C ASP A 79 21.50 3.89 38.25
N THR A 80 20.70 4.77 37.66
CA THR A 80 20.58 6.15 38.16
C THR A 80 19.87 6.18 39.52
N ILE A 81 18.83 5.36 39.68
CA ILE A 81 18.15 5.19 40.98
C ILE A 81 19.15 4.76 42.05
N GLN A 82 19.94 3.72 41.76
CA GLN A 82 20.91 3.20 42.73
C GLN A 82 22.05 4.18 43.01
N HIS A 83 22.48 4.92 41.97
CA HIS A 83 23.61 5.83 42.09
C HIS A 83 23.35 7.05 42.98
N ILE A 84 22.17 7.66 42.85
CA ILE A 84 21.84 8.88 43.60
C ILE A 84 21.61 8.60 45.09
N LYS A 85 21.79 9.62 45.92
CA LYS A 85 21.64 9.50 47.38
C LYS A 85 20.19 9.37 47.86
N PRO A 86 19.26 10.17 47.29
CA PRO A 86 17.86 10.08 47.73
C PRO A 86 17.24 8.70 47.54
N ASP A 87 16.42 8.27 48.50
CA ASP A 87 15.58 7.08 48.31
C ASP A 87 14.58 7.37 47.20
N VAL A 88 14.47 6.45 46.25
CA VAL A 88 13.46 6.55 45.20
C VAL A 88 12.35 5.54 45.52
N GLN A 89 11.22 6.07 45.96
CA GLN A 89 10.02 5.25 46.17
C GLN A 89 9.47 4.85 44.81
N THR A 90 8.90 3.64 44.73
CA THR A 90 8.20 3.19 43.53
C THR A 90 6.77 2.86 43.91
N ILE A 91 5.84 3.25 43.05
CA ILE A 91 4.43 2.90 43.22
C ILE A 91 3.85 2.45 41.89
N CYS A 92 3.32 1.22 41.87
CA CYS A 92 2.66 0.68 40.68
C CYS A 92 1.18 1.03 40.74
N ILE A 93 0.74 1.80 39.74
CA ILE A 93 -0.67 2.16 39.57
C ILE A 93 -1.02 1.75 38.14
N GLY A 94 -2.11 1.00 37.99
CA GLY A 94 -2.51 0.45 36.70
C GLY A 94 -1.82 -0.88 36.42
N MET A 95 -0.61 -0.80 35.87
CA MET A 95 0.17 -2.00 35.59
C MET A 95 1.68 -1.77 35.54
N ALA A 96 2.44 -2.80 35.89
CA ALA A 96 3.89 -2.84 35.71
C ALA A 96 4.23 -4.21 35.11
N ALA A 97 4.57 -4.22 33.82
CA ALA A 97 4.92 -5.46 33.12
C ALA A 97 6.38 -5.43 32.67
N SER A 98 7.00 -6.61 32.65
CA SER A 98 8.32 -6.80 32.07
C SER A 98 9.38 -5.91 32.75
N MET A 99 10.04 -5.01 32.02
CA MET A 99 11.04 -4.11 32.62
C MET A 99 10.44 -3.07 33.57
N GLY A 100 9.14 -2.80 33.44
CA GLY A 100 8.41 -1.96 34.39
C GLY A 100 8.36 -2.55 35.80
N SER A 101 8.10 -3.86 35.89
CA SER A 101 8.07 -4.57 37.17
CA SER A 101 8.07 -4.57 37.17
C SER A 101 9.47 -4.71 37.77
N PHE A 102 10.49 -4.77 36.90
CA PHE A 102 11.89 -4.78 37.34
C PHE A 102 12.22 -3.48 38.05
N LEU A 103 11.84 -2.35 37.43
CA LEU A 103 12.04 -1.02 38.01
C LEU A 103 11.18 -0.80 39.27
N LEU A 104 9.98 -1.37 39.30
CA LEU A 104 9.15 -1.38 40.52
C LEU A 104 9.90 -2.03 41.68
N ALA A 105 10.49 -3.19 41.43
CA ALA A 105 11.29 -3.91 42.44
C ALA A 105 12.61 -3.21 42.82
N ALA A 106 13.08 -2.30 41.97
CA ALA A 106 14.31 -1.53 42.19
C ALA A 106 14.16 -0.32 43.13
N GLY A 107 12.94 0.01 43.56
CA GLY A 107 12.73 1.11 44.50
C GLY A 107 13.39 0.86 45.85
N ALA A 108 13.52 1.92 46.65
CA ALA A 108 14.19 1.84 47.95
C ALA A 108 13.53 0.80 48.85
N LYS A 109 14.35 -0.01 49.52
CA LYS A 109 13.85 -1.09 50.38
C LYS A 109 12.93 -0.55 51.46
N GLY A 110 11.73 -1.12 51.54
CA GLY A 110 10.66 -0.63 52.40
C GLY A 110 9.73 0.40 51.79
N LYS A 111 10.08 0.93 50.61
CA LYS A 111 9.32 2.01 49.97
C LYS A 111 8.88 1.66 48.54
N ARG A 112 8.59 0.37 48.31
CA ARG A 112 8.05 -0.10 47.04
C ARG A 112 6.60 -0.46 47.27
N PHE A 113 5.70 0.20 46.53
CA PHE A 113 4.26 0.12 46.77
C PHE A 113 3.48 -0.26 45.52
N ALA A 114 2.22 -0.63 45.73
CA ALA A 114 1.25 -0.77 44.65
C ALA A 114 -0.15 -0.55 45.21
N LEU A 115 -1.05 -0.01 44.39
CA LEU A 115 -2.46 0.10 44.76
C LEU A 115 -3.13 -1.26 44.54
N PRO A 116 -4.24 -1.54 45.25
CA PRO A 116 -4.79 -2.91 45.36
C PRO A 116 -5.03 -3.66 44.04
N ASN A 117 -5.60 -2.97 43.05
CA ASN A 117 -5.94 -3.56 41.74
C ASN A 117 -4.84 -3.41 40.67
N ALA A 118 -3.66 -2.93 41.06
CA ALA A 118 -2.53 -2.82 40.13
C ALA A 118 -2.04 -4.20 39.70
N GLU A 119 -1.66 -4.32 38.44
CA GLU A 119 -1.26 -5.59 37.83
C GLU A 119 0.25 -5.62 37.65
N VAL A 120 0.90 -6.67 38.14
CA VAL A 120 2.35 -6.84 37.97
C VAL A 120 2.59 -8.12 37.19
N MET A 121 3.36 -8.02 36.09
CA MET A 121 3.69 -9.16 35.25
C MET A 121 5.19 -9.30 35.12
N ILE A 122 5.68 -10.55 35.19
CA ILE A 122 7.08 -10.87 35.00
C ILE A 122 7.21 -11.99 33.96
N HIS A 123 8.17 -11.83 33.06
CA HIS A 123 8.53 -12.89 32.10
C HIS A 123 10.01 -12.75 31.72
N GLN A 124 10.49 -13.61 30.83
CA GLN A 124 11.86 -13.52 30.33
C GLN A 124 11.97 -12.44 29.24
N PRO A 125 13.18 -11.89 29.03
CA PRO A 125 13.33 -10.84 28.00
C PRO A 125 13.05 -11.34 26.59
N LEU A 126 12.53 -10.44 25.75
CA LEU A 126 12.16 -10.73 24.37
C LEU A 126 13.17 -10.11 23.41
N GLY A 127 13.33 -10.73 22.25
CA GLY A 127 14.22 -10.21 21.22
C GLY A 127 14.17 -11.00 19.93
N GLY A 128 15.17 -10.75 19.08
CA GLY A 128 15.26 -11.43 17.79
C GLY A 128 16.65 -11.39 17.20
N ALA A 129 16.88 -12.25 16.22
CA ALA A 129 18.15 -12.32 15.50
C ALA A 129 17.91 -12.91 14.11
N GLN A 130 18.68 -12.43 13.14
CA GLN A 130 18.59 -12.92 11.76
C GLN A 130 19.92 -12.77 11.04
N GLY A 131 20.30 -13.80 10.28
CA GLY A 131 21.54 -13.80 9.50
C GLY A 131 22.31 -15.11 9.65
N GLN A 132 23.64 -15.02 9.60
CA GLN A 132 24.52 -16.18 9.70
C GLN A 132 24.44 -16.87 11.05
N ALA A 133 24.77 -18.17 11.08
CA ALA A 133 24.70 -18.98 12.31
C ALA A 133 25.51 -18.41 13.47
N THR A 134 26.70 -17.89 13.18
CA THR A 134 27.55 -17.24 14.18
C THR A 134 26.96 -15.92 14.69
N GLU A 135 26.22 -15.21 13.83
CA GLU A 135 25.49 -14.00 14.24
C GLU A 135 24.31 -14.34 15.15
N ILE A 136 23.60 -15.43 14.84
CA ILE A 136 22.51 -15.92 15.69
C ILE A 136 23.04 -16.34 17.08
N GLU A 137 24.20 -17.01 17.08
CA GLU A 137 24.88 -17.42 18.32
C GLU A 137 25.24 -16.22 19.22
N ILE A 138 25.81 -15.18 18.61
CA ILE A 138 26.17 -13.95 19.32
C ILE A 138 24.94 -13.27 19.92
N ALA A 139 23.85 -13.22 19.16
CA ALA A 139 22.57 -12.68 19.65
C ALA A 139 21.96 -13.53 20.76
N ALA A 140 22.09 -14.86 20.64
CA ALA A 140 21.58 -15.78 21.65
C ALA A 140 22.36 -15.71 22.96
N ASN A 141 23.68 -15.68 22.87
CA ASN A 141 24.55 -15.49 24.05
C ASN A 141 24.27 -14.15 24.75
N HIS A 142 23.95 -13.12 23.98
CA HIS A 142 23.66 -11.78 24.52
C HIS A 142 22.38 -11.75 25.36
N ILE A 143 21.28 -12.26 24.80
CA ILE A 143 19.97 -12.25 25.49
C ILE A 143 19.93 -13.21 26.69
N LEU A 144 20.70 -14.30 26.63
CA LEU A 144 20.84 -15.22 27.77
C LEU A 144 21.64 -14.60 28.92
N LYS A 145 22.74 -13.92 28.59
CA LYS A 145 23.51 -13.13 29.58
C LYS A 145 22.68 -12.00 30.18
N THR A 146 21.87 -11.36 29.35
CA THR A 146 20.97 -10.30 29.80
C THR A 146 19.89 -10.83 30.77
N ARG A 147 19.35 -12.02 30.49
CA ARG A 147 18.38 -12.64 31.40
C ARG A 147 19.01 -13.02 32.75
N GLU A 148 20.21 -13.62 32.70
CA GLU A 148 20.97 -13.96 33.91
C GLU A 148 21.23 -12.73 34.78
N LYS A 149 21.63 -11.64 34.12
CA LYS A 149 21.82 -10.32 34.75
C LYS A 149 20.53 -9.79 35.40
N LEU A 150 19.42 -9.89 34.66
CA LEU A 150 18.10 -9.49 35.17
C LEU A 150 17.63 -10.35 36.34
N ASN A 151 17.78 -11.68 36.21
CA ASN A 151 17.37 -12.62 37.25
C ASN A 151 18.22 -12.52 38.53
N ARG A 152 19.51 -12.27 38.36
CA ARG A 152 20.44 -12.09 39.50
C ARG A 152 20.05 -10.90 40.37
N ILE A 153 19.77 -9.76 39.74
CA ILE A 153 19.35 -8.55 40.44
C ILE A 153 17.97 -8.74 41.07
N LEU A 154 17.05 -9.33 40.33
CA LEU A 154 15.68 -9.59 40.82
C LEU A 154 15.69 -10.54 42.02
N SER A 155 16.58 -11.53 42.01
CA SER A 155 16.83 -12.41 43.15
C SER A 155 17.28 -11.63 44.38
N GLU A 156 18.23 -10.72 44.19
CA GLU A 156 18.76 -9.88 45.28
C GLU A 156 17.73 -8.94 45.91
N ARG A 157 16.80 -8.43 45.10
CA ARG A 157 15.81 -7.45 45.56
C ARG A 157 14.49 -8.04 46.06
N THR A 158 14.17 -9.26 45.62
CA THR A 158 12.97 -9.98 46.07
C THR A 158 13.23 -10.94 47.23
N GLY A 159 14.46 -11.44 47.34
CA GLY A 159 14.82 -12.48 48.30
C GLY A 159 14.58 -13.90 47.80
N GLN A 160 14.10 -14.06 46.57
CA GLN A 160 13.88 -15.37 45.97
C GLN A 160 15.18 -15.88 45.37
N SER A 161 15.31 -17.21 45.24
CA SER A 161 16.47 -17.81 44.63
C SER A 161 16.47 -17.60 43.11
N ILE A 162 17.66 -17.55 42.52
CA ILE A 162 17.81 -17.41 41.05
C ILE A 162 17.09 -18.54 40.30
N GLU A 163 17.10 -19.76 40.88
CA GLU A 163 16.44 -20.92 40.30
C GLU A 163 14.91 -20.73 40.26
N LYS A 164 14.34 -20.15 41.32
CA LYS A 164 12.91 -19.87 41.37
C LYS A 164 12.50 -18.74 40.41
N ILE A 165 13.34 -17.71 40.29
CA ILE A 165 13.09 -16.61 39.35
C ILE A 165 13.07 -17.14 37.91
N GLN A 166 14.06 -17.96 37.57
CA GLN A 166 14.15 -18.62 36.26
C GLN A 166 12.87 -19.39 35.91
N LYS A 167 12.36 -20.16 36.87
CA LYS A 167 11.13 -20.94 36.67
C LYS A 167 9.88 -20.06 36.52
N ASP A 168 9.76 -19.04 37.38
CA ASP A 168 8.58 -18.17 37.38
C ASP A 168 8.55 -17.12 36.26
N THR A 169 9.70 -16.88 35.61
CA THR A 169 9.78 -15.95 34.46
C THR A 169 9.85 -16.67 33.11
N ASP A 170 9.69 -17.99 33.09
CA ASP A 170 9.76 -18.78 31.85
C ASP A 170 8.61 -18.43 30.90
N ARG A 171 7.41 -18.30 31.47
CA ARG A 171 6.22 -17.84 30.74
C ARG A 171 5.75 -16.51 31.33
N ASP A 172 4.75 -15.90 30.69
CA ASP A 172 4.06 -14.74 31.26
C ASP A 172 3.42 -15.14 32.59
N ASN A 173 3.78 -14.40 33.65
CA ASN A 173 3.32 -14.67 35.00
C ASN A 173 2.66 -13.41 35.56
N PHE A 174 1.33 -13.37 35.51
CA PHE A 174 0.55 -12.24 36.02
C PHE A 174 0.33 -12.36 37.52
N LEU A 175 0.73 -11.32 38.25
CA LEU A 175 0.56 -11.24 39.70
C LEU A 175 -0.40 -10.10 40.06
N THR A 176 -1.23 -10.32 41.07
CA THR A 176 -1.98 -9.24 41.71
C THR A 176 -1.00 -8.41 42.56
N ALA A 177 -1.44 -7.24 43.01
CA ALA A 177 -0.59 -6.39 43.87
C ALA A 177 -0.16 -7.14 45.14
N GLU A 178 -1.10 -7.87 45.73
CA GLU A 178 -0.84 -8.69 46.91
C GLU A 178 0.16 -9.82 46.64
N GLU A 179 0.01 -10.52 45.52
CA GLU A 179 0.96 -11.56 45.12
C GLU A 179 2.36 -10.99 44.84
N ALA A 180 2.43 -9.78 44.30
CA ALA A 180 3.71 -9.08 44.11
C ALA A 180 4.40 -8.77 45.45
N LYS A 181 3.59 -8.42 46.46
CA LYS A 181 4.09 -8.24 47.84
C LYS A 181 4.60 -9.56 48.42
N GLU A 182 3.83 -10.63 48.24
CA GLU A 182 4.23 -11.98 48.66
C GLU A 182 5.52 -12.43 47.99
N TYR A 183 5.65 -12.11 46.70
CA TYR A 183 6.84 -12.46 45.91
C TYR A 183 8.09 -11.68 46.31
N GLY A 184 7.91 -10.48 46.84
CA GLY A 184 9.01 -9.59 47.22
C GLY A 184 9.31 -8.47 46.22
N LEU A 185 8.47 -8.33 45.20
CA LEU A 185 8.60 -7.25 44.21
C LEU A 185 8.17 -5.89 44.77
N ILE A 186 7.24 -5.89 45.72
CA ILE A 186 6.89 -4.69 46.49
C ILE A 186 6.88 -4.99 48.00
N ASP A 187 6.83 -3.93 48.79
CA ASP A 187 6.88 -4.03 50.25
C ASP A 187 5.49 -3.96 50.90
N GLU A 188 4.62 -3.09 50.37
CA GLU A 188 3.26 -2.92 50.90
C GLU A 188 2.26 -2.68 49.78
N VAL A 189 1.04 -3.21 49.94
CA VAL A 189 -0.09 -2.83 49.12
C VAL A 189 -0.74 -1.64 49.82
N MET A 190 -0.76 -0.50 49.15
CA MET A 190 -1.27 0.74 49.73
C MET A 190 -2.80 0.72 49.69
N VAL A 191 -3.39 0.17 50.75
CA VAL A 191 -4.86 0.03 50.85
C VAL A 191 -5.53 1.38 51.16
N PRO A 192 -6.73 1.62 50.59
CA PRO A 192 -7.41 2.91 50.79
C PRO A 192 -8.12 3.02 52.14
N GLU A 193 -8.29 4.25 52.62
CA GLU A 193 -9.02 4.51 53.86
C GLU A 193 -10.52 4.29 53.64
N THR A 194 -11.19 3.68 54.62
CA THR A 194 -12.61 3.36 54.53
C THR A 194 -13.47 4.61 54.69
N LEU B 3 5.63 14.51 26.46
CA LEU B 3 6.22 15.86 26.60
C LEU B 3 7.55 15.86 27.34
N ILE B 4 8.44 16.77 26.97
CA ILE B 4 9.70 16.99 27.68
C ILE B 4 9.35 17.78 28.96
N PRO B 5 9.69 17.24 30.15
CA PRO B 5 9.25 17.88 31.39
C PRO B 5 9.92 19.24 31.65
N THR B 6 9.12 20.20 32.12
CA THR B 6 9.61 21.53 32.46
C THR B 6 9.96 21.57 33.94
N VAL B 7 11.18 22.00 34.26
CA VAL B 7 11.61 22.22 35.64
C VAL B 7 11.54 23.71 35.97
N ILE B 8 11.05 24.03 37.17
CA ILE B 8 10.90 25.41 37.62
C ILE B 8 11.57 25.58 38.98
N GLU B 9 12.32 26.67 39.12
CA GLU B 9 13.10 26.97 40.33
C GLU B 9 12.78 28.37 40.84
N THR B 10 12.72 28.52 42.16
CA THR B 10 12.35 29.79 42.79
C THR B 10 13.48 30.83 42.68
N THR B 11 13.20 31.93 41.97
CA THR B 11 14.14 33.03 41.82
C THR B 11 13.84 34.17 42.80
N ASN B 12 14.81 35.05 42.97
CA ASN B 12 14.66 36.26 43.81
C ASN B 12 13.63 37.24 43.26
N GLU B 15 10.07 32.91 39.56
CA GLU B 15 10.11 31.52 39.14
C GLU B 15 10.59 31.40 37.69
N ARG B 16 11.78 30.82 37.50
CA ARG B 16 12.37 30.63 36.16
C ARG B 16 12.12 29.20 35.69
N ALA B 17 11.56 29.07 34.48
CA ALA B 17 11.20 27.76 33.91
C ALA B 17 12.21 27.32 32.83
N TYR B 18 12.60 26.04 32.89
CA TYR B 18 13.52 25.42 31.94
C TYR B 18 12.96 24.09 31.48
N ASP B 19 13.15 23.73 30.21
CA ASP B 19 13.01 22.33 29.80
C ASP B 19 14.20 21.56 30.40
N ILE B 20 13.96 20.30 30.78
CA ILE B 20 14.94 19.51 31.55
C ILE B 20 16.35 19.52 30.95
N TYR B 21 16.46 19.35 29.64
CA TYR B 21 17.76 19.20 28.97
C TYR B 21 18.53 20.52 28.86
N SER B 22 17.80 21.63 28.69
CA SER B 22 18.41 22.96 28.72
C SER B 22 18.93 23.31 30.11
N ARG B 23 18.22 22.88 31.15
CA ARG B 23 18.68 23.05 32.53
C ARG B 23 19.97 22.26 32.80
N LEU B 24 20.05 21.05 32.26
CA LEU B 24 21.28 20.25 32.34
C LEU B 24 22.44 20.92 31.61
N LEU B 25 22.18 21.53 30.45
CA LEU B 25 23.19 22.27 29.70
C LEU B 25 23.75 23.48 30.46
N LYS B 26 22.91 24.10 31.30
CA LYS B 26 23.35 25.17 32.21
C LYS B 26 24.48 24.73 33.15
N ASP B 27 24.46 23.46 33.56
CA ASP B 27 25.56 22.86 34.35
C ASP B 27 26.53 22.01 33.49
N ARG B 28 26.71 22.40 32.22
CA ARG B 28 27.72 21.84 31.32
C ARG B 28 27.54 20.33 31.02
N ILE B 29 26.29 19.86 31.04
CA ILE B 29 25.96 18.47 30.70
C ILE B 29 25.33 18.44 29.31
N ILE B 30 25.92 17.66 28.40
CA ILE B 30 25.42 17.49 27.03
C ILE B 30 24.86 16.08 26.89
N MET B 31 23.67 15.97 26.30
CA MET B 31 22.97 14.71 26.12
C MET B 31 23.20 14.13 24.72
N LEU B 32 23.87 12.98 24.66
CA LEU B 32 23.90 12.15 23.46
C LEU B 32 23.02 10.94 23.77
N GLY B 33 21.71 11.13 23.61
CA GLY B 33 20.70 10.15 24.01
C GLY B 33 19.87 9.56 22.87
N SER B 34 20.43 9.58 21.66
CA SER B 34 19.72 9.08 20.47
C SER B 34 20.68 8.56 19.42
N GLN B 35 20.11 8.00 18.34
CA GLN B 35 20.89 7.59 17.17
C GLN B 35 21.64 8.78 16.60
N ILE B 36 22.89 8.56 16.21
CA ILE B 36 23.77 9.64 15.76
C ILE B 36 23.50 9.89 14.26
N ASP B 37 22.82 10.99 13.98
CA ASP B 37 22.71 11.52 12.61
C ASP B 37 23.36 12.90 12.56
N ASP B 38 23.31 13.58 11.42
CA ASP B 38 23.90 14.92 11.29
C ASP B 38 23.27 15.94 12.25
N ASN B 39 21.95 15.90 12.42
CA ASN B 39 21.24 16.82 13.31
C ASN B 39 21.72 16.72 14.77
N VAL B 40 21.84 15.48 15.26
CA VAL B 40 22.34 15.23 16.63
C VAL B 40 23.79 15.69 16.78
N ALA B 41 24.62 15.42 15.77
CA ALA B 41 26.02 15.85 15.78
C ALA B 41 26.16 17.39 15.77
N ASN B 42 25.39 18.06 14.91
CA ASN B 42 25.42 19.53 14.82
C ASN B 42 25.06 20.19 16.15
N SER B 43 24.03 19.65 16.81
CA SER B 43 23.60 20.14 18.13
C SER B 43 24.70 19.98 19.18
N ILE B 44 25.26 18.78 19.27
CA ILE B 44 26.32 18.46 20.25
C ILE B 44 27.59 19.26 19.99
N VAL B 45 27.99 19.37 18.72
CA VAL B 45 29.12 20.20 18.32
C VAL B 45 28.91 21.66 18.74
N SER B 46 27.72 22.19 18.48
CA SER B 46 27.38 23.57 18.85
C SER B 46 27.37 23.79 20.36
N GLN B 47 26.84 22.82 21.11
CA GLN B 47 26.87 22.86 22.57
C GLN B 47 28.30 22.87 23.13
N LEU B 48 29.16 22.01 22.59
CA LEU B 48 30.58 22.00 22.95
C LEU B 48 31.26 23.36 22.70
N LEU B 49 30.98 23.97 21.55
CA LEU B 49 31.52 25.29 21.20
C LEU B 49 30.98 26.38 22.12
N PHE B 50 29.71 26.26 22.53
CA PHE B 50 29.10 27.21 23.47
C PHE B 50 29.72 27.11 24.86
N LEU B 51 29.84 25.89 25.38
CA LEU B 51 30.36 25.68 26.75
C LEU B 51 31.82 26.09 26.92
N GLN B 52 32.67 25.77 25.93
CA GLN B 52 34.08 26.23 25.94
C GLN B 52 34.20 27.75 25.90
N ALA B 53 33.28 28.41 25.19
CA ALA B 53 33.21 29.88 25.15
C ALA B 53 32.78 30.48 26.50
N GLN B 54 31.81 29.85 27.15
CA GLN B 54 31.39 30.25 28.51
C GLN B 54 32.53 30.11 29.51
N ASP B 55 33.20 28.96 29.48
CA ASP B 55 34.31 28.65 30.38
C ASP B 55 35.23 27.63 29.71
N SER B 56 36.48 28.03 29.47
CA SER B 56 37.48 27.14 28.86
C SER B 56 38.17 26.20 29.85
N GLU B 57 37.96 26.40 31.15
CA GLU B 57 38.61 25.60 32.22
C GLU B 57 37.73 24.48 32.78
N LYS B 58 36.44 24.76 33.02
CA LYS B 58 35.52 23.81 33.65
C LYS B 58 35.25 22.58 32.78
N ASP B 59 35.13 21.41 33.41
CA ASP B 59 34.83 20.17 32.70
C ASP B 59 33.45 20.21 32.03
N ILE B 60 33.34 19.48 30.93
CA ILE B 60 32.06 19.24 30.25
C ILE B 60 31.73 17.76 30.46
N TYR B 61 30.45 17.46 30.57
CA TYR B 61 29.98 16.10 30.81
C TYR B 61 29.10 15.64 29.66
N LEU B 62 29.57 14.64 28.92
CA LEU B 62 28.81 14.05 27.81
C LEU B 62 28.12 12.77 28.26
N TYR B 63 26.80 12.85 28.40
CA TYR B 63 25.95 11.70 28.68
C TYR B 63 25.78 10.90 27.39
N ILE B 64 26.03 9.59 27.45
CA ILE B 64 25.93 8.72 26.27
C ILE B 64 24.96 7.57 26.53
N ASN B 65 23.79 7.64 25.90
CA ASN B 65 22.85 6.53 25.79
C ASN B 65 22.43 6.43 24.32
N SER B 66 23.28 5.81 23.51
CA SER B 66 23.13 5.81 22.05
C SER B 66 23.47 4.46 21.43
N PRO B 67 22.72 4.03 20.39
CA PRO B 67 23.09 2.86 19.61
C PRO B 67 24.13 3.15 18.51
N GLY B 68 24.67 4.37 18.45
CA GLY B 68 25.60 4.77 17.39
C GLY B 68 24.84 5.35 16.21
N GLY B 69 25.41 5.22 15.02
CA GLY B 69 24.82 5.78 13.80
C GLY B 69 25.89 6.19 12.82
N SER B 70 25.75 7.40 12.26
CA SER B 70 26.65 7.89 11.21
C SER B 70 28.08 8.09 11.69
N VAL B 71 29.03 7.51 10.96
CA VAL B 71 30.46 7.61 11.28
C VAL B 71 30.97 9.05 11.10
N THR B 72 30.58 9.71 10.01
CA THR B 72 30.97 11.10 9.78
C THR B 72 30.38 12.03 10.84
N ALA B 73 29.11 11.81 11.19
CA ALA B 73 28.46 12.55 12.28
C ALA B 73 29.19 12.32 13.62
N GLY B 74 29.62 11.09 13.85
CA GLY B 74 30.43 10.75 15.02
C GLY B 74 31.78 11.46 15.06
N PHE B 75 32.45 11.53 13.91
CA PHE B 75 33.74 12.25 13.82
C PHE B 75 33.60 13.77 13.94
N ALA B 76 32.44 14.31 13.57
CA ALA B 76 32.13 15.72 13.83
C ALA B 76 32.20 16.01 15.33
N ILE B 77 31.56 15.13 16.12
CA ILE B 77 31.60 15.24 17.58
C ILE B 77 33.03 14.98 18.09
N TYR B 78 33.65 13.90 17.61
CA TYR B 78 35.00 13.50 18.04
C TYR B 78 36.00 14.65 17.90
N ASP B 79 36.11 15.19 16.69
CA ASP B 79 37.05 16.28 16.40
C ASP B 79 36.81 17.55 17.23
N THR B 80 35.54 17.86 17.48
CA THR B 80 35.19 19.01 18.31
C THR B 80 35.62 18.81 19.76
N ILE B 81 35.45 17.60 20.29
CA ILE B 81 35.93 17.25 21.64
C ILE B 81 37.45 17.44 21.73
N GLN B 82 38.17 16.93 20.74
CA GLN B 82 39.64 17.04 20.73
C GLN B 82 40.12 18.48 20.55
N HIS B 83 39.39 19.27 19.76
CA HIS B 83 39.77 20.66 19.47
C HIS B 83 39.62 21.60 20.67
N ILE B 84 38.52 21.48 21.42
CA ILE B 84 38.25 22.40 22.54
C ILE B 84 39.21 22.21 23.72
N LYS B 85 39.35 23.27 24.51
CA LYS B 85 40.28 23.28 25.65
C LYS B 85 39.82 22.41 26.84
N PRO B 86 38.56 22.57 27.31
CA PRO B 86 38.16 21.82 28.52
C PRO B 86 38.06 20.31 28.32
N ASP B 87 38.25 19.57 29.42
CA ASP B 87 38.07 18.12 29.42
C ASP B 87 36.60 17.79 29.20
N VAL B 88 36.34 16.82 28.33
CA VAL B 88 35.01 16.29 28.12
C VAL B 88 34.93 14.92 28.78
N GLN B 89 34.22 14.85 29.91
CA GLN B 89 33.96 13.57 30.56
C GLN B 89 32.88 12.84 29.76
N THR B 90 33.01 11.52 29.69
CA THR B 90 31.99 10.68 29.05
C THR B 90 31.44 9.69 30.08
N ILE B 91 30.13 9.52 30.09
CA ILE B 91 29.47 8.55 30.97
C ILE B 91 28.42 7.76 30.19
N CYS B 92 28.59 6.44 30.16
CA CYS B 92 27.64 5.54 29.52
C CYS B 92 26.59 5.12 30.54
N ILE B 93 25.34 5.46 30.27
CA ILE B 93 24.20 5.04 31.07
C ILE B 93 23.21 4.39 30.09
N GLY B 94 22.82 3.15 30.39
CA GLY B 94 21.97 2.36 29.49
C GLY B 94 22.80 1.57 28.49
N MET B 95 23.10 2.19 27.34
CA MET B 95 24.00 1.56 26.35
C MET B 95 24.81 2.55 25.52
N ALA B 96 25.98 2.08 25.06
CA ALA B 96 26.79 2.77 24.08
C ALA B 96 27.21 1.74 23.04
N ALA B 97 26.70 1.87 21.83
CA ALA B 97 27.02 0.97 20.77
C ALA B 97 27.63 1.66 19.54
N SER B 98 28.55 0.97 18.91
CA SER B 98 29.17 1.42 17.67
C SER B 98 29.82 2.78 17.79
N MET B 99 29.37 3.72 17.02
CA MET B 99 29.93 5.03 17.10
C MET B 99 29.74 5.61 18.50
N GLY B 100 28.70 5.23 19.21
CA GLY B 100 28.48 5.67 20.59
C GLY B 100 29.58 5.22 21.54
N SER B 101 30.03 3.98 21.37
CA SER B 101 31.15 3.45 22.16
C SER B 101 32.49 4.07 21.75
N PHE B 102 32.62 4.44 20.47
CA PHE B 102 33.78 5.18 19.98
C PHE B 102 33.89 6.53 20.68
N LEU B 103 32.77 7.26 20.74
CA LEU B 103 32.70 8.56 21.43
C LEU B 103 32.88 8.44 22.95
N LEU B 104 32.39 7.35 23.54
CA LEU B 104 32.64 7.03 24.95
C LEU B 104 34.15 6.89 25.22
N ALA B 105 34.84 6.18 24.33
CA ALA B 105 36.30 6.04 24.39
C ALA B 105 37.06 7.34 24.12
N ALA B 106 36.43 8.28 23.42
CA ALA B 106 37.03 9.57 23.10
C ALA B 106 37.08 10.60 24.24
N GLY B 107 36.43 10.31 25.38
CA GLY B 107 36.44 11.22 26.53
C GLY B 107 37.82 11.46 27.12
N ALA B 108 37.93 12.48 27.97
CA ALA B 108 39.20 12.86 28.59
C ALA B 108 39.82 11.69 29.34
N LYS B 109 41.13 11.50 29.19
CA LYS B 109 41.85 10.39 29.81
C LYS B 109 41.73 10.44 31.33
N GLY B 110 41.20 9.36 31.90
CA GLY B 110 40.88 9.27 33.33
C GLY B 110 39.47 9.67 33.70
N LYS B 111 38.69 10.17 32.74
CA LYS B 111 37.34 10.69 32.99
C LYS B 111 36.29 10.07 32.05
N ARG B 112 36.51 8.82 31.67
CA ARG B 112 35.56 8.05 30.89
C ARG B 112 34.92 7.03 31.84
N PHE B 113 33.60 7.10 31.97
CA PHE B 113 32.86 6.35 32.99
C PHE B 113 31.73 5.51 32.41
N ALA B 114 31.22 4.61 33.24
CA ALA B 114 29.98 3.89 32.95
C ALA B 114 29.36 3.44 34.26
N LEU B 115 28.03 3.40 34.32
CA LEU B 115 27.33 2.84 35.47
C LEU B 115 27.33 1.31 35.35
N PRO B 116 27.24 0.58 36.49
CA PRO B 116 27.58 -0.86 36.53
C PRO B 116 26.84 -1.78 35.56
N ASN B 117 25.58 -1.48 35.25
CA ASN B 117 24.76 -2.29 34.35
C ASN B 117 24.65 -1.73 32.92
N ALA B 118 25.49 -0.74 32.58
CA ALA B 118 25.53 -0.18 31.23
C ALA B 118 26.18 -1.17 30.26
N GLU B 119 25.66 -1.20 29.03
CA GLU B 119 26.10 -2.11 27.98
C GLU B 119 26.97 -1.36 26.96
N VAL B 120 28.13 -1.91 26.63
CA VAL B 120 29.02 -1.33 25.63
C VAL B 120 29.19 -2.35 24.50
N MET B 121 28.91 -1.93 23.26
CA MET B 121 29.06 -2.79 22.09
C MET B 121 29.99 -2.16 21.06
N ILE B 122 30.90 -2.97 20.52
CA ILE B 122 31.80 -2.55 19.44
C ILE B 122 31.71 -3.55 18.29
N HIS B 123 31.77 -3.01 17.06
CA HIS B 123 31.78 -3.82 15.84
C HIS B 123 32.24 -2.97 14.67
N GLN B 124 32.45 -3.60 13.52
CA GLN B 124 32.93 -2.88 12.32
C GLN B 124 31.82 -2.02 11.69
N PRO B 125 32.19 -0.97 10.94
CA PRO B 125 31.17 -0.09 10.36
C PRO B 125 30.30 -0.78 9.31
N LEU B 126 29.07 -0.29 9.17
CA LEU B 126 28.09 -0.85 8.25
C LEU B 126 27.88 0.12 7.09
N GLY B 127 27.59 -0.44 5.92
CA GLY B 127 27.35 0.37 4.73
C GLY B 127 26.71 -0.40 3.60
N GLY B 128 26.71 0.21 2.43
CA GLY B 128 26.13 -0.39 1.23
C GLY B 128 26.64 0.27 -0.03
N ALA B 129 26.67 -0.50 -1.11
CA ALA B 129 27.08 -0.01 -2.43
C ALA B 129 26.23 -0.69 -3.49
N GLN B 130 25.96 0.02 -4.59
CA GLN B 130 25.14 -0.50 -5.68
C GLN B 130 25.46 0.21 -6.98
N GLY B 131 25.60 -0.57 -8.06
CA GLY B 131 25.91 -0.04 -9.39
C GLY B 131 27.02 -0.84 -10.04
N GLN B 132 27.85 -0.14 -10.82
CA GLN B 132 28.93 -0.77 -11.60
C GLN B 132 30.04 -1.30 -10.70
N ALA B 133 30.82 -2.26 -11.23
CA ALA B 133 31.93 -2.88 -10.51
C ALA B 133 32.92 -1.86 -9.95
N THR B 134 33.29 -0.87 -10.77
CA THR B 134 34.19 0.21 -10.34
C THR B 134 33.59 1.12 -9.26
N GLU B 135 32.27 1.31 -9.30
CA GLU B 135 31.55 2.04 -8.23
C GLU B 135 31.55 1.26 -6.90
N ILE B 136 31.37 -0.05 -6.99
CA ILE B 136 31.41 -0.93 -5.80
C ILE B 136 32.81 -0.95 -5.19
N GLU B 137 33.84 -0.96 -6.06
CA GLU B 137 35.24 -0.89 -5.63
C GLU B 137 35.53 0.38 -4.82
N ILE B 138 35.09 1.53 -5.36
CA ILE B 138 35.27 2.83 -4.70
C ILE B 138 34.59 2.84 -3.33
N ALA B 139 33.35 2.36 -3.27
CA ALA B 139 32.60 2.25 -2.02
C ALA B 139 33.28 1.33 -1.01
N ALA B 140 33.81 0.21 -1.49
CA ALA B 140 34.52 -0.76 -0.64
C ALA B 140 35.83 -0.19 -0.10
N ASN B 141 36.62 0.44 -0.96
CA ASN B 141 37.87 1.11 -0.54
C ASN B 141 37.61 2.22 0.49
N HIS B 142 36.50 2.94 0.34
CA HIS B 142 36.10 3.98 1.28
C HIS B 142 35.78 3.44 2.68
N ILE B 143 34.89 2.45 2.76
CA ILE B 143 34.48 1.90 4.08
C ILE B 143 35.62 1.14 4.78
N LEU B 144 36.51 0.50 4.00
CA LEU B 144 37.72 -0.11 4.55
C LEU B 144 38.68 0.93 5.16
N LYS B 145 38.88 2.05 4.46
CA LYS B 145 39.69 3.17 4.99
C LYS B 145 39.06 3.79 6.24
N THR B 146 37.73 3.89 6.25
CA THR B 146 36.98 4.36 7.42
C THR B 146 37.18 3.43 8.63
N ARG B 147 37.21 2.12 8.40
CA ARG B 147 37.46 1.16 9.48
C ARG B 147 38.89 1.27 10.03
N GLU B 148 39.88 1.41 9.15
CA GLU B 148 41.28 1.62 9.53
C GLU B 148 41.44 2.88 10.39
N LYS B 149 40.79 3.96 9.96
CA LYS B 149 40.75 5.24 10.67
C LYS B 149 40.16 5.09 12.08
N LEU B 150 39.03 4.38 12.17
CA LEU B 150 38.38 4.10 13.45
C LEU B 150 39.21 3.20 14.36
N ASN B 151 39.72 2.11 13.81
CA ASN B 151 40.53 1.14 14.57
C ASN B 151 41.84 1.74 15.09
N ARG B 152 42.48 2.57 14.27
CA ARG B 152 43.72 3.25 14.66
C ARG B 152 43.51 4.18 15.86
N ILE B 153 42.43 4.95 15.82
CA ILE B 153 42.08 5.84 16.94
C ILE B 153 41.66 5.05 18.18
N LEU B 154 40.86 4.00 18.00
CA LEU B 154 40.49 3.10 19.12
C LEU B 154 41.72 2.48 19.77
N SER B 155 42.69 2.05 18.96
CA SER B 155 43.96 1.51 19.46
C SER B 155 44.71 2.51 20.33
N GLU B 156 44.77 3.76 19.87
CA GLU B 156 45.43 4.85 20.61
C GLU B 156 44.75 5.15 21.97
N ARG B 157 43.42 5.10 22.01
CA ARG B 157 42.66 5.47 23.20
C ARG B 157 42.38 4.32 24.19
N THR B 158 42.54 3.07 23.74
CA THR B 158 42.35 1.89 24.59
C THR B 158 43.67 1.24 25.03
N GLY B 159 44.72 1.36 24.22
CA GLY B 159 45.97 0.63 24.43
C GLY B 159 46.04 -0.74 23.78
N GLN B 160 44.95 -1.15 23.12
CA GLN B 160 44.90 -2.43 22.41
C GLN B 160 45.57 -2.25 21.04
N SER B 161 46.14 -3.32 20.51
CA SER B 161 46.76 -3.27 19.18
C SER B 161 45.69 -3.21 18.09
N ILE B 162 46.06 -2.65 16.94
CA ILE B 162 45.16 -2.53 15.78
C ILE B 162 44.73 -3.93 15.27
N GLU B 163 45.60 -4.92 15.40
CA GLU B 163 45.30 -6.30 15.03
C GLU B 163 44.22 -6.91 15.93
N LYS B 164 44.33 -6.66 17.23
CA LYS B 164 43.34 -7.14 18.21
C LYS B 164 41.98 -6.43 18.02
N ILE B 165 42.03 -5.11 17.76
CA ILE B 165 40.81 -4.34 17.50
C ILE B 165 40.08 -4.89 16.26
N GLN B 166 40.84 -5.17 15.20
CA GLN B 166 40.30 -5.78 13.98
C GLN B 166 39.55 -7.08 14.27
N LYS B 167 40.16 -7.96 15.07
CA LYS B 167 39.57 -9.26 15.41
C LYS B 167 38.35 -9.12 16.32
N ASP B 168 38.44 -8.26 17.34
CA ASP B 168 37.34 -8.07 18.30
C ASP B 168 36.13 -7.33 17.73
N THR B 169 36.32 -6.53 16.68
CA THR B 169 35.23 -5.78 16.04
C THR B 169 34.73 -6.41 14.72
N ASP B 170 35.19 -7.62 14.40
CA ASP B 170 34.74 -8.34 13.20
C ASP B 170 33.26 -8.67 13.27
N ARG B 171 32.82 -9.15 14.43
CA ARG B 171 31.41 -9.39 14.75
C ARG B 171 30.96 -8.47 15.88
N ASP B 172 29.66 -8.50 16.18
CA ASP B 172 29.11 -7.81 17.35
C ASP B 172 29.76 -8.34 18.63
N ASN B 173 30.35 -7.43 19.40
CA ASN B 173 31.07 -7.77 20.62
C ASN B 173 30.46 -6.98 21.77
N PHE B 174 29.59 -7.63 22.55
CA PHE B 174 28.94 -7.01 23.70
C PHE B 174 29.84 -7.11 24.92
N LEU B 175 29.97 -5.99 25.63
CA LEU B 175 30.80 -5.89 26.83
C LEU B 175 29.98 -5.30 27.98
N THR B 176 30.19 -5.84 29.19
CA THR B 176 29.67 -5.21 30.40
C THR B 176 30.51 -3.96 30.70
N ALA B 177 30.03 -3.13 31.60
CA ALA B 177 30.76 -1.92 32.02
C ALA B 177 32.15 -2.24 32.55
N GLU B 178 32.24 -3.32 33.36
CA GLU B 178 33.52 -3.81 33.88
C GLU B 178 34.44 -4.30 32.77
N GLU B 179 33.89 -5.04 31.81
CA GLU B 179 34.65 -5.52 30.65
C GLU B 179 35.12 -4.38 29.75
N ALA B 180 34.26 -3.37 29.57
CA ALA B 180 34.62 -2.15 28.84
C ALA B 180 35.77 -1.39 29.51
N LYS B 181 35.76 -1.36 30.85
CA LYS B 181 36.87 -0.79 31.63
C LYS B 181 38.15 -1.58 31.42
N GLU B 182 38.06 -2.90 31.51
CA GLU B 182 39.20 -3.80 31.28
C GLU B 182 39.76 -3.67 29.85
N TYR B 183 38.88 -3.45 28.88
CA TYR B 183 39.27 -3.28 27.47
C TYR B 183 40.01 -1.96 27.20
N GLY B 184 39.75 -0.93 28.02
CA GLY B 184 40.33 0.40 27.85
C GLY B 184 39.40 1.42 27.22
N LEU B 185 38.14 1.05 27.00
CA LEU B 185 37.13 1.98 26.45
C LEU B 185 36.69 3.01 27.50
N ILE B 186 36.69 2.60 28.78
CA ILE B 186 36.44 3.51 29.90
C ILE B 186 37.52 3.32 30.97
N ASP B 187 37.52 4.23 31.94
CA ASP B 187 38.53 4.27 33.01
C ASP B 187 38.02 3.71 34.34
N GLU B 188 36.78 4.01 34.70
CA GLU B 188 36.16 3.52 35.95
C GLU B 188 34.70 3.16 35.76
N VAL B 189 34.25 2.17 36.51
CA VAL B 189 32.83 1.87 36.66
C VAL B 189 32.38 2.67 37.90
N MET B 190 31.46 3.62 37.70
CA MET B 190 30.96 4.45 38.80
C MET B 190 30.05 3.63 39.71
N VAL B 191 30.42 3.54 40.99
CA VAL B 191 29.65 2.79 41.99
C VAL B 191 28.82 3.76 42.85
N PRO B 192 27.70 3.28 43.45
CA PRO B 192 26.77 4.15 44.19
C PRO B 192 27.37 5.07 45.26
N GLU B 193 26.79 6.25 45.40
CA GLU B 193 27.14 7.20 46.45
C GLU B 193 26.55 6.75 47.79
N THR B 194 27.25 7.01 48.89
CA THR B 194 26.83 6.56 50.22
C THR B 194 25.69 7.41 50.78
N LEU C 3 14.87 18.00 19.10
CA LEU C 3 14.78 18.97 20.23
C LEU C 3 16.05 19.84 20.32
N ILE C 4 15.91 21.11 19.98
CA ILE C 4 17.03 22.05 19.96
C ILE C 4 17.15 22.66 21.37
N PRO C 5 18.31 22.50 22.04
CA PRO C 5 18.45 22.99 23.41
C PRO C 5 18.55 24.52 23.48
N THR C 6 18.01 25.09 24.56
CA THR C 6 18.02 26.53 24.79
C THR C 6 19.20 26.88 25.70
N VAL C 7 19.84 28.02 25.42
CA VAL C 7 20.92 28.56 26.28
C VAL C 7 20.45 29.86 26.92
N ILE C 8 20.89 30.10 28.15
CA ILE C 8 20.44 31.24 28.95
C ILE C 8 21.65 32.08 29.34
N GLU C 9 21.70 33.31 28.85
CA GLU C 9 22.80 34.25 29.11
C GLU C 9 22.31 35.38 30.01
N THR C 10 23.07 35.68 31.07
CA THR C 10 22.76 36.81 31.94
C THR C 10 23.39 38.08 31.36
N THR C 11 22.56 39.10 31.18
CA THR C 11 23.00 40.45 30.80
C THR C 11 22.64 41.41 31.93
N ASN C 12 23.03 42.67 31.80
CA ASN C 12 22.65 43.71 32.78
C ASN C 12 21.17 44.13 32.74
N ARG C 13 20.45 43.78 31.68
CA ARG C 13 18.98 43.93 31.62
C ARG C 13 18.22 42.71 32.17
N GLY C 14 18.85 41.54 32.13
CA GLY C 14 18.27 40.30 32.66
C GLY C 14 18.68 39.07 31.89
N GLU C 15 17.96 37.98 32.10
CA GLU C 15 18.22 36.71 31.42
C GLU C 15 17.72 36.79 29.97
N ARG C 16 18.54 36.30 29.04
CA ARG C 16 18.22 36.27 27.62
C ARG C 16 18.32 34.83 27.11
N ALA C 17 17.23 34.31 26.56
CA ALA C 17 17.15 32.93 26.10
C ALA C 17 17.30 32.84 24.57
N TYR C 18 18.14 31.92 24.11
CA TYR C 18 18.32 31.64 22.69
C TYR C 18 18.31 30.12 22.48
N ASP C 19 17.71 29.65 21.39
CA ASP C 19 18.01 28.31 20.89
C ASP C 19 19.49 28.31 20.48
N ILE C 20 20.16 27.16 20.64
CA ILE C 20 21.62 27.06 20.45
C ILE C 20 22.11 27.66 19.12
N TYR C 21 21.38 27.44 18.03
CA TYR C 21 21.80 27.90 16.70
C TYR C 21 21.68 29.42 16.53
N SER C 22 20.65 30.01 17.10
CA SER C 22 20.48 31.47 17.11
C SER C 22 21.54 32.17 17.97
N ARG C 23 22.01 31.50 19.04
CA ARG C 23 23.12 32.03 19.85
C ARG C 23 24.42 32.07 19.05
N LEU C 24 24.68 31.01 18.27
CA LEU C 24 25.85 30.97 17.38
C LEU C 24 25.78 32.03 16.27
N LEU C 25 24.57 32.30 15.77
CA LEU C 25 24.35 33.38 14.78
C LEU C 25 24.69 34.76 15.36
N LYS C 26 24.48 34.94 16.66
CA LYS C 26 24.87 36.16 17.37
C LYS C 26 26.38 36.44 17.26
N ASP C 27 27.20 35.38 17.23
CA ASP C 27 28.65 35.47 16.97
C ASP C 27 29.05 35.16 15.51
N ARG C 28 28.15 35.43 14.57
CA ARG C 28 28.39 35.30 13.12
C ARG C 28 28.77 33.88 12.66
N ILE C 29 28.24 32.87 13.33
CA ILE C 29 28.39 31.47 12.91
C ILE C 29 27.09 31.03 12.24
N ILE C 30 27.18 30.64 10.96
CA ILE C 30 26.04 30.09 10.21
C ILE C 30 26.23 28.59 10.04
N MET C 31 25.16 27.83 10.30
CA MET C 31 25.18 26.37 10.19
C MET C 31 24.67 25.90 8.82
N LEU C 32 25.53 25.22 8.07
CA LEU C 32 25.12 24.40 6.93
C LEU C 32 25.32 22.95 7.36
N GLY C 33 24.32 22.43 8.08
CA GLY C 33 24.41 21.12 8.72
C GLY C 33 23.45 20.07 8.19
N SER C 34 23.02 20.21 6.94
CA SER C 34 22.02 19.31 6.35
C SER C 34 22.13 19.26 4.84
N GLN C 35 21.29 18.42 4.23
CA GLN C 35 21.15 18.37 2.78
C GLN C 35 20.70 19.75 2.28
N ILE C 36 21.35 20.22 1.22
CA ILE C 36 21.09 21.52 0.65
C ILE C 36 19.84 21.46 -0.23
N ASP C 37 18.79 22.15 0.20
CA ASP C 37 17.61 22.41 -0.64
C ASP C 37 17.35 23.92 -0.61
N ASP C 38 16.28 24.36 -1.28
CA ASP C 38 15.97 25.79 -1.37
C ASP C 38 15.74 26.44 0.01
N ASN C 39 15.06 25.73 0.91
CA ASN C 39 14.80 26.24 2.28
C ASN C 39 16.09 26.52 3.05
N VAL C 40 17.03 25.60 2.99
CA VAL C 40 18.34 25.75 3.65
C VAL C 40 19.12 26.92 3.04
N ALA C 41 19.12 26.99 1.71
CA ALA C 41 19.76 28.09 0.99
C ALA C 41 19.12 29.45 1.30
N ASN C 42 17.78 29.50 1.32
CA ASN C 42 17.05 30.73 1.66
C ASN C 42 17.42 31.27 3.04
N SER C 43 17.55 30.35 4.01
CA SER C 43 17.93 30.71 5.37
C SER C 43 19.37 31.22 5.45
N ILE C 44 20.30 30.47 4.88
CA ILE C 44 21.72 30.84 4.89
C ILE C 44 21.98 32.15 4.14
N VAL C 45 21.33 32.33 3.00
CA VAL C 45 21.43 33.57 2.21
C VAL C 45 20.93 34.76 3.04
N SER C 46 19.81 34.56 3.74
CA SER C 46 19.23 35.61 4.60
C SER C 46 20.12 35.92 5.81
N GLN C 47 20.72 34.89 6.40
CA GLN C 47 21.67 35.05 7.51
C GLN C 47 22.91 35.84 7.08
N LEU C 48 23.45 35.52 5.91
CA LEU C 48 24.59 36.27 5.35
C LEU C 48 24.27 37.76 5.12
N LEU C 49 23.09 38.04 4.59
CA LEU C 49 22.62 39.42 4.38
C LEU C 49 22.41 40.16 5.70
N PHE C 50 21.89 39.45 6.71
CA PHE C 50 21.72 40.02 8.05
C PHE C 50 23.06 40.38 8.71
N LEU C 51 24.02 39.46 8.64
CA LEU C 51 25.32 39.65 9.28
C LEU C 51 26.16 40.76 8.66
N GLN C 52 26.17 40.84 7.33
CA GLN C 52 26.88 41.93 6.63
C GLN C 52 26.29 43.32 6.93
N ALA C 53 24.98 43.36 7.19
CA ALA C 53 24.32 44.59 7.62
C ALA C 53 24.73 45.02 9.03
N GLN C 54 24.90 44.05 9.93
CA GLN C 54 25.39 44.32 11.29
C GLN C 54 26.84 44.83 11.28
N ASP C 55 27.69 44.15 10.51
CA ASP C 55 29.09 44.56 10.35
C ASP C 55 29.62 44.03 9.02
N SER C 56 30.04 44.95 8.14
CA SER C 56 30.55 44.62 6.81
C SER C 56 32.04 44.26 6.79
N GLU C 57 32.76 44.49 7.89
CA GLU C 57 34.20 44.20 7.99
C GLU C 57 34.51 42.86 8.63
N LYS C 58 33.80 42.54 9.72
CA LYS C 58 34.02 41.30 10.49
C LYS C 58 33.84 40.03 9.67
N ASP C 59 34.62 38.99 10.00
CA ASP C 59 34.49 37.68 9.37
C ASP C 59 33.17 36.99 9.76
N ILE C 60 32.67 36.16 8.85
CA ILE C 60 31.53 35.27 9.10
C ILE C 60 32.07 33.85 9.04
N TYR C 61 31.49 32.95 9.83
CA TYR C 61 31.91 31.55 9.91
C TYR C 61 30.83 30.62 9.41
N LEU C 62 31.10 29.92 8.31
CA LEU C 62 30.18 28.94 7.75
C LEU C 62 30.59 27.53 8.17
N TYR C 63 29.83 26.94 9.09
CA TYR C 63 30.00 25.54 9.49
C TYR C 63 29.41 24.67 8.39
N ILE C 64 30.18 23.68 7.93
CA ILE C 64 29.74 22.76 6.88
C ILE C 64 29.82 21.31 7.35
N ASN C 65 28.65 20.72 7.62
CA ASN C 65 28.48 19.29 7.81
C ASN C 65 27.33 18.85 6.90
N SER C 66 27.62 18.66 5.62
CA SER C 66 26.58 18.48 4.60
C SER C 66 26.96 17.45 3.54
N PRO C 67 25.98 16.59 3.14
CA PRO C 67 26.19 15.72 1.99
C PRO C 67 25.99 16.42 0.62
N GLY C 68 25.64 17.70 0.63
CA GLY C 68 25.38 18.45 -0.59
C GLY C 68 23.89 18.47 -0.89
N GLY C 69 23.54 18.58 -2.16
CA GLY C 69 22.14 18.56 -2.59
C GLY C 69 21.94 19.36 -3.87
N SER C 70 20.96 20.26 -3.85
CA SER C 70 20.60 21.05 -5.05
C SER C 70 21.74 21.98 -5.47
N VAL C 71 22.05 21.96 -6.77
CA VAL C 71 23.14 22.78 -7.32
C VAL C 71 22.73 24.26 -7.36
N THR C 72 21.48 24.53 -7.75
CA THR C 72 20.96 25.91 -7.77
C THR C 72 20.86 26.51 -6.36
N ALA C 73 20.39 25.72 -5.40
CA ALA C 73 20.37 26.13 -4.00
C ALA C 73 21.80 26.36 -3.46
N GLY C 74 22.74 25.50 -3.86
CA GLY C 74 24.15 25.71 -3.57
C GLY C 74 24.70 27.01 -4.15
N PHE C 75 24.33 27.32 -5.39
CA PHE C 75 24.77 28.57 -6.04
C PHE C 75 24.12 29.84 -5.47
N ALA C 76 22.95 29.70 -4.84
CA ALA C 76 22.35 30.78 -4.06
C ALA C 76 23.27 31.18 -2.90
N ILE C 77 23.79 30.18 -2.21
CA ILE C 77 24.73 30.40 -1.10
C ILE C 77 26.07 30.91 -1.63
N TYR C 78 26.58 30.28 -2.69
CA TYR C 78 27.87 30.67 -3.29
C TYR C 78 27.89 32.15 -3.68
N ASP C 79 26.93 32.56 -4.50
CA ASP C 79 26.85 33.94 -5.00
C ASP C 79 26.70 34.97 -3.88
N THR C 80 25.91 34.64 -2.85
CA THR C 80 25.73 35.53 -1.72
C THR C 80 27.03 35.68 -0.91
N ILE C 81 27.78 34.59 -0.76
CA ILE C 81 29.11 34.64 -0.12
C ILE C 81 30.03 35.59 -0.89
N GLN C 82 30.10 35.43 -2.21
CA GLN C 82 30.97 36.27 -3.04
C GLN C 82 30.49 37.72 -3.14
N HIS C 83 29.17 37.94 -3.08
CA HIS C 83 28.61 39.29 -3.17
C HIS C 83 28.93 40.17 -1.96
N ILE C 84 28.77 39.63 -0.75
CA ILE C 84 28.94 40.41 0.48
C ILE C 84 30.41 40.78 0.75
N LYS C 85 30.60 41.89 1.47
CA LYS C 85 31.94 42.40 1.77
C LYS C 85 32.71 41.55 2.80
N PRO C 86 32.04 41.09 3.88
CA PRO C 86 32.71 40.22 4.86
C PRO C 86 33.32 38.95 4.28
N ASP C 87 34.53 38.61 4.71
CA ASP C 87 35.13 37.30 4.42
C ASP C 87 34.31 36.22 5.12
N VAL C 88 33.93 35.18 4.37
CA VAL C 88 33.22 34.04 4.92
C VAL C 88 34.20 32.88 5.09
N GLN C 89 34.55 32.58 6.34
CA GLN C 89 35.37 31.41 6.65
C GLN C 89 34.51 30.16 6.52
N THR C 90 35.10 29.08 6.01
CA THR C 90 34.42 27.79 5.92
C THR C 90 35.19 26.75 6.71
N ILE C 91 34.47 25.91 7.45
CA ILE C 91 35.08 24.84 8.23
C ILE C 91 34.29 23.54 8.08
N CYS C 92 34.96 22.53 7.55
CA CYS C 92 34.37 21.20 7.38
C CYS C 92 34.52 20.40 8.66
N ILE C 93 33.39 20.02 9.26
CA ILE C 93 33.36 19.19 10.46
C ILE C 93 32.39 18.04 10.18
N GLY C 94 32.88 16.81 10.26
CA GLY C 94 32.11 15.63 9.89
C GLY C 94 32.32 15.28 8.43
N MET C 95 31.50 15.87 7.55
CA MET C 95 31.65 15.67 6.11
C MET C 95 31.24 16.85 5.24
N ALA C 96 31.91 16.99 4.10
CA ALA C 96 31.50 17.89 3.02
C ALA C 96 31.52 17.09 1.73
N ALA C 97 30.34 16.79 1.18
CA ALA C 97 30.23 16.02 -0.05
C ALA C 97 29.53 16.84 -1.13
N SER C 98 29.95 16.63 -2.39
CA SER C 98 29.29 17.21 -3.55
C SER C 98 29.22 18.75 -3.45
N MET C 99 28.01 19.33 -3.44
CA MET C 99 27.86 20.79 -3.34
C MET C 99 28.30 21.35 -1.98
N GLY C 100 28.35 20.50 -0.95
CA GLY C 100 28.94 20.86 0.34
C GLY C 100 30.43 21.13 0.25
N SER C 101 31.15 20.30 -0.49
CA SER C 101 32.60 20.50 -0.73
C SER C 101 32.88 21.66 -1.69
N PHE C 102 31.94 21.92 -2.61
CA PHE C 102 32.01 23.10 -3.48
C PHE C 102 31.95 24.39 -2.65
N LEU C 103 31.01 24.43 -1.71
CA LEU C 103 30.86 25.58 -0.81
C LEU C 103 32.01 25.70 0.20
N LEU C 104 32.61 24.58 0.58
CA LEU C 104 33.82 24.57 1.41
C LEU C 104 34.98 25.27 0.69
N ALA C 105 35.16 24.95 -0.58
CA ALA C 105 36.16 25.60 -1.45
C ALA C 105 35.85 27.08 -1.74
N ALA C 106 34.56 27.45 -1.63
CA ALA C 106 34.10 28.82 -1.85
C ALA C 106 34.40 29.83 -0.74
N GLY C 107 34.91 29.38 0.41
CA GLY C 107 35.28 30.27 1.50
C GLY C 107 36.40 31.22 1.15
N ALA C 108 36.59 32.25 1.99
CA ALA C 108 37.61 33.27 1.75
C ALA C 108 39.01 32.65 1.63
N LYS C 109 39.81 33.17 0.69
CA LYS C 109 41.15 32.65 0.44
C LYS C 109 42.02 32.78 1.69
N GLY C 110 42.65 31.67 2.08
CA GLY C 110 43.38 31.57 3.35
C GLY C 110 42.54 31.28 4.59
N LYS C 111 41.23 31.12 4.45
CA LYS C 111 40.33 30.91 5.60
C LYS C 111 39.33 29.76 5.35
N ARG C 112 39.82 28.69 4.73
CA ARG C 112 39.02 27.48 4.50
C ARG C 112 39.67 26.36 5.29
N PHE C 113 38.91 25.75 6.20
CA PHE C 113 39.45 24.81 7.16
C PHE C 113 38.73 23.46 7.16
N ALA C 114 39.37 22.48 7.78
CA ALA C 114 38.75 21.20 8.11
C ALA C 114 39.43 20.65 9.34
N LEU C 115 38.66 19.98 10.19
CA LEU C 115 39.23 19.26 11.33
C LEU C 115 39.81 17.92 10.84
N PRO C 116 40.79 17.34 11.57
CA PRO C 116 41.62 16.23 11.06
C PRO C 116 40.88 15.02 10.46
N ASN C 117 39.77 14.61 11.09
CA ASN C 117 39.02 13.43 10.66
C ASN C 117 37.78 13.76 9.80
N ALA C 118 37.64 15.02 9.38
CA ALA C 118 36.57 15.42 8.47
C ALA C 118 36.76 14.78 7.10
N GLU C 119 35.64 14.46 6.43
CA GLU C 119 35.64 13.80 5.14
C GLU C 119 35.21 14.78 4.06
N VAL C 120 35.97 14.84 2.96
CA VAL C 120 35.61 15.66 1.80
C VAL C 120 35.46 14.75 0.59
N MET C 121 34.34 14.89 -0.12
CA MET C 121 34.08 14.11 -1.34
C MET C 121 33.69 15.02 -2.48
N ILE C 122 34.24 14.74 -3.66
CA ILE C 122 33.90 15.46 -4.89
C ILE C 122 33.47 14.45 -5.97
N HIS C 123 32.39 14.78 -6.68
CA HIS C 123 31.96 14.02 -7.85
C HIS C 123 31.20 14.89 -8.84
N GLN C 124 30.86 14.34 -9.99
CA GLN C 124 30.08 15.07 -11.00
C GLN C 124 28.61 15.15 -10.58
N PRO C 125 27.87 16.18 -11.09
CA PRO C 125 26.47 16.33 -10.67
C PRO C 125 25.55 15.21 -11.13
N LEU C 126 24.50 14.96 -10.35
CA LEU C 126 23.52 13.91 -10.62
C LEU C 126 22.21 14.54 -11.10
N GLY C 127 21.48 13.81 -11.94
CA GLY C 127 20.22 14.30 -12.47
C GLY C 127 19.43 13.23 -13.19
N GLY C 128 18.38 13.68 -13.87
CA GLY C 128 17.50 12.80 -14.62
C GLY C 128 16.85 13.49 -15.80
N ALA C 129 16.44 12.69 -16.78
CA ALA C 129 15.71 13.18 -17.95
C ALA C 129 14.75 12.09 -18.41
N GLN C 130 13.55 12.49 -18.84
CA GLN C 130 12.51 11.55 -19.26
C GLN C 130 11.60 12.17 -20.31
N GLY C 131 11.23 11.37 -21.31
CA GLY C 131 10.31 11.80 -22.36
C GLY C 131 10.94 11.71 -23.75
N GLN C 132 10.65 12.72 -24.57
CA GLN C 132 11.07 12.73 -25.99
C GLN C 132 12.57 12.92 -26.15
N ALA C 133 13.12 12.45 -27.27
CA ALA C 133 14.55 12.58 -27.58
C ALA C 133 15.07 14.02 -27.47
N THR C 134 14.30 14.98 -27.98
CA THR C 134 14.64 16.41 -27.88
C THR C 134 14.62 16.92 -26.44
N GLU C 135 13.70 16.40 -25.62
CA GLU C 135 13.65 16.72 -24.19
C GLU C 135 14.86 16.17 -23.43
N ILE C 136 15.28 14.95 -23.78
CA ILE C 136 16.47 14.32 -23.17
CA ILE C 136 16.46 14.34 -23.15
C ILE C 136 17.73 15.09 -23.56
N GLU C 137 17.78 15.56 -24.81
CA GLU C 137 18.90 16.37 -25.31
C GLU C 137 19.05 17.69 -24.52
N ILE C 138 17.94 18.38 -24.30
CA ILE C 138 17.91 19.63 -23.54
C ILE C 138 18.39 19.41 -22.09
N ALA C 139 17.89 18.36 -21.45
CA ALA C 139 18.30 18.00 -20.10
C ALA C 139 19.79 17.62 -20.02
N ALA C 140 20.27 16.90 -21.02
CA ALA C 140 21.69 16.51 -21.10
C ALA C 140 22.62 17.70 -21.30
N ASN C 141 22.25 18.61 -22.20
CA ASN C 141 23.01 19.86 -22.41
C ASN C 141 23.04 20.74 -21.15
N HIS C 142 21.91 20.77 -20.42
CA HIS C 142 21.77 21.56 -19.20
C HIS C 142 22.69 21.08 -18.08
N ILE C 143 22.69 19.77 -17.81
CA ILE C 143 23.54 19.19 -16.75
C ILE C 143 25.02 19.24 -17.12
N LEU C 144 25.34 19.12 -18.41
CA LEU C 144 26.72 19.24 -18.90
C LEU C 144 27.27 20.67 -18.75
N LYS C 145 26.45 21.67 -19.08
CA LYS C 145 26.84 23.08 -18.85
C LYS C 145 26.94 23.41 -17.36
N THR C 146 26.06 22.81 -16.54
CA THR C 146 26.14 22.93 -15.09
C THR C 146 27.46 22.33 -14.54
N ARG C 147 27.90 21.21 -15.11
CA ARG C 147 29.19 20.63 -14.71
C ARG C 147 30.38 21.52 -15.13
N GLU C 148 30.35 22.03 -16.35
CA GLU C 148 31.38 22.97 -16.83
C GLU C 148 31.47 24.21 -15.95
N LYS C 149 30.31 24.73 -15.56
CA LYS C 149 30.17 25.86 -14.63
C LYS C 149 30.79 25.55 -13.26
N LEU C 150 30.46 24.37 -12.73
CA LEU C 150 31.01 23.91 -11.45
C LEU C 150 32.53 23.70 -11.51
N ASN C 151 32.99 23.01 -12.56
CA ASN C 151 34.42 22.71 -12.74
C ASN C 151 35.27 23.96 -12.98
N ARG C 152 34.72 24.95 -13.69
CA ARG C 152 35.42 26.22 -13.95
C ARG C 152 35.67 26.99 -12.65
N ILE C 153 34.61 27.13 -11.85
CA ILE C 153 34.71 27.82 -10.55
C ILE C 153 35.61 27.04 -9.58
N LEU C 154 35.47 25.71 -9.56
CA LEU C 154 36.30 24.86 -8.69
C LEU C 154 37.78 24.93 -9.09
N SER C 155 38.04 25.01 -10.40
CA SER C 155 39.39 25.24 -10.93
C SER C 155 39.99 26.55 -10.42
N GLU C 156 39.21 27.63 -10.52
CA GLU C 156 39.62 28.96 -10.07
C GLU C 156 39.96 29.03 -8.57
N ARG C 157 39.20 28.28 -7.75
CA ARG C 157 39.34 28.35 -6.30
C ARG C 157 40.29 27.32 -5.68
N THR C 158 40.51 26.19 -6.37
CA THR C 158 41.50 25.20 -5.94
C THR C 158 42.89 25.44 -6.52
N GLY C 159 42.96 26.10 -7.68
CA GLY C 159 44.20 26.25 -8.43
C GLY C 159 44.50 25.09 -9.39
N GLN C 160 43.59 24.12 -9.45
CA GLN C 160 43.73 22.97 -10.35
C GLN C 160 43.18 23.34 -11.71
N SER C 161 43.61 22.64 -12.75
CA SER C 161 43.10 22.85 -14.11
C SER C 161 41.69 22.28 -14.26
N ILE C 162 40.97 22.77 -15.27
CA ILE C 162 39.64 22.24 -15.61
C ILE C 162 39.73 20.78 -16.09
N GLU C 163 40.85 20.44 -16.73
CA GLU C 163 41.09 19.07 -17.22
C GLU C 163 41.26 18.07 -16.07
N LYS C 164 42.03 18.46 -15.05
CA LYS C 164 42.27 17.61 -13.87
C LYS C 164 41.01 17.44 -13.02
N ILE C 165 40.23 18.51 -12.86
CA ILE C 165 38.98 18.48 -12.10
C ILE C 165 37.97 17.53 -12.75
N GLN C 166 37.87 17.59 -14.08
CA GLN C 166 37.02 16.67 -14.87
C GLN C 166 37.35 15.20 -14.59
N LYS C 167 38.63 14.85 -14.65
CA LYS C 167 39.08 13.47 -14.40
C LYS C 167 38.83 13.02 -12.95
N ASP C 168 39.15 13.90 -12.00
CA ASP C 168 39.04 13.59 -10.57
C ASP C 168 37.60 13.53 -10.04
N THR C 169 36.66 14.16 -10.75
CA THR C 169 35.23 14.13 -10.38
C THR C 169 34.38 13.20 -11.25
N ASP C 170 35.03 12.33 -12.04
CA ASP C 170 34.32 11.37 -12.90
C ASP C 170 33.55 10.34 -12.07
N ARG C 171 34.19 9.87 -11.00
CA ARG C 171 33.56 8.98 -10.01
C ARG C 171 33.63 9.65 -8.64
N ASP C 172 33.04 9.00 -7.63
CA ASP C 172 33.16 9.44 -6.24
C ASP C 172 34.63 9.41 -5.81
N ASN C 173 35.11 10.55 -5.33
CA ASN C 173 36.51 10.73 -4.93
C ASN C 173 36.54 11.24 -3.50
N PHE C 174 36.75 10.32 -2.56
CA PHE C 174 36.81 10.64 -1.13
C PHE C 174 38.23 11.09 -0.77
N LEU C 175 38.31 12.21 -0.04
CA LEU C 175 39.58 12.80 0.36
C LEU C 175 39.62 12.96 1.88
N THR C 176 40.79 12.76 2.46
CA THR C 176 41.04 13.12 3.86
C THR C 176 41.16 14.64 3.95
N ALA C 177 41.18 15.16 5.17
CA ALA C 177 41.36 16.60 5.40
C ALA C 177 42.69 17.10 4.82
N GLU C 178 43.75 16.32 5.01
CA GLU C 178 45.08 16.64 4.49
C GLU C 178 45.13 16.60 2.96
N GLU C 179 44.48 15.59 2.36
CA GLU C 179 44.36 15.49 0.90
C GLU C 179 43.55 16.65 0.30
N ALA C 180 42.50 17.07 1.01
CA ALA C 180 41.71 18.24 0.62
C ALA C 180 42.55 19.53 0.62
N LYS C 181 43.43 19.67 1.61
CA LYS C 181 44.37 20.79 1.67
C LYS C 181 45.36 20.74 0.50
N GLU C 182 45.93 19.57 0.26
CA GLU C 182 46.85 19.35 -0.87
C GLU C 182 46.18 19.63 -2.22
N TYR C 183 44.90 19.29 -2.34
CA TYR C 183 44.13 19.53 -3.56
C TYR C 183 43.79 21.01 -3.79
N GLY C 184 43.69 21.78 -2.71
CA GLY C 184 43.34 23.21 -2.76
C GLY C 184 41.89 23.50 -2.37
N LEU C 185 41.16 22.48 -1.94
CA LEU C 185 39.77 22.65 -1.45
C LEU C 185 39.72 23.40 -0.13
N ILE C 186 40.72 23.18 0.72
CA ILE C 186 40.92 23.97 1.95
C ILE C 186 42.36 24.50 2.01
N ASP C 187 42.57 25.43 2.94
CA ASP C 187 43.86 26.08 3.11
C ASP C 187 44.71 25.44 4.22
N GLU C 188 44.06 25.10 5.34
CA GLU C 188 44.75 24.46 6.47
C GLU C 188 43.89 23.39 7.13
N VAL C 189 44.54 22.38 7.70
CA VAL C 189 43.90 21.43 8.60
C VAL C 189 44.04 22.00 10.02
N MET C 190 42.91 22.22 10.68
CA MET C 190 42.90 22.80 12.02
C MET C 190 43.17 21.71 13.05
N VAL C 191 44.44 21.54 13.41
CA VAL C 191 44.86 20.48 14.35
C VAL C 191 44.59 20.87 15.81
N PRO C 192 44.33 19.88 16.69
CA PRO C 192 44.02 20.19 18.09
C PRO C 192 45.26 20.54 18.91
N GLU C 193 45.11 21.51 19.83
CA GLU C 193 46.22 21.99 20.65
C GLU C 193 46.61 21.00 21.74
N LEU D 3 14.21 25.14 12.68
CA LEU D 3 14.69 25.43 11.30
C LEU D 3 15.08 26.90 11.13
N ILE D 4 14.12 27.79 11.35
CA ILE D 4 14.30 29.22 11.10
C ILE D 4 14.99 29.88 12.30
N PRO D 5 16.17 30.51 12.09
CA PRO D 5 16.90 31.13 13.20
C PRO D 5 16.30 32.48 13.63
N THR D 6 16.50 32.81 14.91
CA THR D 6 15.99 34.04 15.52
C THR D 6 17.13 35.05 15.65
N VAL D 7 16.79 36.34 15.49
CA VAL D 7 17.74 37.44 15.67
C VAL D 7 17.14 38.48 16.61
N ILE D 8 17.99 39.05 17.47
CA ILE D 8 17.58 40.04 18.47
C ILE D 8 18.23 41.39 18.14
N GLU D 9 17.39 42.41 17.90
CA GLU D 9 17.86 43.76 17.61
C GLU D 9 18.23 44.49 18.89
N ALA D 17 13.42 40.51 19.09
CA ALA D 17 13.32 39.08 18.80
C ALA D 17 12.47 38.81 17.55
N TYR D 18 13.15 38.71 16.41
CA TYR D 18 12.51 38.40 15.12
C TYR D 18 13.04 37.07 14.58
N ASP D 19 12.17 36.29 13.93
CA ASP D 19 12.63 35.23 13.03
C ASP D 19 13.27 35.93 11.82
N ILE D 20 14.28 35.29 11.22
CA ILE D 20 15.11 35.94 10.19
C ILE D 20 14.30 36.58 9.05
N TYR D 21 13.21 35.93 8.62
CA TYR D 21 12.40 36.40 7.50
C TYR D 21 11.53 37.59 7.87
N SER D 22 10.99 37.59 9.09
CA SER D 22 10.27 38.75 9.62
C SER D 22 11.17 39.98 9.79
N ARG D 23 12.43 39.73 10.17
CA ARG D 23 13.45 40.80 10.24
C ARG D 23 13.72 41.39 8.86
N LEU D 24 13.84 40.53 7.85
CA LEU D 24 13.98 40.98 6.47
C LEU D 24 12.79 41.83 6.00
N LEU D 25 11.57 41.42 6.38
CA LEU D 25 10.36 42.18 6.06
C LEU D 25 10.34 43.58 6.68
N LYS D 26 10.98 43.74 7.84
CA LYS D 26 11.15 45.06 8.48
C LYS D 26 11.97 46.04 7.61
N ASP D 27 12.88 45.53 6.79
CA ASP D 27 13.58 46.33 5.77
C ASP D 27 12.99 46.14 4.35
N ARG D 28 11.69 45.87 4.28
CA ARG D 28 10.93 45.77 3.03
C ARG D 28 11.43 44.69 2.06
N ILE D 29 11.96 43.59 2.60
CA ILE D 29 12.39 42.44 1.79
C ILE D 29 11.36 41.32 1.93
N ILE D 30 10.80 40.88 0.80
CA ILE D 30 9.85 39.76 0.76
C ILE D 30 10.52 38.56 0.11
N MET D 31 10.31 37.37 0.69
CA MET D 31 10.91 36.12 0.20
C MET D 31 9.93 35.34 -0.67
N LEU D 32 10.28 35.14 -1.94
CA LEU D 32 9.65 34.14 -2.79
C LEU D 32 10.68 33.02 -2.97
N GLY D 33 10.74 32.15 -1.96
CA GLY D 33 11.77 31.11 -1.88
C GLY D 33 11.25 29.69 -1.94
N SER D 34 10.12 29.48 -2.62
CA SER D 34 9.48 28.17 -2.68
C SER D 34 8.64 28.03 -3.95
N GLN D 35 8.06 26.84 -4.12
CA GLN D 35 7.07 26.59 -5.17
C GLN D 35 5.86 27.51 -4.96
N ILE D 36 5.36 28.09 -6.05
CA ILE D 36 4.28 29.05 -6.00
C ILE D 36 2.93 28.31 -5.97
N ASP D 37 2.32 28.30 -4.79
CA ASP D 37 0.92 27.86 -4.65
C ASP D 37 0.10 29.04 -4.14
N ASP D 38 -1.19 28.83 -3.91
CA ASP D 38 -2.06 29.90 -3.42
C ASP D 38 -1.63 30.45 -2.05
N ASN D 39 -1.20 29.56 -1.15
CA ASN D 39 -0.72 29.99 0.19
C ASN D 39 0.45 30.96 0.10
N VAL D 40 1.42 30.64 -0.76
CA VAL D 40 2.59 31.51 -0.97
C VAL D 40 2.18 32.84 -1.60
N ALA D 41 1.30 32.80 -2.60
CA ALA D 41 0.77 34.00 -3.23
C ALA D 41 -0.01 34.88 -2.25
N ASN D 42 -0.84 34.27 -1.41
CA ASN D 42 -1.62 35.01 -0.41
C ASN D 42 -0.71 35.73 0.59
N SER D 43 0.38 35.08 0.99
CA SER D 43 1.36 35.68 1.89
C SER D 43 2.09 36.86 1.26
N ILE D 44 2.64 36.66 0.05
CA ILE D 44 3.40 37.70 -0.65
C ILE D 44 2.52 38.90 -1.00
N VAL D 45 1.32 38.64 -1.50
CA VAL D 45 0.33 39.70 -1.82
C VAL D 45 -0.02 40.53 -0.57
N SER D 46 -0.23 39.85 0.56
CA SER D 46 -0.51 40.51 1.83
C SER D 46 0.68 41.35 2.32
N GLN D 47 1.88 40.80 2.20
CA GLN D 47 3.12 41.53 2.53
C GLN D 47 3.30 42.79 1.66
N LEU D 48 2.99 42.68 0.37
CA LEU D 48 3.07 43.82 -0.56
C LEU D 48 2.09 44.94 -0.18
N LEU D 49 0.87 44.56 0.20
CA LEU D 49 -0.14 45.54 0.66
C LEU D 49 0.27 46.20 1.96
N PHE D 50 0.80 45.40 2.88
CA PHE D 50 1.33 45.89 4.16
C PHE D 50 2.47 46.90 3.98
N LEU D 51 3.43 46.56 3.11
CA LEU D 51 4.56 47.44 2.84
C LEU D 51 4.18 48.75 2.14
N GLN D 52 3.14 48.72 1.31
CA GLN D 52 2.56 49.95 0.73
C GLN D 52 2.01 50.87 1.83
N ALA D 53 1.24 50.29 2.75
CA ALA D 53 0.65 51.04 3.87
C ALA D 53 1.71 51.67 4.79
N GLN D 54 2.81 50.96 5.02
CA GLN D 54 3.93 51.49 5.80
C GLN D 54 4.62 52.67 5.11
N ASP D 55 4.88 52.52 3.81
CA ASP D 55 5.49 53.59 3.01
C ASP D 55 5.21 53.35 1.52
N SER D 56 4.52 54.30 0.89
CA SER D 56 4.14 54.19 -0.52
C SER D 56 5.26 54.59 -1.50
N GLU D 57 6.34 55.21 -1.00
CA GLU D 57 7.45 55.70 -1.84
C GLU D 57 8.70 54.81 -1.83
N LYS D 58 9.03 54.23 -0.67
CA LYS D 58 10.24 53.41 -0.53
C LYS D 58 10.13 52.09 -1.29
N ASP D 59 11.23 51.66 -1.90
CA ASP D 59 11.26 50.42 -2.68
C ASP D 59 11.01 49.17 -1.83
N ILE D 60 10.47 48.15 -2.49
CA ILE D 60 10.30 46.81 -1.92
C ILE D 60 11.26 45.90 -2.69
N TYR D 61 11.76 44.86 -2.02
CA TYR D 61 12.74 43.94 -2.61
C TYR D 61 12.23 42.51 -2.59
N LEU D 62 11.85 41.99 -3.76
CA LEU D 62 11.37 40.61 -3.90
C LEU D 62 12.54 39.67 -4.22
N TYR D 63 12.92 38.86 -3.24
CA TYR D 63 13.89 37.77 -3.42
C TYR D 63 13.19 36.63 -4.15
N ILE D 64 13.81 36.10 -5.19
CA ILE D 64 13.25 34.99 -5.97
C ILE D 64 14.22 33.81 -6.07
N ASN D 65 13.91 32.75 -5.32
CA ASN D 65 14.56 31.43 -5.46
C ASN D 65 13.43 30.41 -5.57
N SER D 66 12.89 30.25 -6.78
CA SER D 66 11.63 29.53 -6.98
C SER D 66 11.59 28.75 -8.29
N PRO D 67 11.02 27.52 -8.27
CA PRO D 67 10.84 26.75 -9.50
C PRO D 67 9.53 27.07 -10.24
N GLY D 68 8.79 28.10 -9.82
CA GLY D 68 7.49 28.42 -10.39
C GLY D 68 6.39 27.68 -9.66
N GLY D 69 5.33 27.33 -10.37
CA GLY D 69 4.15 26.69 -9.78
C GLY D 69 2.88 27.17 -10.46
N SER D 70 1.85 27.45 -9.66
CA SER D 70 0.53 27.86 -10.18
C SER D 70 0.59 29.19 -10.92
N VAL D 71 -0.03 29.22 -12.11
CA VAL D 71 -0.06 30.43 -12.95
C VAL D 71 -0.98 31.48 -12.34
N THR D 72 -2.14 31.07 -11.82
CA THR D 72 -3.08 32.00 -11.19
C THR D 72 -2.50 32.59 -9.89
N ALA D 73 -1.83 31.75 -9.09
CA ALA D 73 -1.13 32.21 -7.89
C ALA D 73 -0.02 33.19 -8.26
N GLY D 74 0.73 32.86 -9.32
CA GLY D 74 1.72 33.78 -9.89
C GLY D 74 1.11 35.12 -10.30
N PHE D 75 -0.05 35.07 -10.98
CA PHE D 75 -0.73 36.29 -11.41
C PHE D 75 -1.34 37.11 -10.28
N ALA D 76 -1.63 36.46 -9.14
CA ALA D 76 -2.00 37.19 -7.91
C ALA D 76 -0.85 38.10 -7.48
N ILE D 77 0.36 37.54 -7.45
CA ILE D 77 1.57 38.29 -7.10
C ILE D 77 1.84 39.36 -8.15
N TYR D 78 1.76 38.98 -9.44
CA TYR D 78 2.02 39.90 -10.56
C TYR D 78 1.18 41.16 -10.50
N ASP D 79 -0.14 40.99 -10.43
CA ASP D 79 -1.07 42.12 -10.40
C ASP D 79 -0.88 43.03 -9.20
N THR D 80 -0.57 42.45 -8.05
CA THR D 80 -0.34 43.23 -6.83
C THR D 80 0.93 44.07 -6.93
N ILE D 81 1.99 43.51 -7.53
CA ILE D 81 3.20 44.27 -7.82
C ILE D 81 2.88 45.49 -8.70
N GLN D 82 2.14 45.27 -9.79
CA GLN D 82 1.78 46.36 -10.70
C GLN D 82 0.77 47.33 -10.08
N HIS D 83 -0.09 46.82 -9.19
CA HIS D 83 -1.10 47.66 -8.53
C HIS D 83 -0.53 48.70 -7.57
N ILE D 84 0.38 48.28 -6.69
CA ILE D 84 0.86 49.13 -5.60
C ILE D 84 1.77 50.27 -6.06
N LYS D 85 1.84 51.32 -5.25
CA LYS D 85 2.62 52.53 -5.57
C LYS D 85 4.13 52.30 -5.56
N PRO D 86 4.68 51.63 -4.52
CA PRO D 86 6.14 51.47 -4.49
C PRO D 86 6.69 50.56 -5.59
N ASP D 87 7.89 50.88 -6.08
CA ASP D 87 8.61 49.97 -6.98
C ASP D 87 8.95 48.70 -6.23
N VAL D 88 8.76 47.56 -6.90
CA VAL D 88 9.16 46.26 -6.38
C VAL D 88 10.37 45.80 -7.18
N GLN D 89 11.55 45.82 -6.56
CA GLN D 89 12.76 45.27 -7.17
C GLN D 89 12.67 43.75 -7.10
N THR D 90 13.19 43.08 -8.12
CA THR D 90 13.30 41.62 -8.13
C THR D 90 14.77 41.23 -8.24
N ILE D 91 15.17 40.22 -7.48
CA ILE D 91 16.51 39.66 -7.56
C ILE D 91 16.42 38.14 -7.58
N CYS D 92 17.04 37.53 -8.59
CA CYS D 92 17.08 36.09 -8.72
C CYS D 92 18.36 35.57 -8.08
N ILE D 93 18.22 34.75 -7.05
CA ILE D 93 19.34 34.12 -6.36
C ILE D 93 19.07 32.62 -6.35
N GLY D 94 20.00 31.84 -6.92
CA GLY D 94 19.84 30.40 -7.07
C GLY D 94 19.16 30.06 -8.39
N MET D 95 17.83 30.21 -8.42
CA MET D 95 17.08 29.98 -9.66
C MET D 95 15.70 30.64 -9.70
N ALA D 96 15.27 30.95 -10.92
CA ALA D 96 13.91 31.37 -11.21
C ALA D 96 13.46 30.56 -12.42
N ALA D 97 12.48 29.67 -12.22
CA ALA D 97 11.96 28.84 -13.31
C ALA D 97 10.47 29.08 -13.51
N SER D 98 10.05 29.01 -14.78
CA SER D 98 8.64 29.09 -15.16
C SER D 98 7.98 30.38 -14.64
N MET D 99 6.98 30.27 -13.77
CA MET D 99 6.29 31.46 -13.23
C MET D 99 7.18 32.30 -12.29
N GLY D 100 8.25 31.69 -11.77
CA GLY D 100 9.28 32.42 -11.02
C GLY D 100 10.08 33.38 -11.89
N SER D 101 10.42 32.95 -13.10
CA SER D 101 11.11 33.80 -14.08
C SER D 101 10.18 34.88 -14.67
N PHE D 102 8.89 34.57 -14.76
CA PHE D 102 7.88 35.55 -15.16
C PHE D 102 7.82 36.69 -14.14
N LEU D 103 7.73 36.33 -12.86
CA LEU D 103 7.73 37.30 -11.77
C LEU D 103 9.06 38.05 -11.62
N LEU D 104 10.18 37.40 -11.95
CA LEU D 104 11.47 38.08 -12.04
C LEU D 104 11.41 39.22 -13.07
N ALA D 105 10.84 38.92 -14.24
CA ALA D 105 10.64 39.92 -15.30
C ALA D 105 9.62 41.00 -14.94
N ALA D 106 8.70 40.69 -14.03
CA ALA D 106 7.67 41.63 -13.56
C ALA D 106 8.17 42.77 -12.67
N GLY D 107 9.40 42.68 -12.17
CA GLY D 107 9.98 43.74 -11.32
C GLY D 107 10.04 45.10 -11.97
N ALA D 108 10.21 46.14 -11.16
CA ALA D 108 10.25 47.53 -11.65
C ALA D 108 11.34 47.71 -12.70
N LYS D 109 11.00 48.44 -13.78
CA LYS D 109 11.92 48.66 -14.90
C LYS D 109 13.23 49.29 -14.43
N GLY D 110 14.34 48.66 -14.79
CA GLY D 110 15.67 49.05 -14.32
C GLY D 110 16.09 48.49 -12.96
N LYS D 111 15.21 47.75 -12.29
CA LYS D 111 15.48 47.24 -10.94
C LYS D 111 15.24 45.72 -10.84
N ARG D 112 15.53 45.01 -11.92
CA ARG D 112 15.44 43.55 -11.97
C ARG D 112 16.86 43.01 -12.06
N PHE D 113 17.24 42.17 -11.11
CA PHE D 113 18.63 41.72 -10.96
C PHE D 113 18.76 40.21 -10.87
N ALA D 114 20.01 39.75 -11.03
CA ALA D 114 20.37 38.36 -10.78
C ALA D 114 21.84 38.31 -10.39
N LEU D 115 22.19 37.44 -9.45
CA LEU D 115 23.59 37.19 -9.12
C LEU D 115 24.19 36.29 -10.22
N PRO D 116 25.52 36.39 -10.46
CA PRO D 116 26.16 35.83 -11.67
C PRO D 116 25.85 34.37 -12.02
N ASN D 117 25.82 33.50 -11.02
CA ASN D 117 25.58 32.06 -11.22
C ASN D 117 24.13 31.60 -11.02
N ALA D 118 23.19 32.55 -10.89
CA ALA D 118 21.77 32.23 -10.82
C ALA D 118 21.26 31.71 -12.16
N GLU D 119 20.32 30.78 -12.12
CA GLU D 119 19.79 30.10 -13.31
C GLU D 119 18.36 30.58 -13.57
N VAL D 120 18.09 31.03 -14.80
CA VAL D 120 16.75 31.42 -15.21
C VAL D 120 16.25 30.44 -16.28
N MET D 121 15.03 29.94 -16.12
CA MET D 121 14.42 29.05 -17.10
C MET D 121 13.03 29.51 -17.50
N ILE D 122 12.74 29.40 -18.80
CA ILE D 122 11.42 29.73 -19.36
C ILE D 122 10.91 28.55 -20.19
N HIS D 123 9.61 28.28 -20.08
CA HIS D 123 8.94 27.31 -20.96
C HIS D 123 7.44 27.60 -21.03
N GLN D 124 6.71 26.81 -21.82
CA GLN D 124 5.27 26.99 -21.94
C GLN D 124 4.55 26.37 -20.72
N PRO D 125 3.32 26.85 -20.42
CA PRO D 125 2.59 26.33 -19.25
C PRO D 125 2.22 24.85 -19.37
N LEU D 126 2.17 24.17 -18.22
CA LEU D 126 1.84 22.76 -18.12
C LEU D 126 0.44 22.60 -17.52
N GLY D 127 -0.25 21.54 -17.90
CA GLY D 127 -1.59 21.28 -17.40
C GLY D 127 -2.10 19.89 -17.73
N GLY D 128 -3.40 19.69 -17.52
CA GLY D 128 -4.03 18.41 -17.75
C GLY D 128 -5.51 18.54 -18.09
N ALA D 129 -6.02 17.53 -18.79
CA ALA D 129 -7.42 17.45 -19.15
C ALA D 129 -7.84 15.98 -19.25
N GLN D 130 -9.03 15.68 -18.75
CA GLN D 130 -9.56 14.31 -18.75
C GLN D 130 -11.09 14.34 -18.80
N GLY D 131 -11.66 13.49 -19.65
CA GLY D 131 -13.12 13.35 -19.77
C GLY D 131 -13.58 13.45 -21.22
N GLN D 132 -14.75 14.05 -21.42
CA GLN D 132 -15.38 14.16 -22.74
C GLN D 132 -14.60 15.06 -23.70
N ALA D 133 -14.79 14.84 -24.99
CA ALA D 133 -14.11 15.63 -26.04
C ALA D 133 -14.29 17.14 -25.86
N THR D 134 -15.52 17.57 -25.56
CA THR D 134 -15.80 18.99 -25.31
C THR D 134 -15.15 19.53 -24.04
N GLU D 135 -14.99 18.67 -23.02
CA GLU D 135 -14.25 19.04 -21.80
C GLU D 135 -12.75 19.21 -22.07
N ILE D 136 -12.20 18.35 -22.94
CA ILE D 136 -10.78 18.46 -23.36
C ILE D 136 -10.58 19.74 -24.19
N GLU D 137 -11.54 20.04 -25.06
CA GLU D 137 -11.53 21.27 -25.87
C GLU D 137 -11.48 22.54 -25.01
N ILE D 138 -12.32 22.58 -23.98
CA ILE D 138 -12.39 23.71 -23.05
C ILE D 138 -11.08 23.87 -22.29
N ALA D 139 -10.50 22.76 -21.85
CA ALA D 139 -9.21 22.76 -21.16
C ALA D 139 -8.07 23.22 -22.09
N ALA D 140 -8.09 22.75 -23.34
CA ALA D 140 -7.09 23.16 -24.34
C ALA D 140 -7.16 24.65 -24.64
N ASN D 141 -8.36 25.15 -24.93
CA ASN D 141 -8.56 26.58 -25.19
C ASN D 141 -8.13 27.46 -24.01
N HIS D 142 -8.41 27.00 -22.79
CA HIS D 142 -8.03 27.70 -21.57
C HIS D 142 -6.51 27.82 -21.37
N ILE D 143 -5.79 26.72 -21.52
CA ILE D 143 -4.33 26.73 -21.34
C ILE D 143 -3.61 27.49 -22.48
N LEU D 144 -4.16 27.41 -23.70
CA LEU D 144 -3.66 28.18 -24.84
C LEU D 144 -3.90 29.68 -24.66
N LYS D 145 -5.09 30.05 -24.19
CA LYS D 145 -5.40 31.42 -23.76
C LYS D 145 -4.43 31.92 -22.68
N THR D 146 -4.15 31.05 -21.71
CA THR D 146 -3.24 31.36 -20.62
C THR D 146 -1.80 31.58 -21.10
N ARG D 147 -1.35 30.80 -22.08
CA ARG D 147 -0.01 30.97 -22.66
C ARG D 147 0.12 32.27 -23.45
N GLU D 148 -0.87 32.59 -24.29
CA GLU D 148 -0.90 33.87 -25.02
C GLU D 148 -0.84 35.07 -24.07
N LYS D 149 -1.62 34.98 -23.00
CA LYS D 149 -1.65 35.98 -21.92
C LYS D 149 -0.26 36.17 -21.29
N LEU D 150 0.41 35.06 -20.95
CA LEU D 150 1.77 35.08 -20.40
C LEU D 150 2.79 35.62 -21.40
N ASN D 151 2.75 35.12 -22.63
CA ASN D 151 3.69 35.52 -23.69
C ASN D 151 3.57 36.99 -24.06
N ARG D 152 2.34 37.52 -24.06
CA ARG D 152 2.08 38.92 -24.38
C ARG D 152 2.67 39.85 -23.31
N ILE D 153 2.48 39.50 -22.03
CA ILE D 153 3.06 40.27 -20.92
C ILE D 153 4.59 40.17 -20.93
N LEU D 154 5.12 38.97 -21.19
CA LEU D 154 6.56 38.76 -21.25
C LEU D 154 7.20 39.54 -22.41
N SER D 155 6.48 39.64 -23.53
CA SER D 155 6.89 40.48 -24.66
C SER D 155 6.99 41.96 -24.29
N GLU D 156 5.98 42.47 -23.57
CA GLU D 156 5.96 43.85 -23.07
C GLU D 156 7.09 44.10 -22.07
N ARG D 157 7.32 43.13 -21.19
CA ARG D 157 8.33 43.22 -20.13
C ARG D 157 9.77 43.12 -20.62
N THR D 158 10.02 42.27 -21.62
CA THR D 158 11.37 41.98 -22.12
C THR D 158 11.77 42.78 -23.36
N GLY D 159 10.79 43.25 -24.12
CA GLY D 159 11.03 43.90 -25.42
C GLY D 159 11.19 42.93 -26.58
N GLN D 160 10.98 41.63 -26.34
CA GLN D 160 11.07 40.61 -27.37
C GLN D 160 9.71 40.48 -28.04
N SER D 161 9.69 40.08 -29.31
CA SER D 161 8.44 39.85 -30.04
C SER D 161 7.74 38.59 -29.51
N ILE D 162 6.42 38.53 -29.69
CA ILE D 162 5.62 37.37 -29.26
C ILE D 162 6.02 36.11 -30.03
N GLU D 163 6.32 36.27 -31.33
CA GLU D 163 6.84 35.16 -32.16
C GLU D 163 8.10 34.53 -31.58
N LYS D 164 9.03 35.37 -31.12
CA LYS D 164 10.27 34.90 -30.49
C LYS D 164 10.00 34.22 -29.15
N ILE D 165 9.15 34.83 -28.32
CA ILE D 165 8.78 34.25 -27.01
C ILE D 165 8.14 32.86 -27.20
N GLN D 166 7.19 32.78 -28.14
CA GLN D 166 6.51 31.52 -28.46
C GLN D 166 7.51 30.42 -28.84
N LYS D 167 8.46 30.76 -29.72
CA LYS D 167 9.49 29.81 -30.16
C LYS D 167 10.47 29.43 -29.04
N ASP D 168 10.89 30.42 -28.25
CA ASP D 168 11.84 30.18 -27.15
C ASP D 168 11.25 29.46 -25.94
N THR D 169 9.93 29.52 -25.76
CA THR D 169 9.24 28.84 -24.66
C THR D 169 8.58 27.51 -25.07
N ASP D 170 8.82 27.05 -26.32
CA ASP D 170 8.27 25.78 -26.80
C ASP D 170 8.75 24.59 -25.97
N ARG D 171 10.05 24.60 -25.64
CA ARG D 171 10.68 23.60 -24.77
C ARG D 171 11.36 24.32 -23.61
N ASP D 172 11.90 23.54 -22.66
CA ASP D 172 12.70 24.09 -21.57
C ASP D 172 13.88 24.88 -22.14
N ASN D 173 14.02 26.13 -21.71
CA ASN D 173 15.07 27.03 -22.20
C ASN D 173 15.81 27.62 -20.99
N PHE D 174 16.95 27.01 -20.67
CA PHE D 174 17.78 27.45 -19.54
C PHE D 174 18.70 28.60 -19.97
N LEU D 175 18.73 29.65 -19.16
CA LEU D 175 19.53 30.83 -19.40
C LEU D 175 20.42 31.12 -18.19
N THR D 176 21.64 31.57 -18.46
CA THR D 176 22.51 32.13 -17.41
C THR D 176 21.98 33.51 -17.03
N ALA D 177 22.52 34.08 -15.96
CA ALA D 177 22.15 35.44 -15.54
C ALA D 177 22.46 36.48 -16.62
N GLU D 178 23.62 36.33 -17.27
CA GLU D 178 24.02 37.21 -18.38
C GLU D 178 23.08 37.08 -19.58
N GLU D 179 22.74 35.85 -19.94
CA GLU D 179 21.79 35.59 -21.03
C GLU D 179 20.38 36.10 -20.72
N ALA D 180 19.98 36.05 -19.45
CA ALA D 180 18.71 36.63 -19.00
C ALA D 180 18.68 38.15 -19.15
N LYS D 181 19.80 38.81 -18.86
CA LYS D 181 19.94 40.25 -19.09
C LYS D 181 19.84 40.60 -20.58
N GLU D 182 20.55 39.85 -21.40
CA GLU D 182 20.49 40.00 -22.86
C GLU D 182 19.07 39.78 -23.40
N TYR D 183 18.37 38.82 -22.81
CA TYR D 183 16.98 38.51 -23.19
C TYR D 183 15.99 39.60 -22.79
N GLY D 184 16.30 40.34 -21.71
CA GLY D 184 15.42 41.39 -21.18
C GLY D 184 14.58 40.94 -19.99
N LEU D 185 14.83 39.74 -19.48
CA LEU D 185 14.16 39.25 -18.26
C LEU D 185 14.64 39.98 -17.02
N ILE D 186 15.92 40.37 -17.02
CA ILE D 186 16.49 41.23 -15.98
C ILE D 186 17.21 42.42 -16.63
N ASP D 187 17.59 43.39 -15.81
CA ASP D 187 18.26 44.61 -16.27
C ASP D 187 19.78 44.58 -16.10
N GLU D 188 20.24 44.07 -14.96
CA GLU D 188 21.67 43.99 -14.66
C GLU D 188 22.04 42.69 -13.96
N VAL D 189 23.25 42.21 -14.21
CA VAL D 189 23.85 41.16 -13.40
C VAL D 189 24.59 41.84 -12.27
N MET D 190 24.15 41.61 -11.04
CA MET D 190 24.72 42.24 -9.84
C MET D 190 26.07 41.58 -9.52
N VAL D 191 27.16 42.23 -9.92
CA VAL D 191 28.51 41.69 -9.75
C VAL D 191 29.06 41.86 -8.33
N PRO D 192 30.07 41.06 -7.94
CA PRO D 192 30.76 41.29 -6.66
C PRO D 192 31.57 42.59 -6.61
N GLU D 193 31.82 43.09 -5.41
CA GLU D 193 32.59 44.32 -5.21
C GLU D 193 34.08 44.08 -5.43
N ILE E 4 4.70 32.06 7.13
CA ILE E 4 3.86 33.28 7.37
C ILE E 4 4.61 34.24 8.31
N PRO E 5 5.09 35.38 7.78
CA PRO E 5 5.92 36.27 8.60
C PRO E 5 5.14 37.10 9.62
N THR E 6 5.85 37.56 10.64
CA THR E 6 5.29 38.36 11.73
C THR E 6 5.66 39.84 11.50
N VAL E 7 4.75 40.74 11.92
CA VAL E 7 4.99 42.19 11.87
C VAL E 7 4.70 42.81 13.24
N ILE E 8 5.49 43.81 13.62
CA ILE E 8 5.38 44.48 14.92
C ILE E 8 5.00 45.95 14.72
N GLU E 9 4.16 46.46 15.61
CA GLU E 9 3.74 47.87 15.60
C GLU E 9 3.82 48.46 17.00
N GLU E 15 4.58 47.84 21.46
CA GLU E 15 4.93 46.73 20.56
C GLU E 15 3.88 45.63 20.62
N ARG E 16 3.19 45.40 19.50
CA ARG E 16 2.19 44.34 19.35
C ARG E 16 2.51 43.47 18.13
N ALA E 17 2.76 42.18 18.37
CA ALA E 17 3.15 41.25 17.31
C ALA E 17 1.93 40.66 16.61
N TYR E 18 1.89 40.80 15.28
CA TYR E 18 0.81 40.26 14.45
C TYR E 18 1.39 39.35 13.36
N ASP E 19 0.79 38.19 13.15
CA ASP E 19 0.99 37.47 11.88
C ASP E 19 0.32 38.30 10.77
N ILE E 20 0.84 38.20 9.55
CA ILE E 20 0.43 39.09 8.45
C ILE E 20 -1.09 39.16 8.22
N TYR E 21 -1.77 38.02 8.33
CA TYR E 21 -3.21 37.96 8.06
C TYR E 21 -4.04 38.59 9.18
N SER E 22 -3.63 38.40 10.43
CA SER E 22 -4.23 39.09 11.58
C SER E 22 -4.03 40.60 11.52
N ARG E 23 -2.87 41.03 11.03
CA ARG E 23 -2.60 42.46 10.77
C ARG E 23 -3.57 43.02 9.72
N LEU E 24 -3.84 42.25 8.68
CA LEU E 24 -4.83 42.63 7.66
C LEU E 24 -6.25 42.73 8.25
N LEU E 25 -6.62 41.79 9.11
CA LEU E 25 -7.91 41.80 9.80
C LEU E 25 -8.11 43.04 10.69
N LYS E 26 -7.01 43.58 11.23
CA LYS E 26 -7.02 44.84 11.97
C LYS E 26 -7.55 46.02 11.14
N ASP E 27 -7.25 46.02 9.84
CA ASP E 27 -7.80 47.02 8.90
C ASP E 27 -8.98 46.48 8.06
N ARG E 28 -9.77 45.59 8.66
CA ARG E 28 -11.04 45.12 8.10
C ARG E 28 -10.90 44.36 6.76
N ILE E 29 -9.80 43.62 6.61
CA ILE E 29 -9.55 42.79 5.43
C ILE E 29 -9.66 41.31 5.84
N ILE E 30 -10.55 40.57 5.18
CA ILE E 30 -10.73 39.14 5.40
C ILE E 30 -10.19 38.37 4.20
N MET E 31 -9.45 37.31 4.47
CA MET E 31 -8.80 36.50 3.44
C MET E 31 -9.61 35.23 3.16
N LEU E 32 -10.12 35.12 1.94
CA LEU E 32 -10.63 33.86 1.41
C LEU E 32 -9.63 33.40 0.35
N GLY E 33 -8.57 32.75 0.83
CA GLY E 33 -7.42 32.39 -0.01
C GLY E 33 -7.18 30.89 -0.16
N SER E 34 -8.23 30.09 0.03
CA SER E 34 -8.11 28.64 -0.06
C SER E 34 -9.42 28.01 -0.55
N GLN E 35 -9.41 26.69 -0.70
CA GLN E 35 -10.62 25.91 -0.96
C GLN E 35 -11.63 26.14 0.17
N ILE E 36 -12.89 26.33 -0.20
CA ILE E 36 -13.96 26.59 0.76
C ILE E 36 -14.43 25.27 1.36
N ASP E 37 -14.10 25.05 2.64
CA ASP E 37 -14.70 23.99 3.44
C ASP E 37 -15.42 24.64 4.62
N ASP E 38 -16.00 23.84 5.51
CA ASP E 38 -16.71 24.37 6.68
C ASP E 38 -15.80 25.19 7.61
N ASN E 39 -14.56 24.74 7.82
CA ASN E 39 -13.60 25.46 8.68
C ASN E 39 -13.29 26.87 8.17
N VAL E 40 -13.07 27.00 6.86
CA VAL E 40 -12.83 28.31 6.23
C VAL E 40 -14.07 29.20 6.36
N ALA E 41 -15.25 28.64 6.09
CA ALA E 41 -16.51 29.35 6.24
C ALA E 41 -16.75 29.81 7.68
N ASN E 42 -16.52 28.93 8.64
CA ASN E 42 -16.67 29.26 10.07
C ASN E 42 -15.75 30.43 10.48
N SER E 43 -14.52 30.43 9.97
CA SER E 43 -13.56 31.49 10.25
C SER E 43 -14.00 32.83 9.65
N ILE E 44 -14.37 32.82 8.37
CA ILE E 44 -14.78 34.04 7.66
C ILE E 44 -16.08 34.62 8.27
N VAL E 45 -17.04 33.74 8.55
CA VAL E 45 -18.30 34.15 9.19
C VAL E 45 -18.04 34.80 10.55
N SER E 46 -17.12 34.22 11.33
CA SER E 46 -16.74 34.77 12.63
C SER E 46 -16.04 36.12 12.51
N GLN E 47 -15.12 36.24 11.55
CA GLN E 47 -14.45 37.52 11.27
C GLN E 47 -15.44 38.61 10.86
N LEU E 48 -16.40 38.26 10.00
CA LEU E 48 -17.46 39.18 9.59
C LEU E 48 -18.31 39.66 10.79
N LEU E 49 -18.68 38.73 11.66
CA LEU E 49 -19.41 39.05 12.89
C LEU E 49 -18.59 39.93 13.82
N PHE E 50 -17.28 39.67 13.92
CA PHE E 50 -16.36 40.48 14.72
C PHE E 50 -16.22 41.90 14.20
N LEU E 51 -16.02 42.04 12.88
CA LEU E 51 -15.80 43.35 12.27
C LEU E 51 -17.02 44.27 12.33
N GLN E 52 -18.22 43.72 12.12
CA GLN E 52 -19.46 44.50 12.27
C GLN E 52 -19.71 44.93 13.73
N ALA E 53 -19.28 44.11 14.69
CA ALA E 53 -19.34 44.45 16.12
C ALA E 53 -18.38 45.58 16.49
N GLN E 54 -17.18 45.56 15.92
CA GLN E 54 -16.21 46.66 16.09
C GLN E 54 -16.74 47.96 15.48
N ASP E 55 -17.23 47.88 14.25
CA ASP E 55 -17.81 49.02 13.55
C ASP E 55 -18.83 48.50 12.52
N SER E 56 -20.10 48.88 12.69
CA SER E 56 -21.17 48.46 11.79
C SER E 56 -21.30 49.33 10.52
N GLU E 57 -20.44 50.35 10.38
CA GLU E 57 -20.52 51.32 9.29
C GLU E 57 -19.40 51.18 8.25
N LYS E 58 -18.16 51.02 8.70
CA LYS E 58 -16.99 50.97 7.81
C LYS E 58 -16.98 49.73 6.93
N ASP E 59 -16.46 49.88 5.72
CA ASP E 59 -16.42 48.79 4.75
C ASP E 59 -15.51 47.65 5.19
N ILE E 60 -15.86 46.43 4.80
CA ILE E 60 -15.05 45.25 4.99
C ILE E 60 -14.57 44.83 3.60
N TYR E 61 -13.35 44.32 3.51
CA TYR E 61 -12.75 43.89 2.26
C TYR E 61 -12.51 42.39 2.28
N LEU E 62 -13.23 41.67 1.42
CA LEU E 62 -13.09 40.23 1.29
C LEU E 62 -12.19 39.88 0.09
N TYR E 63 -10.93 39.59 0.38
CA TYR E 63 -9.97 39.10 -0.60
C TYR E 63 -10.37 37.69 -1.02
N ILE E 64 -10.48 37.45 -2.33
CA ILE E 64 -10.86 36.14 -2.87
C ILE E 64 -9.77 35.62 -3.82
N ASN E 65 -9.06 34.59 -3.36
CA ASN E 65 -8.19 33.78 -4.21
C ASN E 65 -8.53 32.32 -3.91
N SER E 66 -9.61 31.84 -4.51
CA SER E 66 -10.21 30.56 -4.15
C SER E 66 -10.69 29.79 -5.37
N PRO E 67 -10.48 28.44 -5.39
CA PRO E 67 -11.11 27.60 -6.40
C PRO E 67 -12.56 27.17 -6.08
N GLY E 68 -13.14 27.72 -5.01
CA GLY E 68 -14.48 27.34 -4.57
C GLY E 68 -14.43 26.17 -3.63
N GLY E 69 -15.49 25.36 -3.63
CA GLY E 69 -15.58 24.20 -2.74
C GLY E 69 -17.02 23.92 -2.34
N SER E 70 -17.26 23.77 -1.04
CA SER E 70 -18.59 23.40 -0.53
C SER E 70 -19.61 24.53 -0.72
N VAL E 71 -20.76 24.17 -1.29
CA VAL E 71 -21.84 25.13 -1.56
C VAL E 71 -22.48 25.61 -0.26
N THR E 72 -22.75 24.67 0.67
CA THR E 72 -23.31 25.03 1.98
C THR E 72 -22.36 25.94 2.75
N ALA E 73 -21.07 25.62 2.74
CA ALA E 73 -20.04 26.46 3.36
C ALA E 73 -19.99 27.85 2.71
N GLY E 74 -20.09 27.89 1.38
CA GLY E 74 -20.19 29.14 0.63
C GLY E 74 -21.41 29.96 1.03
N PHE E 75 -22.55 29.31 1.18
CA PHE E 75 -23.79 29.99 1.60
C PHE E 75 -23.76 30.46 3.06
N ALA E 76 -22.96 29.79 3.90
CA ALA E 76 -22.68 30.30 5.26
C ALA E 76 -22.05 31.69 5.20
N ILE E 77 -21.07 31.84 4.32
CA ILE E 77 -20.40 33.13 4.10
C ILE E 77 -21.35 34.11 3.42
N TYR E 78 -22.07 33.65 2.40
CA TYR E 78 -23.02 34.49 1.65
C TYR E 78 -24.06 35.13 2.57
N ASP E 79 -24.76 34.30 3.34
CA ASP E 79 -25.81 34.77 4.25
C ASP E 79 -25.30 35.73 5.33
N THR E 80 -24.08 35.52 5.81
CA THR E 80 -23.48 36.41 6.79
C THR E 80 -23.17 37.77 6.17
N ILE E 81 -22.68 37.78 4.92
CA ILE E 81 -22.44 39.03 4.19
C ILE E 81 -23.74 39.83 4.06
N GLN E 82 -24.82 39.19 3.63
CA GLN E 82 -26.11 39.88 3.44
C GLN E 82 -26.77 40.30 4.77
N HIS E 83 -26.53 39.54 5.84
CA HIS E 83 -27.13 39.85 7.14
C HIS E 83 -26.54 41.10 7.81
N ILE E 84 -25.21 41.24 7.76
CA ILE E 84 -24.53 42.35 8.45
C ILE E 84 -24.76 43.70 7.78
N LYS E 85 -24.64 44.78 8.55
CA LYS E 85 -24.87 46.14 8.06
C LYS E 85 -23.77 46.66 7.11
N PRO E 86 -22.48 46.50 7.47
CA PRO E 86 -21.44 47.08 6.62
C PRO E 86 -21.35 46.45 5.22
N ASP E 87 -20.96 47.25 4.23
CA ASP E 87 -20.67 46.76 2.88
C ASP E 87 -19.47 45.84 2.92
N VAL E 88 -19.59 44.68 2.27
CA VAL E 88 -18.46 43.77 2.09
C VAL E 88 -17.99 43.90 0.64
N GLN E 89 -16.85 44.56 0.45
CA GLN E 89 -16.22 44.63 -0.87
C GLN E 89 -15.57 43.28 -1.17
N THR E 90 -15.67 42.83 -2.42
CA THR E 90 -15.04 41.59 -2.87
C THR E 90 -13.97 41.94 -3.91
N ILE E 91 -12.77 41.40 -3.71
CA ILE E 91 -11.61 41.70 -4.56
C ILE E 91 -10.96 40.39 -4.99
N CYS E 92 -11.16 40.03 -6.26
CA CYS E 92 -10.60 38.81 -6.83
C CYS E 92 -9.17 39.05 -7.29
N ILE E 93 -8.23 38.33 -6.68
CA ILE E 93 -6.81 38.41 -7.03
C ILE E 93 -6.33 36.98 -7.25
N GLY E 94 -5.71 36.73 -8.40
CA GLY E 94 -5.32 35.37 -8.80
C GLY E 94 -6.44 34.66 -9.51
N MET E 95 -7.35 34.04 -8.74
CA MET E 95 -8.52 33.39 -9.33
C MET E 95 -9.74 33.30 -8.41
N ALA E 96 -10.90 33.22 -9.03
CA ALA E 96 -12.17 32.92 -8.35
C ALA E 96 -12.91 31.90 -9.21
N ALA E 97 -13.05 30.67 -8.70
CA ALA E 97 -13.72 29.60 -9.43
C ALA E 97 -14.90 29.05 -8.64
N SER E 98 -15.97 28.67 -9.35
CA SER E 98 -17.11 27.97 -8.78
C SER E 98 -17.77 28.80 -7.65
N MET E 99 -17.80 28.28 -6.41
CA MET E 99 -18.39 29.02 -5.28
C MET E 99 -17.57 30.26 -4.89
N GLY E 100 -16.30 30.31 -5.28
CA GLY E 100 -15.47 31.51 -5.10
C GLY E 100 -15.96 32.68 -5.94
N SER E 101 -16.30 32.41 -7.20
CA SER E 101 -16.88 33.43 -8.09
C SER E 101 -18.32 33.79 -7.72
N PHE E 102 -19.05 32.86 -7.10
CA PHE E 102 -20.38 33.16 -6.54
C PHE E 102 -20.29 34.22 -5.43
N LEU E 103 -19.32 34.04 -4.53
CA LEU E 103 -19.08 34.98 -3.44
C LEU E 103 -18.52 36.32 -3.92
N LEU E 104 -17.69 36.28 -4.98
CA LEU E 104 -17.25 37.51 -5.67
C LEU E 104 -18.44 38.34 -6.14
N ALA E 105 -19.43 37.68 -6.76
CA ALA E 105 -20.65 38.34 -7.24
C ALA E 105 -21.60 38.78 -6.12
N ALA E 106 -21.47 38.17 -4.95
CA ALA E 106 -22.27 38.50 -3.77
C ALA E 106 -21.83 39.78 -3.03
N GLY E 107 -20.68 40.35 -3.40
CA GLY E 107 -20.18 41.57 -2.75
C GLY E 107 -21.10 42.77 -2.96
N ALA E 108 -20.91 43.80 -2.13
CA ALA E 108 -21.74 45.00 -2.16
C ALA E 108 -21.81 45.61 -3.57
N LYS E 109 -23.00 46.02 -3.99
CA LYS E 109 -23.22 46.58 -5.33
C LYS E 109 -22.34 47.80 -5.55
N GLY E 110 -21.64 47.80 -6.69
CA GLY E 110 -20.65 48.84 -7.01
C GLY E 110 -19.26 48.65 -6.42
N LYS E 111 -19.07 47.61 -5.59
CA LYS E 111 -17.80 47.39 -4.87
C LYS E 111 -17.24 45.97 -5.04
N ARG E 112 -17.58 45.32 -6.15
CA ARG E 112 -17.02 44.02 -6.52
C ARG E 112 -15.92 44.28 -7.55
N PHE E 113 -14.71 43.78 -7.26
CA PHE E 113 -13.52 44.07 -8.05
C PHE E 113 -12.77 42.80 -8.45
N ALA E 114 -12.04 42.90 -9.56
CA ALA E 114 -11.03 41.90 -9.93
C ALA E 114 -9.84 42.65 -10.52
N LEU E 115 -8.63 42.22 -10.17
CA LEU E 115 -7.41 42.83 -10.73
C LEU E 115 -7.21 42.33 -12.17
N PRO E 116 -6.46 43.08 -13.02
CA PRO E 116 -6.52 42.92 -14.49
C PRO E 116 -6.33 41.50 -15.05
N ASN E 117 -5.41 40.75 -14.47
CA ASN E 117 -5.09 39.37 -14.91
C ASN E 117 -5.72 38.28 -14.02
N ALA E 118 -6.70 38.66 -13.20
CA ALA E 118 -7.43 37.69 -12.36
C ALA E 118 -8.39 36.87 -13.21
N GLU E 119 -8.47 35.58 -12.90
CA GLU E 119 -9.28 34.63 -13.67
C GLU E 119 -10.56 34.32 -12.89
N VAL E 120 -11.70 34.48 -13.54
CA VAL E 120 -12.99 34.13 -12.94
C VAL E 120 -13.59 32.96 -13.72
N MET E 121 -13.98 31.90 -13.02
CA MET E 121 -14.59 30.73 -13.65
C MET E 121 -15.93 30.39 -13.01
N ILE E 122 -16.89 30.01 -13.85
CA ILE E 122 -18.22 29.62 -13.41
C ILE E 122 -18.58 28.27 -14.03
N HIS E 123 -19.18 27.39 -13.23
CA HIS E 123 -19.75 26.14 -13.73
C HIS E 123 -20.86 25.64 -12.80
N GLN E 124 -21.55 24.58 -13.21
CA GLN E 124 -22.62 23.98 -12.40
C GLN E 124 -22.03 23.19 -11.22
N PRO E 125 -22.82 23.02 -10.12
CA PRO E 125 -22.29 22.33 -8.94
C PRO E 125 -21.95 20.86 -9.19
N LEU E 126 -20.95 20.38 -8.45
CA LEU E 126 -20.48 19.00 -8.54
C LEU E 126 -20.95 18.20 -7.32
N GLY E 127 -21.10 16.90 -7.50
CA GLY E 127 -21.49 16.01 -6.42
C GLY E 127 -21.51 14.55 -6.81
N GLY E 128 -22.17 13.75 -5.99
CA GLY E 128 -22.28 12.32 -6.24
C GLY E 128 -23.43 11.68 -5.49
N ALA E 129 -23.80 10.49 -5.93
CA ALA E 129 -24.86 9.71 -5.30
C ALA E 129 -24.55 8.23 -5.48
N GLN E 130 -24.92 7.42 -4.49
CA GLN E 130 -24.68 5.98 -4.51
C GLN E 130 -25.75 5.25 -3.69
N GLY E 131 -26.06 4.03 -4.10
CA GLY E 131 -27.02 3.17 -3.41
C GLY E 131 -28.26 2.91 -4.24
N GLN E 132 -29.41 2.87 -3.58
CA GLN E 132 -30.68 2.53 -4.21
C GLN E 132 -31.18 3.62 -5.16
N ALA E 133 -32.04 3.22 -6.11
CA ALA E 133 -32.60 4.14 -7.11
C ALA E 133 -33.30 5.36 -6.49
N THR E 134 -34.05 5.14 -5.42
CA THR E 134 -34.72 6.24 -4.69
C THR E 134 -33.74 7.14 -3.93
N GLU E 135 -32.62 6.58 -3.47
CA GLU E 135 -31.53 7.37 -2.88
C GLU E 135 -30.82 8.22 -3.93
N ILE E 136 -30.67 7.70 -5.15
CA ILE E 136 -30.10 8.46 -6.27
C ILE E 136 -31.04 9.60 -6.66
N GLU E 137 -32.34 9.32 -6.70
CA GLU E 137 -33.38 10.33 -7.00
C GLU E 137 -33.32 11.52 -6.04
N ILE E 138 -33.27 11.22 -4.75
CA ILE E 138 -33.19 12.23 -3.68
C ILE E 138 -31.94 13.09 -3.83
N ALA E 139 -30.79 12.45 -4.06
CA ALA E 139 -29.53 13.15 -4.28
C ALA E 139 -29.57 14.02 -5.54
N ALA E 140 -30.19 13.50 -6.60
CA ALA E 140 -30.36 14.24 -7.85
C ALA E 140 -31.28 15.45 -7.70
N ASN E 141 -32.41 15.27 -7.02
CA ASN E 141 -33.33 16.40 -6.75
C ASN E 141 -32.68 17.47 -5.87
N HIS E 142 -31.81 17.06 -4.94
CA HIS E 142 -31.12 17.98 -4.05
C HIS E 142 -30.12 18.88 -4.78
N ILE E 143 -29.26 18.28 -5.61
CA ILE E 143 -28.23 19.04 -6.35
C ILE E 143 -28.83 19.93 -7.45
N LEU E 144 -29.90 19.45 -8.10
CA LEU E 144 -30.65 20.26 -9.07
C LEU E 144 -31.30 21.47 -8.39
N LYS E 145 -31.91 21.24 -7.21
CA LYS E 145 -32.47 22.34 -6.40
C LYS E 145 -31.40 23.31 -5.91
N THR E 146 -30.22 22.78 -5.56
CA THR E 146 -29.06 23.61 -5.21
C THR E 146 -28.60 24.47 -6.39
N ARG E 147 -28.62 23.92 -7.60
CA ARG E 147 -28.24 24.67 -8.80
C ARG E 147 -29.21 25.82 -9.11
N GLU E 148 -30.51 25.52 -9.04
CA GLU E 148 -31.54 26.56 -9.25
C GLU E 148 -31.39 27.70 -8.25
N LYS E 149 -31.17 27.35 -6.99
CA LYS E 149 -30.88 28.29 -5.91
C LYS E 149 -29.69 29.19 -6.25
N LEU E 150 -28.58 28.58 -6.67
CA LEU E 150 -27.38 29.31 -7.08
C LEU E 150 -27.60 30.18 -8.32
N ASN E 151 -28.25 29.63 -9.34
CA ASN E 151 -28.53 30.35 -10.59
C ASN E 151 -29.49 31.53 -10.41
N ARG E 152 -30.49 31.37 -9.53
CA ARG E 152 -31.46 32.43 -9.23
C ARG E 152 -30.78 33.64 -8.59
N ILE E 153 -29.92 33.38 -7.60
CA ILE E 153 -29.19 34.44 -6.90
C ILE E 153 -28.15 35.09 -7.83
N LEU E 154 -27.43 34.27 -8.61
CA LEU E 154 -26.43 34.79 -9.55
C LEU E 154 -27.07 35.64 -10.65
N SER E 155 -28.25 35.22 -11.11
CA SER E 155 -29.07 36.00 -12.05
C SER E 155 -29.42 37.39 -11.51
N GLU E 156 -29.88 37.42 -10.26
CA GLU E 156 -30.26 38.68 -9.59
C GLU E 156 -29.09 39.66 -9.41
N ARG E 157 -27.89 39.14 -9.18
CA ARG E 157 -26.71 39.97 -8.88
C ARG E 157 -25.86 40.33 -10.11
N THR E 158 -26.03 39.59 -11.21
CA THR E 158 -25.36 39.88 -12.47
C THR E 158 -26.21 40.71 -13.44
N GLY E 159 -27.53 40.55 -13.37
CA GLY E 159 -28.44 41.13 -14.36
C GLY E 159 -28.69 40.23 -15.56
N GLN E 160 -28.09 39.03 -15.57
CA GLN E 160 -28.27 38.07 -16.66
C GLN E 160 -29.45 37.16 -16.32
N SER E 161 -30.12 36.65 -17.36
CA SER E 161 -31.27 35.77 -17.17
C SER E 161 -30.84 34.40 -16.62
N ILE E 162 -31.78 33.71 -15.96
CA ILE E 162 -31.53 32.37 -15.39
C ILE E 162 -31.14 31.36 -16.48
N GLU E 163 -31.81 31.41 -17.63
CA GLU E 163 -31.49 30.51 -18.75
C GLU E 163 -30.13 30.80 -19.40
N LYS E 164 -29.70 32.07 -19.40
CA LYS E 164 -28.34 32.43 -19.81
C LYS E 164 -27.30 31.88 -18.82
N ILE E 165 -27.59 32.00 -17.52
CA ILE E 165 -26.71 31.48 -16.47
C ILE E 165 -26.63 29.95 -16.56
N GLN E 166 -27.79 29.31 -16.74
CA GLN E 166 -27.88 27.86 -16.98
C GLN E 166 -27.00 27.42 -18.15
N LYS E 167 -27.13 28.11 -19.27
CA LYS E 167 -26.34 27.84 -20.48
C LYS E 167 -24.85 28.06 -20.24
N ASP E 168 -24.49 29.21 -19.66
CA ASP E 168 -23.09 29.59 -19.46
C ASP E 168 -22.37 28.84 -18.33
N THR E 169 -23.11 28.14 -17.48
CA THR E 169 -22.51 27.32 -16.41
C THR E 169 -22.59 25.80 -16.68
N ASP E 170 -23.07 25.40 -17.86
CA ASP E 170 -23.21 23.99 -18.22
C ASP E 170 -21.85 23.27 -18.20
N ARG E 171 -20.84 23.93 -18.78
CA ARG E 171 -19.46 23.47 -18.75
C ARG E 171 -18.59 24.53 -18.06
N ASP E 172 -17.29 24.23 -17.92
CA ASP E 172 -16.33 25.21 -17.40
C ASP E 172 -16.26 26.42 -18.32
N ASN E 173 -16.52 27.60 -17.75
CA ASN E 173 -16.54 28.86 -18.49
C ASN E 173 -15.57 29.82 -17.83
N PHE E 174 -14.38 29.96 -18.41
CA PHE E 174 -13.34 30.85 -17.92
C PHE E 174 -13.55 32.25 -18.47
N LEU E 175 -13.41 33.24 -17.60
CA LEU E 175 -13.64 34.64 -17.94
C LEU E 175 -12.46 35.49 -17.47
N THR E 176 -12.05 36.44 -18.30
CA THR E 176 -11.08 37.47 -17.89
C THR E 176 -11.77 38.45 -16.96
N ALA E 177 -10.98 39.34 -16.36
CA ALA E 177 -11.54 40.37 -15.47
C ALA E 177 -12.50 41.30 -16.20
N GLU E 178 -12.13 41.69 -17.42
CA GLU E 178 -12.98 42.54 -18.28
C GLU E 178 -14.27 41.82 -18.71
N GLU E 179 -14.17 40.54 -19.02
CA GLU E 179 -15.34 39.72 -19.36
C GLU E 179 -16.26 39.51 -18.15
N ALA E 180 -15.68 39.34 -16.96
CA ALA E 180 -16.45 39.25 -15.72
C ALA E 180 -17.20 40.56 -15.41
N LYS E 181 -16.59 41.69 -15.73
CA LYS E 181 -17.23 43.01 -15.61
C LYS E 181 -18.43 43.13 -16.54
N GLU E 182 -18.22 42.80 -17.82
CA GLU E 182 -19.29 42.79 -18.82
C GLU E 182 -20.44 41.86 -18.44
N TYR E 183 -20.11 40.71 -17.85
CA TYR E 183 -21.10 39.73 -17.43
C TYR E 183 -21.94 40.18 -16.22
N GLY E 184 -21.35 41.01 -15.37
CA GLY E 184 -22.00 41.50 -14.15
C GLY E 184 -21.55 40.80 -12.87
N LEU E 185 -20.54 39.94 -12.97
CA LEU E 185 -19.96 39.26 -11.81
C LEU E 185 -19.17 40.24 -10.93
N ILE E 186 -18.52 41.21 -11.57
CA ILE E 186 -17.84 42.31 -10.88
C ILE E 186 -18.31 43.65 -11.45
N ASP E 187 -18.01 44.71 -10.72
CA ASP E 187 -18.37 46.08 -11.11
C ASP E 187 -17.25 46.81 -11.82
N GLU E 188 -16.01 46.59 -11.38
CA GLU E 188 -14.84 47.26 -11.95
C GLU E 188 -13.64 46.32 -12.03
N VAL E 189 -12.78 46.58 -13.00
CA VAL E 189 -11.44 45.99 -13.03
C VAL E 189 -10.55 46.99 -12.30
N MET E 190 -10.00 46.60 -11.15
CA MET E 190 -9.18 47.50 -10.33
C MET E 190 -7.88 47.84 -11.06
N VAL E 191 -7.68 49.13 -11.34
CA VAL E 191 -6.48 49.61 -12.03
C VAL E 191 -5.39 49.95 -11.01
N PRO E 192 -4.13 50.09 -11.47
CA PRO E 192 -3.05 50.49 -10.55
C PRO E 192 -3.29 51.85 -9.86
N GLU E 193 -2.81 51.96 -8.63
CA GLU E 193 -2.93 53.20 -7.87
C GLU E 193 -2.05 54.29 -8.48
N THR E 194 -2.46 55.55 -8.30
CA THR E 194 -1.73 56.69 -8.86
C THR E 194 -0.38 56.84 -8.16
N LYS E 195 0.69 56.87 -8.94
CA LYS E 195 2.06 56.98 -8.43
C LYS E 195 2.83 58.06 -9.18
N LEU F 3 -4.16 29.14 10.18
CA LEU F 3 -5.56 29.15 9.71
C LEU F 3 -6.44 30.14 10.49
N ILE F 4 -6.38 30.05 11.82
CA ILE F 4 -7.24 30.83 12.71
C ILE F 4 -6.59 32.20 12.99
N PRO F 5 -7.26 33.31 12.62
CA PRO F 5 -6.68 34.64 12.85
C PRO F 5 -6.80 35.12 14.30
N THR F 6 -5.92 36.03 14.68
CA THR F 6 -5.90 36.64 16.02
C THR F 6 -6.50 38.04 15.97
N VAL F 7 -7.21 38.41 17.04
CA VAL F 7 -7.76 39.76 17.20
C VAL F 7 -7.28 40.33 18.54
N ILE F 8 -6.86 41.60 18.53
CA ILE F 8 -6.30 42.26 19.71
C ILE F 8 -7.19 43.40 20.18
N GLU F 9 -7.28 43.58 21.50
CA GLU F 9 -8.09 44.64 22.11
C GLU F 9 -7.41 45.19 23.36
N ARG F 16 -5.40 42.47 25.61
CA ARG F 16 -5.56 41.03 25.55
C ARG F 16 -5.84 40.58 24.12
N ALA F 17 -5.04 39.64 23.61
CA ALA F 17 -5.20 39.09 22.27
C ALA F 17 -5.94 37.75 22.33
N TYR F 18 -6.93 37.58 21.45
CA TYR F 18 -7.73 36.36 21.36
C TYR F 18 -7.70 35.82 19.94
N ASP F 19 -7.69 34.49 19.80
CA ASP F 19 -8.06 33.85 18.54
C ASP F 19 -9.56 34.08 18.32
N ILE F 20 -9.98 34.12 17.06
CA ILE F 20 -11.34 34.57 16.69
C ILE F 20 -12.47 33.82 17.44
N TYR F 21 -12.32 32.51 17.64
CA TYR F 21 -13.35 31.70 18.29
C TYR F 21 -13.41 31.94 19.80
N SER F 22 -12.25 32.10 20.43
CA SER F 22 -12.15 32.46 21.85
C SER F 22 -12.72 33.85 22.14
N ARG F 23 -12.54 34.78 21.20
CA ARG F 23 -13.18 36.10 21.28
C ARG F 23 -14.70 35.98 21.25
N LEU F 24 -15.22 35.11 20.39
CA LEU F 24 -16.67 34.86 20.31
C LEU F 24 -17.23 34.21 21.59
N LEU F 25 -16.44 33.33 22.22
CA LEU F 25 -16.82 32.74 23.50
C LEU F 25 -16.95 33.78 24.62
N LYS F 26 -16.14 34.84 24.55
CA LYS F 26 -16.22 35.96 25.49
C LYS F 26 -17.58 36.69 25.43
N ASP F 27 -18.22 36.70 24.26
CA ASP F 27 -19.61 37.19 24.08
C ASP F 27 -20.65 36.06 24.07
N ARG F 28 -20.34 34.95 24.74
CA ARG F 28 -21.28 33.83 24.95
C ARG F 28 -21.77 33.14 23.67
N ILE F 29 -20.89 33.09 22.66
CA ILE F 29 -21.18 32.40 21.40
C ILE F 29 -20.34 31.12 21.33
N ILE F 30 -21.01 29.98 21.23
CA ILE F 30 -20.34 28.67 21.09
C ILE F 30 -20.46 28.20 19.63
N MET F 31 -19.36 27.67 19.11
CA MET F 31 -19.29 27.22 17.71
C MET F 31 -19.46 25.70 17.61
N LEU F 32 -20.53 25.27 16.96
CA LEU F 32 -20.69 23.88 16.52
C LEU F 32 -20.53 23.89 15.00
N GLY F 33 -19.27 23.92 14.56
CA GLY F 33 -18.92 24.10 13.15
C GLY F 33 -18.23 22.93 12.48
N SER F 34 -18.46 21.72 12.99
CA SER F 34 -17.79 20.52 12.49
C SER F 34 -18.62 19.26 12.74
N GLN F 35 -18.12 18.12 12.27
CA GLN F 35 -18.72 16.83 12.57
C GLN F 35 -18.73 16.59 14.08
N ILE F 36 -19.86 16.09 14.59
CA ILE F 36 -20.04 15.87 16.02
C ILE F 36 -19.41 14.55 16.43
N ASP F 37 -18.24 14.63 17.06
CA ASP F 37 -17.64 13.48 17.75
C ASP F 37 -17.59 13.78 19.24
N ASP F 38 -17.04 12.87 20.04
CA ASP F 38 -16.94 13.05 21.49
C ASP F 38 -16.12 14.30 21.88
N ASN F 39 -15.03 14.56 21.17
CA ASN F 39 -14.17 15.73 21.44
C ASN F 39 -14.90 17.06 21.26
N VAL F 40 -15.66 17.17 20.17
CA VAL F 40 -16.48 18.36 19.90
C VAL F 40 -17.57 18.52 20.96
N ALA F 41 -18.23 17.41 21.33
CA ALA F 41 -19.24 17.42 22.39
C ALA F 41 -18.67 17.83 23.74
N ASN F 42 -17.52 17.25 24.10
CA ASN F 42 -16.81 17.59 25.34
C ASN F 42 -16.47 19.08 25.42
N SER F 43 -16.02 19.65 24.29
CA SER F 43 -15.70 21.08 24.21
C SER F 43 -16.93 21.95 24.41
N ILE F 44 -18.00 21.66 23.68
CA ILE F 44 -19.25 22.44 23.75
C ILE F 44 -19.92 22.31 25.13
N VAL F 45 -19.97 21.09 25.66
CA VAL F 45 -20.50 20.84 27.00
C VAL F 45 -19.73 21.64 28.06
N SER F 46 -18.40 21.69 27.94
CA SER F 46 -17.56 22.48 28.84
C SER F 46 -17.79 23.99 28.71
N GLN F 47 -17.97 24.46 27.48
CA GLN F 47 -18.28 25.87 27.22
C GLN F 47 -19.64 26.28 27.82
N LEU F 48 -20.64 25.42 27.65
CA LEU F 48 -21.97 25.64 28.26
C LEU F 48 -21.92 25.73 29.79
N LEU F 49 -21.11 24.87 30.42
CA LEU F 49 -20.90 24.92 31.87
C LEU F 49 -20.10 26.15 32.31
N PHE F 50 -19.14 26.57 31.49
CA PHE F 50 -18.37 27.80 31.75
C PHE F 50 -19.24 29.05 31.69
N LEU F 51 -20.04 29.17 30.62
CA LEU F 51 -20.86 30.37 30.40
C LEU F 51 -21.98 30.52 31.43
N GLN F 52 -22.66 29.43 31.77
CA GLN F 52 -23.71 29.46 32.81
C GLN F 52 -23.17 29.81 34.19
N ALA F 53 -21.92 29.42 34.48
CA ALA F 53 -21.23 29.78 35.72
C ALA F 53 -20.83 31.25 35.76
N GLN F 54 -20.41 31.80 34.61
CA GLN F 54 -20.12 33.24 34.49
C GLN F 54 -21.39 34.07 34.70
N ASP F 55 -22.45 33.69 34.00
CA ASP F 55 -23.75 34.35 34.12
C ASP F 55 -24.85 33.33 33.81
N SER F 56 -25.63 32.98 34.82
CA SER F 56 -26.71 31.99 34.68
C SER F 56 -27.99 32.54 34.03
N GLU F 57 -28.05 33.86 33.76
CA GLU F 57 -29.23 34.51 33.20
C GLU F 57 -29.09 34.95 31.73
N LYS F 58 -27.93 35.46 31.34
CA LYS F 58 -27.71 35.94 29.96
C LYS F 58 -27.76 34.80 28.94
N ASP F 59 -28.32 35.09 27.76
CA ASP F 59 -28.46 34.09 26.70
C ASP F 59 -27.11 33.57 26.19
N ILE F 60 -27.14 32.34 25.67
CA ILE F 60 -26.00 31.72 24.99
C ILE F 60 -26.41 31.53 23.53
N TYR F 61 -25.45 31.62 22.63
CA TYR F 61 -25.69 31.53 21.19
C TYR F 61 -24.90 30.37 20.59
N LEU F 62 -25.60 29.31 20.21
CA LEU F 62 -24.99 28.15 19.57
C LEU F 62 -25.06 28.29 18.04
N TYR F 63 -23.92 28.63 17.45
CA TYR F 63 -23.75 28.62 15.99
C TYR F 63 -23.70 27.17 15.53
N ILE F 64 -24.53 26.81 14.55
CA ILE F 64 -24.58 25.44 14.01
C ILE F 64 -24.28 25.43 12.51
N ASN F 65 -23.08 24.96 12.17
CA ASN F 65 -22.72 24.60 10.80
C ASN F 65 -22.10 23.19 10.83
N SER F 66 -22.96 22.18 10.92
CA SER F 66 -22.53 20.80 11.15
C SER F 66 -23.29 19.80 10.28
N PRO F 67 -22.59 18.73 9.82
CA PRO F 67 -23.26 17.60 9.15
C PRO F 67 -23.80 16.53 10.13
N GLY F 68 -23.75 16.78 11.44
CA GLY F 68 -24.13 15.81 12.45
C GLY F 68 -22.97 14.89 12.80
N GLY F 69 -23.28 13.68 13.24
CA GLY F 69 -22.27 12.70 13.64
C GLY F 69 -22.79 11.78 14.72
N SER F 70 -22.02 11.62 15.79
CA SER F 70 -22.35 10.68 16.87
C SER F 70 -23.61 11.11 17.64
N VAL F 71 -24.51 10.15 17.86
CA VAL F 71 -25.79 10.39 18.53
C VAL F 71 -25.55 10.61 20.02
N THR F 72 -24.72 9.78 20.64
CA THR F 72 -24.37 9.93 22.05
C THR F 72 -23.66 11.26 22.32
N ALA F 73 -22.74 11.63 21.43
CA ALA F 73 -22.07 12.93 21.50
C ALA F 73 -23.05 14.09 21.33
N GLY F 74 -24.02 13.93 20.44
CA GLY F 74 -25.12 14.88 20.30
C GLY F 74 -25.98 15.01 21.55
N PHE F 75 -26.29 13.87 22.17
CA PHE F 75 -27.06 13.85 23.42
C PHE F 75 -26.30 14.41 24.63
N ALA F 76 -24.96 14.38 24.58
CA ALA F 76 -24.14 15.09 25.55
C ALA F 76 -24.40 16.60 25.50
N ILE F 77 -24.48 17.14 24.28
CA ILE F 77 -24.76 18.55 24.05
C ILE F 77 -26.23 18.87 24.39
N TYR F 78 -27.14 18.01 23.94
CA TYR F 78 -28.58 18.19 24.20
C TYR F 78 -28.89 18.28 25.69
N ASP F 79 -28.48 17.27 26.46
CA ASP F 79 -28.73 17.23 27.90
C ASP F 79 -28.08 18.39 28.68
N THR F 80 -26.90 18.82 28.24
CA THR F 80 -26.24 19.99 28.85
C THR F 80 -27.01 21.29 28.56
N ILE F 81 -27.56 21.41 27.34
CA ILE F 81 -28.42 22.56 26.99
C ILE F 81 -29.67 22.60 27.89
N GLN F 82 -30.33 21.45 28.04
CA GLN F 82 -31.58 21.40 28.84
C GLN F 82 -31.32 21.58 30.35
N HIS F 83 -30.16 21.13 30.83
CA HIS F 83 -29.82 21.20 32.26
C HIS F 83 -29.54 22.63 32.75
N ILE F 84 -28.77 23.39 31.98
CA ILE F 84 -28.34 24.74 32.40
C ILE F 84 -29.50 25.75 32.37
N LYS F 85 -29.38 26.79 33.18
CA LYS F 85 -30.42 27.82 33.30
C LYS F 85 -30.55 28.79 32.11
N PRO F 86 -29.40 29.27 31.55
CA PRO F 86 -29.49 30.21 30.42
C PRO F 86 -30.21 29.66 29.19
N ASP F 87 -30.95 30.53 28.50
CA ASP F 87 -31.51 30.19 27.19
C ASP F 87 -30.36 29.99 26.21
N VAL F 88 -30.37 28.86 25.50
CA VAL F 88 -29.39 28.57 24.46
C VAL F 88 -30.08 28.78 23.12
N GLN F 89 -29.76 29.90 22.47
CA GLN F 89 -30.25 30.17 21.13
C GLN F 89 -29.48 29.30 20.15
N THR F 90 -30.17 28.81 19.13
CA THR F 90 -29.54 28.03 18.06
C THR F 90 -29.75 28.76 16.73
N ILE F 91 -28.68 28.88 15.95
CA ILE F 91 -28.75 29.52 14.62
C ILE F 91 -28.03 28.65 13.59
N CYS F 92 -28.77 28.23 12.57
CA CYS F 92 -28.22 27.44 11.49
C CYS F 92 -27.66 28.35 10.40
N ILE F 93 -26.36 28.24 10.16
CA ILE F 93 -25.68 28.97 9.10
C ILE F 93 -24.89 27.94 8.30
N GLY F 94 -25.07 27.94 6.99
CA GLY F 94 -24.50 26.93 6.11
C GLY F 94 -25.39 25.70 6.03
N MET F 95 -25.19 24.76 6.96
CA MET F 95 -26.05 23.57 7.04
C MET F 95 -26.21 23.00 8.45
N ALA F 96 -27.33 22.31 8.66
CA ALA F 96 -27.55 21.48 9.84
C ALA F 96 -28.13 20.15 9.38
N ALA F 97 -27.31 19.11 9.37
CA ALA F 97 -27.74 17.78 8.93
C ALA F 97 -27.75 16.80 10.10
N SER F 98 -28.70 15.88 10.08
CA SER F 98 -28.76 14.76 11.02
C SER F 98 -28.78 15.23 12.50
N MET F 99 -27.78 14.87 13.31
CA MET F 99 -27.75 15.27 14.72
C MET F 99 -27.53 16.78 14.91
N GLY F 100 -27.00 17.46 13.90
CA GLY F 100 -26.93 18.92 13.88
C GLY F 100 -28.30 19.58 13.85
N SER F 101 -29.21 19.03 13.05
CA SER F 101 -30.59 19.52 12.99
C SER F 101 -31.40 19.16 14.25
N PHE F 102 -31.07 18.03 14.88
CA PHE F 102 -31.64 17.68 16.19
C PHE F 102 -31.29 18.74 17.22
N LEU F 103 -30.01 19.11 17.27
CA LEU F 103 -29.52 20.16 18.18
C LEU F 103 -30.04 21.56 17.81
N LEU F 104 -30.26 21.82 16.51
CA LEU F 104 -30.92 23.04 16.06
C LEU F 104 -32.33 23.15 16.63
N ALA F 105 -33.07 22.05 16.59
CA ALA F 105 -34.43 21.97 17.16
C ALA F 105 -34.44 22.01 18.70
N ALA F 106 -33.31 21.66 19.32
CA ALA F 106 -33.17 21.65 20.78
C ALA F 106 -32.97 23.02 21.44
N GLY F 107 -32.79 24.08 20.65
CA GLY F 107 -32.60 25.42 21.19
C GLY F 107 -33.81 25.97 21.94
N ALA F 108 -33.60 27.07 22.67
CA ALA F 108 -34.63 27.68 23.50
C ALA F 108 -35.88 28.02 22.69
N LYS F 109 -37.05 27.85 23.31
CA LYS F 109 -38.33 28.07 22.63
C LYS F 109 -38.47 29.53 22.18
N GLY F 110 -38.75 29.71 20.90
CA GLY F 110 -38.81 31.04 20.29
C GLY F 110 -37.47 31.66 19.90
N LYS F 111 -36.37 30.90 20.04
CA LYS F 111 -35.03 31.42 19.75
C LYS F 111 -34.19 30.42 18.93
N ARG F 112 -34.86 29.66 18.05
CA ARG F 112 -34.19 28.76 17.12
C ARG F 112 -34.29 29.40 15.74
N PHE F 113 -33.15 29.68 15.12
CA PHE F 113 -33.08 30.49 13.90
C PHE F 113 -32.32 29.79 12.77
N ALA F 114 -32.47 30.35 11.57
CA ALA F 114 -31.66 29.97 10.42
C ALA F 114 -31.62 31.12 9.43
N LEU F 115 -30.45 31.36 8.82
CA LEU F 115 -30.33 32.36 7.76
C LEU F 115 -30.96 31.79 6.47
N PRO F 116 -31.47 32.67 5.57
CA PRO F 116 -32.38 32.26 4.48
C PRO F 116 -31.94 31.09 3.60
N ASN F 117 -30.64 31.01 3.30
CA ASN F 117 -30.09 29.98 2.41
C ASN F 117 -29.43 28.81 3.15
N ALA F 118 -29.65 28.71 4.47
CA ALA F 118 -29.16 27.58 5.25
C ALA F 118 -29.92 26.30 4.90
N GLU F 119 -29.22 25.18 4.93
CA GLU F 119 -29.76 23.87 4.56
C GLU F 119 -30.02 23.06 5.83
N VAL F 120 -31.23 22.51 5.98
CA VAL F 120 -31.56 21.65 7.10
C VAL F 120 -31.93 20.27 6.54
N MET F 121 -31.22 19.23 7.00
CA MET F 121 -31.51 17.85 6.59
C MET F 121 -31.80 16.98 7.81
N ILE F 122 -32.79 16.10 7.66
CA ILE F 122 -33.16 15.13 8.69
C ILE F 122 -33.20 13.73 8.09
N HIS F 123 -32.68 12.75 8.82
CA HIS F 123 -32.84 11.33 8.47
C HIS F 123 -32.72 10.43 9.69
N GLN F 124 -32.99 9.14 9.49
CA GLN F 124 -32.84 8.14 10.56
C GLN F 124 -31.36 7.88 10.88
N PRO F 125 -31.06 7.45 12.12
CA PRO F 125 -29.64 7.25 12.49
C PRO F 125 -28.96 6.11 11.72
N LEU F 126 -27.64 6.23 11.57
CA LEU F 126 -26.82 5.24 10.86
C LEU F 126 -25.99 4.45 11.87
N GLY F 127 -25.68 3.20 11.53
CA GLY F 127 -24.90 2.34 12.41
C GLY F 127 -24.42 1.06 11.76
N GLY F 128 -23.82 0.19 12.57
CA GLY F 128 -23.27 -1.08 12.10
C GLY F 128 -23.44 -2.19 13.12
N ALA F 129 -23.30 -3.42 12.65
CA ALA F 129 -23.38 -4.61 13.49
C ALA F 129 -22.71 -5.78 12.79
N GLN F 130 -21.84 -6.49 13.51
CA GLN F 130 -21.10 -7.63 12.97
C GLN F 130 -21.03 -8.75 14.02
N GLY F 131 -20.94 -9.99 13.54
CA GLY F 131 -20.76 -11.16 14.39
C GLY F 131 -21.98 -12.07 14.45
N GLN F 132 -22.22 -12.65 15.62
CA GLN F 132 -23.27 -13.66 15.81
C GLN F 132 -24.68 -13.07 15.73
N ALA F 133 -25.65 -13.93 15.41
CA ALA F 133 -27.05 -13.51 15.22
C ALA F 133 -27.62 -12.76 16.43
N THR F 134 -27.31 -13.23 17.64
CA THR F 134 -27.73 -12.56 18.87
C THR F 134 -27.03 -11.22 19.10
N GLU F 135 -25.76 -11.12 18.69
CA GLU F 135 -25.04 -9.84 18.70
C GLU F 135 -25.65 -8.83 17.73
N ILE F 136 -26.07 -9.30 16.56
CA ILE F 136 -26.73 -8.45 15.56
CA ILE F 136 -26.73 -8.45 15.57
C ILE F 136 -28.10 -8.00 16.09
N GLU F 137 -28.80 -8.92 16.77
CA GLU F 137 -30.09 -8.62 17.40
C GLU F 137 -29.96 -7.50 18.44
N ILE F 138 -28.99 -7.64 19.34
CA ILE F 138 -28.69 -6.63 20.37
C ILE F 138 -28.36 -5.28 19.75
N ALA F 139 -27.54 -5.28 18.68
CA ALA F 139 -27.18 -4.06 17.97
C ALA F 139 -28.37 -3.42 17.25
N ALA F 140 -29.23 -4.25 16.66
CA ALA F 140 -30.44 -3.79 15.97
C ALA F 140 -31.46 -3.20 16.94
N ASN F 141 -31.69 -3.89 18.05
CA ASN F 141 -32.58 -3.38 19.11
C ASN F 141 -32.10 -2.05 19.71
N HIS F 142 -30.77 -1.89 19.81
CA HIS F 142 -30.16 -0.67 20.34
C HIS F 142 -30.43 0.56 19.45
N ILE F 143 -30.10 0.44 18.16
CA ILE F 143 -30.28 1.57 17.22
C ILE F 143 -31.76 1.90 16.97
N LEU F 144 -32.63 0.88 16.99
CA LEU F 144 -34.08 1.11 16.89
C LEU F 144 -34.61 1.88 18.11
N LYS F 145 -34.16 1.49 19.31
CA LYS F 145 -34.42 2.27 20.53
C LYS F 145 -33.93 3.71 20.41
N THR F 146 -32.70 3.87 19.93
CA THR F 146 -32.08 5.18 19.74
C THR F 146 -32.89 6.07 18.79
N ARG F 147 -33.44 5.48 17.72
CA ARG F 147 -34.30 6.23 16.79
C ARG F 147 -35.61 6.68 17.44
N GLU F 148 -36.26 5.78 18.18
CA GLU F 148 -37.48 6.11 18.93
C GLU F 148 -37.24 7.26 19.91
N LYS F 149 -36.12 7.15 20.64
CA LYS F 149 -35.65 8.19 21.56
C LYS F 149 -35.50 9.55 20.87
N LEU F 150 -34.87 9.56 19.70
CA LEU F 150 -34.71 10.78 18.89
C LEU F 150 -36.04 11.31 18.33
N ASN F 151 -36.86 10.40 17.80
CA ASN F 151 -38.16 10.77 17.20
C ASN F 151 -39.14 11.30 18.24
N ARG F 152 -39.14 10.70 19.44
CA ARG F 152 -39.98 11.14 20.54
C ARG F 152 -39.64 12.57 20.99
N ILE F 153 -38.34 12.86 21.06
CA ILE F 153 -37.86 14.21 21.44
C ILE F 153 -38.12 15.22 20.31
N LEU F 154 -37.89 14.82 19.06
CA LEU F 154 -38.23 15.65 17.90
C LEU F 154 -39.72 16.01 17.86
N SER F 155 -40.56 15.01 18.13
CA SER F 155 -42.02 15.22 18.18
C SER F 155 -42.39 16.30 19.19
N GLU F 156 -41.87 16.18 20.40
CA GLU F 156 -42.09 17.16 21.48
C GLU F 156 -41.69 18.58 21.09
N ARG F 157 -40.53 18.71 20.45
CA ARG F 157 -39.96 20.04 20.13
C ARG F 157 -40.42 20.64 18.80
N THR F 158 -40.87 19.82 17.86
CA THR F 158 -41.40 20.29 16.57
C THR F 158 -42.93 20.44 16.55
N GLY F 159 -43.62 19.63 17.34
CA GLY F 159 -45.09 19.56 17.30
C GLY F 159 -45.65 18.60 16.25
N GLN F 160 -44.76 17.84 15.60
CA GLN F 160 -45.17 16.81 14.64
C GLN F 160 -45.31 15.48 15.38
N SER F 161 -46.14 14.59 14.85
CA SER F 161 -46.34 13.28 15.49
C SER F 161 -45.11 12.37 15.30
N ILE F 162 -44.95 11.41 16.21
CA ILE F 162 -43.85 10.43 16.15
C ILE F 162 -43.90 9.64 14.82
N GLU F 163 -45.10 9.22 14.43
CA GLU F 163 -45.29 8.47 13.18
C GLU F 163 -45.00 9.30 11.92
N LYS F 164 -45.27 10.61 11.98
CA LYS F 164 -44.91 11.53 10.89
C LYS F 164 -43.40 11.72 10.76
N ILE F 165 -42.72 11.86 11.91
CA ILE F 165 -41.25 11.99 11.95
C ILE F 165 -40.62 10.71 11.39
N GLN F 166 -41.13 9.56 11.79
CA GLN F 166 -40.70 8.24 11.31
C GLN F 166 -40.71 8.18 9.77
N LYS F 167 -41.82 8.62 9.18
CA LYS F 167 -41.98 8.63 7.72
C LYS F 167 -41.08 9.66 7.04
N ASP F 168 -40.99 10.85 7.63
CA ASP F 168 -40.19 11.94 7.06
C ASP F 168 -38.68 11.78 7.25
N THR F 169 -38.25 10.93 8.19
CA THR F 169 -36.84 10.61 8.42
C THR F 169 -36.42 9.24 7.88
N ASP F 170 -37.29 8.58 7.11
CA ASP F 170 -36.99 7.26 6.54
C ASP F 170 -35.85 7.35 5.51
N ARG F 171 -35.91 8.38 4.66
CA ARG F 171 -34.84 8.71 3.71
C ARG F 171 -34.30 10.10 4.03
N ASP F 172 -33.24 10.49 3.32
CA ASP F 172 -32.69 11.86 3.42
C ASP F 172 -33.75 12.88 2.99
N ASN F 173 -34.07 13.79 3.91
CA ASN F 173 -35.11 14.81 3.69
C ASN F 173 -34.47 16.19 3.86
N PHE F 174 -34.11 16.81 2.73
CA PHE F 174 -33.55 18.16 2.72
C PHE F 174 -34.67 19.19 2.80
N LEU F 175 -34.47 20.20 3.66
CA LEU F 175 -35.43 21.28 3.87
C LEU F 175 -34.74 22.62 3.75
N THR F 176 -35.44 23.59 3.15
CA THR F 176 -35.00 24.98 3.15
C THR F 176 -35.23 25.58 4.53
N ALA F 177 -34.72 26.79 4.75
CA ALA F 177 -34.91 27.49 6.03
C ALA F 177 -36.39 27.68 6.34
N GLU F 178 -37.16 28.11 5.34
CA GLU F 178 -38.60 28.33 5.47
C GLU F 178 -39.38 27.03 5.75
N GLU F 179 -39.00 25.95 5.06
CA GLU F 179 -39.60 24.63 5.29
C GLU F 179 -39.30 24.08 6.69
N ALA F 180 -38.10 24.34 7.20
CA ALA F 180 -37.71 23.97 8.56
C ALA F 180 -38.53 24.71 9.62
N LYS F 181 -38.84 25.99 9.35
CA LYS F 181 -39.75 26.77 10.20
C LYS F 181 -41.15 26.17 10.19
N GLU F 182 -41.67 25.90 8.99
CA GLU F 182 -42.99 25.26 8.82
C GLU F 182 -43.07 23.89 9.49
N TYR F 183 -41.97 23.15 9.49
CA TYR F 183 -41.89 21.83 10.12
C TYR F 183 -41.82 21.89 11.66
N GLY F 184 -41.30 23.00 12.19
CA GLY F 184 -41.12 23.20 13.65
C GLY F 184 -39.71 22.98 14.16
N LEU F 185 -38.74 22.83 13.25
CA LEU F 185 -37.33 22.68 13.61
C LEU F 185 -36.70 24.01 14.04
N ILE F 186 -37.20 25.11 13.48
CA ILE F 186 -36.81 26.46 13.90
C ILE F 186 -38.05 27.35 14.06
N ASP F 187 -37.85 28.51 14.68
CA ASP F 187 -38.94 29.45 14.96
C ASP F 187 -39.05 30.58 13.94
N GLU F 188 -37.92 31.13 13.53
CA GLU F 188 -37.88 32.24 12.56
C GLU F 188 -36.77 32.04 11.53
N VAL F 189 -37.04 32.47 10.30
CA VAL F 189 -35.98 32.67 9.30
C VAL F 189 -35.46 34.09 9.51
N MET F 190 -34.21 34.19 9.94
CA MET F 190 -33.59 35.49 10.24
C MET F 190 -33.22 36.20 8.95
N VAL F 191 -34.14 37.02 8.43
CA VAL F 191 -33.98 37.70 7.14
C VAL F 191 -33.08 38.95 7.25
N PRO F 192 -32.39 39.32 6.14
CA PRO F 192 -31.51 40.50 6.18
C PRO F 192 -32.30 41.81 6.05
N GLU F 193 -31.81 42.86 6.71
CA GLU F 193 -32.46 44.17 6.70
C GLU F 193 -32.27 44.87 5.35
N LEU G 3 -9.82 22.29 17.58
CA LEU G 3 -9.35 23.56 18.22
C LEU G 3 -10.09 23.84 19.52
N ILE G 4 -9.39 23.69 20.65
CA ILE G 4 -9.96 23.95 21.98
C ILE G 4 -9.92 25.46 22.24
N PRO G 5 -11.07 26.08 22.59
CA PRO G 5 -11.08 27.51 22.85
C PRO G 5 -10.41 27.90 24.18
N THR G 6 -10.01 29.16 24.28
CA THR G 6 -9.29 29.72 25.42
C THR G 6 -10.17 30.72 26.17
N VAL G 7 -9.96 30.83 27.48
CA VAL G 7 -10.63 31.85 28.31
C VAL G 7 -9.59 32.58 29.17
N ILE G 8 -9.75 33.90 29.30
CA ILE G 8 -8.81 34.75 30.03
C ILE G 8 -9.25 34.93 31.47
C GLU G 15 -4.34 36.58 33.04
N ARG G 16 -4.75 35.44 33.58
CA ARG G 16 -4.21 34.15 33.14
C ARG G 16 -5.08 33.53 32.04
N ALA G 17 -4.43 32.82 31.11
CA ALA G 17 -5.09 32.21 29.96
C ALA G 17 -5.23 30.69 30.16
N TYR G 18 -6.47 30.21 30.18
CA TYR G 18 -6.77 28.78 30.34
C TYR G 18 -7.45 28.25 29.09
N ASP G 19 -7.01 27.10 28.59
CA ASP G 19 -7.85 26.29 27.69
C ASP G 19 -9.04 25.80 28.51
N ILE G 20 -10.18 25.59 27.84
CA ILE G 20 -11.46 25.33 28.54
C ILE G 20 -11.40 24.19 29.56
N TYR G 21 -10.64 23.13 29.26
CA TYR G 21 -10.53 21.97 30.16
C TYR G 21 -9.68 22.30 31.40
N SER G 22 -8.61 23.05 31.20
CA SER G 22 -7.78 23.54 32.31
C SER G 22 -8.53 24.53 33.23
N ARG G 23 -9.42 25.32 32.64
CA ARG G 23 -10.31 26.19 33.42
C ARG G 23 -11.27 25.38 34.29
N LEU G 24 -11.83 24.31 33.73
CA LEU G 24 -12.69 23.39 34.50
C LEU G 24 -11.95 22.70 35.64
N LEU G 25 -10.67 22.37 35.44
CA LEU G 25 -9.82 21.79 36.49
C LEU G 25 -9.63 22.75 37.69
N LYS G 26 -9.62 24.05 37.43
CA LYS G 26 -9.58 25.08 38.49
C LYS G 26 -10.76 24.98 39.46
N ASP G 27 -11.93 24.52 38.97
CA ASP G 27 -13.10 24.23 39.82
C ASP G 27 -13.26 22.72 40.13
N ARG G 28 -12.15 21.99 40.20
CA ARG G 28 -12.10 20.58 40.61
C ARG G 28 -12.92 19.62 39.72
N ILE G 29 -13.01 19.94 38.43
CA ILE G 29 -13.71 19.10 37.46
C ILE G 29 -12.66 18.42 36.55
N ILE G 30 -12.64 17.09 36.55
CA ILE G 30 -11.74 16.30 35.70
C ILE G 30 -12.56 15.70 34.55
N MET G 31 -11.99 15.75 33.34
CA MET G 31 -12.65 15.24 32.13
C MET G 31 -12.16 13.87 31.73
N LEU G 32 -13.05 12.87 31.79
CA LEU G 32 -12.83 11.58 31.13
C LEU G 32 -13.72 11.56 29.89
N GLY G 33 -13.20 12.15 28.80
CA GLY G 33 -13.96 12.38 27.58
C GLY G 33 -13.44 11.65 26.35
N SER G 34 -12.75 10.53 26.55
CA SER G 34 -12.13 9.78 25.46
C SER G 34 -11.97 8.32 25.81
N GLN G 35 -11.48 7.53 24.84
CA GLN G 35 -11.15 6.13 25.09
C GLN G 35 -10.03 6.06 26.14
N ILE G 36 -10.17 5.13 27.07
CA ILE G 36 -9.25 5.01 28.19
C ILE G 36 -8.01 4.23 27.74
N ASP G 37 -6.89 4.93 27.63
CA ASP G 37 -5.57 4.31 27.46
C ASP G 37 -4.67 4.76 28.62
N ASP G 38 -3.40 4.36 28.60
CA ASP G 38 -2.47 4.73 29.66
C ASP G 38 -2.23 6.25 29.78
N ASN G 39 -2.23 6.95 28.65
CA ASN G 39 -2.04 8.42 28.67
C ASN G 39 -3.19 9.14 29.37
N VAL G 40 -4.42 8.71 29.09
CA VAL G 40 -5.62 9.28 29.73
C VAL G 40 -5.61 8.99 31.23
N ALA G 41 -5.29 7.74 31.59
CA ALA G 41 -5.19 7.32 33.00
C ALA G 41 -4.12 8.11 33.76
N ASN G 42 -2.92 8.23 33.18
CA ASN G 42 -1.82 8.99 33.80
C ASN G 42 -2.21 10.44 34.09
N SER G 43 -2.90 11.05 33.15
CA SER G 43 -3.37 12.44 33.27
C SER G 43 -4.43 12.58 34.37
N ILE G 44 -5.44 11.72 34.33
CA ILE G 44 -6.54 11.75 35.31
C ILE G 44 -6.05 11.42 36.72
N VAL G 45 -5.18 10.42 36.84
CA VAL G 45 -4.55 10.06 38.12
C VAL G 45 -3.75 11.23 38.71
N SER G 46 -2.99 11.92 37.85
CA SER G 46 -2.22 13.10 38.26
C SER G 46 -3.10 14.29 38.68
N GLN G 47 -4.24 14.47 38.00
CA GLN G 47 -5.21 15.51 38.36
C GLN G 47 -5.87 15.23 39.72
N LEU G 48 -6.24 13.97 39.95
CA LEU G 48 -6.79 13.53 41.24
C LEU G 48 -5.84 13.77 42.40
N LEU G 49 -4.55 13.47 42.18
CA LEU G 49 -3.51 13.73 43.19
C LEU G 49 -3.27 15.24 43.40
N PHE G 50 -3.35 16.01 42.31
CA PHE G 50 -3.20 17.46 42.38
C PHE G 50 -4.33 18.14 43.15
N LEU G 51 -5.57 17.74 42.87
CA LEU G 51 -6.75 18.35 43.51
C LEU G 51 -6.87 18.03 45.01
N GLN G 52 -6.55 16.80 45.40
CA GLN G 52 -6.54 16.41 46.82
C GLN G 52 -5.42 17.11 47.60
N ALA G 53 -4.30 17.41 46.93
CA ALA G 53 -3.23 18.22 47.51
C ALA G 53 -3.64 19.69 47.70
N GLN G 54 -4.42 20.22 46.76
CA GLN G 54 -5.00 21.57 46.89
C GLN G 54 -6.00 21.65 48.04
N ASP G 55 -6.90 20.66 48.12
CA ASP G 55 -7.88 20.57 49.19
C ASP G 55 -8.35 19.12 49.34
N SER G 56 -8.14 18.55 50.53
CA SER G 56 -8.49 17.15 50.81
C SER G 56 -9.95 16.94 51.23
N GLU G 57 -10.70 18.03 51.47
CA GLU G 57 -12.12 17.95 51.86
C GLU G 57 -13.12 18.16 50.73
N LYS G 58 -12.84 19.12 49.83
CA LYS G 58 -13.79 19.49 48.77
C LYS G 58 -13.99 18.37 47.75
N ASP G 59 -15.22 18.26 47.24
CA ASP G 59 -15.55 17.25 46.23
C ASP G 59 -14.81 17.49 44.92
N ILE G 60 -14.49 16.39 44.24
CA ILE G 60 -13.97 16.39 42.88
C ILE G 60 -15.10 15.87 42.00
N TYR G 61 -15.14 16.33 40.75
CA TYR G 61 -16.20 15.97 39.80
C TYR G 61 -15.59 15.33 38.55
N LEU G 62 -15.86 14.04 38.37
CA LEU G 62 -15.38 13.30 37.20
C LEU G 62 -16.46 13.25 36.11
N TYR G 63 -16.26 14.04 35.05
CA TYR G 63 -17.10 13.98 33.86
C TYR G 63 -16.75 12.70 33.08
N ILE G 64 -17.76 11.92 32.71
CA ILE G 64 -17.55 10.68 31.95
C ILE G 64 -18.37 10.68 30.65
N ASN G 65 -17.68 10.92 29.54
CA ASN G 65 -18.19 10.65 28.19
C ASN G 65 -17.16 9.76 27.50
N SER G 66 -17.25 8.45 27.74
CA SER G 66 -16.20 7.51 27.32
C SER G 66 -16.77 6.15 26.88
N PRO G 67 -16.20 5.55 25.81
CA PRO G 67 -16.54 4.18 25.44
C PRO G 67 -15.73 3.11 26.19
N GLY G 68 -14.97 3.49 27.22
CA GLY G 68 -14.11 2.56 27.95
C GLY G 68 -12.77 2.42 27.27
N GLY G 69 -12.14 1.26 27.47
CA GLY G 69 -10.83 0.97 26.88
C GLY G 69 -10.03 0.02 27.74
N SER G 70 -8.79 0.39 28.03
CA SER G 70 -7.86 -0.47 28.77
C SER G 70 -8.33 -0.73 30.21
N VAL G 71 -8.37 -2.00 30.60
CA VAL G 71 -8.83 -2.40 31.93
C VAL G 71 -7.81 -1.99 33.00
N THR G 72 -6.52 -2.14 32.72
CA THR G 72 -5.47 -1.71 33.65
C THR G 72 -5.44 -0.20 33.82
N ALA G 73 -5.58 0.53 32.71
CA ALA G 73 -5.67 1.99 32.75
C ALA G 73 -6.91 2.48 33.51
N GLY G 74 -8.02 1.78 33.31
CA GLY G 74 -9.23 2.01 34.10
C GLY G 74 -9.01 1.80 35.59
N PHE G 75 -8.33 0.71 35.95
CA PHE G 75 -8.02 0.41 37.35
C PHE G 75 -7.00 1.36 37.99
N ALA G 76 -6.17 2.00 37.16
CA ALA G 76 -5.31 3.11 37.63
C ALA G 76 -6.16 4.27 38.16
N ILE G 77 -7.23 4.59 37.43
CA ILE G 77 -8.16 5.66 37.83
C ILE G 77 -8.99 5.20 39.05
N TYR G 78 -9.50 3.98 39.00
CA TYR G 78 -10.33 3.42 40.08
C TYR G 78 -9.63 3.49 41.43
N ASP G 79 -8.44 2.89 41.51
CA ASP G 79 -7.66 2.88 42.75
C ASP G 79 -7.29 4.28 43.25
N THR G 80 -6.98 5.19 42.33
CA THR G 80 -6.67 6.57 42.68
C THR G 80 -7.88 7.31 43.24
N ILE G 81 -9.07 7.03 42.71
CA ILE G 81 -10.31 7.57 43.27
C ILE G 81 -10.49 7.07 44.71
N GLN G 82 -10.36 5.76 44.93
CA GLN G 82 -10.56 5.18 46.26
C GLN G 82 -9.47 5.56 47.27
N HIS G 83 -8.25 5.80 46.78
CA HIS G 83 -7.12 6.17 47.65
C HIS G 83 -7.26 7.57 48.26
N ILE G 84 -7.62 8.56 47.43
CA ILE G 84 -7.66 9.95 47.88
C ILE G 84 -8.83 10.21 48.83
N LYS G 85 -8.67 11.23 49.68
CA LYS G 85 -9.66 11.57 50.70
C LYS G 85 -10.95 12.20 50.15
N PRO G 86 -10.84 13.14 49.18
CA PRO G 86 -12.04 13.77 48.63
C PRO G 86 -13.02 12.79 47.98
N ASP G 87 -14.32 13.04 48.15
CA ASP G 87 -15.36 12.34 47.39
C ASP G 87 -15.23 12.71 45.92
N VAL G 88 -15.17 11.71 45.05
CA VAL G 88 -15.14 11.91 43.62
C VAL G 88 -16.53 11.61 43.08
N GLN G 89 -17.26 12.67 42.72
CA GLN G 89 -18.56 12.52 42.07
C GLN G 89 -18.34 12.07 40.63
N THR G 90 -19.27 11.28 40.10
CA THR G 90 -19.24 10.85 38.71
C THR G 90 -20.54 11.26 38.03
N ILE G 91 -20.43 11.83 36.83
CA ILE G 91 -21.62 12.18 36.03
C ILE G 91 -21.44 11.69 34.60
N CYS G 92 -22.39 10.88 34.15
CA CYS G 92 -22.40 10.37 32.78
C CYS G 92 -23.17 11.31 31.88
N ILE G 93 -22.46 11.91 30.93
CA ILE G 93 -23.05 12.78 29.92
C ILE G 93 -22.64 12.23 28.56
N GLY G 94 -23.63 11.99 27.69
CA GLY G 94 -23.40 11.35 26.40
C GLY G 94 -23.44 9.85 26.50
N MET G 95 -22.31 9.24 26.89
CA MET G 95 -22.25 7.79 27.08
C MET G 95 -21.19 7.32 28.07
N ALA G 96 -21.44 6.16 28.68
CA ALA G 96 -20.45 5.44 29.48
C ALA G 96 -20.56 3.97 29.13
N ALA G 97 -19.55 3.41 28.49
CA ALA G 97 -19.56 2.02 28.16
C ALA G 97 -18.31 1.32 28.68
N SER G 98 -18.45 0.05 29.00
CA SER G 98 -17.36 -0.79 29.47
C SER G 98 -16.67 -0.26 30.71
N MET G 99 -15.39 -0.03 30.58
CA MET G 99 -14.61 0.48 31.66
C MET G 99 -15.11 1.87 32.10
N GLY G 100 -15.66 2.62 31.16
CA GLY G 100 -16.25 3.93 31.47
C GLY G 100 -17.47 3.83 32.37
N SER G 101 -18.29 2.82 32.14
CA SER G 101 -19.45 2.53 33.01
C SER G 101 -19.01 1.97 34.36
N PHE G 102 -17.90 1.23 34.38
CA PHE G 102 -17.30 0.74 35.64
C PHE G 102 -16.82 1.91 36.50
N LEU G 103 -16.12 2.86 35.87
CA LEU G 103 -15.66 4.08 36.55
C LEU G 103 -16.80 5.00 36.98
N LEU G 104 -17.90 4.99 36.22
CA LEU G 104 -19.13 5.68 36.62
C LEU G 104 -19.69 5.12 37.94
N ALA G 105 -19.74 3.80 38.05
CA ALA G 105 -20.18 3.12 39.27
C ALA G 105 -19.20 3.25 40.45
N ALA G 106 -17.94 3.56 40.16
CA ALA G 106 -16.91 3.78 41.17
C ALA G 106 -16.98 5.11 41.93
N GLY G 107 -17.84 6.03 41.50
CA GLY G 107 -18.00 7.33 42.16
C GLY G 107 -18.47 7.25 43.61
N ALA G 108 -18.33 8.36 44.33
CA ALA G 108 -18.70 8.43 45.75
C ALA G 108 -20.16 8.04 45.97
N LYS G 109 -20.41 7.29 47.03
CA LYS G 109 -21.76 6.79 47.36
C LYS G 109 -22.74 7.96 47.52
N GLY G 110 -23.87 7.88 46.81
CA GLY G 110 -24.85 8.96 46.76
C GLY G 110 -24.52 10.13 45.84
N LYS G 111 -23.41 10.04 45.09
CA LYS G 111 -22.95 11.13 44.22
C LYS G 111 -22.59 10.65 42.81
N ARG G 112 -23.23 9.57 42.36
CA ARG G 112 -23.07 9.04 41.01
C ARG G 112 -24.30 9.45 40.21
N PHE G 113 -24.09 10.18 39.12
CA PHE G 113 -25.18 10.80 38.37
C PHE G 113 -25.15 10.45 36.89
N ALA G 114 -26.27 10.73 36.22
CA ALA G 114 -26.37 10.66 34.77
C ALA G 114 -27.47 11.61 34.31
N LEU G 115 -27.24 12.31 33.20
CA LEU G 115 -28.27 13.15 32.59
C LEU G 115 -29.26 12.26 31.83
N PRO G 116 -30.54 12.70 31.70
CA PRO G 116 -31.65 11.83 31.25
C PRO G 116 -31.41 10.95 30.03
N ASN G 117 -30.78 11.51 29.00
CA ASN G 117 -30.55 10.80 27.73
C ASN G 117 -29.14 10.17 27.59
N ALA G 118 -28.39 10.12 28.69
CA ALA G 118 -27.07 9.48 28.70
C ALA G 118 -27.21 7.96 28.58
N GLU G 119 -26.28 7.35 27.85
CA GLU G 119 -26.30 5.91 27.58
C GLU G 119 -25.29 5.19 28.46
N VAL G 120 -25.72 4.12 29.13
CA VAL G 120 -24.84 3.30 29.96
C VAL G 120 -24.83 1.89 29.38
N MET G 121 -23.63 1.39 29.04
CA MET G 121 -23.46 0.02 28.53
C MET G 121 -22.49 -0.77 29.40
N ILE G 122 -22.81 -2.04 29.62
CA ILE G 122 -21.93 -2.97 30.35
C ILE G 122 -21.77 -4.26 29.55
N HIS G 123 -20.55 -4.82 29.58
CA HIS G 123 -20.30 -6.15 29.03
C HIS G 123 -19.07 -6.79 29.69
N GLN G 124 -18.76 -8.03 29.32
CA GLN G 124 -17.54 -8.69 29.80
C GLN G 124 -16.30 -8.14 29.08
N PRO G 125 -15.10 -8.26 29.70
CA PRO G 125 -13.90 -7.68 29.07
C PRO G 125 -13.48 -8.39 27.79
N LEU G 126 -12.81 -7.64 26.90
CA LEU G 126 -12.36 -8.14 25.60
C LEU G 126 -10.84 -8.28 25.59
N GLY G 127 -10.35 -9.22 24.79
CA GLY G 127 -8.92 -9.46 24.67
C GLY G 127 -8.55 -10.38 23.53
N GLY G 128 -7.27 -10.75 23.49
CA GLY G 128 -6.73 -11.62 22.45
C GLY G 128 -5.56 -12.44 22.96
N ALA G 129 -5.41 -13.64 22.39
CA ALA G 129 -4.35 -14.57 22.78
C ALA G 129 -3.83 -15.30 21.55
N GLN G 130 -2.53 -15.54 21.51
CA GLN G 130 -1.86 -16.16 20.37
C GLN G 130 -0.64 -16.96 20.83
N GLY G 131 -0.28 -17.98 20.04
CA GLY G 131 0.95 -18.75 20.24
C GLY G 131 0.66 -20.18 20.67
N GLN G 132 1.50 -20.70 21.58
CA GLN G 132 1.39 -22.07 22.06
C GLN G 132 0.16 -22.29 22.94
N ALA G 133 -0.19 -23.56 23.16
CA ALA G 133 -1.37 -23.93 23.98
C ALA G 133 -1.26 -23.44 25.42
N THR G 134 -0.07 -23.57 26.01
CA THR G 134 0.19 -23.05 27.36
C THR G 134 0.12 -21.53 27.44
N GLU G 135 0.55 -20.85 26.38
CA GLU G 135 0.45 -19.38 26.30
C GLU G 135 -1.01 -18.91 26.21
N ILE G 136 -1.83 -19.67 25.46
CA ILE G 136 -3.26 -19.39 25.32
CA ILE G 136 -3.25 -19.36 25.32
C ILE G 136 -3.96 -19.63 26.66
N GLU G 137 -3.55 -20.69 27.36
CA GLU G 137 -4.09 -21.02 28.69
C GLU G 137 -3.81 -19.89 29.70
N ILE G 138 -2.59 -19.36 29.66
CA ILE G 138 -2.18 -18.25 30.53
C ILE G 138 -3.00 -16.98 30.25
N ALA G 139 -3.20 -16.68 28.97
CA ALA G 139 -4.03 -15.53 28.57
C ALA G 139 -5.49 -15.70 28.99
N ALA G 140 -6.02 -16.91 28.84
CA ALA G 140 -7.40 -17.22 29.23
C ALA G 140 -7.62 -17.15 30.74
N ASN G 141 -6.69 -17.71 31.51
CA ASN G 141 -6.76 -17.65 32.98
C ASN G 141 -6.64 -16.20 33.49
N HIS G 142 -5.85 -15.39 32.81
CA HIS G 142 -5.68 -13.97 33.17
C HIS G 142 -6.95 -13.14 32.95
N ILE G 143 -7.51 -13.22 31.74
CA ILE G 143 -8.73 -12.46 31.41
C ILE G 143 -9.97 -12.94 32.18
N LEU G 144 -10.01 -14.24 32.54
CA LEU G 144 -11.06 -14.76 33.42
C LEU G 144 -10.94 -14.23 34.86
N LYS G 145 -9.72 -14.17 35.38
CA LYS G 145 -9.46 -13.54 36.70
C LYS G 145 -9.76 -12.05 36.69
N THR G 146 -9.47 -11.38 35.57
CA THR G 146 -9.79 -9.96 35.38
C THR G 146 -11.31 -9.71 35.41
N ARG G 147 -12.09 -10.59 34.81
CA ARG G 147 -13.55 -10.47 34.83
C ARG G 147 -14.12 -10.70 36.24
N GLU G 148 -13.62 -11.72 36.93
CA GLU G 148 -13.98 -12.00 38.32
C GLU G 148 -13.70 -10.78 39.21
N LYS G 149 -12.51 -10.21 39.03
CA LYS G 149 -12.07 -8.99 39.71
C LYS G 149 -13.00 -7.81 39.46
N LEU G 150 -13.39 -7.63 38.20
CA LEU G 150 -14.33 -6.56 37.79
C LEU G 150 -15.75 -6.80 38.32
N ASN G 151 -16.25 -8.01 38.16
CA ASN G 151 -17.59 -8.38 38.62
C ASN G 151 -17.78 -8.32 40.14
N ARG G 152 -16.71 -8.65 40.88
CA ARG G 152 -16.71 -8.54 42.35
C ARG G 152 -16.92 -7.10 42.80
N ILE G 153 -16.13 -6.19 42.24
CA ILE G 153 -16.22 -4.76 42.55
C ILE G 153 -17.55 -4.17 42.09
N LEU G 154 -17.99 -4.54 40.89
CA LEU G 154 -19.26 -4.06 40.34
C LEU G 154 -20.47 -4.55 41.17
N SER G 155 -20.38 -5.77 41.68
CA SER G 155 -21.39 -6.33 42.60
C SER G 155 -21.52 -5.51 43.90
N GLU G 156 -20.37 -5.20 44.51
CA GLU G 156 -20.33 -4.44 45.75
C GLU G 156 -20.86 -3.01 45.62
N ARG G 157 -20.57 -2.36 44.49
CA ARG G 157 -20.97 -0.96 44.26
C ARG G 157 -22.39 -0.78 43.72
N THR G 158 -22.93 -1.80 43.06
CA THR G 158 -24.32 -1.79 42.58
C THR G 158 -25.31 -2.39 43.59
N GLY G 159 -24.85 -3.34 44.40
CA GLY G 159 -25.72 -4.09 45.31
C GLY G 159 -26.34 -5.34 44.69
N GLN G 160 -26.00 -5.63 43.43
CA GLN G 160 -26.50 -6.83 42.73
C GLN G 160 -25.60 -8.01 43.07
N SER G 161 -26.13 -9.22 42.92
CA SER G 161 -25.36 -10.45 43.14
C SER G 161 -24.35 -10.66 42.01
N ILE G 162 -23.26 -11.37 42.31
CA ILE G 162 -22.22 -11.69 41.31
C ILE G 162 -22.75 -12.60 40.20
N GLU G 163 -23.65 -13.51 40.55
CA GLU G 163 -24.36 -14.33 39.56
C GLU G 163 -25.15 -13.49 38.57
N LYS G 164 -25.83 -12.46 39.07
CA LYS G 164 -26.60 -11.54 38.23
C LYS G 164 -25.71 -10.66 37.34
N ILE G 165 -24.60 -10.17 37.90
CA ILE G 165 -23.63 -9.36 37.13
C ILE G 165 -23.03 -10.19 35.99
N GLN G 166 -22.64 -11.43 36.29
CA GLN G 166 -22.10 -12.37 35.28
C GLN G 166 -23.09 -12.56 34.12
N LYS G 167 -24.37 -12.77 34.46
CA LYS G 167 -25.42 -12.97 33.46
C LYS G 167 -25.66 -11.72 32.60
N ASP G 168 -25.78 -10.57 33.26
CA ASP G 168 -26.09 -9.30 32.58
C ASP G 168 -24.91 -8.70 31.80
N THR G 169 -23.69 -9.14 32.09
CA THR G 169 -22.49 -8.70 31.35
C THR G 169 -21.99 -9.73 30.31
N ASP G 170 -22.76 -10.80 30.08
CA ASP G 170 -22.39 -11.84 29.12
C ASP G 170 -22.34 -11.30 27.68
N ARG G 171 -23.33 -10.47 27.34
CA ARG G 171 -23.39 -9.79 26.05
C ARG G 171 -23.43 -8.28 26.28
N ASP G 172 -23.41 -7.51 25.19
CA ASP G 172 -23.63 -6.06 25.26
C ASP G 172 -25.01 -5.79 25.85
N ASN G 173 -25.06 -4.96 26.89
CA ASN G 173 -26.29 -4.65 27.61
C ASN G 173 -26.39 -3.12 27.75
N PHE G 174 -27.21 -2.51 26.88
CA PHE G 174 -27.42 -1.07 26.89
C PHE G 174 -28.52 -0.72 27.89
N LEU G 175 -28.29 0.33 28.68
CA LEU G 175 -29.22 0.79 29.70
C LEU G 175 -29.46 2.29 29.57
N THR G 176 -30.69 2.72 29.84
CA THR G 176 -31.01 4.14 29.96
C THR G 176 -30.49 4.68 31.29
N ALA G 177 -30.54 6.00 31.45
CA ALA G 177 -30.15 6.64 32.71
C ALA G 177 -31.02 6.16 33.88
N GLU G 178 -32.31 6.02 33.64
CA GLU G 178 -33.26 5.52 34.65
C GLU G 178 -33.01 4.05 35.00
N GLU G 179 -32.74 3.23 33.99
CA GLU G 179 -32.40 1.81 34.21
C GLU G 179 -31.08 1.62 34.96
N ALA G 180 -30.10 2.47 34.67
CA ALA G 180 -28.82 2.46 35.39
C ALA G 180 -28.98 2.80 36.88
N LYS G 181 -29.91 3.70 37.20
CA LYS G 181 -30.25 4.01 38.59
C LYS G 181 -30.88 2.80 39.29
N GLU G 182 -31.86 2.19 38.62
CA GLU G 182 -32.51 0.97 39.12
C GLU G 182 -31.53 -0.19 39.31
N TYR G 183 -30.54 -0.29 38.42
CA TYR G 183 -29.52 -1.34 38.49
C TYR G 183 -28.50 -1.12 39.61
N GLY G 184 -28.29 0.14 40.01
CA GLY G 184 -27.32 0.50 41.05
C GLY G 184 -26.01 1.09 40.53
N LEU G 185 -25.90 1.25 39.20
CA LEU G 185 -24.72 1.85 38.59
C LEU G 185 -24.60 3.35 38.90
N ILE G 186 -25.74 4.02 39.03
CA ILE G 186 -25.80 5.41 39.49
C ILE G 186 -26.82 5.56 40.61
N ASP G 187 -26.78 6.71 41.28
CA ASP G 187 -27.66 7.01 42.41
C ASP G 187 -28.88 7.84 42.01
N GLU G 188 -28.67 8.83 41.13
CA GLU G 188 -29.75 9.73 40.69
C GLU G 188 -29.64 10.01 39.19
N VAL G 189 -30.80 10.16 38.55
CA VAL G 189 -30.89 10.74 37.22
C VAL G 189 -31.07 12.24 37.42
N MET G 190 -30.03 13.02 37.09
CA MET G 190 -30.02 14.47 37.30
C MET G 190 -30.93 15.15 36.27
N VAL G 191 -32.18 15.39 36.67
CA VAL G 191 -33.20 15.99 35.77
C VAL G 191 -33.05 17.50 35.67
N PRO G 192 -33.50 18.11 34.54
CA PRO G 192 -33.35 19.55 34.36
C PRO G 192 -34.42 20.35 35.11
N GLU G 193 -34.01 21.43 35.79
CA GLU G 193 -34.93 22.27 36.55
C GLU G 193 -35.74 23.17 35.62
N LEU H 3 8.47 -20.15 -21.55
CA LEU H 3 8.14 -21.06 -22.70
C LEU H 3 9.14 -22.21 -22.81
N ILE H 4 8.83 -23.34 -22.17
CA ILE H 4 9.65 -24.55 -22.24
C ILE H 4 9.33 -25.25 -23.57
N PRO H 5 10.32 -25.41 -24.47
CA PRO H 5 10.04 -25.96 -25.79
C PRO H 5 9.81 -27.48 -25.79
N THR H 6 8.98 -27.94 -26.73
CA THR H 6 8.62 -29.35 -26.87
C THR H 6 9.55 -30.04 -27.86
N VAL H 7 9.76 -31.35 -27.67
CA VAL H 7 10.49 -32.20 -28.63
C VAL H 7 9.67 -33.45 -28.93
N ILE H 8 9.64 -33.84 -30.21
CA ILE H 8 8.86 -34.99 -30.69
C ILE H 8 9.77 -35.89 -31.54
N ARG H 16 5.91 -39.34 -29.39
CA ARG H 16 5.62 -38.84 -28.05
C ARG H 16 6.21 -37.44 -27.87
N ALA H 17 5.40 -36.52 -27.36
CA ALA H 17 5.81 -35.12 -27.17
C ALA H 17 6.30 -34.87 -25.74
N TYR H 18 7.62 -34.69 -25.59
CA TYR H 18 8.23 -34.35 -24.30
C TYR H 18 8.54 -32.87 -24.23
N ASP H 19 8.35 -32.26 -23.06
CA ASP H 19 9.01 -31.00 -22.73
C ASP H 19 10.52 -31.29 -22.58
N ILE H 20 11.36 -30.28 -22.82
CA ILE H 20 12.82 -30.48 -22.89
C ILE H 20 13.41 -31.17 -21.64
N TYR H 21 12.89 -30.85 -20.45
CA TYR H 21 13.42 -31.41 -19.20
C TYR H 21 13.01 -32.87 -19.00
N SER H 22 11.78 -33.21 -19.38
CA SER H 22 11.31 -34.60 -19.38
C SER H 22 12.08 -35.47 -20.37
N ARG H 23 12.47 -34.90 -21.51
CA ARG H 23 13.35 -35.60 -22.47
C ARG H 23 14.72 -35.90 -21.86
N LEU H 24 15.28 -34.94 -21.13
CA LEU H 24 16.55 -35.14 -20.44
C LEU H 24 16.48 -36.23 -19.36
N LEU H 25 15.35 -36.28 -18.64
CA LEU H 25 15.10 -37.33 -17.64
C LEU H 25 15.10 -38.74 -18.25
N LYS H 26 14.63 -38.85 -19.50
CA LYS H 26 14.67 -40.12 -20.26
C LYS H 26 16.09 -40.70 -20.42
N ASP H 27 17.10 -39.81 -20.47
CA ASP H 27 18.51 -40.21 -20.45
C ASP H 27 19.18 -40.01 -19.07
N ARG H 28 18.40 -40.17 -18.00
CA ARG H 28 18.89 -40.16 -16.61
C ARG H 28 19.57 -38.85 -16.16
N ILE H 29 19.07 -37.73 -16.67
CA ILE H 29 19.56 -36.40 -16.29
C ILE H 29 18.50 -35.68 -15.47
N ILE H 30 18.87 -35.24 -14.27
CA ILE H 30 17.97 -34.50 -13.37
C ILE H 30 18.46 -33.05 -13.27
N MET H 31 17.52 -32.10 -13.30
CA MET H 31 17.82 -30.68 -13.27
C MET H 31 17.61 -30.08 -11.88
N LEU H 32 18.69 -29.63 -11.26
CA LEU H 32 18.64 -28.75 -10.09
C LEU H 32 19.05 -27.36 -10.57
N GLY H 33 18.08 -26.65 -11.15
CA GLY H 33 18.31 -25.36 -11.80
C GLY H 33 17.60 -24.17 -11.18
N SER H 34 17.31 -24.26 -9.88
CA SER H 34 16.55 -23.24 -9.17
C SER H 34 16.93 -23.19 -7.69
N GLN H 35 16.32 -22.26 -6.96
CA GLN H 35 16.42 -22.21 -5.50
C GLN H 35 15.85 -23.48 -4.90
N ILE H 36 16.54 -24.01 -3.89
CA ILE H 36 16.16 -25.28 -3.26
C ILE H 36 15.07 -25.01 -2.21
N ASP H 37 13.84 -25.41 -2.53
CA ASP H 37 12.74 -25.44 -1.58
C ASP H 37 12.22 -26.87 -1.50
N ASP H 38 11.21 -27.11 -0.67
CA ASP H 38 10.65 -28.46 -0.49
C ASP H 38 10.07 -29.04 -1.79
N ASN H 39 9.43 -28.21 -2.62
CA ASN H 39 8.89 -28.64 -3.92
C ASN H 39 9.97 -29.18 -4.86
N VAL H 40 11.08 -28.46 -4.96
CA VAL H 40 12.21 -28.88 -5.81
C VAL H 40 12.81 -30.18 -5.28
N ALA H 41 13.04 -30.25 -3.96
CA ALA H 41 13.57 -31.46 -3.31
C ALA H 41 12.69 -32.69 -3.54
N ASN H 42 11.38 -32.55 -3.35
CA ASN H 42 10.42 -33.66 -3.56
C ASN H 42 10.52 -34.20 -4.98
N SER H 43 10.52 -33.28 -5.95
CA SER H 43 10.63 -33.65 -7.37
C SER H 43 11.93 -34.37 -7.68
N ILE H 44 13.05 -33.82 -7.21
CA ILE H 44 14.37 -34.43 -7.44
C ILE H 44 14.51 -35.79 -6.72
N VAL H 45 14.02 -35.87 -5.49
CA VAL H 45 14.02 -37.14 -4.73
C VAL H 45 13.18 -38.19 -5.45
N SER H 46 12.01 -37.79 -5.96
CA SER H 46 11.13 -38.70 -6.72
C SER H 46 11.77 -39.17 -8.03
N GLN H 47 12.42 -38.25 -8.74
CA GLN H 47 13.17 -38.59 -9.96
C GLN H 47 14.29 -39.59 -9.69
N LEU H 48 15.03 -39.38 -8.60
CA LEU H 48 16.10 -40.30 -8.18
C LEU H 48 15.58 -41.71 -7.88
N LEU H 49 14.42 -41.79 -7.21
CA LEU H 49 13.78 -43.08 -6.92
C LEU H 49 13.27 -43.76 -8.20
N PHE H 50 12.74 -42.97 -9.13
CA PHE H 50 12.27 -43.47 -10.42
C PHE H 50 13.41 -44.05 -11.26
N LEU H 51 14.53 -43.32 -11.34
CA LEU H 51 15.67 -43.73 -12.16
C LEU H 51 16.38 -45.00 -11.63
N GLN H 52 16.49 -45.14 -10.31
CA GLN H 52 17.08 -46.36 -9.73
C GLN H 52 16.21 -47.60 -9.99
N ALA H 53 14.89 -47.39 -10.01
CA ALA H 53 13.92 -48.46 -10.32
C ALA H 53 14.01 -48.92 -11.77
N GLN H 54 14.16 -47.95 -12.69
CA GLN H 54 14.42 -48.26 -14.10
C GLN H 54 15.73 -49.02 -14.30
N ASP H 55 16.78 -48.56 -13.62
CA ASP H 55 18.11 -49.15 -13.75
C ASP H 55 18.93 -48.85 -12.48
N SER H 56 19.31 -49.89 -11.75
CA SER H 56 20.02 -49.75 -10.47
C SER H 56 21.53 -49.58 -10.60
N GLU H 57 22.09 -49.77 -11.81
CA GLU H 57 23.53 -49.61 -12.05
C GLU H 57 23.90 -48.32 -12.77
N LYS H 58 23.18 -48.00 -13.84
CA LYS H 58 23.56 -46.92 -14.75
C LYS H 58 23.59 -45.56 -14.04
N ASP H 59 24.60 -44.77 -14.38
CA ASP H 59 24.81 -43.46 -13.74
C ASP H 59 23.61 -42.54 -13.94
N ILE H 60 23.38 -41.70 -12.92
CA ILE H 60 22.42 -40.60 -13.00
C ILE H 60 23.26 -39.33 -13.05
N TYR H 61 22.74 -38.31 -13.73
CA TYR H 61 23.43 -37.03 -13.88
C TYR H 61 22.59 -35.93 -13.23
N LEU H 62 23.16 -35.26 -12.23
CA LEU H 62 22.50 -34.15 -11.54
C LEU H 62 23.14 -32.83 -11.98
N TYR H 63 22.45 -32.15 -12.89
CA TYR H 63 22.81 -30.79 -13.31
C TYR H 63 22.54 -29.84 -12.16
N ILE H 64 23.54 -29.01 -11.80
CA ILE H 64 23.39 -28.04 -10.71
C ILE H 64 23.67 -26.62 -11.19
N ASN H 65 22.59 -25.83 -11.31
CA ASN H 65 22.68 -24.38 -11.47
C ASN H 65 21.76 -23.75 -10.43
N SER H 66 22.26 -23.62 -9.19
CA SER H 66 21.41 -23.26 -8.04
C SER H 66 22.15 -22.37 -7.03
N PRO H 67 21.45 -21.35 -6.48
CA PRO H 67 22.02 -20.54 -5.41
C PRO H 67 21.88 -21.14 -4.00
N GLY H 68 21.36 -22.36 -3.90
CA GLY H 68 21.11 -23.00 -2.60
C GLY H 68 19.66 -22.80 -2.18
N GLY H 69 19.44 -22.78 -0.86
CA GLY H 69 18.10 -22.65 -0.31
C GLY H 69 17.96 -23.41 1.01
N SER H 70 16.81 -24.06 1.19
CA SER H 70 16.52 -24.79 2.44
C SER H 70 17.52 -25.93 2.70
N VAL H 71 18.05 -25.96 3.92
CA VAL H 71 19.03 -26.99 4.31
C VAL H 71 18.36 -28.36 4.42
N THR H 72 17.16 -28.41 5.02
CA THR H 72 16.41 -29.67 5.13
C THR H 72 16.02 -30.23 3.76
N ALA H 73 15.55 -29.35 2.88
CA ALA H 73 15.26 -29.72 1.48
C ALA H 73 16.52 -30.25 0.77
N GLY H 74 17.66 -29.61 1.02
CA GLY H 74 18.95 -30.09 0.51
C GLY H 74 19.30 -31.47 1.03
N PHE H 75 19.07 -31.71 2.32
CA PHE H 75 19.33 -33.02 2.92
C PHE H 75 18.36 -34.13 2.47
N ALA H 76 17.16 -33.75 2.03
CA ALA H 76 16.27 -34.69 1.33
C ALA H 76 16.94 -35.22 0.07
N ILE H 77 17.50 -34.31 -0.72
CA ILE H 77 18.24 -34.68 -1.94
C ILE H 77 19.51 -35.45 -1.60
N TYR H 78 20.28 -34.94 -0.62
CA TYR H 78 21.54 -35.57 -0.21
C TYR H 78 21.34 -37.03 0.19
N ASP H 79 20.40 -37.28 1.10
CA ASP H 79 20.17 -38.63 1.62
C ASP H 79 19.67 -39.61 0.57
N THR H 80 18.84 -39.13 -0.37
CA THR H 80 18.36 -39.98 -1.45
C THR H 80 19.49 -40.36 -2.41
N ILE H 81 20.40 -39.41 -2.70
CA ILE H 81 21.59 -39.71 -3.50
C ILE H 81 22.39 -40.84 -2.84
N GLN H 82 22.69 -40.70 -1.55
CA GLN H 82 23.50 -41.70 -0.84
C GLN H 82 22.79 -43.06 -0.72
N HIS H 83 21.48 -43.05 -0.56
CA HIS H 83 20.69 -44.27 -0.38
C HIS H 83 20.64 -45.17 -1.62
N ILE H 84 20.43 -44.57 -2.80
CA ILE H 84 20.27 -45.35 -4.04
C ILE H 84 21.59 -45.98 -4.48
N LYS H 85 21.48 -47.08 -5.23
CA LYS H 85 22.65 -47.81 -5.72
C LYS H 85 23.44 -47.08 -6.81
N PRO H 86 22.75 -46.53 -7.84
CA PRO H 86 23.50 -45.88 -8.93
C PRO H 86 24.30 -44.66 -8.49
N ASP H 87 25.46 -44.45 -9.11
CA ASP H 87 26.25 -43.24 -8.92
C ASP H 87 25.48 -42.04 -9.45
N VAL H 88 25.43 -40.98 -8.65
CA VAL H 88 24.87 -39.71 -9.08
C VAL H 88 26.03 -38.77 -9.38
N GLN H 89 26.25 -38.53 -10.67
CA GLN H 89 27.24 -37.54 -11.11
C GLN H 89 26.66 -36.15 -10.85
N THR H 90 27.48 -35.24 -10.34
CA THR H 90 27.07 -33.85 -10.13
C THR H 90 27.82 -32.95 -11.09
N ILE H 91 27.09 -32.08 -11.79
CA ILE H 91 27.60 -31.28 -12.90
C ILE H 91 27.23 -29.81 -12.67
N CYS H 92 28.20 -29.01 -12.23
CA CYS H 92 27.97 -27.58 -11.97
C CYS H 92 28.14 -26.76 -13.23
N ILE H 93 27.05 -26.14 -13.67
CA ILE H 93 27.04 -25.27 -14.85
C ILE H 93 26.41 -23.95 -14.42
N GLY H 94 27.09 -22.84 -14.70
CA GLY H 94 26.65 -21.52 -14.25
C GLY H 94 27.15 -21.25 -12.85
N MET H 95 26.39 -21.70 -11.84
CA MET H 95 26.79 -21.53 -10.44
C MET H 95 26.19 -22.54 -9.48
N ALA H 96 26.94 -22.82 -8.42
CA ALA H 96 26.48 -23.61 -7.28
C ALA H 96 26.85 -22.85 -6.00
N ALA H 97 25.86 -22.36 -5.26
CA ALA H 97 26.11 -21.62 -4.02
C ALA H 97 25.43 -22.28 -2.84
N SER H 98 26.06 -22.17 -1.67
CA SER H 98 25.48 -22.61 -0.40
C SER H 98 25.14 -24.12 -0.43
N MET H 99 23.88 -24.49 -0.21
CA MET H 99 23.47 -25.89 -0.25
C MET H 99 23.59 -26.52 -1.66
N GLY H 100 23.62 -25.67 -2.69
CA GLY H 100 23.91 -26.13 -4.05
C GLY H 100 25.31 -26.69 -4.19
N SER H 101 26.30 -25.99 -3.64
CA SER H 101 27.69 -26.47 -3.62
C SER H 101 27.91 -27.65 -2.66
N PHE H 102 27.09 -27.74 -1.61
CA PHE H 102 27.08 -28.92 -0.74
C PHE H 102 26.64 -30.17 -1.53
N LEU H 103 25.55 -30.05 -2.28
CA LEU H 103 25.06 -31.13 -3.13
C LEU H 103 26.01 -31.48 -4.28
N LEU H 104 26.68 -30.47 -4.84
CA LEU H 104 27.77 -30.68 -5.81
C LEU H 104 28.86 -31.58 -5.22
N ALA H 105 29.28 -31.28 -3.99
CA ALA H 105 30.28 -32.09 -3.27
C ALA H 105 29.78 -33.48 -2.88
N ALA H 106 28.46 -33.67 -2.82
CA ALA H 106 27.83 -34.95 -2.49
C ALA H 106 27.76 -35.97 -3.64
N GLY H 107 28.12 -35.58 -4.86
CA GLY H 107 28.12 -36.48 -6.01
C GLY H 107 29.11 -37.62 -5.87
N ALA H 108 28.92 -38.65 -6.69
CA ALA H 108 29.76 -39.86 -6.65
C ALA H 108 31.24 -39.51 -6.76
N LYS H 109 32.06 -40.15 -5.92
CA LYS H 109 33.50 -39.87 -5.86
C LYS H 109 34.15 -40.16 -7.21
N GLY H 110 34.91 -39.19 -7.70
CA GLY H 110 35.48 -39.21 -9.05
C GLY H 110 34.58 -38.68 -10.16
N LYS H 111 33.31 -38.40 -9.86
CA LYS H 111 32.32 -38.00 -10.88
C LYS H 111 31.61 -36.69 -10.51
N ARG H 112 32.32 -35.82 -9.80
CA ARG H 112 31.83 -34.47 -9.48
C ARG H 112 32.53 -33.50 -10.42
N PHE H 113 31.74 -32.78 -11.23
CA PHE H 113 32.27 -31.91 -12.29
C PHE H 113 31.78 -30.48 -12.15
N ALA H 114 32.59 -29.56 -12.67
CA ALA H 114 32.17 -28.20 -12.96
C ALA H 114 32.74 -27.79 -14.32
N LEU H 115 31.98 -27.02 -15.09
CA LEU H 115 32.49 -26.47 -16.36
C LEU H 115 33.44 -25.30 -16.07
N PRO H 116 34.37 -24.98 -17.01
CA PRO H 116 35.52 -24.09 -16.72
C PRO H 116 35.20 -22.75 -16.03
N ASN H 117 34.12 -22.11 -16.44
CA ASN H 117 33.73 -20.79 -15.93
C ASN H 117 32.57 -20.83 -14.92
N ALA H 118 32.26 -22.02 -14.39
CA ALA H 118 31.23 -22.17 -13.36
C ALA H 118 31.72 -21.57 -12.03
N GLU H 119 30.78 -21.03 -11.27
CA GLU H 119 31.07 -20.37 -9.99
C GLU H 119 30.61 -21.26 -8.84
N VAL H 120 31.51 -21.54 -7.90
CA VAL H 120 31.17 -22.31 -6.70
C VAL H 120 31.38 -21.40 -5.49
N MET H 121 30.34 -21.27 -4.65
CA MET H 121 30.43 -20.45 -3.43
C MET H 121 30.04 -21.29 -2.20
N ILE H 122 30.82 -21.15 -1.14
CA ILE H 122 30.56 -21.82 0.14
C ILE H 122 30.47 -20.77 1.25
N HIS H 123 29.49 -20.92 2.13
CA HIS H 123 29.35 -20.09 3.32
C HIS H 123 28.49 -20.78 4.36
N GLN H 124 28.45 -20.21 5.56
CA GLN H 124 27.71 -20.81 6.68
C GLN H 124 26.20 -20.62 6.50
N PRO H 125 25.37 -21.51 7.09
CA PRO H 125 23.92 -21.41 6.90
C PRO H 125 23.30 -20.15 7.51
N LEU H 126 22.25 -19.67 6.86
CA LEU H 126 21.52 -18.48 7.29
C LEU H 126 20.18 -18.89 7.89
N GLY H 127 19.71 -18.10 8.85
CA GLY H 127 18.42 -18.35 9.49
C GLY H 127 17.93 -17.17 10.30
N GLY H 128 16.97 -17.45 11.19
CA GLY H 128 16.40 -16.43 12.05
C GLY H 128 15.82 -16.99 13.33
N ALA H 129 15.65 -16.11 14.31
CA ALA H 129 15.04 -16.45 15.59
C ALA H 129 14.33 -15.22 16.15
N GLN H 130 13.17 -15.43 16.78
CA GLN H 130 12.37 -14.33 17.33
C GLN H 130 11.45 -14.83 18.45
N GLY H 131 11.46 -14.13 19.58
CA GLY H 131 10.62 -14.47 20.74
C GLY H 131 11.39 -14.39 22.05
N GLN H 132 11.06 -15.27 22.98
CA GLN H 132 11.70 -15.32 24.29
C GLN H 132 13.16 -15.79 24.22
N ALA H 133 13.92 -15.47 25.26
CA ALA H 133 15.35 -15.82 25.32
C ALA H 133 15.62 -17.33 25.13
N THR H 134 14.80 -18.16 25.76
CA THR H 134 14.90 -19.62 25.62
C THR H 134 14.51 -20.12 24.22
N GLU H 135 13.58 -19.43 23.56
CA GLU H 135 13.22 -19.73 22.16
C GLU H 135 14.37 -19.35 21.21
N ILE H 136 15.04 -18.23 21.48
CA ILE H 136 16.20 -17.80 20.70
C ILE H 136 17.38 -18.78 20.90
N GLU H 137 17.54 -19.27 22.13
CA GLU H 137 18.56 -20.28 22.47
C GLU H 137 18.36 -21.57 21.69
N ILE H 138 17.13 -22.05 21.65
CA ILE H 138 16.76 -23.26 20.91
C ILE H 138 17.04 -23.11 19.41
N ALA H 139 16.64 -21.98 18.83
CA ALA H 139 16.92 -21.67 17.43
C ALA H 139 18.41 -21.55 17.14
N ALA H 140 19.17 -20.98 18.08
CA ALA H 140 20.62 -20.86 17.97
C ALA H 140 21.31 -22.22 18.04
N ASN H 141 20.93 -23.05 19.01
CA ASN H 141 21.47 -24.41 19.13
C ASN H 141 21.13 -25.28 17.91
N HIS H 142 19.95 -25.07 17.34
CA HIS H 142 19.51 -25.80 16.14
C HIS H 142 20.37 -25.47 14.91
N ILE H 143 20.52 -24.18 14.61
CA ILE H 143 21.31 -23.75 13.45
C ILE H 143 22.82 -24.03 13.60
N LEU H 144 23.33 -23.97 14.83
CA LEU H 144 24.73 -24.32 15.11
C LEU H 144 25.00 -25.82 14.91
N LYS H 145 24.11 -26.66 15.39
CA LYS H 145 24.19 -28.12 15.16
C LYS H 145 24.04 -28.46 13.68
N THR H 146 23.18 -27.73 12.98
CA THR H 146 23.02 -27.87 11.53
C THR H 146 24.32 -27.52 10.78
N ARG H 147 25.04 -26.50 11.24
CA ARG H 147 26.34 -26.15 10.65
C ARG H 147 27.39 -27.24 10.87
N GLU H 148 27.47 -27.77 12.09
CA GLU H 148 28.39 -28.87 12.42
C GLU H 148 28.12 -30.11 11.56
N LYS H 149 26.84 -30.43 11.40
CA LYS H 149 26.37 -31.51 10.52
C LYS H 149 26.81 -31.30 9.07
N LEU H 150 26.62 -30.09 8.56
CA LEU H 150 27.08 -29.72 7.21
C LEU H 150 28.60 -29.76 7.07
N ASN H 151 29.31 -29.15 8.02
CA ASN H 151 30.78 -29.11 8.01
C ASN H 151 31.41 -30.51 8.10
N ARG H 152 30.85 -31.37 8.96
CA ARG H 152 31.33 -32.74 9.12
C ARG H 152 31.22 -33.55 7.82
N ILE H 153 30.08 -33.46 7.15
CA ILE H 153 29.88 -34.14 5.86
C ILE H 153 30.79 -33.53 4.78
N LEU H 154 30.83 -32.20 4.72
CA LEU H 154 31.67 -31.50 3.74
C LEU H 154 33.17 -31.77 3.96
N SER H 155 33.57 -31.98 5.22
CA SER H 155 34.93 -32.42 5.55
C SER H 155 35.23 -33.79 4.97
N GLU H 156 34.31 -34.73 5.18
CA GLU H 156 34.45 -36.11 4.70
C GLU H 156 34.53 -36.24 3.18
N ARG H 157 33.83 -35.36 2.45
CA ARG H 157 33.77 -35.43 0.99
C ARG H 157 34.83 -34.61 0.26
N THR H 158 35.39 -33.58 0.93
CA THR H 158 36.47 -32.76 0.36
C THR H 158 37.87 -33.20 0.79
N GLY H 159 37.98 -33.89 1.92
CA GLY H 159 39.27 -34.23 2.51
C GLY H 159 39.89 -33.12 3.34
N GLN H 160 39.16 -32.03 3.57
CA GLN H 160 39.62 -30.91 4.38
C GLN H 160 39.12 -31.09 5.81
N SER H 161 39.88 -30.57 6.78
CA SER H 161 39.51 -30.67 8.19
C SER H 161 38.26 -29.83 8.49
N ILE H 162 37.54 -30.20 9.54
CA ILE H 162 36.32 -29.50 9.96
C ILE H 162 36.61 -28.04 10.32
N GLU H 163 37.73 -27.80 11.02
CA GLU H 163 38.14 -26.43 11.38
C GLU H 163 38.56 -25.58 10.17
N LYS H 164 39.11 -26.21 9.13
CA LYS H 164 39.38 -25.51 7.87
C LYS H 164 38.08 -25.12 7.16
N ILE H 165 37.10 -26.02 7.14
CA ILE H 165 35.78 -25.75 6.57
C ILE H 165 35.09 -24.60 7.33
N GLN H 166 35.14 -24.66 8.65
CA GLN H 166 34.61 -23.62 9.54
C GLN H 166 35.16 -22.24 9.20
N LYS H 167 36.49 -22.15 9.06
CA LYS H 167 37.16 -20.89 8.72
C LYS H 167 36.81 -20.40 7.33
N ASP H 168 36.84 -21.30 6.35
CA ASP H 168 36.59 -20.96 4.94
C ASP H 168 35.11 -20.70 4.60
N THR H 169 34.19 -21.10 5.47
CA THR H 169 32.76 -20.82 5.28
C THR H 169 32.21 -19.74 6.23
N ASP H 170 33.09 -19.07 6.98
CA ASP H 170 32.68 -18.02 7.92
C ASP H 170 32.00 -16.86 7.19
N ARG H 171 32.58 -16.47 6.05
CA ARG H 171 32.01 -15.48 5.15
C ARG H 171 31.78 -16.11 3.77
N ASP H 172 31.20 -15.33 2.86
CA ASP H 172 31.05 -15.75 1.46
C ASP H 172 32.43 -16.02 0.85
N ASN H 173 32.60 -17.24 0.33
CA ASN H 173 33.87 -17.68 -0.24
C ASN H 173 33.62 -18.21 -1.65
N PHE H 174 33.89 -17.36 -2.64
CA PHE H 174 33.73 -17.71 -4.05
C PHE H 174 34.98 -18.42 -4.57
N LEU H 175 34.77 -19.56 -5.22
CA LEU H 175 35.85 -20.35 -5.82
C LEU H 175 35.59 -20.54 -7.31
N THR H 176 36.65 -20.48 -8.11
CA THR H 176 36.58 -20.86 -9.52
C THR H 176 36.45 -22.39 -9.62
N ALA H 177 36.18 -22.89 -10.82
CA ALA H 177 36.08 -24.34 -11.04
C ALA H 177 37.38 -25.07 -10.68
N GLU H 178 38.52 -24.45 -11.02
CA GLU H 178 39.84 -25.02 -10.71
C GLU H 178 40.13 -25.00 -9.20
N GLU H 179 39.79 -23.89 -8.54
CA GLU H 179 39.92 -23.79 -7.08
C GLU H 179 39.02 -24.78 -6.34
N ALA H 180 37.81 -25.00 -6.88
CA ALA H 180 36.89 -26.01 -6.34
C ALA H 180 37.48 -27.43 -6.43
N LYS H 181 38.19 -27.71 -7.52
CA LYS H 181 38.90 -28.98 -7.70
C LYS H 181 40.03 -29.14 -6.68
N GLU H 182 40.83 -28.09 -6.51
CA GLU H 182 41.91 -28.06 -5.51
C GLU H 182 41.38 -28.29 -4.09
N TYR H 183 40.25 -27.65 -3.79
CA TYR H 183 39.62 -27.75 -2.48
C TYR H 183 39.02 -29.14 -2.19
N GLY H 184 38.60 -29.83 -3.25
CA GLY H 184 37.99 -31.16 -3.13
C GLY H 184 36.47 -31.16 -3.23
N LEU H 185 35.87 -30.02 -3.55
CA LEU H 185 34.42 -29.91 -3.79
C LEU H 185 34.01 -30.62 -5.08
N ILE H 186 34.91 -30.61 -6.07
CA ILE H 186 34.75 -31.39 -7.30
C ILE H 186 36.02 -32.19 -7.60
N ASP H 187 35.89 -33.14 -8.53
CA ASP H 187 37.00 -33.98 -8.97
C ASP H 187 37.65 -33.51 -10.25
N GLU H 188 36.86 -32.93 -11.17
CA GLU H 188 37.35 -32.53 -12.48
C GLU H 188 36.70 -31.25 -12.99
N VAL H 189 37.48 -30.44 -13.69
CA VAL H 189 36.95 -29.36 -14.52
C VAL H 189 36.67 -30.01 -15.87
N MET H 190 35.39 -30.10 -16.24
CA MET H 190 35.00 -30.83 -17.45
C MET H 190 35.44 -30.08 -18.71
N VAL H 191 36.32 -30.72 -19.49
CA VAL H 191 36.86 -30.13 -20.71
C VAL H 191 35.86 -30.30 -21.86
N PRO H 192 36.01 -29.50 -22.95
CA PRO H 192 35.17 -29.70 -24.13
C PRO H 192 35.33 -31.07 -24.80
N GLU H 193 34.27 -31.55 -25.43
CA GLU H 193 34.28 -32.84 -26.12
C GLU H 193 35.10 -32.75 -27.40
N THR H 194 35.73 -33.87 -27.78
CA THR H 194 36.58 -33.92 -28.97
C THR H 194 35.71 -33.99 -30.23
N LYS H 195 36.13 -33.29 -31.28
CA LYS H 195 35.38 -33.21 -32.54
C LYS H 195 36.27 -32.80 -33.71
N LEU I 3 7.72 -26.76 -12.46
CA LEU I 3 7.55 -27.75 -13.56
C LEU I 3 7.73 -29.19 -13.08
N ILE I 4 6.63 -29.95 -13.07
CA ILE I 4 6.65 -31.36 -12.66
C ILE I 4 6.98 -32.21 -13.90
N PRO I 5 8.09 -32.98 -13.86
CA PRO I 5 8.51 -33.72 -15.06
C PRO I 5 7.63 -34.93 -15.39
N THR I 6 7.57 -35.26 -16.68
CA THR I 6 6.77 -36.38 -17.18
C THR I 6 7.67 -37.59 -17.44
N VAL I 7 7.13 -38.79 -17.20
CA VAL I 7 7.84 -40.06 -17.45
C VAL I 7 6.94 -41.03 -18.21
N ARG I 16 1.76 -45.41 -21.17
CA ARG I 16 1.23 -44.06 -21.04
C ARG I 16 2.24 -43.10 -20.40
N ALA I 17 1.90 -41.81 -20.42
CA ALA I 17 2.74 -40.75 -19.86
C ALA I 17 2.19 -40.30 -18.51
N TYR I 18 2.98 -40.48 -17.46
CA TYR I 18 2.62 -40.04 -16.10
C TYR I 18 3.48 -38.85 -15.69
N ASP I 19 2.88 -37.91 -14.95
CA ASP I 19 3.67 -36.98 -14.14
C ASP I 19 4.34 -37.80 -13.03
N ILE I 20 5.52 -37.37 -12.59
CA ILE I 20 6.36 -38.17 -11.67
C ILE I 20 5.62 -38.70 -10.43
N TYR I 21 4.72 -37.88 -9.86
CA TYR I 21 4.02 -38.24 -8.62
C TYR I 21 2.91 -39.28 -8.86
N SER I 22 2.23 -39.18 -10.01
CA SER I 22 1.25 -40.19 -10.42
C SER I 22 1.90 -41.55 -10.68
N ARG I 23 3.11 -41.55 -11.24
CA ARG I 23 3.89 -42.78 -11.40
C ARG I 23 4.23 -43.43 -10.06
N LEU I 24 4.60 -42.60 -9.08
CA LEU I 24 4.88 -43.09 -7.72
C LEU I 24 3.64 -43.66 -7.03
N LEU I 25 2.48 -43.02 -7.25
CA LEU I 25 1.20 -43.51 -6.74
C LEU I 25 0.82 -44.89 -7.32
N LYS I 26 1.23 -45.15 -8.56
CA LYS I 26 1.04 -46.46 -9.20
C LYS I 26 1.76 -47.59 -8.44
N ASP I 27 2.90 -47.28 -7.82
CA ASP I 27 3.59 -48.22 -6.91
C ASP I 27 3.27 -47.95 -5.42
N ARG I 28 2.07 -47.44 -5.15
CA ARG I 28 1.54 -47.25 -3.80
C ARG I 28 2.38 -46.31 -2.91
N ILE I 29 2.99 -45.29 -3.51
CA ILE I 29 3.75 -44.27 -2.78
C ILE I 29 2.94 -42.97 -2.78
N ILE I 30 2.59 -42.49 -1.59
CA ILE I 30 1.87 -41.22 -1.41
C ILE I 30 2.84 -40.15 -0.91
N MET I 31 2.73 -38.94 -1.46
CA MET I 31 3.62 -37.82 -1.13
C MET I 31 2.95 -36.86 -0.16
N LEU I 32 3.51 -36.72 1.03
CA LEU I 32 3.20 -35.61 1.95
C LEU I 32 4.43 -34.71 1.97
N GLY I 33 4.52 -33.82 0.99
CA GLY I 33 5.69 -32.98 0.77
C GLY I 33 5.47 -31.48 0.92
N SER I 34 4.45 -31.11 1.69
CA SER I 34 4.10 -29.69 1.86
C SER I 34 3.44 -29.46 3.21
N GLN I 35 3.12 -28.19 3.49
CA GLN I 35 2.37 -27.81 4.69
C GLN I 35 0.99 -28.47 4.66
N ILE I 36 0.60 -29.06 5.78
CA ILE I 36 -0.68 -29.79 5.89
C ILE I 36 -1.82 -28.78 6.03
N ASP I 37 -2.62 -28.67 4.97
CA ASP I 37 -3.90 -27.96 5.01
C ASP I 37 -5.00 -28.95 4.60
N ASP I 38 -6.25 -28.47 4.50
CA ASP I 38 -7.37 -29.34 4.12
C ASP I 38 -7.23 -29.93 2.71
N ASN I 39 -6.69 -29.15 1.76
CA ASN I 39 -6.46 -29.64 0.40
C ASN I 39 -5.50 -30.83 0.35
N VAL I 40 -4.40 -30.73 1.09
CA VAL I 40 -3.40 -31.82 1.18
C VAL I 40 -4.01 -33.07 1.85
N ALA I 41 -4.73 -32.86 2.94
CA ALA I 41 -5.39 -33.96 3.66
C ALA I 41 -6.43 -34.69 2.78
N ASN I 42 -7.27 -33.92 2.10
CA ASN I 42 -8.29 -34.50 1.19
C ASN I 42 -7.66 -35.37 0.11
N SER I 43 -6.53 -34.90 -0.44
CA SER I 43 -5.79 -35.63 -1.47
C SER I 43 -5.21 -36.93 -0.95
N ILE I 44 -4.48 -36.85 0.17
CA ILE I 44 -3.84 -38.02 0.79
C ILE I 44 -4.86 -39.06 1.26
N VAL I 45 -5.94 -38.59 1.87
CA VAL I 45 -7.04 -39.46 2.31
C VAL I 45 -7.65 -40.22 1.11
N SER I 46 -7.82 -39.52 -0.01
CA SER I 46 -8.38 -40.11 -1.24
C SER I 46 -7.43 -41.14 -1.87
N GLN I 47 -6.13 -40.84 -1.83
CA GLN I 47 -5.09 -41.78 -2.29
C GLN I 47 -5.06 -43.05 -1.44
N LEU I 48 -5.16 -42.89 -0.12
CA LEU I 48 -5.23 -44.04 0.80
C LEU I 48 -6.46 -44.92 0.52
N LEU I 49 -7.61 -44.28 0.35
CA LEU I 49 -8.86 -44.98 -0.01
C LEU I 49 -8.77 -45.69 -1.36
N PHE I 50 -8.11 -45.04 -2.32
CA PHE I 50 -7.91 -45.63 -3.65
C PHE I 50 -6.98 -46.84 -3.62
N LEU I 51 -5.84 -46.70 -2.93
CA LEU I 51 -4.83 -47.77 -2.88
C LEU I 51 -5.32 -49.03 -2.14
N GLN I 52 -6.02 -48.85 -1.03
CA GLN I 52 -6.61 -49.99 -0.29
C GLN I 52 -7.71 -50.70 -1.10
N ALA I 53 -8.44 -49.95 -1.93
CA ALA I 53 -9.42 -50.53 -2.86
C ALA I 53 -8.75 -51.37 -3.97
N GLN I 54 -7.57 -50.95 -4.41
CA GLN I 54 -6.77 -51.73 -5.37
C GLN I 54 -6.23 -53.02 -4.75
N ASP I 55 -5.69 -52.90 -3.53
CA ASP I 55 -5.16 -54.05 -2.81
C ASP I 55 -5.14 -53.78 -1.30
N SER I 56 -5.82 -54.63 -0.53
CA SER I 56 -5.91 -54.49 0.92
C SER I 56 -4.71 -55.06 1.68
N GLU I 57 -3.89 -55.89 1.02
CA GLU I 57 -2.76 -56.57 1.65
C GLU I 57 -1.42 -55.88 1.44
N LYS I 58 -1.17 -55.36 0.23
CA LYS I 58 0.12 -54.75 -0.12
C LYS I 58 0.37 -53.45 0.65
N ASP I 59 1.61 -53.25 1.11
CA ASP I 59 1.97 -52.05 1.88
C ASP I 59 1.83 -50.76 1.06
N ILE I 60 1.53 -49.67 1.79
CA ILE I 60 1.52 -48.32 1.24
C ILE I 60 2.70 -47.59 1.86
N TYR I 61 3.27 -46.64 1.12
CA TYR I 61 4.46 -45.90 1.55
C TYR I 61 4.17 -44.40 1.57
N LEU I 62 4.14 -43.82 2.77
CA LEU I 62 3.91 -42.39 2.94
C LEU I 62 5.24 -41.67 3.10
N TYR I 63 5.61 -40.92 2.05
CA TYR I 63 6.77 -40.04 2.07
C TYR I 63 6.41 -38.79 2.86
N ILE I 64 7.27 -38.39 3.81
CA ILE I 64 7.01 -37.23 4.66
C ILE I 64 8.19 -36.23 4.59
N ASN I 65 7.94 -35.10 3.93
CA ASN I 65 8.81 -33.93 3.97
C ASN I 65 7.92 -32.71 4.22
N SER I 66 7.54 -32.52 5.48
CA SER I 66 6.50 -31.56 5.84
C SER I 66 6.81 -30.81 7.14
N PRO I 67 6.55 -29.48 7.17
CA PRO I 67 6.62 -28.73 8.43
C PRO I 67 5.37 -28.85 9.31
N GLY I 68 4.40 -29.68 8.92
CA GLY I 68 3.14 -29.82 9.64
C GLY I 68 2.12 -28.81 9.15
N GLY I 69 1.17 -28.48 10.02
CA GLY I 69 0.13 -27.51 9.69
C GLY I 69 -1.12 -27.74 10.51
N SER I 70 -2.27 -27.84 9.84
CA SER I 70 -3.56 -28.02 10.52
C SER I 70 -3.62 -29.37 11.28
N VAL I 71 -4.06 -29.30 12.53
CA VAL I 71 -4.17 -30.49 13.38
C VAL I 71 -5.33 -31.37 12.90
N THR I 72 -6.47 -30.74 12.57
CA THR I 72 -7.64 -31.46 12.07
C THR I 72 -7.35 -32.15 10.74
N ALA I 73 -6.71 -31.43 9.82
CA ALA I 73 -6.27 -32.00 8.53
C ALA I 73 -5.27 -33.13 8.73
N GLY I 74 -4.38 -32.99 9.71
CA GLY I 74 -3.48 -34.07 10.12
C GLY I 74 -4.22 -35.29 10.63
N PHE I 75 -5.23 -35.06 11.48
CA PHE I 75 -6.07 -36.15 12.01
C PHE I 75 -6.93 -36.83 10.95
N ALA I 76 -7.29 -36.11 9.88
CA ALA I 76 -7.93 -36.71 8.71
C ALA I 76 -7.06 -37.81 8.11
N ILE I 77 -5.78 -37.50 7.94
CA ILE I 77 -4.80 -38.45 7.41
C ILE I 77 -4.55 -39.58 8.42
N TYR I 78 -4.35 -39.19 9.69
CA TYR I 78 -4.13 -40.16 10.78
C TYR I 78 -5.23 -41.23 10.85
N ASP I 79 -6.48 -40.78 10.95
CA ASP I 79 -7.62 -41.69 11.08
C ASP I 79 -7.79 -42.62 9.89
N THR I 80 -7.52 -42.10 8.69
CA THR I 80 -7.61 -42.90 7.47
C THR I 80 -6.51 -43.97 7.43
N ILE I 81 -5.31 -43.62 7.90
CA ILE I 81 -4.22 -44.60 8.02
C ILE I 81 -4.66 -45.77 8.92
N GLN I 82 -5.21 -45.46 10.10
CA GLN I 82 -5.60 -46.50 11.05
C GLN I 82 -6.83 -47.30 10.60
N HIS I 83 -7.75 -46.64 9.88
CA HIS I 83 -8.97 -47.31 9.41
C HIS I 83 -8.72 -48.40 8.36
N ILE I 84 -7.85 -48.11 7.39
CA ILE I 84 -7.59 -49.05 6.28
C ILE I 84 -6.77 -50.26 6.71
N LYS I 85 -6.96 -51.37 6.00
CA LYS I 85 -6.30 -52.64 6.32
C LYS I 85 -4.78 -52.67 6.03
N PRO I 86 -4.34 -52.14 4.87
CA PRO I 86 -2.90 -52.22 4.55
C PRO I 86 -2.01 -51.44 5.53
N ASP I 87 -0.80 -51.94 5.75
CA ASP I 87 0.21 -51.21 6.52
C ASP I 87 0.66 -49.98 5.73
N VAL I 88 0.62 -48.82 6.37
CA VAL I 88 1.15 -47.59 5.82
C VAL I 88 2.54 -47.37 6.43
N GLN I 89 3.58 -47.58 5.62
CA GLN I 89 4.94 -47.25 6.03
C GLN I 89 5.09 -45.74 6.01
N THR I 90 5.95 -45.22 6.89
CA THR I 90 6.29 -43.81 6.91
C THR I 90 7.80 -43.65 6.81
N ILE I 91 8.24 -42.71 5.99
CA ILE I 91 9.67 -42.42 5.83
C ILE I 91 9.88 -40.90 5.83
N CYS I 92 10.66 -40.41 6.79
CA CYS I 92 10.98 -39.00 6.87
C CYS I 92 12.22 -38.73 6.03
N ILE I 93 12.06 -37.88 5.03
CA ILE I 93 13.15 -37.44 4.16
C ILE I 93 13.12 -35.91 4.16
N GLY I 94 14.25 -35.30 4.48
CA GLY I 94 14.34 -33.85 4.65
C GLY I 94 13.96 -33.45 6.06
N MET I 95 12.67 -33.21 6.29
CA MET I 95 12.18 -32.89 7.64
C MET I 95 10.74 -33.31 7.90
N ALA I 96 10.46 -33.66 9.15
CA ALA I 96 9.10 -33.87 9.65
C ALA I 96 8.98 -33.04 10.93
N ALA I 97 8.16 -31.98 10.87
CA ALA I 97 7.96 -31.10 12.03
C ALA I 97 6.48 -31.07 12.41
N SER I 98 6.23 -30.92 13.71
CA SER I 98 4.88 -30.71 14.25
C SER I 98 3.93 -31.85 13.86
N MET I 99 2.81 -31.56 13.19
CA MET I 99 1.87 -32.60 12.77
C MET I 99 2.48 -33.56 11.73
N GLY I 100 3.52 -33.13 11.02
CA GLY I 100 4.30 -34.00 10.13
C GLY I 100 5.02 -35.12 10.88
N SER I 101 5.61 -34.80 12.03
CA SER I 101 6.28 -35.79 12.87
C SER I 101 5.28 -36.67 13.63
N PHE I 102 4.09 -36.14 13.90
CA PHE I 102 2.99 -36.92 14.47
C PHE I 102 2.57 -38.04 13.51
N LEU I 103 2.43 -37.69 12.23
CA LEU I 103 2.10 -38.67 11.18
C LEU I 103 3.24 -39.64 10.89
N LEU I 104 4.48 -39.19 11.02
CA LEU I 104 5.65 -40.07 10.97
C LEU I 104 5.57 -41.17 12.03
N ALA I 105 5.23 -40.77 13.26
CA ALA I 105 5.04 -41.71 14.37
C ALA I 105 3.79 -42.60 14.23
N ALA I 106 2.83 -42.15 13.43
CA ALA I 106 1.58 -42.88 13.16
C ALA I 106 1.69 -44.04 12.14
N GLY I 107 2.86 -44.26 11.56
CA GLY I 107 3.06 -45.35 10.60
C GLY I 107 2.96 -46.73 11.22
N ALA I 108 2.88 -47.75 10.37
CA ALA I 108 2.75 -49.15 10.83
C ALA I 108 3.90 -49.55 11.73
N LYS I 109 3.58 -50.29 12.79
CA LYS I 109 4.56 -50.70 13.81
C LYS I 109 5.68 -51.53 13.18
N GLY I 110 6.91 -51.05 13.34
CA GLY I 110 8.10 -51.65 12.71
C GLY I 110 8.45 -51.10 11.33
N LYS I 111 7.61 -50.23 10.77
CA LYS I 111 7.80 -49.71 9.42
C LYS I 111 7.80 -48.18 9.36
N ARG I 112 8.33 -47.54 10.40
CA ARG I 112 8.51 -46.09 10.46
C ARG I 112 10.00 -45.82 10.33
N PHE I 113 10.38 -45.07 9.31
CA PHE I 113 11.79 -44.87 8.95
C PHE I 113 12.16 -43.40 8.84
N ALA I 114 13.47 -43.17 8.80
CA ALA I 114 14.02 -41.87 8.46
C ALA I 114 15.40 -42.07 7.84
N LEU I 115 15.75 -41.26 6.85
CA LEU I 115 17.10 -41.27 6.28
C LEU I 115 18.04 -40.54 7.25
N PRO I 116 19.35 -40.88 7.24
CA PRO I 116 20.27 -40.52 8.33
C PRO I 116 20.34 -39.04 8.75
N ASN I 117 20.22 -38.14 7.77
CA ASN I 117 20.31 -36.69 7.99
C ASN I 117 18.96 -35.97 8.02
N ALA I 118 17.86 -36.73 8.09
CA ALA I 118 16.52 -36.15 8.20
C ALA I 118 16.32 -35.53 9.58
N GLU I 119 15.54 -34.45 9.62
CA GLU I 119 15.30 -33.69 10.83
C GLU I 119 13.88 -33.98 11.33
N VAL I 120 13.74 -34.27 12.62
CA VAL I 120 12.43 -34.48 13.24
C VAL I 120 12.24 -33.45 14.34
N MET I 121 11.12 -32.73 14.31
CA MET I 121 10.80 -31.74 15.34
C MET I 121 9.43 -32.00 15.95
N ILE I 122 9.33 -31.85 17.27
CA ILE I 122 8.06 -31.97 17.99
C ILE I 122 7.87 -30.74 18.88
N HIS I 123 6.65 -30.23 18.93
CA HIS I 123 6.27 -29.16 19.85
C HIS I 123 4.76 -29.18 20.13
N GLN I 124 4.30 -28.28 20.99
CA GLN I 124 2.86 -28.19 21.30
C GLN I 124 2.11 -27.45 20.18
N PRO I 125 0.78 -27.69 20.07
CA PRO I 125 0.01 -27.02 19.00
C PRO I 125 -0.04 -25.51 19.14
N LEU I 126 -0.11 -24.83 17.99
CA LEU I 126 -0.15 -23.38 17.92
C LEU I 126 -1.54 -22.93 17.45
N GLY I 127 -1.99 -21.80 17.98
CA GLY I 127 -3.31 -21.27 17.63
C GLY I 127 -3.52 -19.84 18.10
N GLY I 128 -4.74 -19.35 17.91
CA GLY I 128 -5.11 -17.99 18.28
C GLY I 128 -6.55 -17.88 18.72
N ALA I 129 -6.84 -16.83 19.48
CA ALA I 129 -8.19 -16.56 19.97
C ALA I 129 -8.36 -15.07 20.23
N GLN I 130 -9.55 -14.54 19.96
CA GLN I 130 -9.82 -13.12 20.10
C GLN I 130 -11.31 -12.87 20.35
N GLY I 131 -11.61 -11.92 21.24
CA GLY I 131 -12.99 -11.55 21.58
C GLY I 131 -13.22 -11.53 23.08
N GLN I 132 -14.42 -11.94 23.49
CA GLN I 132 -14.84 -11.90 24.90
C GLN I 132 -14.11 -12.95 25.74
N ALA I 133 -14.09 -12.74 27.05
CA ALA I 133 -13.42 -13.64 27.99
C ALA I 133 -13.91 -15.09 27.89
N THR I 134 -15.23 -15.26 27.78
CA THR I 134 -15.84 -16.58 27.58
C THR I 134 -15.47 -17.23 26.24
N GLU I 135 -15.33 -16.41 25.20
CA GLU I 135 -14.85 -16.89 23.89
C GLU I 135 -13.39 -17.33 23.94
N ILE I 136 -12.56 -16.59 24.68
CA ILE I 136 -11.15 -16.95 24.89
C ILE I 136 -11.05 -18.25 25.71
N GLU I 137 -11.91 -18.38 26.72
CA GLU I 137 -11.99 -19.59 27.55
C GLU I 137 -12.29 -20.84 26.71
N ILE I 138 -13.29 -20.74 25.83
CA ILE I 138 -13.67 -21.83 24.91
C ILE I 138 -12.50 -22.24 24.01
N ALA I 139 -11.80 -21.25 23.47
CA ALA I 139 -10.62 -21.49 22.63
C ALA I 139 -9.48 -22.16 23.40
N ALA I 140 -9.28 -21.72 24.65
CA ALA I 140 -8.27 -22.30 25.53
C ALA I 140 -8.57 -23.75 25.91
N ASN I 141 -9.84 -24.03 26.26
CA ASN I 141 -10.27 -25.40 26.55
C ASN I 141 -10.11 -26.33 25.35
N HIS I 142 -10.39 -25.83 24.14
CA HIS I 142 -10.30 -26.62 22.92
C HIS I 142 -8.87 -27.03 22.57
N ILE I 143 -7.95 -26.06 22.53
CA ILE I 143 -6.55 -26.34 22.18
C ILE I 143 -5.82 -27.21 23.21
N LEU I 144 -6.19 -27.08 24.49
CA LEU I 144 -5.64 -27.93 25.55
C LEU I 144 -6.12 -29.38 25.43
N LYS I 145 -7.39 -29.58 25.08
CA LYS I 145 -7.91 -30.92 24.75
C LYS I 145 -7.22 -31.50 23.52
N THR I 146 -6.99 -30.67 22.51
CA THR I 146 -6.25 -31.08 21.31
C THR I 146 -4.82 -31.53 21.63
N ARG I 147 -4.16 -30.82 22.55
CA ARG I 147 -2.80 -31.19 22.97
C ARG I 147 -2.77 -32.54 23.72
N GLU I 148 -3.72 -32.73 24.64
CA GLU I 148 -3.82 -33.99 25.40
C GLU I 148 -4.10 -35.17 24.46
N LYS I 149 -5.02 -34.95 23.53
CA LYS I 149 -5.34 -35.88 22.44
C LYS I 149 -4.10 -36.28 21.65
N LEU I 150 -3.30 -35.29 21.26
CA LEU I 150 -2.05 -35.52 20.52
C LEU I 150 -0.99 -36.23 21.37
N ASN I 151 -0.76 -35.71 22.58
CA ASN I 151 0.26 -36.26 23.49
C ASN I 151 -0.01 -37.69 23.93
N ARG I 152 -1.29 -38.06 24.09
CA ARG I 152 -1.67 -39.42 24.48
C ARG I 152 -1.34 -40.43 23.38
N ILE I 153 -1.64 -40.08 22.12
CA ILE I 153 -1.31 -40.92 20.97
C ILE I 153 0.21 -41.07 20.81
N LEU I 154 0.95 -39.98 20.99
CA LEU I 154 2.42 -40.03 20.95
C LEU I 154 3.00 -40.96 22.01
N SER I 155 2.47 -40.88 23.23
CA SER I 155 2.86 -41.78 24.34
C SER I 155 2.67 -43.25 23.97
N GLU I 156 1.50 -43.56 23.41
CA GLU I 156 1.16 -44.91 22.98
C GLU I 156 2.06 -45.44 21.85
N ARG I 157 2.37 -44.57 20.88
CA ARG I 157 3.14 -44.96 19.70
C ARG I 157 4.66 -44.86 19.86
N THR I 158 5.13 -44.03 20.80
CA THR I 158 6.55 -43.96 21.14
C THR I 158 6.92 -44.88 22.32
N GLY I 159 5.95 -45.17 23.19
CA GLY I 159 6.20 -45.92 24.42
C GLY I 159 6.72 -45.09 25.58
N GLN I 160 6.78 -43.76 25.40
CA GLN I 160 7.20 -42.84 26.46
C GLN I 160 5.97 -42.48 27.29
N SER I 161 6.19 -42.09 28.54
CA SER I 161 5.09 -41.61 29.39
C SER I 161 4.57 -40.28 28.85
N ILE I 162 3.28 -40.02 29.07
CA ILE I 162 2.66 -38.75 28.67
C ILE I 162 3.28 -37.53 29.39
N GLU I 163 3.77 -37.74 30.61
CA GLU I 163 4.51 -36.71 31.35
C GLU I 163 5.77 -36.29 30.60
N LYS I 164 6.51 -37.28 30.10
CA LYS I 164 7.72 -37.02 29.29
C LYS I 164 7.39 -36.35 27.97
N ILE I 165 6.30 -36.76 27.31
CA ILE I 165 5.86 -36.15 26.05
C ILE I 165 5.48 -34.68 26.29
N GLN I 166 4.70 -34.43 27.34
CA GLN I 166 4.29 -33.07 27.74
C GLN I 166 5.51 -32.14 27.94
N LYS I 167 6.51 -32.62 28.67
CA LYS I 167 7.72 -31.85 28.96
C LYS I 167 8.60 -31.63 27.74
N ASP I 168 8.77 -32.69 26.93
CA ASP I 168 9.62 -32.63 25.73
C ASP I 168 8.99 -31.84 24.56
N THR I 169 7.67 -31.68 24.57
CA THR I 169 6.96 -30.90 23.55
C THR I 169 6.57 -29.48 24.01
N ASP I 170 7.00 -29.09 25.23
CA ASP I 170 6.74 -27.75 25.78
C ASP I 170 7.32 -26.64 24.89
N ARG I 171 8.54 -26.87 24.41
CA ARG I 171 9.22 -26.00 23.46
C ARG I 171 9.55 -26.78 22.19
N ASP I 172 10.09 -26.07 21.18
CA ASP I 172 10.60 -26.71 19.97
C ASP I 172 11.73 -27.67 20.33
N ASN I 173 11.60 -28.93 19.91
CA ASN I 173 12.53 -29.99 20.26
C ASN I 173 12.98 -30.70 18.98
N PHE I 174 14.13 -30.28 18.47
CA PHE I 174 14.70 -30.86 17.25
C PHE I 174 15.45 -32.14 17.57
N LEU I 175 15.26 -33.16 16.73
CA LEU I 175 15.84 -34.48 16.92
C LEU I 175 16.49 -34.97 15.62
N THR I 176 17.64 -35.61 15.76
CA THR I 176 18.28 -36.32 14.64
C THR I 176 17.50 -37.59 14.36
N ALA I 177 17.79 -38.23 13.23
CA ALA I 177 17.14 -39.50 12.87
C ALA I 177 17.40 -40.59 13.94
N GLU I 178 18.64 -40.68 14.42
CA GLU I 178 19.00 -41.63 15.47
C GLU I 178 18.28 -41.33 16.81
N GLU I 179 18.20 -40.05 17.16
CA GLU I 179 17.47 -39.63 18.36
C GLU I 179 15.97 -39.91 18.27
N ALA I 180 15.40 -39.74 17.07
CA ALA I 180 14.00 -40.10 16.82
C ALA I 180 13.74 -41.60 17.00
N LYS I 181 14.71 -42.43 16.58
CA LYS I 181 14.65 -43.88 16.79
C LYS I 181 14.70 -44.23 18.29
N GLU I 182 15.67 -43.64 18.99
CA GLU I 182 15.80 -43.83 20.45
C GLU I 182 14.56 -43.36 21.22
N TYR I 183 13.92 -42.29 20.73
CA TYR I 183 12.72 -41.74 21.36
C TYR I 183 11.46 -42.58 21.12
N GLY I 184 11.43 -43.33 20.01
CA GLY I 184 10.28 -44.15 19.63
C GLY I 184 9.41 -43.56 18.52
N LEU I 185 9.81 -42.42 17.97
CA LEU I 185 9.09 -41.79 16.85
C LEU I 185 9.25 -42.57 15.53
N ILE I 186 10.41 -43.21 15.35
CA ILE I 186 10.64 -44.13 14.24
C ILE I 186 11.24 -45.44 14.75
N ASP I 187 11.24 -46.44 13.88
CA ASP I 187 11.72 -47.78 14.21
C ASP I 187 13.16 -48.04 13.79
N GLU I 188 13.57 -47.50 12.65
CA GLU I 188 14.92 -47.68 12.12
C GLU I 188 15.40 -46.44 11.38
N VAL I 189 16.71 -46.20 11.42
CA VAL I 189 17.36 -45.23 10.55
C VAL I 189 17.77 -46.01 9.30
N MET I 190 17.14 -45.69 8.17
CA MET I 190 17.40 -46.39 6.91
C MET I 190 18.76 -45.97 6.35
N VAL I 191 19.76 -46.84 6.50
CA VAL I 191 21.14 -46.54 6.08
C VAL I 191 21.38 -46.92 4.62
N PRO I 192 22.33 -46.23 3.94
CA PRO I 192 22.57 -46.47 2.51
C PRO I 192 23.28 -47.79 2.19
N GLU I 193 23.01 -48.32 1.00
CA GLU I 193 23.62 -49.58 0.55
C GLU I 193 25.07 -49.37 0.13
N ILE J 4 -3.00 -32.39 -7.60
CA ILE J 4 -4.03 -33.47 -7.72
C ILE J 4 -3.48 -34.61 -8.57
N PRO J 5 -3.20 -35.78 -7.96
CA PRO J 5 -2.60 -36.88 -8.72
C PRO J 5 -3.60 -37.59 -9.65
N THR J 6 -3.05 -38.21 -10.70
CA THR J 6 -3.84 -38.95 -11.70
C THR J 6 -3.71 -40.45 -11.44
N VAL J 7 -4.77 -41.19 -11.72
CA VAL J 7 -4.80 -42.66 -11.55
C VAL J 7 -5.40 -43.35 -12.78
N ALA J 17 -7.87 -42.86 -17.85
CA ALA J 17 -7.22 -42.19 -16.73
C ALA J 17 -8.15 -41.17 -16.08
N TYR J 18 -8.01 -41.01 -14.75
CA TYR J 18 -8.85 -40.13 -13.96
C TYR J 18 -8.01 -39.33 -12.96
N ASP J 19 -8.39 -38.08 -12.71
CA ASP J 19 -7.92 -37.38 -11.52
C ASP J 19 -8.59 -38.04 -10.30
N ILE J 20 -7.90 -38.02 -9.16
CA ILE J 20 -8.31 -38.79 -7.97
C ILE J 20 -9.77 -38.57 -7.54
N TYR J 21 -10.23 -37.33 -7.60
CA TYR J 21 -11.59 -36.98 -7.14
C TYR J 21 -12.67 -37.41 -8.13
N SER J 22 -12.35 -37.37 -9.43
CA SER J 22 -13.22 -37.90 -10.48
C SER J 22 -13.33 -39.43 -10.41
N ARG J 23 -12.22 -40.11 -10.07
CA ARG J 23 -12.23 -41.56 -9.84
C ARG J 23 -13.11 -41.94 -8.64
N LEU J 24 -13.03 -41.15 -7.57
CA LEU J 24 -13.91 -41.33 -6.41
C LEU J 24 -15.39 -41.10 -6.78
N LEU J 25 -15.65 -40.11 -7.62
CA LEU J 25 -17.00 -39.83 -8.13
C LEU J 25 -17.58 -41.00 -8.96
N LYS J 26 -16.71 -41.78 -9.61
CA LYS J 26 -17.12 -42.99 -10.31
C LYS J 26 -17.74 -44.05 -9.37
N ASP J 27 -17.24 -44.10 -8.12
CA ASP J 27 -17.85 -44.96 -7.07
C ASP J 27 -18.81 -44.18 -6.14
N ARG J 28 -19.44 -43.14 -6.67
CA ARG J 28 -20.50 -42.38 -5.99
C ARG J 28 -20.04 -41.70 -4.68
N ILE J 29 -18.79 -41.25 -4.64
CA ILE J 29 -18.24 -40.49 -3.52
C ILE J 29 -18.11 -39.02 -3.91
N ILE J 30 -18.80 -38.14 -3.18
CA ILE J 30 -18.72 -36.69 -3.40
C ILE J 30 -17.89 -36.05 -2.29
N MET J 31 -16.99 -35.15 -2.68
CA MET J 31 -16.07 -34.49 -1.74
C MET J 31 -16.55 -33.08 -1.38
N LEU J 32 -16.95 -32.92 -0.12
CA LEU J 32 -17.13 -31.59 0.48
C LEU J 32 -15.93 -31.34 1.38
N GLY J 33 -14.82 -30.91 0.76
CA GLY J 33 -13.53 -30.78 1.44
C GLY J 33 -12.98 -29.37 1.50
N SER J 34 -13.86 -28.37 1.53
CA SER J 34 -13.46 -26.96 1.52
C SER J 34 -14.54 -26.08 2.15
N GLN J 35 -14.25 -24.79 2.24
CA GLN J 35 -15.22 -23.79 2.69
C GLN J 35 -16.40 -23.75 1.72
N ILE J 36 -17.60 -23.64 2.27
CA ILE J 36 -18.84 -23.73 1.48
C ILE J 36 -19.19 -22.36 0.92
N ASP J 37 -19.03 -22.21 -0.40
CA ASP J 37 -19.52 -21.05 -1.14
C ASP J 37 -20.46 -21.54 -2.23
N ASP J 38 -20.97 -20.63 -3.06
CA ASP J 38 -21.90 -21.00 -4.13
C ASP J 38 -21.28 -21.96 -5.16
N ASN J 39 -20.01 -21.78 -5.49
CA ASN J 39 -19.31 -22.66 -6.45
C ASN J 39 -19.23 -24.10 -5.96
N VAL J 40 -18.91 -24.28 -4.68
CA VAL J 40 -18.85 -25.62 -4.07
C VAL J 40 -20.26 -26.24 -4.02
N ALA J 41 -21.26 -25.43 -3.67
CA ALA J 41 -22.66 -25.87 -3.65
C ALA J 41 -23.15 -26.29 -5.03
N ASN J 42 -22.88 -25.47 -6.04
CA ASN J 42 -23.27 -25.77 -7.43
C ASN J 42 -22.66 -27.09 -7.93
N SER J 43 -21.39 -27.30 -7.60
CA SER J 43 -20.68 -28.54 -7.97
C SER J 43 -21.29 -29.77 -7.29
N ILE J 44 -21.47 -29.69 -5.97
CA ILE J 44 -21.99 -30.81 -5.19
C ILE J 44 -23.45 -31.12 -5.56
N VAL J 45 -24.26 -30.08 -5.75
CA VAL J 45 -25.65 -30.22 -6.22
C VAL J 45 -25.71 -30.92 -7.58
N SER J 46 -24.82 -30.53 -8.48
CA SER J 46 -24.72 -31.14 -9.82
C SER J 46 -24.25 -32.59 -9.79
N GLN J 47 -23.30 -32.89 -8.89
CA GLN J 47 -22.85 -34.28 -8.67
C GLN J 47 -23.97 -35.17 -8.12
N LEU J 48 -24.74 -34.64 -7.17
CA LEU J 48 -25.90 -35.36 -6.60
C LEU J 48 -26.94 -35.70 -7.68
N LEU J 49 -27.24 -34.72 -8.53
CA LEU J 49 -28.19 -34.90 -9.64
C LEU J 49 -27.66 -35.90 -10.67
N PHE J 50 -26.36 -35.81 -10.99
CA PHE J 50 -25.70 -36.74 -11.90
C PHE J 50 -25.72 -38.18 -11.39
N LEU J 51 -25.37 -38.37 -10.11
CA LEU J 51 -25.34 -39.70 -9.50
C LEU J 51 -26.74 -40.32 -9.36
N GLN J 52 -27.77 -39.51 -9.19
CA GLN J 52 -29.15 -40.00 -9.23
C GLN J 52 -29.52 -40.51 -10.63
N ALA J 53 -29.14 -39.75 -11.67
CA ALA J 53 -29.39 -40.13 -13.06
C ALA J 53 -28.68 -41.44 -13.43
N GLN J 54 -27.48 -41.64 -12.90
CA GLN J 54 -26.76 -42.91 -13.07
C GLN J 54 -27.44 -44.07 -12.35
N ASP J 55 -27.87 -43.84 -11.10
CA ASP J 55 -28.55 -44.88 -10.31
C ASP J 55 -29.36 -44.25 -9.17
N SER J 56 -30.68 -44.41 -9.23
CA SER J 56 -31.60 -43.83 -8.26
C SER J 56 -31.72 -44.62 -6.94
N GLU J 57 -31.16 -45.83 -6.89
CA GLU J 57 -31.26 -46.71 -5.71
C GLU J 57 -29.97 -46.85 -4.89
N LYS J 58 -28.80 -46.87 -5.55
CA LYS J 58 -27.52 -47.07 -4.87
C LYS J 58 -27.10 -45.84 -4.06
N ASP J 59 -26.49 -46.10 -2.89
CA ASP J 59 -26.08 -45.02 -1.98
C ASP J 59 -25.02 -44.08 -2.56
N ILE J 60 -25.09 -42.83 -2.13
CA ILE J 60 -24.07 -41.82 -2.40
C ILE J 60 -23.34 -41.58 -1.07
N TYR J 61 -22.04 -41.27 -1.16
CA TYR J 61 -21.20 -41.04 0.02
C TYR J 61 -20.64 -39.62 0.00
N LEU J 62 -21.08 -38.79 0.95
CA LEU J 62 -20.61 -37.41 1.06
C LEU J 62 -19.49 -37.31 2.09
N TYR J 63 -18.26 -37.12 1.60
CA TYR J 63 -17.10 -36.85 2.45
C TYR J 63 -17.19 -35.41 2.92
N ILE J 64 -17.04 -35.17 4.22
CA ILE J 64 -17.10 -33.83 4.80
C ILE J 64 -15.83 -33.49 5.59
N ASN J 65 -14.99 -32.62 5.02
CA ASN J 65 -13.88 -31.98 5.72
C ASN J 65 -13.97 -30.48 5.45
N SER J 66 -14.88 -29.80 6.17
CA SER J 66 -15.24 -28.42 5.86
C SER J 66 -15.43 -27.58 7.13
N PRO J 67 -15.00 -26.30 7.11
CA PRO J 67 -15.30 -25.37 8.20
C PRO J 67 -16.68 -24.68 8.11
N GLY J 68 -17.51 -25.08 7.14
CA GLY J 68 -18.79 -24.43 6.88
C GLY J 68 -18.62 -23.31 5.86
N GLY J 69 -19.50 -22.32 5.93
CA GLY J 69 -19.49 -21.18 5.01
C GLY J 69 -20.89 -20.61 4.81
N SER J 70 -21.22 -20.28 3.57
CA SER J 70 -22.53 -19.69 3.23
C SER J 70 -23.70 -20.61 3.61
N VAL J 71 -24.68 -20.05 4.31
CA VAL J 71 -25.84 -20.80 4.78
C VAL J 71 -26.75 -21.17 3.61
N THR J 72 -26.98 -20.22 2.70
CA THR J 72 -27.78 -20.47 1.48
C THR J 72 -27.12 -21.52 0.57
N ALA J 73 -25.79 -21.46 0.45
CA ALA J 73 -25.03 -22.47 -0.30
C ALA J 73 -25.14 -23.85 0.35
N GLY J 74 -25.07 -23.88 1.68
CA GLY J 74 -25.32 -25.10 2.45
C GLY J 74 -26.71 -25.66 2.24
N PHE J 75 -27.72 -24.78 2.23
CA PHE J 75 -29.11 -25.20 1.99
C PHE J 75 -29.38 -25.65 0.54
N ALA J 76 -28.57 -25.19 -0.41
CA ALA J 76 -28.58 -25.74 -1.77
C ALA J 76 -28.21 -27.23 -1.77
N ILE J 77 -27.19 -27.57 -0.98
CA ILE J 77 -26.75 -28.96 -0.81
C ILE J 77 -27.80 -29.75 -0.02
N TYR J 78 -28.31 -29.17 1.08
CA TYR J 78 -29.29 -29.82 1.94
C TYR J 78 -30.53 -30.27 1.17
N ASP J 79 -31.21 -29.33 0.53
CA ASP J 79 -32.43 -29.61 -0.23
C ASP J 79 -32.24 -30.65 -1.35
N THR J 80 -31.08 -30.59 -2.02
CA THR J 80 -30.77 -31.55 -3.08
C THR J 80 -30.57 -32.96 -2.52
N ILE J 81 -29.95 -33.07 -1.35
CA ILE J 81 -29.84 -34.37 -0.65
C ILE J 81 -31.24 -34.92 -0.34
N GLN J 82 -32.12 -34.07 0.19
CA GLN J 82 -33.49 -34.49 0.54
C GLN J 82 -34.33 -34.81 -0.70
N HIS J 83 -34.13 -34.05 -1.78
CA HIS J 83 -34.91 -34.22 -3.01
C HIS J 83 -34.66 -35.54 -3.72
N ILE J 84 -33.38 -35.92 -3.88
CA ILE J 84 -33.03 -37.13 -4.65
C ILE J 84 -33.44 -38.42 -3.93
N LYS J 85 -33.63 -39.48 -4.73
CA LYS J 85 -34.07 -40.78 -4.22
C LYS J 85 -33.00 -41.56 -3.42
N PRO J 86 -31.75 -41.60 -3.91
CA PRO J 86 -30.73 -42.37 -3.17
C PRO J 86 -30.42 -41.81 -1.79
N ASP J 87 -30.13 -42.71 -0.84
CA ASP J 87 -29.61 -42.31 0.47
C ASP J 87 -28.23 -41.67 0.28
N VAL J 88 -28.02 -40.55 0.95
CA VAL J 88 -26.73 -39.86 0.96
C VAL J 88 -26.08 -40.08 2.32
N GLN J 89 -25.10 -40.97 2.35
CA GLN J 89 -24.29 -41.19 3.56
C GLN J 89 -23.38 -39.99 3.76
N THR J 90 -23.16 -39.62 5.02
CA THR J 90 -22.22 -38.56 5.37
C THR J 90 -21.16 -39.13 6.29
N ILE J 91 -19.91 -38.72 6.07
CA ILE J 91 -18.79 -39.11 6.93
C ILE J 91 -17.89 -37.90 7.19
N CYS J 92 -17.72 -37.58 8.48
CA CYS J 92 -16.82 -36.51 8.88
C CYS J 92 -15.41 -37.07 9.06
N ILE J 93 -14.48 -36.55 8.27
CA ILE J 93 -13.07 -36.89 8.38
C ILE J 93 -12.31 -35.57 8.48
N GLY J 94 -11.52 -35.43 9.54
CA GLY J 94 -10.81 -34.18 9.83
C GLY J 94 -11.66 -33.27 10.70
N MET J 95 -12.52 -32.48 10.07
CA MET J 95 -13.44 -31.61 10.81
C MET J 95 -14.68 -31.21 10.01
N ALA J 96 -15.78 -31.04 10.70
CA ALA J 96 -16.96 -30.44 10.14
C ALA J 96 -17.37 -29.33 11.10
N ALA J 97 -17.53 -28.11 10.64
CA ALA J 97 -17.94 -27.01 11.51
C ALA J 97 -19.03 -26.20 10.86
N SER J 98 -19.92 -25.66 11.67
CA SER J 98 -21.02 -24.81 11.21
C SER J 98 -21.91 -25.50 10.21
N MET J 99 -22.04 -24.92 9.04
CA MET J 99 -22.85 -25.50 8.00
C MET J 99 -22.33 -26.91 7.63
N GLY J 100 -21.04 -27.15 7.77
CA GLY J 100 -20.48 -28.48 7.54
C GLY J 100 -21.04 -29.52 8.52
N SER J 101 -21.20 -29.12 9.78
CA SER J 101 -21.83 -29.97 10.81
C SER J 101 -23.34 -30.14 10.58
N PHE J 102 -23.98 -29.10 10.05
CA PHE J 102 -25.40 -29.16 9.68
C PHE J 102 -25.64 -30.19 8.58
N LEU J 103 -24.81 -30.13 7.53
CA LEU J 103 -24.88 -31.09 6.42
C LEU J 103 -24.44 -32.50 6.83
N LEU J 104 -23.50 -32.60 7.77
CA LEU J 104 -23.17 -33.89 8.38
C LEU J 104 -24.40 -34.53 9.03
N ALA J 105 -25.16 -33.73 9.77
CA ALA J 105 -26.41 -34.17 10.41
C ALA J 105 -27.54 -34.44 9.42
N ALA J 106 -27.47 -33.85 8.23
CA ALA J 106 -28.47 -34.04 7.16
C ALA J 106 -28.36 -35.36 6.39
N GLY J 107 -27.34 -36.16 6.65
CA GLY J 107 -27.17 -37.46 5.98
C GLY J 107 -28.29 -38.45 6.28
N ALA J 108 -28.33 -39.53 5.50
CA ALA J 108 -29.37 -40.56 5.63
C ALA J 108 -29.43 -41.12 7.04
N LYS J 109 -30.64 -41.28 7.58
CA LYS J 109 -30.85 -41.78 8.94
C LYS J 109 -30.19 -43.15 9.10
N GLY J 110 -29.34 -43.27 10.12
CA GLY J 110 -28.55 -44.48 10.36
C GLY J 110 -27.26 -44.60 9.57
N LYS J 111 -26.96 -43.62 8.72
CA LYS J 111 -25.76 -43.65 7.86
C LYS J 111 -24.96 -42.34 7.92
N ARG J 112 -24.93 -41.73 9.10
CA ARG J 112 -24.12 -40.54 9.36
C ARG J 112 -22.95 -40.97 10.24
N PHE J 113 -21.73 -40.74 9.76
CA PHE J 113 -20.52 -41.30 10.38
C PHE J 113 -19.49 -40.23 10.72
N ALA J 114 -18.51 -40.64 11.52
CA ALA J 114 -17.29 -39.87 11.74
C ALA J 114 -16.18 -40.79 12.21
N LEU J 115 -14.95 -40.54 11.77
CA LEU J 115 -13.78 -41.28 12.27
C LEU J 115 -13.44 -40.77 13.68
N PRO J 116 -12.73 -41.58 14.49
CA PRO J 116 -12.61 -41.33 15.95
C PRO J 116 -12.10 -39.95 16.36
N ASN J 117 -11.06 -39.46 15.69
CA ASN J 117 -10.44 -38.16 16.01
C ASN J 117 -11.00 -36.97 15.20
N ALA J 118 -12.04 -37.20 14.41
CA ALA J 118 -12.71 -36.13 13.67
C ALA J 118 -13.41 -35.16 14.63
N GLU J 119 -13.40 -33.88 14.27
CA GLU J 119 -13.91 -32.80 15.11
C GLU J 119 -15.23 -32.28 14.55
N VAL J 120 -16.22 -32.10 15.44
CA VAL J 120 -17.52 -31.55 15.07
C VAL J 120 -17.78 -30.29 15.89
N MET J 121 -18.01 -29.16 15.22
CA MET J 121 -18.31 -27.90 15.89
C MET J 121 -19.67 -27.37 15.45
N ILE J 122 -20.46 -26.91 16.41
CA ILE J 122 -21.74 -26.25 16.15
C ILE J 122 -21.75 -24.88 16.81
N HIS J 123 -22.29 -23.89 16.12
CA HIS J 123 -22.49 -22.54 16.67
C HIS J 123 -23.52 -21.77 15.83
N GLN J 124 -24.01 -20.66 16.37
CA GLN J 124 -25.02 -19.84 15.68
C GLN J 124 -24.42 -19.14 14.45
N PRO J 125 -25.27 -18.81 13.45
CA PRO J 125 -24.75 -18.21 12.21
C PRO J 125 -24.18 -16.81 12.39
N LEU J 126 -23.10 -16.52 11.65
CA LEU J 126 -22.43 -15.22 11.67
C LEU J 126 -22.90 -14.36 10.51
N GLY J 127 -22.92 -13.05 10.72
CA GLY J 127 -23.36 -12.11 9.68
C GLY J 127 -22.89 -10.69 9.92
N GLY J 128 -23.40 -9.77 9.10
CA GLY J 128 -23.04 -8.37 9.17
C GLY J 128 -24.10 -7.46 8.58
N ALA J 129 -24.16 -6.23 9.08
CA ALA J 129 -25.13 -5.25 8.63
C ALA J 129 -24.59 -3.84 8.86
N GLN J 130 -24.72 -2.98 7.85
CA GLN J 130 -24.27 -1.60 7.93
C GLN J 130 -25.25 -0.69 7.19
N GLY J 131 -25.51 0.49 7.74
CA GLY J 131 -26.38 1.49 7.12
C GLY J 131 -27.43 2.04 8.08
N GLN J 132 -28.63 2.30 7.54
CA GLN J 132 -29.74 2.86 8.30
C GLN J 132 -30.33 1.87 9.30
N ALA J 133 -31.03 2.40 10.30
CA ALA J 133 -31.63 1.59 11.37
C ALA J 133 -32.65 0.56 10.87
N THR J 134 -33.47 0.97 9.90
CA THR J 134 -34.43 0.06 9.25
C THR J 134 -33.74 -1.04 8.44
N GLU J 135 -32.59 -0.71 7.83
CA GLU J 135 -31.77 -1.70 7.11
C GLU J 135 -31.11 -2.70 8.07
N ILE J 136 -30.66 -2.21 9.23
CA ILE J 136 -30.10 -3.08 10.28
C ILE J 136 -31.19 -4.01 10.87
N GLU J 137 -32.41 -3.49 11.00
CA GLU J 137 -33.56 -4.28 11.46
C GLU J 137 -33.89 -5.44 10.51
N ILE J 138 -33.92 -5.13 9.22
CA ILE J 138 -34.19 -6.11 8.16
C ILE J 138 -33.12 -7.21 8.13
N ALA J 139 -31.85 -6.81 8.24
CA ALA J 139 -30.74 -7.76 8.31
C ALA J 139 -30.80 -8.61 9.58
N ALA J 140 -31.18 -7.99 10.70
CA ALA J 140 -31.30 -8.69 11.99
C ALA J 140 -32.45 -9.70 12.01
N ASN J 141 -33.61 -9.32 11.47
CA ASN J 141 -34.74 -10.23 11.34
C ASN J 141 -34.41 -11.43 10.44
N HIS J 142 -33.67 -11.16 9.35
CA HIS J 142 -33.28 -12.20 8.40
C HIS J 142 -32.37 -13.27 9.00
N ILE J 143 -31.31 -12.86 9.69
CA ILE J 143 -30.38 -13.80 10.32
C ILE J 143 -31.00 -14.56 11.51
N LEU J 144 -31.91 -13.90 12.23
CA LEU J 144 -32.67 -14.55 13.30
C LEU J 144 -33.61 -15.64 12.77
N LYS J 145 -34.35 -15.32 11.71
CA LYS J 145 -35.16 -16.32 10.99
C LYS J 145 -34.31 -17.48 10.46
N THR J 146 -33.12 -17.16 9.94
CA THR J 146 -32.19 -18.16 9.44
C THR J 146 -31.71 -19.09 10.56
N ARG J 147 -31.50 -18.56 11.76
CA ARG J 147 -31.15 -19.40 12.92
C ARG J 147 -32.29 -20.32 13.35
N GLU J 148 -33.52 -19.78 13.39
CA GLU J 148 -34.72 -20.56 13.71
C GLU J 148 -34.91 -21.71 12.72
N LYS J 149 -34.74 -21.40 11.44
CA LYS J 149 -34.77 -22.36 10.33
C LYS J 149 -33.73 -23.49 10.53
N LEU J 150 -32.50 -23.10 10.88
CA LEU J 150 -31.42 -24.07 11.13
C LEU J 150 -31.66 -24.91 12.39
N ASN J 151 -32.07 -24.26 13.47
CA ASN J 151 -32.32 -24.94 14.76
C ASN J 151 -33.51 -25.91 14.70
N ARG J 152 -34.54 -25.54 13.96
CA ARG J 152 -35.73 -26.39 13.77
C ARG J 152 -35.38 -27.68 13.01
N ILE J 153 -34.58 -27.55 11.95
CA ILE J 153 -34.13 -28.71 11.18
C ILE J 153 -33.14 -29.56 11.97
N LEU J 154 -32.21 -28.91 12.68
CA LEU J 154 -31.23 -29.62 13.52
C LEU J 154 -31.90 -30.37 14.68
N SER J 155 -33.02 -29.82 15.18
CA SER J 155 -33.85 -30.49 16.19
C SER J 155 -34.49 -31.79 15.66
N GLU J 156 -35.03 -31.71 14.45
CA GLU J 156 -35.68 -32.87 13.80
C GLU J 156 -34.73 -34.05 13.56
N ARG J 157 -33.46 -33.76 13.25
CA ARG J 157 -32.49 -34.78 12.85
C ARG J 157 -31.63 -35.31 13.99
N THR J 158 -31.37 -34.48 15.01
CA THR J 158 -30.67 -34.92 16.21
C THR J 158 -31.59 -35.60 17.23
N GLY J 159 -32.84 -35.16 17.29
CA GLY J 159 -33.78 -35.57 18.33
C GLY J 159 -33.76 -34.68 19.57
N GLN J 160 -32.92 -33.65 19.56
CA GLN J 160 -32.82 -32.70 20.67
C GLN J 160 -33.90 -31.64 20.52
N SER J 161 -34.28 -31.01 21.62
CA SER J 161 -35.27 -29.94 21.59
C SER J 161 -34.69 -28.67 20.96
N ILE J 162 -35.56 -27.80 20.47
CA ILE J 162 -35.17 -26.51 19.89
C ILE J 162 -34.52 -25.62 20.96
N GLU J 163 -35.01 -25.72 22.20
CA GLU J 163 -34.48 -24.95 23.33
C GLU J 163 -33.03 -25.35 23.65
N LYS J 164 -32.75 -26.65 23.64
CA LYS J 164 -31.40 -27.17 23.90
C LYS J 164 -30.41 -26.80 22.80
N ILE J 165 -30.86 -26.89 21.54
CA ILE J 165 -30.03 -26.49 20.39
C ILE J 165 -29.74 -24.99 20.40
N GLN J 166 -30.74 -24.18 20.73
CA GLN J 166 -30.55 -22.74 20.94
C GLN J 166 -29.49 -22.45 22.02
N LYS J 167 -29.57 -23.20 23.12
CA LYS J 167 -28.60 -23.07 24.22
C LYS J 167 -27.19 -23.51 23.82
N ASP J 168 -27.09 -24.69 23.21
CA ASP J 168 -25.78 -25.28 22.88
C ASP J 168 -25.07 -24.65 21.67
N THR J 169 -25.81 -23.89 20.85
CA THR J 169 -25.23 -23.18 19.69
C THR J 169 -25.02 -21.67 19.94
N ASP J 170 -25.26 -21.21 21.17
CA ASP J 170 -25.06 -19.79 21.53
C ASP J 170 -23.59 -19.37 21.39
N ARG J 171 -22.68 -20.26 21.79
CA ARG J 171 -21.24 -20.07 21.63
C ARG J 171 -20.67 -21.24 20.83
N ASP J 172 -19.38 -21.15 20.50
CA ASP J 172 -18.64 -22.27 19.87
C ASP J 172 -18.69 -23.49 20.79
N ASN J 173 -19.09 -24.62 20.23
CA ASN J 173 -19.27 -25.87 20.98
C ASN J 173 -18.56 -27.01 20.24
N PHE J 174 -17.32 -27.30 20.65
CA PHE J 174 -16.51 -28.35 20.03
C PHE J 174 -16.85 -29.72 20.60
N LEU J 175 -17.24 -30.64 19.72
CA LEU J 175 -17.59 -32.00 20.09
C LEU J 175 -16.63 -32.99 19.45
N THR J 176 -16.29 -34.05 20.19
CA THR J 176 -15.57 -35.19 19.63
C THR J 176 -16.56 -36.02 18.80
N ALA J 177 -16.05 -37.04 18.11
CA ALA J 177 -16.89 -37.94 17.33
C ALA J 177 -17.92 -38.67 18.20
N GLU J 178 -17.48 -39.16 19.36
CA GLU J 178 -18.35 -39.85 20.32
C GLU J 178 -19.40 -38.93 20.92
N GLU J 179 -19.01 -37.70 21.24
CA GLU J 179 -19.95 -36.69 21.74
C GLU J 179 -20.97 -36.27 20.67
N ALA J 180 -20.52 -36.19 19.42
CA ALA J 180 -21.41 -35.92 18.28
C ALA J 180 -22.43 -37.04 18.07
N LYS J 181 -21.99 -38.29 18.25
CA LYS J 181 -22.88 -39.45 18.24
C LYS J 181 -23.91 -39.39 19.36
N GLU J 182 -23.44 -39.05 20.56
CA GLU J 182 -24.33 -38.89 21.72
C GLU J 182 -25.33 -37.75 21.52
N TYR J 183 -24.90 -36.68 20.87
CA TYR J 183 -25.76 -35.51 20.60
C TYR J 183 -26.84 -35.79 19.54
N GLY J 184 -26.58 -36.72 18.62
CA GLY J 184 -27.48 -37.03 17.52
C GLY J 184 -27.08 -36.46 16.17
N LEU J 185 -25.90 -35.83 16.10
CA LEU J 185 -25.37 -35.29 14.84
C LEU J 185 -24.86 -36.40 13.91
N ILE J 186 -24.39 -37.50 14.50
CA ILE J 186 -24.07 -38.72 13.74
C ILE J 186 -24.66 -39.95 14.42
N ASP J 187 -24.63 -41.07 13.71
CA ASP J 187 -25.19 -42.34 14.19
C ASP J 187 -24.14 -43.30 14.74
N GLU J 188 -22.95 -43.32 14.12
CA GLU J 188 -21.89 -44.25 14.51
C GLU J 188 -20.50 -43.65 14.34
N VAL J 189 -19.59 -44.02 15.23
CA VAL J 189 -18.17 -43.71 15.09
C VAL J 189 -17.51 -44.91 14.42
N MET J 190 -17.00 -44.71 13.20
CA MET J 190 -16.32 -45.78 12.46
C MET J 190 -15.00 -46.16 13.12
N VAL J 191 -14.97 -47.34 13.73
CA VAL J 191 -13.75 -47.86 14.37
C VAL J 191 -12.88 -48.62 13.36
N PRO J 192 -11.54 -48.60 13.56
CA PRO J 192 -10.63 -49.28 12.62
C PRO J 192 -10.67 -50.80 12.76
N LEU K 3 -12.04 -27.06 -7.92
CA LEU K 3 -11.86 -27.92 -9.13
C LEU K 3 -13.21 -28.48 -9.62
N ILE K 4 -13.47 -28.34 -10.91
CA ILE K 4 -14.71 -28.84 -11.52
C ILE K 4 -14.49 -30.34 -11.84
N PRO K 5 -15.28 -31.23 -11.22
CA PRO K 5 -15.03 -32.67 -11.38
C PRO K 5 -15.43 -33.22 -12.76
N THR K 6 -14.67 -34.20 -13.23
CA THR K 6 -14.92 -34.87 -14.51
C THR K 6 -15.83 -36.07 -14.28
N VAL K 7 -16.61 -36.43 -15.30
CA VAL K 7 -17.46 -37.63 -15.27
C VAL K 7 -17.19 -38.51 -16.50
N ILE K 8 -17.27 -39.84 -16.30
CA ILE K 8 -16.94 -40.80 -17.35
C ILE K 8 -18.05 -40.91 -18.39
N ARG K 16 -17.28 -40.73 -23.31
CA ARG K 16 -16.60 -39.44 -23.36
C ARG K 16 -16.39 -38.86 -21.96
N ALA K 17 -15.37 -38.01 -21.83
CA ALA K 17 -15.03 -37.35 -20.57
C ALA K 17 -15.59 -35.93 -20.54
N TYR K 18 -16.61 -35.71 -19.70
CA TYR K 18 -17.28 -34.40 -19.58
C TYR K 18 -16.93 -33.77 -18.24
N ASP K 19 -16.81 -32.43 -18.22
CA ASP K 19 -16.90 -31.69 -16.95
C ASP K 19 -18.37 -31.71 -16.53
N ILE K 20 -18.62 -31.63 -15.21
CA ILE K 20 -19.96 -31.85 -14.65
C ILE K 20 -21.05 -30.95 -15.25
N TYR K 21 -20.71 -29.68 -15.51
CA TYR K 21 -21.70 -28.70 -16.01
C TYR K 21 -22.03 -28.90 -17.49
N SER K 22 -21.04 -29.30 -18.28
CA SER K 22 -21.26 -29.67 -19.69
C SER K 22 -22.13 -30.92 -19.82
N ARG K 23 -21.95 -31.88 -18.91
CA ARG K 23 -22.81 -33.08 -18.84
C ARG K 23 -24.27 -32.70 -18.55
N LEU K 24 -24.47 -31.74 -17.65
CA LEU K 24 -25.82 -31.19 -17.39
C LEU K 24 -26.42 -30.48 -18.60
N LEU K 25 -25.59 -29.75 -19.34
CA LEU K 25 -26.02 -29.09 -20.58
C LEU K 25 -26.47 -30.07 -21.66
N LYS K 26 -25.89 -31.27 -21.68
CA LYS K 26 -26.30 -32.35 -22.59
C LYS K 26 -27.76 -32.79 -22.37
N ASP K 27 -28.24 -32.68 -21.12
CA ASP K 27 -29.67 -32.87 -20.80
C ASP K 27 -30.44 -31.54 -20.65
N ARG K 28 -30.02 -30.51 -21.38
CA ARG K 28 -30.71 -29.22 -21.49
C ARG K 28 -30.83 -28.44 -20.17
N ILE K 29 -29.86 -28.61 -19.27
CA ILE K 29 -29.82 -27.87 -18.00
C ILE K 29 -28.76 -26.77 -18.10
N ILE K 30 -29.17 -25.53 -17.86
CA ILE K 30 -28.26 -24.37 -17.85
C ILE K 30 -28.07 -23.90 -16.41
N MET K 31 -26.82 -23.62 -16.04
CA MET K 31 -26.47 -23.18 -14.69
C MET K 31 -26.32 -21.66 -14.62
N LEU K 32 -27.20 -21.01 -13.87
CA LEU K 32 -26.99 -19.64 -13.41
C LEU K 32 -26.60 -19.74 -11.94
N GLY K 33 -25.32 -20.03 -11.72
CA GLY K 33 -24.79 -20.32 -10.38
C GLY K 33 -23.81 -19.28 -9.83
N SER K 34 -23.87 -18.06 -10.35
CA SER K 34 -22.92 -17.01 -9.96
C SER K 34 -23.54 -15.62 -10.07
N GLN K 35 -22.78 -14.61 -9.68
CA GLN K 35 -23.15 -13.21 -9.88
C GLN K 35 -23.25 -12.94 -11.38
N ILE K 36 -24.27 -12.18 -11.77
CA ILE K 36 -24.58 -11.94 -13.18
C ILE K 36 -23.74 -10.77 -13.69
N ASP K 37 -22.76 -11.08 -14.52
CA ASP K 37 -22.05 -10.08 -15.33
C ASP K 37 -22.27 -10.38 -16.81
N ASP K 38 -21.63 -9.62 -17.69
CA ASP K 38 -21.78 -9.82 -19.14
C ASP K 38 -21.28 -11.20 -19.61
N ASN K 39 -20.19 -11.69 -19.03
CA ASN K 39 -19.65 -13.02 -19.37
C ASN K 39 -20.62 -14.16 -19.05
N VAL K 40 -21.26 -14.09 -17.89
CA VAL K 40 -22.28 -15.07 -17.50
C VAL K 40 -23.49 -14.99 -18.43
N ALA K 41 -23.94 -13.76 -18.73
CA ALA K 41 -25.07 -13.55 -19.65
C ALA K 41 -24.78 -14.07 -21.05
N ASN K 42 -23.59 -13.76 -21.58
CA ASN K 42 -23.19 -14.22 -22.93
C ASN K 42 -23.18 -15.75 -23.03
N SER K 43 -22.70 -16.41 -21.97
CA SER K 43 -22.67 -17.87 -21.91
C SER K 43 -24.09 -18.47 -21.86
N ILE K 44 -24.93 -17.95 -20.97
CA ILE K 44 -26.30 -18.45 -20.81
C ILE K 44 -27.16 -18.18 -22.05
N VAL K 45 -27.02 -16.98 -22.63
CA VAL K 45 -27.70 -16.63 -23.89
C VAL K 45 -27.26 -17.58 -25.01
N SER K 46 -25.96 -17.84 -25.10
CA SER K 46 -25.42 -18.78 -26.09
C SER K 46 -25.92 -20.22 -25.89
N GLN K 47 -25.99 -20.66 -24.63
CA GLN K 47 -26.56 -21.97 -24.28
C GLN K 47 -28.03 -22.08 -24.68
N LEU K 48 -28.81 -21.04 -24.40
CA LEU K 48 -30.23 -20.98 -24.79
C LEU K 48 -30.42 -21.07 -26.31
N LEU K 49 -29.60 -20.33 -27.05
CA LEU K 49 -29.63 -20.37 -28.52
C LEU K 49 -29.25 -21.76 -29.06
N PHE K 50 -28.25 -22.38 -28.43
CA PHE K 50 -27.80 -23.72 -28.83
C PHE K 50 -28.86 -24.79 -28.58
N LEU K 51 -29.46 -24.77 -27.40
CA LEU K 51 -30.48 -25.75 -27.04
C LEU K 51 -31.75 -25.63 -27.91
N GLN K 52 -32.12 -24.41 -28.28
CA GLN K 52 -33.20 -24.21 -29.28
C GLN K 52 -32.87 -24.85 -30.62
N ALA K 53 -31.62 -24.69 -31.07
CA ALA K 53 -31.18 -25.26 -32.35
C ALA K 53 -31.20 -26.79 -32.36
N GLN K 54 -30.80 -27.41 -31.25
CA GLN K 54 -30.88 -28.87 -31.10
C GLN K 54 -32.33 -29.38 -31.09
N ASP K 55 -33.19 -28.70 -30.35
CA ASP K 55 -34.61 -29.06 -30.26
C ASP K 55 -35.43 -27.85 -29.82
N SER K 56 -36.37 -27.42 -30.66
CA SER K 56 -37.25 -26.29 -30.37
C SER K 56 -38.48 -26.67 -29.52
N GLU K 57 -38.68 -27.97 -29.27
CA GLU K 57 -39.86 -28.47 -28.54
C GLU K 57 -39.57 -28.80 -27.08
N LYS K 58 -38.46 -29.48 -26.82
CA LYS K 58 -38.12 -29.96 -25.48
C LYS K 58 -37.81 -28.82 -24.51
N ASP K 59 -38.24 -28.98 -23.26
CA ASP K 59 -38.03 -27.96 -22.22
C ASP K 59 -36.55 -27.75 -21.90
N ILE K 60 -36.23 -26.54 -21.47
CA ILE K 60 -34.91 -26.18 -20.97
C ILE K 60 -35.06 -25.92 -19.47
N TYR K 61 -34.02 -26.26 -18.70
CA TYR K 61 -34.04 -26.14 -17.24
C TYR K 61 -32.96 -25.18 -16.75
N LEU K 62 -33.38 -24.01 -16.27
CA LEU K 62 -32.45 -22.99 -15.77
C LEU K 62 -32.32 -23.08 -14.25
N TYR K 63 -31.19 -23.60 -13.80
CA TYR K 63 -30.83 -23.64 -12.38
C TYR K 63 -30.41 -22.24 -11.93
N ILE K 64 -30.99 -21.75 -10.84
CA ILE K 64 -30.69 -20.42 -10.31
C ILE K 64 -30.19 -20.50 -8.86
N ASN K 65 -28.88 -20.30 -8.68
CA ASN K 65 -28.27 -20.05 -7.38
C ASN K 65 -27.38 -18.80 -7.54
N SER K 66 -27.99 -17.63 -7.43
CA SER K 66 -27.32 -16.37 -7.80
C SER K 66 -27.77 -15.18 -6.93
N PRO K 67 -26.82 -14.30 -6.55
CA PRO K 67 -27.17 -13.04 -5.88
C PRO K 67 -27.59 -11.90 -6.82
N GLY K 68 -27.73 -12.17 -8.12
CA GLY K 68 -28.08 -11.13 -9.09
C GLY K 68 -26.82 -10.49 -9.65
N GLY K 69 -26.91 -9.20 -9.98
CA GLY K 69 -25.80 -8.47 -10.58
C GLY K 69 -26.29 -7.45 -11.60
N SER K 70 -25.66 -7.41 -12.76
CA SER K 70 -25.96 -6.43 -13.80
C SER K 70 -27.40 -6.59 -14.34
N VAL K 71 -28.13 -5.46 -14.38
CA VAL K 71 -29.51 -5.45 -14.88
C VAL K 71 -29.56 -5.70 -16.38
N THR K 72 -28.66 -5.05 -17.14
CA THR K 72 -28.59 -5.24 -18.59
C THR K 72 -28.22 -6.68 -18.94
N ALA K 73 -27.26 -7.24 -18.21
CA ALA K 73 -26.86 -8.65 -18.37
C ALA K 73 -28.02 -9.60 -18.03
N GLY K 74 -28.81 -9.24 -17.03
CA GLY K 74 -30.05 -9.96 -16.70
C GLY K 74 -31.06 -9.91 -17.82
N PHE K 75 -31.25 -8.72 -18.40
CA PHE K 75 -32.18 -8.56 -19.54
C PHE K 75 -31.70 -9.22 -20.83
N ALA K 76 -30.39 -9.43 -20.97
CA ALA K 76 -29.84 -10.28 -22.03
C ALA K 76 -30.39 -11.71 -21.90
N ILE K 77 -30.33 -12.25 -20.69
CA ILE K 77 -30.88 -13.58 -20.39
C ILE K 77 -32.40 -13.56 -20.52
N TYR K 78 -33.06 -12.53 -19.97
CA TYR K 78 -34.53 -12.43 -19.97
C TYR K 78 -35.10 -12.48 -21.39
N ASP K 79 -34.62 -11.58 -22.25
CA ASP K 79 -35.10 -11.49 -23.63
C ASP K 79 -34.88 -12.75 -24.45
N THR K 80 -33.73 -13.41 -24.25
CA THR K 80 -33.43 -14.66 -24.95
C THR K 80 -34.38 -15.79 -24.54
N ILE K 81 -34.70 -15.88 -23.24
CA ILE K 81 -35.68 -16.84 -22.73
C ILE K 81 -37.04 -16.64 -23.41
N GLN K 82 -37.52 -15.40 -23.43
CA GLN K 82 -38.82 -15.09 -24.04
C GLN K 82 -38.82 -15.25 -25.56
N HIS K 83 -37.67 -14.97 -26.20
CA HIS K 83 -37.56 -15.06 -27.67
C HIS K 83 -37.66 -16.49 -28.21
N ILE K 84 -36.96 -17.42 -27.57
CA ILE K 84 -36.90 -18.81 -28.06
C ILE K 84 -38.23 -19.56 -27.88
N LYS K 85 -38.42 -20.59 -28.70
CA LYS K 85 -39.65 -21.40 -28.71
C LYS K 85 -39.84 -22.27 -27.47
N PRO K 86 -38.79 -23.02 -27.04
CA PRO K 86 -38.95 -23.92 -25.90
C PRO K 86 -39.28 -23.24 -24.57
N ASP K 87 -40.06 -23.91 -23.73
CA ASP K 87 -40.29 -23.46 -22.36
C ASP K 87 -38.99 -23.53 -21.58
N VAL K 88 -38.66 -22.46 -20.87
CA VAL K 88 -37.51 -22.44 -19.97
C VAL K 88 -38.04 -22.55 -18.54
N GLN K 89 -37.87 -23.72 -17.94
CA GLN K 89 -38.19 -23.92 -16.52
C GLN K 89 -37.13 -23.22 -15.70
N THR K 90 -37.53 -22.66 -14.56
CA THR K 90 -36.59 -22.07 -13.61
C THR K 90 -36.75 -22.75 -12.26
N ILE K 91 -35.62 -22.98 -11.58
CA ILE K 91 -35.63 -23.58 -10.25
C ILE K 91 -34.60 -22.88 -9.35
N CYS K 92 -35.09 -22.33 -8.24
CA CYS K 92 -34.24 -21.68 -7.25
C CYS K 92 -33.76 -22.70 -6.23
N ILE K 93 -32.44 -22.90 -6.19
CA ILE K 93 -31.80 -23.79 -5.23
C ILE K 93 -30.73 -22.97 -4.51
N GLY K 94 -30.84 -22.88 -3.19
CA GLY K 94 -29.95 -22.06 -2.38
C GLY K 94 -30.50 -20.66 -2.23
N MET K 95 -30.19 -19.78 -3.18
CA MET K 95 -30.76 -18.43 -3.19
C MET K 95 -30.91 -17.80 -4.57
N ALA K 96 -31.89 -16.95 -4.70
CA ALA K 96 -32.04 -16.16 -5.88
C ALA K 96 -32.27 -14.75 -5.33
N ALA K 97 -31.44 -13.80 -5.70
CA ALA K 97 -31.65 -12.43 -5.24
C ALA K 97 -31.56 -11.43 -6.38
N SER K 98 -32.31 -10.35 -6.24
CA SER K 98 -32.30 -9.26 -7.19
C SER K 98 -32.60 -9.73 -8.60
N MET K 99 -31.69 -9.49 -9.52
CA MET K 99 -31.87 -9.90 -10.87
C MET K 99 -32.04 -11.41 -10.97
N GLY K 100 -31.42 -12.18 -10.07
CA GLY K 100 -31.61 -13.62 -10.00
C GLY K 100 -33.06 -14.02 -9.75
N SER K 101 -33.71 -13.31 -8.81
CA SER K 101 -35.14 -13.53 -8.52
C SER K 101 -36.06 -12.99 -9.64
N PHE K 102 -35.60 -11.99 -10.38
CA PHE K 102 -36.29 -11.51 -11.57
C PHE K 102 -36.32 -12.59 -12.65
N LEU K 103 -35.18 -13.22 -12.90
CA LEU K 103 -35.06 -14.30 -13.87
C LEU K 103 -35.77 -15.58 -13.43
N LEU K 104 -35.80 -15.84 -12.13
CA LEU K 104 -36.64 -16.90 -11.55
C LEU K 104 -38.11 -16.71 -11.94
N ALA K 105 -38.61 -15.49 -11.76
CA ALA K 105 -39.99 -15.13 -12.11
C ALA K 105 -40.27 -15.10 -13.63
N ALA K 106 -39.21 -14.96 -14.42
CA ALA K 106 -39.30 -14.95 -15.88
C ALA K 106 -39.45 -16.34 -16.54
N GLY K 107 -39.35 -17.42 -15.77
CA GLY K 107 -39.52 -18.78 -16.31
C GLY K 107 -40.89 -19.04 -16.89
N ALA K 108 -41.03 -20.15 -17.60
CA ALA K 108 -42.30 -20.51 -18.26
C ALA K 108 -43.43 -20.64 -17.23
N LYS K 109 -44.59 -20.09 -17.57
CA LYS K 109 -45.74 -20.06 -16.65
C LYS K 109 -46.16 -21.48 -16.26
N GLY K 110 -46.24 -21.71 -14.96
CA GLY K 110 -46.49 -23.05 -14.40
C GLY K 110 -45.25 -23.91 -14.17
N LYS K 111 -44.08 -23.43 -14.58
CA LYS K 111 -42.84 -24.21 -14.49
C LYS K 111 -41.71 -23.43 -13.80
N ARG K 112 -42.08 -22.58 -12.85
CA ARG K 112 -41.11 -21.86 -12.01
C ARG K 112 -41.16 -22.52 -10.63
N PHE K 113 -40.00 -22.99 -10.17
CA PHE K 113 -39.90 -23.81 -8.97
C PHE K 113 -38.91 -23.26 -7.96
N ALA K 114 -38.99 -23.77 -6.74
CA ALA K 114 -38.00 -23.52 -5.70
C ALA K 114 -38.02 -24.67 -4.70
N LEU K 115 -36.84 -25.09 -4.26
CA LEU K 115 -36.74 -26.12 -3.21
C LEU K 115 -37.11 -25.49 -1.86
N PRO K 116 -37.63 -26.28 -0.90
CA PRO K 116 -38.30 -25.75 0.30
C PRO K 116 -37.50 -24.71 1.11
N ASN K 117 -36.20 -24.94 1.28
CA ASN K 117 -35.32 -24.03 2.04
C ASN K 117 -34.56 -23.02 1.18
N ALA K 118 -34.91 -22.89 -0.10
CA ALA K 118 -34.32 -21.87 -0.97
C ALA K 118 -34.83 -20.48 -0.57
N GLU K 119 -33.99 -19.47 -0.76
CA GLU K 119 -34.26 -18.10 -0.33
C GLU K 119 -34.44 -17.20 -1.55
N VAL K 120 -35.53 -16.44 -1.57
CA VAL K 120 -35.79 -15.48 -2.64
C VAL K 120 -35.79 -14.07 -2.05
N MET K 121 -34.98 -13.17 -2.60
CA MET K 121 -34.94 -11.77 -2.17
C MET K 121 -35.21 -10.84 -3.35
N ILE K 122 -35.99 -9.79 -3.09
CA ILE K 122 -36.27 -8.74 -4.07
C ILE K 122 -35.97 -7.37 -3.46
N HIS K 123 -35.39 -6.49 -4.27
CA HIS K 123 -35.24 -5.07 -3.91
C HIS K 123 -35.13 -4.20 -5.17
N GLN K 124 -35.09 -2.88 -4.96
CA GLN K 124 -34.91 -1.93 -6.06
C GLN K 124 -33.45 -1.94 -6.56
N PRO K 125 -33.21 -1.56 -7.83
CA PRO K 125 -31.85 -1.64 -8.38
C PRO K 125 -30.87 -0.66 -7.73
N LEU K 126 -29.62 -1.10 -7.57
CA LEU K 126 -28.56 -0.29 -6.99
C LEU K 126 -27.73 0.35 -8.11
N GLY K 127 -27.18 1.53 -7.83
CA GLY K 127 -26.35 2.24 -8.80
C GLY K 127 -25.54 3.37 -8.21
N GLY K 128 -24.96 4.18 -9.08
CA GLY K 128 -24.14 5.31 -8.68
C GLY K 128 -23.99 6.35 -9.78
N ALA K 129 -23.69 7.57 -9.36
CA ALA K 129 -23.46 8.69 -10.27
C ALA K 129 -22.53 9.69 -9.60
N GLN K 130 -21.71 10.37 -10.41
CA GLN K 130 -20.71 11.31 -9.90
C GLN K 130 -20.31 12.30 -10.98
N GLY K 131 -20.25 13.58 -10.61
CA GLY K 131 -19.87 14.66 -11.53
C GLY K 131 -20.84 15.82 -11.43
N GLN K 132 -21.16 16.42 -12.59
CA GLN K 132 -22.00 17.61 -12.66
C GLN K 132 -23.46 17.30 -12.34
N ALA K 133 -24.20 18.34 -11.94
CA ALA K 133 -25.62 18.20 -11.58
C ALA K 133 -26.47 17.57 -12.68
N THR K 134 -26.25 18.00 -13.93
CA THR K 134 -26.97 17.42 -15.08
C THR K 134 -26.58 15.97 -15.37
N GLU K 135 -25.33 15.60 -15.09
CA GLU K 135 -24.87 14.21 -15.18
C GLU K 135 -25.53 13.31 -14.13
N ILE K 136 -25.74 13.86 -12.93
CA ILE K 136 -26.44 13.14 -11.85
C ILE K 136 -27.93 12.94 -12.20
N GLU K 137 -28.54 13.97 -12.79
CA GLU K 137 -29.94 13.91 -13.26
C GLU K 137 -30.14 12.82 -14.32
N ILE K 138 -29.25 12.80 -15.30
CA ILE K 138 -29.27 11.79 -16.38
C ILE K 138 -29.13 10.38 -15.80
N ALA K 139 -28.20 10.21 -14.86
CA ALA K 139 -28.02 8.93 -14.17
C ALA K 139 -29.22 8.54 -13.32
N ALA K 140 -29.84 9.52 -12.66
CA ALA K 140 -31.05 9.30 -11.85
C ALA K 140 -32.26 8.91 -12.70
N ASN K 141 -32.47 9.63 -13.81
CA ASN K 141 -33.57 9.32 -14.73
CA ASN K 141 -33.56 9.34 -14.75
C ASN K 141 -33.41 7.94 -15.35
N HIS K 142 -32.16 7.53 -15.62
CA HIS K 142 -31.87 6.21 -16.17
C HIS K 142 -32.22 5.07 -15.22
N ILE K 143 -31.76 5.16 -13.97
CA ILE K 143 -32.02 4.12 -12.96
C ILE K 143 -33.49 4.07 -12.52
N LEU K 144 -34.17 5.22 -12.52
CA LEU K 144 -35.61 5.28 -12.25
C LEU K 144 -36.42 4.62 -13.38
N LYS K 145 -36.07 4.92 -14.64
CA LYS K 145 -36.66 4.24 -15.80
C LYS K 145 -36.40 2.73 -15.77
N THR K 146 -35.18 2.34 -15.38
CA THR K 146 -34.81 0.93 -15.24
C THR K 146 -35.66 0.21 -14.18
N ARG K 147 -35.97 0.88 -13.07
CA ARG K 147 -36.81 0.30 -12.03
C ARG K 147 -38.27 0.14 -12.48
N GLU K 148 -38.81 1.14 -13.18
CA GLU K 148 -40.16 1.07 -13.76
C GLU K 148 -40.29 -0.12 -14.73
N LYS K 149 -39.29 -0.25 -15.60
CA LYS K 149 -39.18 -1.35 -16.56
C LYS K 149 -39.16 -2.72 -15.86
N LEU K 150 -38.36 -2.83 -14.80
CA LEU K 150 -38.29 -4.04 -13.99
C LEU K 150 -39.60 -4.33 -13.25
N ASN K 151 -40.17 -3.30 -12.61
CA ASN K 151 -41.40 -3.43 -11.84
C ASN K 151 -42.63 -3.75 -12.71
N ARG K 152 -42.68 -3.15 -13.90
CA ARG K 152 -43.78 -3.40 -14.85
C ARG K 152 -43.79 -4.85 -15.33
N ILE K 153 -42.61 -5.38 -15.65
CA ILE K 153 -42.48 -6.79 -16.05
C ILE K 153 -42.76 -7.73 -14.86
N LEU K 154 -42.25 -7.39 -13.67
CA LEU K 154 -42.46 -8.21 -12.48
C LEU K 154 -43.94 -8.25 -12.06
N SER K 155 -44.66 -7.14 -12.28
CA SER K 155 -46.12 -7.10 -12.10
C SER K 155 -46.84 -8.09 -13.02
N GLU K 156 -46.45 -8.11 -14.29
CA GLU K 156 -47.02 -9.01 -15.30
C GLU K 156 -46.75 -10.49 -14.97
N ARG K 157 -45.53 -10.78 -14.52
CA ARG K 157 -45.12 -12.16 -14.22
C ARG K 157 -45.74 -12.71 -12.93
N THR K 158 -45.90 -11.86 -11.91
CA THR K 158 -46.40 -12.27 -10.59
C THR K 158 -47.91 -12.17 -10.44
N GLY K 159 -48.53 -11.21 -11.13
CA GLY K 159 -49.94 -10.89 -10.95
C GLY K 159 -50.20 -9.79 -9.92
N GLN K 160 -49.13 -9.29 -9.28
CA GLN K 160 -49.24 -8.18 -8.34
C GLN K 160 -49.28 -6.87 -9.09
N SER K 161 -49.84 -5.83 -8.47
CA SER K 161 -49.92 -4.50 -9.08
C SER K 161 -48.56 -3.79 -9.00
N ILE K 162 -48.37 -2.81 -9.88
CA ILE K 162 -47.13 -2.01 -9.92
C ILE K 162 -46.93 -1.24 -8.60
N GLU K 163 -48.03 -0.82 -7.97
CA GLU K 163 -47.98 -0.14 -6.67
C GLU K 163 -47.45 -1.05 -5.57
N LYS K 164 -47.94 -2.30 -5.54
CA LYS K 164 -47.49 -3.28 -4.55
C LYS K 164 -46.04 -3.72 -4.76
N ILE K 165 -45.62 -3.87 -6.02
CA ILE K 165 -44.22 -4.19 -6.34
C ILE K 165 -43.30 -3.04 -5.90
N GLN K 166 -43.72 -1.80 -6.16
CA GLN K 166 -42.98 -0.60 -5.75
C GLN K 166 -42.79 -0.51 -4.23
N LYS K 167 -43.84 -0.83 -3.47
CA LYS K 167 -43.79 -0.85 -2.00
C LYS K 167 -42.87 -1.96 -1.48
N ASP K 168 -43.03 -3.16 -2.02
CA ASP K 168 -42.33 -4.35 -1.52
C ASP K 168 -40.86 -4.48 -1.96
N THR K 169 -40.44 -3.68 -2.94
CA THR K 169 -39.04 -3.66 -3.39
C THR K 169 -38.26 -2.43 -2.90
N ASP K 170 -38.90 -1.55 -2.13
CA ASP K 170 -38.26 -0.32 -1.63
C ASP K 170 -37.04 -0.62 -0.75
N ARG K 171 -37.16 -1.65 0.09
CA ARG K 171 -36.07 -2.17 0.91
C ARG K 171 -35.81 -3.63 0.55
N ASP K 172 -34.78 -4.23 1.16
CA ASP K 172 -34.53 -5.67 1.04
C ASP K 172 -35.71 -6.45 1.62
N ASN K 173 -36.26 -7.35 0.81
CA ASN K 173 -37.44 -8.14 1.18
C ASN K 173 -37.11 -9.61 0.96
N PHE K 174 -36.76 -10.31 2.05
CA PHE K 174 -36.44 -11.74 2.00
C PHE K 174 -37.71 -12.57 2.10
N LEU K 175 -37.83 -13.56 1.22
CA LEU K 175 -38.98 -14.45 1.14
C LEU K 175 -38.52 -15.91 1.18
N THR K 176 -39.30 -16.75 1.86
CA THR K 176 -39.13 -18.20 1.80
C THR K 176 -39.67 -18.69 0.45
N ALA K 177 -39.45 -19.97 0.16
CA ALA K 177 -39.97 -20.59 -1.06
C ALA K 177 -41.51 -20.52 -1.12
N GLU K 178 -42.15 -20.83 0.01
CA GLU K 178 -43.61 -20.74 0.14
C GLU K 178 -44.14 -19.31 -0.07
N GLU K 179 -43.47 -18.33 0.54
CA GLU K 179 -43.83 -16.92 0.37
C GLU K 179 -43.59 -16.42 -1.06
N ALA K 180 -42.56 -16.94 -1.72
CA ALA K 180 -42.32 -16.66 -3.14
C ALA K 180 -43.45 -17.19 -4.03
N LYS K 181 -44.00 -18.36 -3.68
CA LYS K 181 -45.17 -18.92 -4.37
C LYS K 181 -46.41 -18.04 -4.18
N GLU K 182 -46.69 -17.66 -2.93
CA GLU K 182 -47.82 -16.77 -2.61
C GLU K 182 -47.71 -15.44 -3.35
N TYR K 183 -46.50 -14.90 -3.44
CA TYR K 183 -46.26 -13.63 -4.11
C TYR K 183 -46.42 -13.71 -5.64
N GLY K 184 -46.20 -14.90 -6.21
CA GLY K 184 -46.32 -15.13 -7.65
C GLY K 184 -44.98 -15.23 -8.38
N LEU K 185 -43.88 -15.16 -7.65
CA LEU K 185 -42.53 -15.27 -8.23
C LEU K 185 -42.22 -16.69 -8.71
N ILE K 186 -42.78 -17.69 -8.02
CA ILE K 186 -42.73 -19.09 -8.47
C ILE K 186 -44.14 -19.69 -8.48
N ASP K 187 -44.25 -20.88 -9.06
CA ASP K 187 -45.52 -21.59 -9.19
C ASP K 187 -45.72 -22.69 -8.15
N GLU K 188 -44.67 -23.48 -7.91
CA GLU K 188 -44.72 -24.60 -6.96
C GLU K 188 -43.46 -24.67 -6.12
N VAL K 189 -43.61 -25.09 -4.86
CA VAL K 189 -42.49 -25.47 -4.02
C VAL K 189 -42.25 -26.96 -4.25
N MET K 190 -41.12 -27.31 -4.86
CA MET K 190 -40.80 -28.69 -5.21
C MET K 190 -40.37 -29.46 -3.97
N VAL K 191 -41.35 -30.10 -3.32
CA VAL K 191 -41.09 -30.89 -2.10
C VAL K 191 -40.42 -32.24 -2.42
N PRO K 192 -39.77 -32.87 -1.41
CA PRO K 192 -39.17 -34.20 -1.63
C PRO K 192 -40.18 -35.31 -1.92
N LEU L 3 -15.83 -20.18 -16.76
CA LEU L 3 -15.88 -21.45 -17.53
C LEU L 3 -16.69 -21.29 -18.83
N ILE L 4 -16.10 -21.70 -19.94
CA ILE L 4 -16.78 -21.74 -21.25
C ILE L 4 -17.31 -23.16 -21.42
N PRO L 5 -18.65 -23.33 -21.51
CA PRO L 5 -19.21 -24.68 -21.54
C PRO L 5 -18.96 -25.43 -22.84
N THR L 6 -18.72 -26.73 -22.73
CA THR L 6 -18.55 -27.61 -23.88
C THR L 6 -19.92 -28.15 -24.30
N VAL L 7 -20.23 -28.03 -25.59
CA VAL L 7 -21.49 -28.53 -26.15
C VAL L 7 -21.22 -29.79 -26.98
N ILE L 8 -22.18 -30.72 -26.94
CA ILE L 8 -22.06 -32.01 -27.61
C ILE L 8 -23.16 -32.14 -28.66
N GLU L 9 -22.77 -32.42 -29.90
CA GLU L 9 -23.71 -32.65 -31.00
C GLU L 9 -23.64 -34.12 -31.43
N THR L 10 -24.81 -34.70 -31.67
CA THR L 10 -24.90 -36.06 -32.20
C THR L 10 -24.73 -36.01 -33.72
N THR L 11 -23.72 -36.71 -34.23
CA THR L 11 -23.42 -36.73 -35.67
C THR L 11 -23.39 -38.16 -36.22
N ASN L 12 -23.29 -38.26 -37.55
CA ASN L 12 -23.12 -39.56 -38.24
C ASN L 12 -21.75 -40.23 -37.97
N ARG L 13 -20.76 -39.43 -37.54
CA ARG L 13 -19.43 -39.93 -37.18
C ARG L 13 -19.25 -40.10 -35.66
N GLY L 14 -20.35 -40.20 -34.91
CA GLY L 14 -20.31 -40.23 -33.45
C GLY L 14 -20.34 -38.85 -32.84
N GLU L 15 -20.51 -38.78 -31.52
CA GLU L 15 -20.62 -37.49 -30.80
C GLU L 15 -19.39 -36.61 -30.99
N ARG L 16 -19.62 -35.32 -31.21
CA ARG L 16 -18.55 -34.35 -31.45
C ARG L 16 -18.66 -33.20 -30.44
N ALA L 17 -17.55 -32.89 -29.78
CA ALA L 17 -17.50 -31.87 -28.73
C ALA L 17 -16.93 -30.56 -29.26
N TYR L 18 -17.59 -29.44 -28.89
CA TYR L 18 -17.14 -28.09 -29.24
C TYR L 18 -17.30 -27.19 -28.02
N ASP L 19 -16.39 -26.23 -27.83
CA ASP L 19 -16.66 -25.13 -26.91
C ASP L 19 -17.75 -24.27 -27.54
N ILE L 20 -18.63 -23.71 -26.71
CA ILE L 20 -19.88 -23.11 -27.20
C ILE L 20 -19.68 -21.96 -28.22
N TYR L 21 -18.68 -21.12 -27.99
CA TYR L 21 -18.44 -19.97 -28.86
C TYR L 21 -17.87 -20.38 -30.24
N SER L 22 -17.08 -21.44 -30.26
CA SER L 22 -16.61 -22.03 -31.53
C SER L 22 -17.75 -22.71 -32.29
N ARG L 23 -18.69 -23.33 -31.58
CA ARG L 23 -19.89 -23.91 -32.20
C ARG L 23 -20.76 -22.81 -32.84
N LEU L 24 -20.87 -21.67 -32.17
CA LEU L 24 -21.60 -20.51 -32.72
C LEU L 24 -20.92 -19.92 -33.96
N LEU L 25 -19.58 -19.87 -33.94
CA LEU L 25 -18.80 -19.42 -35.09
C LEU L 25 -18.92 -20.35 -36.30
N LYS L 26 -19.13 -21.64 -36.05
CA LYS L 26 -19.43 -22.62 -37.12
C LYS L 26 -20.69 -22.26 -37.91
N ASP L 27 -21.67 -21.65 -37.25
CA ASP L 27 -22.87 -21.09 -37.91
C ASP L 27 -22.77 -19.58 -38.19
N ARG L 28 -21.54 -19.09 -38.39
CA ARG L 28 -21.26 -17.69 -38.78
C ARG L 28 -21.74 -16.63 -37.77
N ILE L 29 -21.73 -16.97 -36.48
CA ILE L 29 -22.07 -16.03 -35.41
C ILE L 29 -20.78 -15.59 -34.70
N ILE L 30 -20.57 -14.28 -34.62
CA ILE L 30 -19.42 -13.69 -33.93
C ILE L 30 -19.91 -12.97 -32.68
N MET L 31 -19.18 -13.15 -31.58
CA MET L 31 -19.55 -12.58 -30.28
C MET L 31 -18.74 -11.32 -29.98
N LEU L 32 -19.43 -10.18 -29.90
CA LEU L 32 -18.87 -8.96 -29.31
C LEU L 32 -19.55 -8.80 -27.96
N GLY L 33 -18.99 -9.50 -26.96
CA GLY L 33 -19.61 -9.61 -25.64
C GLY L 33 -18.82 -9.02 -24.49
N SER L 34 -17.87 -8.14 -24.80
CA SER L 34 -16.99 -7.54 -23.79
C SER L 34 -16.61 -6.11 -24.17
N GLN L 35 -15.84 -5.47 -23.29
CA GLN L 35 -15.25 -4.16 -23.58
C GLN L 35 -14.32 -4.28 -24.79
N ILE L 36 -14.41 -3.30 -25.70
CA ILE L 36 -13.65 -3.32 -26.94
C ILE L 36 -12.23 -2.83 -26.66
N ASP L 37 -11.27 -3.74 -26.74
CA ASP L 37 -9.85 -3.42 -26.77
C ASP L 37 -9.25 -4.00 -28.06
N ASP L 38 -7.94 -3.81 -28.26
CA ASP L 38 -7.27 -4.29 -29.48
C ASP L 38 -7.34 -5.81 -29.67
N ASN L 39 -7.25 -6.56 -28.57
CA ASN L 39 -7.34 -8.03 -28.63
C ASN L 39 -8.71 -8.50 -29.13
N VAL L 40 -9.78 -7.88 -28.62
CA VAL L 40 -11.14 -8.20 -29.05
C VAL L 40 -11.33 -7.83 -30.53
N ALA L 41 -10.85 -6.65 -30.91
CA ALA L 41 -10.87 -6.20 -32.31
C ALA L 41 -10.11 -7.15 -33.24
N ASN L 42 -8.90 -7.55 -32.83
CA ASN L 42 -8.08 -8.48 -33.63
C ASN L 42 -8.81 -9.80 -33.86
N SER L 43 -9.44 -10.33 -32.79
CA SER L 43 -10.22 -11.55 -32.86
C SER L 43 -11.42 -11.42 -33.81
N ILE L 44 -12.22 -10.37 -33.63
CA ILE L 44 -13.42 -10.15 -34.44
C ILE L 44 -13.08 -9.87 -35.92
N VAL L 45 -12.03 -9.09 -36.16
CA VAL L 45 -11.54 -8.82 -37.51
C VAL L 45 -11.13 -10.14 -38.20
N SER L 46 -10.39 -10.98 -37.47
CA SER L 46 -9.94 -12.28 -37.98
C SER L 46 -11.09 -13.24 -38.26
N GLN L 47 -12.11 -13.22 -37.42
CA GLN L 47 -13.32 -14.03 -37.62
C GLN L 47 -14.07 -13.62 -38.88
N LEU L 48 -14.24 -12.31 -39.08
CA LEU L 48 -14.87 -11.76 -40.29
C LEU L 48 -14.13 -12.19 -41.56
N LEU L 49 -12.79 -12.08 -41.53
CA LEU L 49 -11.95 -12.50 -42.66
C LEU L 49 -12.04 -14.01 -42.94
N PHE L 50 -12.10 -14.81 -41.88
CA PHE L 50 -12.26 -16.26 -42.02
C PHE L 50 -13.62 -16.64 -42.61
N LEU L 51 -14.69 -16.04 -42.07
CA LEU L 51 -16.05 -16.35 -42.53
C LEU L 51 -16.31 -15.97 -43.99
N GLN L 52 -15.73 -14.86 -44.46
CA GLN L 52 -15.78 -14.51 -45.88
C GLN L 52 -15.06 -15.55 -46.73
N ALA L 53 -13.91 -16.02 -46.26
CA ALA L 53 -13.14 -17.05 -46.96
C ALA L 53 -13.90 -18.38 -47.10
N GLN L 54 -14.64 -18.75 -46.05
CA GLN L 54 -15.52 -19.93 -46.10
C GLN L 54 -16.66 -19.73 -47.10
N ASP L 55 -17.33 -18.59 -47.02
CA ASP L 55 -18.42 -18.25 -47.95
C ASP L 55 -18.62 -16.73 -48.00
N SER L 56 -18.50 -16.17 -49.20
CA SER L 56 -18.65 -14.73 -49.42
C SER L 56 -20.11 -14.27 -49.59
N GLU L 57 -21.05 -15.21 -49.69
CA GLU L 57 -22.47 -14.90 -49.90
C GLU L 57 -23.31 -14.93 -48.62
N LYS L 58 -23.08 -15.95 -47.78
CA LYS L 58 -23.92 -16.19 -46.59
C LYS L 58 -23.75 -15.08 -45.55
N ASP L 59 -24.85 -14.71 -44.89
CA ASP L 59 -24.83 -13.66 -43.87
C ASP L 59 -23.99 -14.05 -42.66
N ILE L 60 -23.44 -13.04 -42.00
CA ILE L 60 -22.71 -13.18 -40.74
C ILE L 60 -23.53 -12.47 -39.66
N TYR L 61 -23.52 -13.01 -38.45
CA TYR L 61 -24.30 -12.48 -37.34
C TYR L 61 -23.38 -11.99 -36.23
N LEU L 62 -23.43 -10.69 -35.94
CA LEU L 62 -22.62 -10.08 -34.90
C LEU L 62 -23.48 -9.82 -33.66
N TYR L 63 -23.31 -10.67 -32.64
CA TYR L 63 -23.91 -10.47 -31.33
C TYR L 63 -23.18 -9.31 -30.64
N ILE L 64 -23.95 -8.34 -30.13
CA ILE L 64 -23.39 -7.18 -29.45
C ILE L 64 -23.96 -7.03 -28.04
N ASN L 65 -23.14 -7.36 -27.04
CA ASN L 65 -23.40 -7.03 -25.64
C ASN L 65 -22.13 -6.39 -25.07
N SER L 66 -21.96 -5.09 -25.31
CA SER L 66 -20.70 -4.41 -25.02
C SER L 66 -20.93 -2.97 -24.52
N PRO L 67 -20.12 -2.54 -23.53
CA PRO L 67 -20.11 -1.12 -23.14
C PRO L 67 -19.26 -0.22 -24.06
N GLY L 68 -18.66 -0.78 -25.11
CA GLY L 68 -17.80 -0.02 -26.01
C GLY L 68 -16.36 -0.13 -25.56
N GLY L 69 -15.57 0.91 -25.82
CA GLY L 69 -14.16 0.95 -25.44
C GLY L 69 -13.34 1.76 -26.43
N SER L 70 -12.25 1.17 -26.93
CA SER L 70 -11.32 1.88 -27.82
C SER L 70 -11.96 2.23 -29.17
N VAL L 71 -11.88 3.51 -29.53
CA VAL L 71 -12.42 3.99 -30.81
C VAL L 71 -11.68 3.39 -32.00
N THR L 72 -10.35 3.36 -31.92
CA THR L 72 -9.53 2.76 -33.00
C THR L 72 -9.77 1.26 -33.14
N ALA L 73 -9.88 0.56 -32.01
CA ALA L 73 -10.23 -0.86 -32.00
C ALA L 73 -11.63 -1.11 -32.59
N GLY L 74 -12.57 -0.22 -32.24
CA GLY L 74 -13.91 -0.24 -32.86
C GLY L 74 -13.88 -0.02 -34.36
N PHE L 75 -13.04 0.91 -34.82
CA PHE L 75 -12.90 1.17 -36.26
C PHE L 75 -12.19 0.05 -37.03
N ALA L 76 -11.35 -0.74 -36.34
CA ALA L 76 -10.79 -1.96 -36.92
C ALA L 76 -11.90 -2.92 -37.35
N ILE L 77 -12.88 -3.10 -36.46
CA ILE L 77 -14.05 -3.95 -36.73
C ILE L 77 -14.92 -3.31 -37.80
N TYR L 78 -15.22 -2.01 -37.65
CA TYR L 78 -16.06 -1.27 -38.59
C TYR L 78 -15.60 -1.40 -40.03
N ASP L 79 -14.32 -1.06 -40.26
CA ASP L 79 -13.74 -1.09 -41.61
C ASP L 79 -13.73 -2.49 -42.22
N THR L 80 -13.54 -3.52 -41.39
CA THR L 80 -13.57 -4.91 -41.85
C THR L 80 -14.97 -5.34 -42.26
N ILE L 81 -15.98 -4.89 -41.50
CA ILE L 81 -17.39 -5.15 -41.87
C ILE L 81 -17.70 -4.56 -43.25
N GLN L 82 -17.32 -3.31 -43.47
CA GLN L 82 -17.59 -2.64 -44.75
C GLN L 82 -16.77 -3.21 -45.91
N HIS L 83 -15.56 -3.70 -45.62
CA HIS L 83 -14.68 -4.28 -46.66
C HIS L 83 -15.19 -5.61 -47.22
N ILE L 84 -15.62 -6.53 -46.36
CA ILE L 84 -16.02 -7.88 -46.80
C ILE L 84 -17.36 -7.87 -47.57
N LYS L 85 -17.54 -8.89 -48.40
CA LYS L 85 -18.76 -9.01 -49.24
C LYS L 85 -20.02 -9.38 -48.46
N PRO L 86 -19.96 -10.38 -47.54
CA PRO L 86 -21.18 -10.79 -46.82
C PRO L 86 -21.83 -9.67 -46.01
N ASP L 87 -23.15 -9.66 -45.95
CA ASP L 87 -23.89 -8.81 -45.02
C ASP L 87 -23.55 -9.24 -43.60
N VAL L 88 -23.15 -8.27 -42.76
CA VAL L 88 -22.96 -8.51 -41.34
C VAL L 88 -24.20 -7.99 -40.63
N GLN L 89 -25.01 -8.90 -40.09
CA GLN L 89 -26.15 -8.53 -39.25
C GLN L 89 -25.63 -8.18 -37.86
N THR L 90 -26.31 -7.25 -37.20
CA THR L 90 -25.98 -6.89 -35.81
C THR L 90 -27.23 -7.05 -34.95
N ILE L 91 -27.05 -7.61 -33.76
CA ILE L 91 -28.15 -7.77 -32.79
C ILE L 91 -27.68 -7.36 -31.40
N CYS L 92 -28.38 -6.38 -30.82
CA CYS L 92 -28.09 -5.91 -29.47
C CYS L 92 -28.90 -6.71 -28.47
N ILE L 93 -28.19 -7.42 -27.59
CA ILE L 93 -28.81 -8.20 -26.52
C ILE L 93 -28.14 -7.75 -25.22
N GLY L 94 -28.95 -7.32 -24.26
CA GLY L 94 -28.45 -6.74 -23.02
C GLY L 94 -28.21 -5.25 -23.17
N MET L 95 -27.02 -4.88 -23.64
CA MET L 95 -26.69 -3.45 -23.85
C MET L 95 -25.61 -3.22 -24.91
N ALA L 96 -25.74 -2.12 -25.60
CA ALA L 96 -24.71 -1.62 -26.52
C ALA L 96 -24.46 -0.17 -26.14
N ALA L 97 -23.24 0.18 -25.83
CA ALA L 97 -22.95 1.55 -25.45
C ALA L 97 -21.70 2.05 -26.14
N SER L 98 -21.69 3.34 -26.42
CA SER L 98 -20.56 3.99 -27.04
C SER L 98 -20.18 3.34 -28.33
N MET L 99 -18.96 2.87 -28.43
CA MET L 99 -18.49 2.24 -29.64
C MET L 99 -19.32 0.98 -29.98
N GLY L 100 -19.85 0.33 -28.96
CA GLY L 100 -20.74 -0.81 -29.17
C GLY L 100 -21.98 -0.45 -29.98
N SER L 101 -22.58 0.70 -29.65
CA SER L 101 -23.74 1.21 -30.39
CA SER L 101 -23.73 1.24 -30.38
C SER L 101 -23.36 1.69 -31.78
N PHE L 102 -22.13 2.20 -31.93
CA PHE L 102 -21.60 2.59 -33.24
C PHE L 102 -21.54 1.38 -34.18
N LEU L 103 -21.01 0.26 -33.66
CA LEU L 103 -20.94 -0.99 -34.40
C LEU L 103 -22.31 -1.64 -34.64
N LEU L 104 -23.25 -1.46 -33.70
CA LEU L 104 -24.64 -1.87 -33.91
C LEU L 104 -25.24 -1.15 -35.12
N ALA L 105 -25.03 0.17 -35.18
CA ALA L 105 -25.49 0.97 -36.32
C ALA L 105 -24.74 0.70 -37.63
N ALA L 106 -23.54 0.11 -37.54
CA ALA L 106 -22.73 -0.26 -38.69
C ALA L 106 -23.18 -1.54 -39.44
N GLY L 107 -24.13 -2.29 -38.87
CA GLY L 107 -24.62 -3.52 -39.49
C GLY L 107 -25.33 -3.29 -40.82
N ALA L 108 -25.54 -4.37 -41.57
CA ALA L 108 -26.16 -4.30 -42.90
C ALA L 108 -27.54 -3.65 -42.83
N LYS L 109 -27.82 -2.79 -43.82
CA LYS L 109 -29.10 -2.06 -43.88
C LYS L 109 -30.28 -3.02 -43.94
N GLY L 110 -31.26 -2.80 -43.07
CA GLY L 110 -32.38 -3.71 -42.87
C GLY L 110 -32.13 -4.93 -42.00
N LYS L 111 -30.90 -5.08 -41.48
CA LYS L 111 -30.51 -6.26 -40.70
C LYS L 111 -29.79 -5.88 -39.40
N ARG L 112 -30.16 -4.74 -38.83
CA ARG L 112 -29.68 -4.31 -37.52
C ARG L 112 -30.84 -4.49 -36.55
N PHE L 113 -30.63 -5.29 -35.51
CA PHE L 113 -31.70 -5.70 -34.60
C PHE L 113 -31.38 -5.41 -33.14
N ALA L 114 -32.40 -5.53 -32.31
CA ALA L 114 -32.24 -5.54 -30.86
C ALA L 114 -33.44 -6.26 -30.24
N LEU L 115 -33.22 -6.96 -29.14
CA LEU L 115 -34.33 -7.56 -28.39
C LEU L 115 -35.02 -6.47 -27.55
N PRO L 116 -36.31 -6.66 -27.21
CA PRO L 116 -37.15 -5.56 -26.70
C PRO L 116 -36.65 -4.79 -25.47
N ASN L 117 -35.99 -5.48 -24.54
CA ASN L 117 -35.46 -4.85 -23.31
C ASN L 117 -33.96 -4.53 -23.38
N ALA L 118 -33.38 -4.57 -24.58
CA ALA L 118 -31.97 -4.21 -24.78
C ALA L 118 -31.77 -2.70 -24.68
N GLU L 119 -30.67 -2.30 -24.06
CA GLU L 119 -30.34 -0.89 -23.81
C GLU L 119 -29.34 -0.40 -24.85
N VAL L 120 -29.56 0.79 -25.39
CA VAL L 120 -28.63 1.41 -26.33
C VAL L 120 -28.26 2.79 -25.81
N MET L 121 -26.96 3.05 -25.66
CA MET L 121 -26.46 4.34 -25.18
C MET L 121 -25.48 4.94 -26.19
N ILE L 122 -25.62 6.25 -26.42
CA ILE L 122 -24.69 7.00 -27.27
C ILE L 122 -24.18 8.22 -26.50
N HIS L 123 -22.90 8.51 -26.65
CA HIS L 123 -22.30 9.74 -26.13
C HIS L 123 -21.03 10.10 -26.90
N GLN L 124 -20.40 11.22 -26.54
CA GLN L 124 -19.15 11.65 -27.18
C GLN L 124 -17.94 10.83 -26.69
N PRO L 125 -16.83 10.83 -27.47
CA PRO L 125 -15.64 10.08 -27.04
C PRO L 125 -15.02 10.61 -25.75
N LEU L 126 -14.40 9.69 -25.00
CA LEU L 126 -13.70 10.01 -23.76
C LEU L 126 -12.20 9.89 -23.99
N GLY L 127 -11.42 10.72 -23.31
CA GLY L 127 -9.98 10.71 -23.46
C GLY L 127 -9.24 11.54 -22.43
N GLY L 128 -7.96 11.75 -22.68
CA GLY L 128 -7.10 12.48 -21.76
C GLY L 128 -5.98 13.23 -22.47
N ALA L 129 -5.39 14.17 -21.74
CA ALA L 129 -4.25 14.94 -22.22
C ALA L 129 -3.50 15.47 -21.01
N GLN L 130 -2.16 15.40 -21.05
CA GLN L 130 -1.32 15.85 -19.94
C GLN L 130 0.03 16.35 -20.47
N GLY L 131 0.54 17.42 -19.86
CA GLY L 131 1.83 18.01 -20.21
C GLY L 131 1.69 19.43 -20.72
N GLN L 132 2.48 19.77 -21.73
CA GLN L 132 2.55 21.14 -22.26
C GLN L 132 1.27 21.57 -22.96
N ALA L 133 1.09 22.89 -23.08
CA ALA L 133 -0.10 23.47 -23.73
C ALA L 133 -0.27 22.99 -25.18
N THR L 134 0.84 22.96 -25.92
CA THR L 134 0.83 22.49 -27.32
C THR L 134 0.56 20.98 -27.43
N GLU L 135 0.99 20.20 -26.43
CA GLU L 135 0.65 18.77 -26.36
C GLU L 135 -0.84 18.58 -26.09
N ILE L 136 -1.40 19.39 -25.19
CA ILE L 136 -2.83 19.35 -24.88
C ILE L 136 -3.67 19.81 -26.09
N GLU L 137 -3.17 20.79 -26.84
CA GLU L 137 -3.79 21.24 -28.10
C GLU L 137 -3.87 20.11 -29.13
N ILE L 138 -2.77 19.40 -29.31
CA ILE L 138 -2.70 18.26 -30.24
C ILE L 138 -3.70 17.16 -29.85
N ALA L 139 -3.73 16.82 -28.55
CA ALA L 139 -4.68 15.84 -28.02
C ALA L 139 -6.13 16.28 -28.20
N ALA L 140 -6.41 17.56 -27.96
CA ALA L 140 -7.75 18.13 -28.12
C ALA L 140 -8.24 18.07 -29.57
N ASN L 141 -7.39 18.52 -30.50
CA ASN L 141 -7.70 18.47 -31.93
C ASN L 141 -7.94 17.04 -32.44
N HIS L 142 -7.20 16.08 -31.88
CA HIS L 142 -7.33 14.66 -32.25
C HIS L 142 -8.70 14.10 -31.87
N ILE L 143 -9.09 14.26 -30.61
CA ILE L 143 -10.38 13.72 -30.12
C ILE L 143 -11.59 14.45 -30.74
N LEU L 144 -11.42 15.74 -31.07
CA LEU L 144 -12.44 16.49 -31.81
C LEU L 144 -12.60 15.98 -33.25
N LYS L 145 -11.47 15.74 -33.92
CA LYS L 145 -11.49 15.11 -35.26
C LYS L 145 -12.11 13.71 -35.22
N THR L 146 -11.75 12.95 -34.19
CA THR L 146 -12.33 11.63 -33.94
C THR L 146 -13.85 11.68 -33.74
N ARG L 147 -14.33 12.70 -33.04
CA ARG L 147 -15.78 12.87 -32.84
C ARG L 147 -16.51 13.24 -34.13
N GLU L 148 -15.93 14.15 -34.92
CA GLU L 148 -16.49 14.53 -36.24
C GLU L 148 -16.57 13.32 -37.18
N LYS L 149 -15.50 12.52 -37.17
CA LYS L 149 -15.43 11.26 -37.93
C LYS L 149 -16.54 10.29 -37.52
N LEU L 150 -16.72 10.10 -36.22
CA LEU L 150 -17.78 9.23 -35.68
C LEU L 150 -19.18 9.76 -36.00
N ASN L 151 -19.40 11.05 -35.78
CA ASN L 151 -20.72 11.67 -36.02
C ASN L 151 -21.11 11.71 -37.50
N ARG L 152 -20.12 11.94 -38.37
CA ARG L 152 -20.34 11.92 -39.82
C ARG L 152 -20.83 10.57 -40.32
N ILE L 153 -20.22 9.49 -39.82
CA ILE L 153 -20.63 8.13 -40.17
C ILE L 153 -21.98 7.80 -39.53
N LEU L 154 -22.16 8.17 -38.26
CA LEU L 154 -23.43 7.94 -37.56
C LEU L 154 -24.59 8.71 -38.23
N SER L 155 -24.30 9.88 -38.80
CA SER L 155 -25.29 10.64 -39.58
C SER L 155 -25.80 9.90 -40.81
N GLU L 156 -24.88 9.40 -41.63
CA GLU L 156 -25.25 8.74 -42.89
C GLU L 156 -25.93 7.37 -42.67
N ARG L 157 -25.55 6.67 -41.61
CA ARG L 157 -26.15 5.36 -41.28
C ARG L 157 -27.49 5.45 -40.54
N THR L 158 -27.71 6.52 -39.76
CA THR L 158 -28.98 6.74 -39.07
C THR L 158 -29.96 7.64 -39.83
N GLY L 159 -29.44 8.52 -40.68
CA GLY L 159 -30.25 9.52 -41.38
C GLY L 159 -30.47 10.80 -40.59
N GLN L 160 -29.90 10.91 -39.40
CA GLN L 160 -29.98 12.14 -38.59
C GLN L 160 -28.90 13.09 -39.06
N SER L 161 -29.13 14.38 -38.87
CA SER L 161 -28.12 15.40 -39.24
C SER L 161 -26.92 15.34 -38.30
N ILE L 162 -25.79 15.86 -38.78
CA ILE L 162 -24.56 15.95 -37.98
C ILE L 162 -24.79 16.87 -36.76
N GLU L 163 -25.61 17.90 -36.94
CA GLU L 163 -25.91 18.86 -35.86
C GLU L 163 -26.77 18.23 -34.76
N LYS L 164 -27.75 17.40 -35.14
CA LYS L 164 -28.60 16.70 -34.15
C LYS L 164 -27.82 15.64 -33.36
N ILE L 165 -26.95 14.89 -34.04
CA ILE L 165 -26.12 13.88 -33.36
C ILE L 165 -25.15 14.53 -32.37
N GLN L 166 -24.56 15.66 -32.75
CA GLN L 166 -23.72 16.46 -31.84
C GLN L 166 -24.47 16.82 -30.55
N LYS L 167 -25.70 17.30 -30.69
CA LYS L 167 -26.57 17.64 -29.54
C LYS L 167 -26.91 16.40 -28.72
N ASP L 168 -27.34 15.34 -29.39
CA ASP L 168 -27.82 14.11 -28.72
C ASP L 168 -26.70 13.29 -28.06
N THR L 169 -25.46 13.44 -28.52
CA THR L 169 -24.31 12.73 -27.93
C THR L 169 -23.48 13.58 -26.96
N ASP L 170 -23.90 14.83 -26.72
CA ASP L 170 -23.21 15.74 -25.80
C ASP L 170 -23.09 15.18 -24.38
N ARG L 171 -24.19 14.60 -23.89
CA ARG L 171 -24.23 13.88 -22.62
C ARG L 171 -24.59 12.41 -22.88
N ASP L 172 -24.57 11.60 -21.83
CA ASP L 172 -25.05 10.22 -21.91
C ASP L 172 -26.53 10.21 -22.29
N ASN L 173 -26.86 9.44 -23.35
CA ASN L 173 -28.19 9.41 -23.92
C ASN L 173 -28.64 7.95 -24.01
N PHE L 174 -29.39 7.51 -23.00
CA PHE L 174 -29.91 6.14 -22.95
C PHE L 174 -31.17 6.03 -23.79
N LEU L 175 -31.22 4.98 -24.61
CA LEU L 175 -32.35 4.71 -25.48
C LEU L 175 -32.85 3.29 -25.27
N THR L 176 -34.18 3.11 -25.33
CA THR L 176 -34.79 1.79 -25.39
C THR L 176 -34.56 1.19 -26.78
N ALA L 177 -34.88 -0.10 -26.93
CA ALA L 177 -34.79 -0.77 -28.23
C ALA L 177 -35.66 -0.07 -29.28
N GLU L 178 -36.88 0.28 -28.89
CA GLU L 178 -37.82 1.01 -29.76
C GLU L 178 -37.32 2.42 -30.13
N GLU L 179 -36.77 3.13 -29.15
CA GLU L 179 -36.20 4.46 -29.39
C GLU L 179 -34.97 4.43 -30.29
N ALA L 180 -34.15 3.39 -30.15
CA ALA L 180 -32.98 3.17 -31.03
C ALA L 180 -33.40 2.87 -32.47
N LYS L 181 -34.50 2.12 -32.63
CA LYS L 181 -35.10 1.88 -33.95
C LYS L 181 -35.55 3.19 -34.59
N GLU L 182 -36.30 3.99 -33.82
CA GLU L 182 -36.77 5.30 -34.28
C GLU L 182 -35.62 6.26 -34.63
N TYR L 183 -34.52 6.17 -33.89
CA TYR L 183 -33.34 7.00 -34.13
C TYR L 183 -32.60 6.66 -35.42
N GLY L 184 -32.70 5.40 -35.86
CA GLY L 184 -31.99 4.91 -37.04
C GLY L 184 -30.75 4.09 -36.72
N LEU L 185 -30.52 3.81 -35.43
CA LEU L 185 -29.41 2.96 -35.00
C LEU L 185 -29.68 1.49 -35.31
N ILE L 186 -30.94 1.08 -35.26
CA ILE L 186 -31.37 -0.25 -35.69
C ILE L 186 -32.59 -0.16 -36.61
N ASP L 187 -32.93 -1.29 -37.23
CA ASP L 187 -34.02 -1.38 -38.20
C ASP L 187 -35.31 -1.96 -37.61
N GLU L 188 -35.18 -2.99 -36.76
CA GLU L 188 -36.33 -3.67 -36.17
C GLU L 188 -36.06 -4.10 -34.72
N VAL L 189 -37.09 -4.04 -33.90
CA VAL L 189 -37.07 -4.66 -32.57
C VAL L 189 -37.57 -6.09 -32.77
N MET L 190 -36.70 -7.05 -32.53
CA MET L 190 -36.99 -8.47 -32.78
C MET L 190 -37.91 -9.02 -31.69
N VAL L 191 -39.18 -9.24 -32.04
CA VAL L 191 -40.19 -9.72 -31.07
C VAL L 191 -40.20 -11.26 -30.96
N PRO L 192 -40.72 -11.80 -29.84
CA PRO L 192 -40.80 -13.27 -29.65
C PRO L 192 -41.53 -14.03 -30.77
N ILE M 4 -9.13 -16.89 -27.67
CA ILE M 4 -8.82 -17.25 -29.04
C ILE M 4 -9.80 -18.31 -29.57
N PRO M 5 -10.73 -17.90 -30.41
CA PRO M 5 -11.72 -18.83 -30.94
C PRO M 5 -11.15 -19.86 -31.86
N THR M 6 -11.77 -21.02 -31.87
CA THR M 6 -11.35 -22.11 -32.73
C THR M 6 -12.22 -22.11 -33.99
N VAL M 7 -11.57 -22.21 -35.15
CA VAL M 7 -12.28 -22.30 -36.43
C VAL M 7 -12.26 -23.74 -36.93
N ILE M 8 -13.34 -24.13 -37.63
CA ILE M 8 -13.52 -25.50 -38.10
C ILE M 8 -13.79 -25.47 -39.61
N GLU M 9 -13.03 -26.26 -40.36
CA GLU M 9 -13.20 -26.41 -41.81
C GLU M 9 -13.49 -27.86 -42.15
N THR M 10 -14.43 -28.07 -43.08
CA THR M 10 -14.72 -29.40 -43.61
C THR M 10 -13.82 -29.65 -44.82
N THR M 11 -13.04 -30.73 -44.76
CA THR M 11 -12.21 -31.20 -45.87
C THR M 11 -12.68 -32.60 -46.27
N ASN M 12 -12.06 -33.14 -47.32
CA ASN M 12 -12.32 -34.54 -47.71
C ASN M 12 -11.75 -35.58 -46.73
N ARG M 13 -10.86 -35.15 -45.83
CA ARG M 13 -10.38 -35.99 -44.72
C ARG M 13 -11.07 -35.68 -43.37
N GLY M 14 -12.28 -35.10 -43.41
CA GLY M 14 -13.05 -34.79 -42.21
C GLY M 14 -12.87 -33.36 -41.71
N GLU M 15 -13.38 -33.09 -40.52
CA GLU M 15 -13.31 -31.76 -39.91
C GLU M 15 -11.93 -31.51 -39.29
N ARG M 16 -11.41 -30.31 -39.50
CA ARG M 16 -10.09 -29.91 -38.98
C ARG M 16 -10.20 -28.59 -38.21
N ALA M 17 -9.79 -28.61 -36.93
CA ALA M 17 -9.89 -27.47 -36.04
C ALA M 17 -8.54 -26.76 -35.87
N TYR M 18 -8.56 -25.43 -35.98
CA TYR M 18 -7.39 -24.59 -35.68
C TYR M 18 -7.82 -23.41 -34.84
N ASP M 19 -6.94 -22.92 -33.97
CA ASP M 19 -7.11 -21.59 -33.38
C ASP M 19 -6.96 -20.58 -34.52
N ILE M 20 -7.77 -19.52 -34.48
CA ILE M 20 -7.95 -18.65 -35.66
C ILE M 20 -6.65 -18.00 -36.18
N TYR M 21 -5.72 -17.69 -35.29
CA TYR M 21 -4.45 -17.05 -35.69
C TYR M 21 -3.49 -18.02 -36.38
N SER M 22 -3.48 -19.29 -35.94
CA SER M 22 -2.74 -20.35 -36.63
C SER M 22 -3.31 -20.63 -38.02
N ARG M 23 -4.63 -20.56 -38.15
CA ARG M 23 -5.29 -20.67 -39.46
C ARG M 23 -4.89 -19.53 -40.40
N LEU M 24 -4.86 -18.30 -39.87
CA LEU M 24 -4.40 -17.13 -40.63
C LEU M 24 -2.93 -17.29 -41.08
N LEU M 25 -2.10 -17.83 -40.21
CA LEU M 25 -0.69 -18.10 -40.54
C LEU M 25 -0.53 -19.14 -41.65
N LYS M 26 -1.47 -20.09 -41.72
CA LYS M 26 -1.54 -21.08 -42.82
C LYS M 26 -1.66 -20.41 -44.20
N ASP M 27 -2.34 -19.26 -44.26
CA ASP M 27 -2.41 -18.42 -45.47
C ASP M 27 -1.42 -17.23 -45.45
N ARG M 28 -0.29 -17.40 -44.76
CA ARG M 28 0.80 -16.42 -44.72
C ARG M 28 0.41 -15.03 -44.19
N ILE M 29 -0.53 -15.00 -43.23
CA ILE M 29 -0.94 -13.77 -42.57
C ILE M 29 -0.33 -13.76 -41.15
N ILE M 30 0.48 -12.74 -40.87
CA ILE M 30 1.09 -12.54 -39.55
C ILE M 30 0.39 -11.37 -38.86
N MET M 31 0.06 -11.54 -37.58
CA MET M 31 -0.65 -10.53 -36.79
C MET M 31 0.31 -9.74 -35.91
N LEU M 32 0.39 -8.43 -36.16
CA LEU M 32 1.00 -7.48 -35.21
C LEU M 32 -0.15 -6.67 -34.62
N GLY M 33 -0.78 -7.24 -33.58
CA GLY M 33 -1.99 -6.68 -32.99
C GLY M 33 -1.85 -6.25 -31.53
N SER M 34 -0.63 -5.90 -31.12
CA SER M 34 -0.36 -5.55 -29.73
C SER M 34 0.80 -4.57 -29.62
N GLN M 35 1.06 -4.13 -28.40
CA GLN M 35 2.26 -3.34 -28.10
C GLN M 35 3.50 -4.16 -28.46
N ILE M 36 4.47 -3.50 -29.09
CA ILE M 36 5.69 -4.16 -29.53
C ILE M 36 6.67 -4.26 -28.37
N ASP M 37 6.83 -5.48 -27.86
CA ASP M 37 7.91 -5.81 -26.93
C ASP M 37 8.77 -6.91 -27.56
N ASP M 38 9.80 -7.36 -26.86
CA ASP M 38 10.71 -8.38 -27.39
C ASP M 38 10.00 -9.71 -27.71
N ASN M 39 9.05 -10.12 -26.86
CA ASN M 39 8.27 -11.35 -27.07
C ASN M 39 7.47 -11.33 -28.38
N VAL M 40 6.80 -10.21 -28.64
CA VAL M 40 6.04 -10.02 -29.88
C VAL M 40 6.97 -9.99 -31.09
N ALA M 41 8.10 -9.30 -30.95
CA ALA M 41 9.13 -9.27 -32.01
C ALA M 41 9.71 -10.66 -32.29
N ASN M 42 10.01 -11.42 -31.25
CA ASN M 42 10.53 -12.79 -31.40
C ASN M 42 9.57 -13.70 -32.16
N SER M 43 8.28 -13.59 -31.83
CA SER M 43 7.22 -14.36 -32.49
C SER M 43 7.09 -14.02 -33.98
N ILE M 44 7.00 -12.72 -34.28
CA ILE M 44 6.83 -12.25 -35.66
C ILE M 44 8.06 -12.57 -36.53
N VAL M 45 9.25 -12.37 -35.95
CA VAL M 45 10.51 -12.74 -36.61
C VAL M 45 10.55 -14.25 -36.91
N SER M 46 10.12 -15.07 -35.95
CA SER M 46 10.06 -16.51 -36.13
C SER M 46 9.03 -16.93 -37.18
N GLN M 47 7.89 -16.25 -37.21
CA GLN M 47 6.87 -16.49 -38.23
C GLN M 47 7.35 -16.14 -39.63
N LEU M 48 8.01 -14.98 -39.77
CA LEU M 48 8.60 -14.57 -41.04
C LEU M 48 9.63 -15.58 -41.56
N LEU M 49 10.46 -16.10 -40.66
CA LEU M 49 11.43 -17.14 -40.99
C LEU M 49 10.76 -18.47 -41.39
N PHE M 50 9.66 -18.81 -40.71
CA PHE M 50 8.91 -20.03 -41.03
C PHE M 50 8.25 -19.95 -42.41
N LEU M 51 7.58 -18.83 -42.69
CA LEU M 51 6.88 -18.65 -43.97
C LEU M 51 7.81 -18.61 -45.18
N GLN M 52 8.94 -17.91 -45.06
CA GLN M 52 9.94 -17.87 -46.14
C GLN M 52 10.56 -19.25 -46.43
N ALA M 53 10.71 -20.07 -45.38
CA ALA M 53 11.19 -21.45 -45.53
C ALA M 53 10.18 -22.34 -46.25
N GLN M 54 8.88 -22.13 -45.99
CA GLN M 54 7.82 -22.83 -46.73
C GLN M 54 7.80 -22.43 -48.19
N ASP M 55 7.83 -21.11 -48.44
CA ASP M 55 7.85 -20.56 -49.79
C ASP M 55 8.58 -19.22 -49.81
N SER M 56 9.67 -19.14 -50.56
CA SER M 56 10.47 -17.92 -50.68
C SER M 56 9.93 -16.92 -51.73
N GLU M 57 8.94 -17.33 -52.53
CA GLU M 57 8.41 -16.49 -53.63
C GLU M 57 7.12 -15.76 -53.27
N LYS M 58 6.15 -16.48 -52.70
CA LYS M 58 4.79 -15.93 -52.47
C LYS M 58 4.75 -14.90 -51.35
N ASP M 59 3.84 -13.94 -51.48
CA ASP M 59 3.73 -12.81 -50.55
C ASP M 59 3.35 -13.22 -49.13
N ILE M 60 3.80 -12.42 -48.17
CA ILE M 60 3.43 -12.51 -46.77
C ILE M 60 2.61 -11.26 -46.46
N TYR M 61 1.63 -11.38 -45.57
CA TYR M 61 0.74 -10.27 -45.21
C TYR M 61 0.89 -9.97 -43.72
N LEU M 62 1.36 -8.76 -43.40
CA LEU M 62 1.52 -8.32 -42.01
C LEU M 62 0.36 -7.39 -41.64
N TYR M 63 -0.52 -7.89 -40.78
CA TYR M 63 -1.62 -7.10 -40.20
C TYR M 63 -1.04 -6.23 -39.09
N ILE M 64 -1.38 -4.94 -39.09
CA ILE M 64 -0.87 -4.00 -38.08
C ILE M 64 -2.03 -3.29 -37.37
N ASN M 65 -2.25 -3.65 -36.10
CA ASN M 65 -3.10 -2.88 -35.20
C ASN M 65 -2.31 -2.68 -33.90
N SER M 66 -1.40 -1.72 -33.91
CA SER M 66 -0.40 -1.59 -32.84
C SER M 66 -0.12 -0.13 -32.47
N PRO M 67 0.01 0.17 -31.16
CA PRO M 67 0.46 1.48 -30.71
C PRO M 67 1.99 1.65 -30.70
N GLY M 68 2.73 0.67 -31.21
CA GLY M 68 4.19 0.71 -31.23
C GLY M 68 4.76 0.12 -29.96
N GLY M 69 5.95 0.59 -29.58
CA GLY M 69 6.63 0.10 -28.38
C GLY M 69 8.13 0.19 -28.53
N SER M 70 8.84 -0.92 -28.23
CA SER M 70 10.30 -0.94 -28.23
C SER M 70 10.88 -0.76 -29.63
N VAL M 71 11.84 0.15 -29.75
CA VAL M 71 12.49 0.46 -31.03
C VAL M 71 13.35 -0.71 -31.50
N THR M 72 14.12 -1.30 -30.58
CA THR M 72 14.96 -2.47 -30.91
C THR M 72 14.12 -3.69 -31.29
N ALA M 73 13.03 -3.90 -30.57
CA ALA M 73 12.06 -4.96 -30.91
C ALA M 73 11.45 -4.72 -32.30
N GLY M 74 11.13 -3.46 -32.60
CA GLY M 74 10.68 -3.07 -33.94
C GLY M 74 11.72 -3.30 -35.03
N PHE M 75 12.97 -2.97 -34.74
CA PHE M 75 14.07 -3.19 -35.71
C PHE M 75 14.42 -4.67 -35.93
N ALA M 76 14.07 -5.53 -34.97
CA ALA M 76 14.13 -6.98 -35.15
C ALA M 76 13.16 -7.41 -36.26
N ILE M 77 11.93 -6.88 -36.20
CA ILE M 77 10.91 -7.15 -37.23
C ILE M 77 11.32 -6.51 -38.55
N TYR M 78 11.75 -5.25 -38.51
CA TYR M 78 12.16 -4.51 -39.72
C TYR M 78 13.23 -5.26 -40.50
N ASP M 79 14.34 -5.58 -39.84
CA ASP M 79 15.47 -6.26 -40.50
C ASP M 79 15.13 -7.63 -41.06
N THR M 80 14.25 -8.36 -40.37
CA THR M 80 13.79 -9.67 -40.84
C THR M 80 12.90 -9.53 -42.09
N ILE M 81 12.11 -8.45 -42.17
CA ILE M 81 11.32 -8.15 -43.38
C ILE M 81 12.25 -7.89 -44.58
N GLN M 82 13.28 -7.08 -44.38
CA GLN M 82 14.20 -6.73 -45.47
C GLN M 82 15.12 -7.90 -45.87
N HIS M 83 15.46 -8.75 -44.90
CA HIS M 83 16.35 -9.89 -45.15
C HIS M 83 15.72 -10.99 -46.01
N ILE M 84 14.47 -11.36 -45.70
CA ILE M 84 13.80 -12.46 -46.41
C ILE M 84 13.42 -12.08 -47.85
N LYS M 85 13.35 -13.08 -48.72
CA LYS M 85 13.05 -12.85 -50.15
C LYS M 85 11.60 -12.45 -50.46
N PRO M 86 10.61 -13.08 -49.79
CA PRO M 86 9.21 -12.71 -50.07
C PRO M 86 8.88 -11.25 -49.78
N ASP M 87 7.99 -10.67 -50.59
CA ASP M 87 7.42 -9.35 -50.29
C ASP M 87 6.51 -9.47 -49.07
N VAL M 88 6.72 -8.58 -48.10
CA VAL M 88 5.87 -8.49 -46.93
C VAL M 88 4.92 -7.31 -47.16
N GLN M 89 3.65 -7.62 -47.42
CA GLN M 89 2.61 -6.59 -47.50
C GLN M 89 2.30 -6.13 -46.08
N THR M 90 1.91 -4.87 -45.94
CA THR M 90 1.48 -4.32 -44.65
C THR M 90 0.11 -3.68 -44.80
N ILE M 91 -0.77 -3.94 -43.84
CA ILE M 91 -2.10 -3.33 -43.82
C ILE M 91 -2.42 -2.82 -42.42
N CYS M 92 -2.72 -1.53 -42.33
CA CYS M 92 -3.10 -0.90 -41.07
C CYS M 92 -4.60 -0.97 -40.90
N ILE M 93 -5.04 -1.69 -39.86
CA ILE M 93 -6.45 -1.79 -39.50
C ILE M 93 -6.56 -1.37 -38.04
N GLY M 94 -7.39 -0.37 -37.78
CA GLY M 94 -7.53 0.19 -36.43
C GLY M 94 -6.56 1.34 -36.23
N MET M 95 -5.34 1.02 -35.81
CA MET M 95 -4.28 2.03 -35.67
C MET M 95 -2.86 1.51 -35.85
N ALA M 96 -2.00 2.36 -36.38
CA ALA M 96 -0.55 2.17 -36.36
C ALA M 96 0.03 3.42 -35.73
N ALA M 97 0.72 3.27 -34.60
CA ALA M 97 1.33 4.40 -33.91
C ALA M 97 2.80 4.12 -33.62
N SER M 98 3.61 5.17 -33.69
CA SER M 98 5.03 5.11 -33.36
C SER M 98 5.76 4.03 -34.19
N MET M 99 6.33 3.01 -33.55
CA MET M 99 7.06 1.95 -34.25
C MET M 99 6.14 1.04 -35.07
N GLY M 100 4.84 1.03 -34.76
CA GLY M 100 3.84 0.36 -35.60
C GLY M 100 3.71 0.99 -36.98
N SER M 101 3.69 2.32 -37.02
CA SER M 101 3.65 3.06 -38.29
C SER M 101 4.98 3.02 -39.05
N PHE M 102 6.09 2.84 -38.32
CA PHE M 102 7.41 2.58 -38.93
C PHE M 102 7.40 1.27 -39.71
N LEU M 103 6.88 0.22 -39.08
CA LEU M 103 6.75 -1.10 -39.72
C LEU M 103 5.68 -1.13 -40.82
N LEU M 104 4.65 -0.28 -40.70
CA LEU M 104 3.68 -0.09 -41.78
C LEU M 104 4.37 0.46 -43.03
N ALA M 105 5.21 1.49 -42.83
CA ALA M 105 6.01 2.08 -43.91
C ALA M 105 7.07 1.12 -44.47
N ALA M 106 7.53 0.17 -43.64
CA ALA M 106 8.54 -0.82 -44.03
C ALA M 106 8.07 -1.96 -44.94
N GLY M 107 6.77 -2.07 -45.19
CA GLY M 107 6.25 -3.08 -46.12
C GLY M 107 6.76 -2.88 -47.54
N ALA M 108 6.61 -3.93 -48.36
CA ALA M 108 7.03 -3.90 -49.76
C ALA M 108 6.39 -2.73 -50.49
N LYS M 109 7.20 -1.97 -51.24
CA LYS M 109 6.69 -0.79 -51.95
C LYS M 109 5.62 -1.19 -52.96
N GLY M 110 4.58 -0.37 -53.04
CA GLY M 110 3.35 -0.71 -53.77
C GLY M 110 2.38 -1.67 -53.08
N LYS M 111 2.73 -2.15 -51.88
CA LYS M 111 1.90 -3.13 -51.16
C LYS M 111 1.73 -2.76 -49.67
N ARG M 112 1.69 -1.46 -49.39
CA ARG M 112 1.44 -0.95 -48.06
C ARG M 112 0.05 -0.34 -48.07
N PHE M 113 -0.83 -0.82 -47.20
CA PHE M 113 -2.26 -0.50 -47.25
C PHE M 113 -2.78 0.00 -45.91
N ALA M 114 -3.98 0.56 -45.97
CA ALA M 114 -4.76 0.89 -44.79
C ALA M 114 -6.23 0.95 -45.17
N LEU M 115 -7.10 0.58 -44.23
CA LEU M 115 -8.54 0.73 -44.42
C LEU M 115 -8.93 2.19 -44.12
N PRO M 116 -10.04 2.70 -44.72
CA PRO M 116 -10.34 4.15 -44.74
C PRO M 116 -10.28 4.89 -43.40
N ASN M 117 -10.78 4.26 -42.34
CA ASN M 117 -10.86 4.87 -41.01
C ASN M 117 -9.71 4.49 -40.06
N ALA M 118 -8.67 3.83 -40.58
CA ALA M 118 -7.48 3.52 -39.80
C ALA M 118 -6.68 4.79 -39.48
N GLU M 119 -6.06 4.78 -38.30
CA GLU M 119 -5.32 5.93 -37.76
C GLU M 119 -3.81 5.65 -37.84
N VAL M 120 -3.05 6.60 -38.35
CA VAL M 120 -1.59 6.49 -38.41
C VAL M 120 -0.98 7.66 -37.64
N MET M 121 -0.10 7.36 -36.68
CA MET M 121 0.55 8.38 -35.86
C MET M 121 2.07 8.23 -35.92
N ILE M 122 2.76 9.37 -36.03
CA ILE M 122 4.23 9.42 -36.02
C ILE M 122 4.69 10.48 -35.01
N HIS M 123 5.65 10.10 -34.17
CA HIS M 123 6.38 11.04 -33.33
C HIS M 123 7.84 10.60 -33.13
N GLN M 124 8.58 11.36 -32.33
CA GLN M 124 9.97 11.01 -32.01
C GLN M 124 10.03 9.92 -30.93
N PRO M 125 11.15 9.16 -30.85
CA PRO M 125 11.24 8.11 -29.84
C PRO M 125 11.28 8.64 -28.40
N LEU M 126 10.78 7.83 -27.48
CA LEU M 126 10.69 8.17 -26.06
C LEU M 126 11.69 7.35 -25.26
N GLY M 127 12.14 7.90 -24.13
CA GLY M 127 13.06 7.20 -23.26
C GLY M 127 13.36 7.95 -21.98
N GLY M 128 14.48 7.58 -21.36
CA GLY M 128 14.89 8.21 -20.11
C GLY M 128 16.33 7.96 -19.75
N ALA M 129 16.84 8.78 -18.84
CA ALA M 129 18.22 8.69 -18.36
C ALA M 129 18.29 9.18 -16.92
N GLN M 130 18.97 8.42 -16.07
CA GLN M 130 19.10 8.72 -14.64
C GLN M 130 20.55 8.48 -14.21
N GLY M 131 21.11 9.43 -13.45
CA GLY M 131 22.45 9.26 -12.87
C GLY M 131 23.38 10.44 -13.13
N GLN M 132 24.65 10.13 -13.36
CA GLN M 132 25.69 11.14 -13.54
C GLN M 132 25.56 11.87 -14.88
N ALA M 133 26.10 13.09 -14.94
CA ALA M 133 26.05 13.92 -16.15
C ALA M 133 26.59 13.22 -17.40
N THR M 134 27.69 12.48 -17.24
CA THR M 134 28.27 11.70 -18.33
C THR M 134 27.37 10.52 -18.75
N GLU M 135 26.68 9.92 -17.78
CA GLU M 135 25.69 8.86 -18.06
C GLU M 135 24.47 9.41 -18.81
N ILE M 136 24.05 10.63 -18.46
CA ILE M 136 22.94 11.30 -19.15
C ILE M 136 23.35 11.64 -20.59
N GLU M 137 24.59 12.11 -20.76
CA GLU M 137 25.15 12.41 -22.09
C GLU M 137 25.15 11.18 -23.01
N ILE M 138 25.59 10.04 -22.48
CA ILE M 138 25.60 8.78 -23.22
C ILE M 138 24.20 8.37 -23.64
N ALA M 139 23.24 8.43 -22.71
CA ALA M 139 21.84 8.11 -22.99
C ALA M 139 21.22 9.07 -24.02
N ALA M 140 21.55 10.35 -23.89
CA ALA M 140 21.06 11.38 -24.83
C ALA M 140 21.61 11.19 -26.25
N ASN M 141 22.91 10.94 -26.36
CA ASN M 141 23.54 10.67 -27.65
C ASN M 141 22.96 9.40 -28.30
N HIS M 142 22.67 8.39 -27.48
CA HIS M 142 22.11 7.12 -27.96
C HIS M 142 20.70 7.27 -28.54
N ILE M 143 19.81 7.95 -27.82
CA ILE M 143 18.44 8.16 -28.30
C ILE M 143 18.38 9.12 -29.50
N LEU M 144 19.28 10.11 -29.54
CA LEU M 144 19.40 11.00 -30.71
C LEU M 144 19.88 10.25 -31.95
N LYS M 145 20.87 9.38 -31.80
CA LYS M 145 21.32 8.49 -32.89
C LYS M 145 20.21 7.55 -33.36
N THR M 146 19.45 7.01 -32.41
CA THR M 146 18.30 6.15 -32.72
C THR M 146 17.24 6.90 -33.54
N ARG M 147 16.98 8.16 -33.22
CA ARG M 147 16.03 8.97 -33.98
C ARG M 147 16.51 9.24 -35.41
N GLU M 148 17.79 9.58 -35.57
CA GLU M 148 18.40 9.77 -36.90
C GLU M 148 18.24 8.52 -37.77
N LYS M 149 18.53 7.36 -37.16
CA LYS M 149 18.41 6.05 -37.80
C LYS M 149 16.98 5.78 -38.31
N LEU M 150 16.00 6.07 -37.45
CA LEU M 150 14.58 5.93 -37.81
C LEU M 150 14.17 6.92 -38.91
N ASN M 151 14.52 8.19 -38.72
CA ASN M 151 14.15 9.27 -39.66
C ASN M 151 14.78 9.11 -41.05
N ARG M 152 16.02 8.61 -41.08
CA ARG M 152 16.71 8.31 -42.33
C ARG M 152 15.98 7.23 -43.14
N ILE M 153 15.60 6.15 -42.46
CA ILE M 153 14.83 5.07 -43.08
C ILE M 153 13.42 5.53 -43.47
N LEU M 154 12.78 6.30 -42.60
CA LEU M 154 11.44 6.82 -42.87
C LEU M 154 11.43 7.80 -44.06
N SER M 155 12.50 8.56 -44.22
CA SER M 155 12.69 9.44 -45.39
C SER M 155 12.73 8.65 -46.71
N GLU M 156 13.49 7.56 -46.71
CA GLU M 156 13.59 6.66 -47.86
C GLU M 156 12.25 6.00 -48.18
N ARG M 157 11.56 5.55 -47.14
CA ARG M 157 10.28 4.84 -47.29
C ARG M 157 9.13 5.72 -47.77
N THR M 158 9.09 6.98 -47.31
CA THR M 158 8.02 7.91 -47.66
C THR M 158 8.33 8.78 -48.89
N GLY M 159 9.60 9.05 -49.14
CA GLY M 159 10.02 10.00 -50.17
C GLY M 159 10.05 11.46 -49.69
N GLN M 160 9.82 11.67 -48.39
CA GLN M 160 9.90 13.01 -47.78
C GLN M 160 11.34 13.26 -47.38
N SER M 161 11.72 14.54 -47.27
CA SER M 161 13.07 14.92 -46.82
C SER M 161 13.26 14.58 -45.34
N ILE M 162 14.52 14.40 -44.95
CA ILE M 162 14.89 14.16 -43.55
C ILE M 162 14.51 15.36 -42.68
N GLU M 163 14.65 16.57 -43.22
CA GLU M 163 14.27 17.80 -42.51
C GLU M 163 12.76 17.85 -42.23
N LYS M 164 11.97 17.44 -43.21
CA LYS M 164 10.51 17.38 -43.06
C LYS M 164 10.07 16.32 -42.04
N ILE M 165 10.69 15.14 -42.11
CA ILE M 165 10.40 14.05 -41.15
C ILE M 165 10.73 14.50 -39.72
N GLN M 166 11.88 15.17 -39.55
CA GLN M 166 12.27 15.72 -38.25
C GLN M 166 11.22 16.67 -37.70
N LYS M 167 10.78 17.61 -38.53
CA LYS M 167 9.76 18.59 -38.14
C LYS M 167 8.39 17.96 -37.87
N ASP M 168 7.98 17.00 -38.71
CA ASP M 168 6.68 16.35 -38.57
C ASP M 168 6.61 15.29 -37.47
N THR M 169 7.76 14.84 -36.96
CA THR M 169 7.81 13.88 -35.84
C THR M 169 8.19 14.53 -34.49
N ASP M 170 8.40 15.85 -34.49
CA ASP M 170 8.74 16.59 -33.27
C ASP M 170 7.70 16.41 -32.16
N ARG M 171 6.42 16.48 -32.55
CA ARG M 171 5.28 16.23 -31.66
C ARG M 171 4.44 15.09 -32.24
N ASP M 172 3.46 14.64 -31.47
CA ASP M 172 2.46 13.67 -31.94
C ASP M 172 1.77 14.22 -33.19
N ASN M 173 1.76 13.43 -34.25
CA ASN M 173 1.21 13.83 -35.54
C ASN M 173 0.28 12.73 -36.05
N PHE M 174 -1.03 12.93 -35.84
CA PHE M 174 -2.04 11.97 -36.26
C PHE M 174 -2.41 12.19 -37.73
N LEU M 175 -2.45 11.10 -38.49
CA LEU M 175 -2.80 11.13 -39.90
C LEU M 175 -3.96 10.19 -40.17
N THR M 176 -4.88 10.61 -41.05
CA THR M 176 -5.88 9.70 -41.59
C THR M 176 -5.21 8.74 -42.57
N ALA M 177 -5.95 7.72 -43.00
CA ALA M 177 -5.45 6.75 -43.98
C ALA M 177 -5.04 7.44 -45.28
N GLU M 178 -5.89 8.34 -45.78
CA GLU M 178 -5.62 9.08 -47.01
C GLU M 178 -4.44 10.05 -46.85
N GLU M 179 -4.36 10.72 -45.71
CA GLU M 179 -3.20 11.57 -45.38
C GLU M 179 -1.90 10.77 -45.29
N ALA M 180 -1.96 9.56 -44.73
CA ALA M 180 -0.81 8.66 -44.68
C ALA M 180 -0.34 8.24 -46.08
N LYS M 181 -1.30 8.03 -47.00
CA LYS M 181 -1.00 7.73 -48.40
C LYS M 181 -0.37 8.92 -49.11
N GLU M 182 -0.93 10.11 -48.90
CA GLU M 182 -0.34 11.35 -49.42
C GLU M 182 1.06 11.62 -48.86
N TYR M 183 1.28 11.25 -47.59
CA TYR M 183 2.59 11.40 -46.95
C TYR M 183 3.64 10.41 -47.46
N GLY M 184 3.19 9.22 -47.87
CA GLY M 184 4.08 8.17 -48.38
C GLY M 184 4.29 6.99 -47.43
N LEU M 185 3.59 6.99 -46.30
CA LEU M 185 3.66 5.89 -45.34
C LEU M 185 2.97 4.63 -45.88
N ILE M 186 1.91 4.83 -46.67
CA ILE M 186 1.24 3.73 -47.37
C ILE M 186 1.08 4.08 -48.85
N ASP M 187 0.74 3.06 -49.64
CA ASP M 187 0.62 3.17 -51.09
C ASP M 187 -0.82 3.37 -51.54
N GLU M 188 -1.76 2.64 -50.95
CA GLU M 188 -3.17 2.73 -51.31
C GLU M 188 -4.07 2.65 -50.07
N VAL M 189 -5.16 3.42 -50.08
CA VAL M 189 -6.24 3.24 -49.12
C VAL M 189 -7.17 2.18 -49.73
N MET M 190 -7.32 1.06 -49.03
CA MET M 190 -8.14 -0.04 -49.51
C MET M 190 -9.62 0.27 -49.26
N VAL M 191 -10.28 0.85 -50.27
CA VAL M 191 -11.69 1.25 -50.16
C VAL M 191 -12.63 0.04 -50.33
N PRO M 192 -13.81 0.06 -49.66
CA PRO M 192 -14.69 -1.11 -49.71
C PRO M 192 -15.43 -1.26 -51.04
N ILE N 4 1.65 -17.30 -28.63
CA ILE N 4 2.57 -18.17 -29.43
C ILE N 4 1.74 -18.99 -30.43
N PRO N 5 1.92 -18.75 -31.75
CA PRO N 5 1.10 -19.44 -32.75
C PRO N 5 1.59 -20.85 -33.05
N THR N 6 0.68 -21.67 -33.60
CA THR N 6 0.95 -23.06 -33.98
C THR N 6 1.16 -23.14 -35.50
N VAL N 7 1.96 -24.11 -35.94
CA VAL N 7 2.19 -24.37 -37.36
C VAL N 7 2.01 -25.87 -37.67
N ILE N 8 1.34 -26.16 -38.78
CA ILE N 8 0.98 -27.54 -39.16
C ILE N 8 2.17 -28.28 -39.74
N ALA N 17 1.34 -30.35 -35.99
CA ALA N 17 1.07 -29.21 -35.12
C ALA N 17 2.21 -28.99 -34.13
N TYR N 18 2.95 -27.90 -34.33
CA TYR N 18 4.04 -27.48 -33.44
C TYR N 18 3.83 -26.02 -33.06
N ASP N 19 4.14 -25.65 -31.82
CA ASP N 19 4.31 -24.23 -31.47
C ASP N 19 5.56 -23.71 -32.20
N ILE N 20 5.54 -22.45 -32.59
CA ILE N 20 6.56 -21.87 -33.48
C ILE N 20 8.01 -22.13 -33.02
N TYR N 21 8.26 -22.04 -31.71
CA TYR N 21 9.61 -22.18 -31.17
C TYR N 21 10.09 -23.64 -31.13
N SER N 22 9.16 -24.57 -30.89
CA SER N 22 9.45 -26.00 -30.99
C SER N 22 9.73 -26.43 -32.43
N ARG N 23 9.02 -25.83 -33.39
CA ARG N 23 9.29 -26.05 -34.82
C ARG N 23 10.68 -25.53 -35.22
N LEU N 24 11.04 -24.36 -34.72
CA LEU N 24 12.40 -23.81 -34.94
C LEU N 24 13.49 -24.70 -34.33
N LEU N 25 13.22 -25.27 -33.16
CA LEU N 25 14.15 -26.20 -32.51
C LEU N 25 14.38 -27.47 -33.34
N LYS N 26 13.35 -27.93 -34.05
CA LYS N 26 13.47 -29.06 -34.98
C LYS N 26 14.51 -28.81 -36.08
N ASP N 27 14.67 -27.55 -36.49
CA ASP N 27 15.74 -27.14 -37.42
C ASP N 27 16.98 -26.54 -36.72
N ARG N 28 17.22 -26.95 -35.48
CA ARG N 28 18.43 -26.61 -34.71
C ARG N 28 18.61 -25.10 -34.44
N ILE N 29 17.48 -24.41 -34.26
CA ILE N 29 17.48 -22.98 -33.92
C ILE N 29 17.05 -22.82 -32.46
N ILE N 30 17.88 -22.15 -31.66
CA ILE N 30 17.58 -21.88 -30.25
C ILE N 30 17.32 -20.38 -30.06
N MET N 31 16.28 -20.04 -29.31
CA MET N 31 15.89 -18.64 -29.07
C MET N 31 16.39 -18.13 -27.73
N LEU N 32 17.33 -17.18 -27.79
CA LEU N 32 17.68 -16.35 -26.63
C LEU N 32 17.02 -14.99 -26.87
N GLY N 33 15.74 -14.90 -26.50
CA GLY N 33 14.90 -13.75 -26.81
C GLY N 33 14.33 -13.00 -25.61
N SER N 34 15.04 -13.04 -24.48
CA SER N 34 14.58 -12.42 -23.24
C SER N 34 15.76 -12.06 -22.33
N GLN N 35 15.46 -11.52 -21.16
CA GLN N 35 16.46 -11.31 -20.12
C GLN N 35 17.00 -12.66 -19.66
N ILE N 36 18.31 -12.71 -19.40
CA ILE N 36 18.99 -13.94 -19.04
C ILE N 36 18.87 -14.12 -17.52
N ASP N 37 18.03 -15.06 -17.12
CA ASP N 37 17.99 -15.55 -15.74
C ASP N 37 18.35 -17.03 -15.73
N ASP N 38 18.30 -17.67 -14.57
CA ASP N 38 18.63 -19.09 -14.46
C ASP N 38 17.69 -20.00 -15.26
N ASN N 39 16.40 -19.65 -15.31
CA ASN N 39 15.41 -20.44 -16.08
C ASN N 39 15.69 -20.46 -17.58
N VAL N 40 16.05 -19.31 -18.13
CA VAL N 40 16.40 -19.17 -19.54
C VAL N 40 17.68 -19.95 -19.86
N ALA N 41 18.70 -19.80 -19.00
CA ALA N 41 19.96 -20.53 -19.14
C ALA N 41 19.75 -22.05 -19.09
N ASN N 42 18.97 -22.53 -18.12
CA ASN N 42 18.67 -23.96 -17.99
C ASN N 42 18.00 -24.53 -19.25
N SER N 43 17.09 -23.75 -19.83
CA SER N 43 16.40 -24.13 -21.07
C SER N 43 17.36 -24.21 -22.25
N ILE N 44 18.14 -23.15 -22.45
CA ILE N 44 19.08 -23.07 -23.58
C ILE N 44 20.18 -24.13 -23.47
N VAL N 45 20.75 -24.29 -22.28
CA VAL N 45 21.77 -25.31 -22.01
C VAL N 45 21.23 -26.72 -22.31
N SER N 46 19.99 -26.99 -21.91
CA SER N 46 19.33 -28.27 -22.17
C SER N 46 19.05 -28.51 -23.66
N GLN N 47 18.63 -27.45 -24.36
CA GLN N 47 18.44 -27.50 -25.82
C GLN N 47 19.75 -27.79 -26.56
N LEU N 48 20.84 -27.15 -26.13
CA LEU N 48 22.17 -27.38 -26.70
C LEU N 48 22.61 -28.84 -26.55
N LEU N 49 22.40 -29.41 -25.36
CA LEU N 49 22.74 -30.82 -25.09
C LEU N 49 21.88 -31.77 -25.92
N PHE N 50 20.59 -31.45 -26.03
CA PHE N 50 19.65 -32.22 -26.86
C PHE N 50 20.07 -32.23 -28.33
N LEU N 51 20.35 -31.05 -28.88
CA LEU N 51 20.76 -30.93 -30.29
C LEU N 51 22.11 -31.60 -30.60
N GLN N 52 23.01 -31.64 -29.62
CA GLN N 52 24.26 -32.41 -29.75
C GLN N 52 23.99 -33.89 -29.94
N ALA N 53 23.07 -34.45 -29.16
CA ALA N 53 22.73 -35.87 -29.23
C ALA N 53 22.03 -36.24 -30.54
N GLN N 54 21.15 -35.36 -31.02
CA GLN N 54 20.49 -35.55 -32.33
C GLN N 54 21.48 -35.57 -33.48
N ASP N 55 22.42 -34.62 -33.47
CA ASP N 55 23.49 -34.59 -34.47
C ASP N 55 24.69 -33.79 -33.95
N SER N 56 25.85 -34.44 -33.87
CA SER N 56 27.08 -33.80 -33.37
C SER N 56 27.83 -32.98 -34.44
N GLU N 57 27.43 -33.08 -35.70
CA GLU N 57 28.11 -32.41 -36.82
C GLU N 57 27.40 -31.16 -37.33
N LYS N 58 26.07 -31.20 -37.43
CA LYS N 58 25.28 -30.09 -37.98
C LYS N 58 25.29 -28.87 -37.06
N ASP N 59 25.41 -27.69 -37.66
CA ASP N 59 25.43 -26.43 -36.90
C ASP N 59 24.14 -26.18 -36.14
N ILE N 60 24.28 -25.48 -35.01
CA ILE N 60 23.16 -24.96 -34.22
C ILE N 60 23.16 -23.45 -34.44
N TYR N 61 21.97 -22.84 -34.36
CA TYR N 61 21.79 -21.41 -34.60
C TYR N 61 21.16 -20.75 -33.38
N LEU N 62 21.94 -19.93 -32.67
CA LEU N 62 21.47 -19.20 -31.50
C LEU N 62 21.00 -17.79 -31.90
N TYR N 63 19.69 -17.59 -31.86
CA TYR N 63 19.07 -16.28 -32.08
C TYR N 63 19.22 -15.46 -30.80
N ILE N 64 19.73 -14.23 -30.91
CA ILE N 64 19.94 -13.35 -29.75
C ILE N 64 19.20 -12.01 -29.92
N ASN N 65 18.11 -11.87 -29.17
CA ASN N 65 17.44 -10.59 -28.95
C ASN N 65 17.26 -10.44 -27.44
N SER N 66 18.31 -9.94 -26.77
CA SER N 66 18.38 -9.97 -25.32
C SER N 66 19.11 -8.76 -24.74
N PRO N 67 18.61 -8.20 -23.62
CA PRO N 67 19.34 -7.15 -22.91
C PRO N 67 20.40 -7.69 -21.92
N GLY N 68 20.69 -8.99 -21.95
CA GLY N 68 21.61 -9.60 -21.00
C GLY N 68 20.90 -9.99 -19.72
N GLY N 69 21.63 -9.98 -18.61
CA GLY N 69 21.07 -10.38 -17.31
C GLY N 69 22.12 -10.99 -16.41
N SER N 70 21.79 -12.13 -15.80
CA SER N 70 22.68 -12.79 -14.84
C SER N 70 23.98 -13.26 -15.49
N VAL N 71 25.11 -12.94 -14.87
CA VAL N 71 26.45 -13.30 -15.39
C VAL N 71 26.69 -14.80 -15.28
N THR N 72 26.31 -15.40 -14.14
CA THR N 72 26.45 -16.84 -13.95
C THR N 72 25.55 -17.62 -14.93
N ALA N 73 24.31 -17.17 -15.08
CA ALA N 73 23.38 -17.76 -16.06
C ALA N 73 23.91 -17.63 -17.49
N GLY N 74 24.56 -16.50 -17.78
CA GLY N 74 25.25 -16.31 -19.05
C GLY N 74 26.42 -17.26 -19.27
N PHE N 75 27.21 -17.51 -18.23
CA PHE N 75 28.35 -18.45 -18.31
C PHE N 75 27.93 -19.92 -18.39
N ALA N 76 26.72 -20.23 -17.91
CA ALA N 76 26.12 -21.55 -18.12
C ALA N 76 25.93 -21.81 -19.61
N ILE N 77 25.40 -20.80 -20.31
CA ILE N 77 25.21 -20.87 -21.75
C ILE N 77 26.56 -20.86 -22.47
N TYR N 78 27.46 -19.98 -22.05
CA TYR N 78 28.81 -19.88 -22.64
C TYR N 78 29.56 -21.20 -22.62
N ASP N 79 29.72 -21.78 -21.44
CA ASP N 79 30.47 -23.04 -21.28
C ASP N 79 29.85 -24.21 -22.05
N THR N 80 28.52 -24.26 -22.10
CA THR N 80 27.82 -25.30 -22.86
C THR N 80 28.07 -25.16 -24.36
N ILE N 81 28.07 -23.93 -24.86
CA ILE N 81 28.43 -23.66 -26.27
C ILE N 81 29.84 -24.16 -26.59
N GLN N 82 30.82 -23.78 -25.76
CA GLN N 82 32.22 -24.19 -25.99
C GLN N 82 32.43 -25.68 -25.75
N HIS N 83 31.62 -26.29 -24.88
CA HIS N 83 31.72 -27.72 -24.56
C HIS N 83 31.28 -28.65 -25.69
N ILE N 84 30.09 -28.40 -26.25
CA ILE N 84 29.48 -29.31 -27.24
C ILE N 84 30.23 -29.37 -28.58
N LYS N 85 29.98 -30.44 -29.32
CA LYS N 85 30.69 -30.72 -30.58
C LYS N 85 30.26 -29.78 -31.72
N PRO N 86 28.94 -29.60 -31.94
CA PRO N 86 28.52 -28.73 -33.05
C PRO N 86 28.92 -27.27 -32.89
N ASP N 87 29.23 -26.61 -34.00
CA ASP N 87 29.39 -25.16 -34.01
C ASP N 87 28.06 -24.50 -33.67
N VAL N 88 28.10 -23.47 -32.83
CA VAL N 88 26.93 -22.67 -32.50
C VAL N 88 27.07 -21.31 -33.17
N GLN N 89 26.28 -21.10 -34.23
CA GLN N 89 26.22 -19.81 -34.89
C GLN N 89 25.43 -18.87 -33.97
N THR N 90 25.84 -17.61 -33.93
CA THR N 90 25.10 -16.58 -33.19
C THR N 90 24.66 -15.49 -34.15
N ILE N 91 23.41 -15.03 -33.99
CA ILE N 91 22.89 -13.93 -34.80
C ILE N 91 22.13 -12.96 -33.90
N CYS N 92 22.55 -11.69 -33.93
CA CYS N 92 21.90 -10.63 -33.19
C CYS N 92 20.83 -9.98 -34.06
N ILE N 93 19.58 -10.06 -33.61
CA ILE N 93 18.46 -9.44 -34.29
C ILE N 93 17.74 -8.58 -33.24
N GLY N 94 17.58 -7.29 -33.53
CA GLY N 94 17.02 -6.35 -32.57
C GLY N 94 18.10 -5.75 -31.69
N MET N 95 18.47 -6.47 -30.62
CA MET N 95 19.57 -6.03 -29.76
C MET N 95 20.29 -7.13 -29.00
N ALA N 96 21.56 -6.88 -28.69
CA ALA N 96 22.34 -7.70 -27.77
C ALA N 96 23.04 -6.75 -26.82
N ALA N 97 22.70 -6.80 -25.55
CA ALA N 97 23.33 -5.97 -24.56
C ALA N 97 23.93 -6.77 -23.44
N SER N 98 25.05 -6.29 -22.91
CA SER N 98 25.70 -6.86 -21.76
C SER N 98 26.03 -8.31 -21.99
N MET N 99 25.47 -9.16 -21.15
CA MET N 99 25.70 -10.59 -21.26
C MET N 99 25.19 -11.18 -22.62
N GLY N 100 24.14 -10.62 -23.21
CA GLY N 100 23.73 -11.02 -24.54
C GLY N 100 24.83 -10.72 -25.60
N SER N 101 25.49 -9.58 -25.53
CA SER N 101 26.60 -9.26 -26.45
C SER N 101 27.84 -10.12 -26.18
N PHE N 102 28.02 -10.53 -24.93
CA PHE N 102 29.07 -11.51 -24.58
C PHE N 102 28.81 -12.85 -25.27
N LEU N 103 27.57 -13.33 -25.16
CA LEU N 103 27.15 -14.58 -25.82
C LEU N 103 27.14 -14.48 -27.34
N LEU N 104 26.82 -13.31 -27.88
CA LEU N 104 26.95 -13.04 -29.32
C LEU N 104 28.40 -13.26 -29.78
N ALA N 105 29.35 -12.73 -29.02
CA ALA N 105 30.78 -12.91 -29.26
C ALA N 105 31.28 -14.35 -29.02
N ALA N 106 30.52 -15.12 -28.22
CA ALA N 106 30.83 -16.53 -27.93
C ALA N 106 30.56 -17.52 -29.07
N GLY N 107 29.87 -17.09 -30.13
CA GLY N 107 29.57 -17.97 -31.27
C GLY N 107 30.81 -18.46 -32.00
N ALA N 108 30.62 -19.52 -32.80
CA ALA N 108 31.73 -20.14 -33.53
C ALA N 108 32.43 -19.13 -34.44
N LYS N 109 33.76 -19.19 -34.47
CA LYS N 109 34.58 -18.23 -35.24
C LYS N 109 34.18 -18.28 -36.71
N GLY N 110 33.92 -17.10 -37.27
CA GLY N 110 33.42 -16.96 -38.65
C GLY N 110 31.90 -17.06 -38.82
N LYS N 111 31.18 -17.42 -37.75
CA LYS N 111 29.73 -17.65 -37.82
C LYS N 111 28.97 -16.82 -36.76
N ARG N 112 29.48 -15.63 -36.46
CA ARG N 112 28.82 -14.68 -35.56
C ARG N 112 28.29 -13.54 -36.42
N PHE N 113 26.98 -13.27 -36.33
CA PHE N 113 26.30 -12.36 -37.25
C PHE N 113 25.44 -11.32 -36.54
N ALA N 114 25.10 -10.28 -37.28
CA ALA N 114 24.09 -9.31 -36.88
C ALA N 114 23.40 -8.76 -38.12
N LEU N 115 22.10 -8.46 -38.00
CA LEU N 115 21.38 -7.77 -39.07
C LEU N 115 21.69 -6.28 -39.01
N PRO N 116 21.56 -5.54 -40.14
CA PRO N 116 22.11 -4.17 -40.27
C PRO N 116 21.74 -3.16 -39.18
N ASN N 117 20.49 -3.18 -38.73
CA ASN N 117 19.99 -2.23 -37.72
C ASN N 117 19.94 -2.81 -36.29
N ALA N 118 20.58 -3.96 -36.06
CA ALA N 118 20.70 -4.54 -34.73
C ALA N 118 21.64 -3.70 -33.87
N GLU N 119 21.32 -3.63 -32.57
CA GLU N 119 22.05 -2.82 -31.61
C GLU N 119 22.89 -3.70 -30.69
N VAL N 120 24.18 -3.39 -30.57
CA VAL N 120 25.07 -4.12 -29.67
C VAL N 120 25.61 -3.15 -28.63
N MET N 121 25.41 -3.49 -27.34
CA MET N 121 25.92 -2.67 -26.24
C MET N 121 26.81 -3.49 -25.31
N ILE N 122 27.92 -2.89 -24.90
CA ILE N 122 28.83 -3.47 -23.91
C ILE N 122 29.04 -2.51 -22.75
N HIS N 123 29.03 -3.05 -21.54
CA HIS N 123 29.41 -2.28 -20.35
C HIS N 123 29.96 -3.21 -19.26
N GLN N 124 30.42 -2.63 -18.16
CA GLN N 124 30.93 -3.42 -17.04
C GLN N 124 29.78 -4.04 -16.24
N PRO N 125 30.03 -5.16 -15.52
CA PRO N 125 28.96 -5.81 -14.76
C PRO N 125 28.38 -4.96 -13.63
N LEU N 126 27.09 -5.12 -13.38
CA LEU N 126 26.35 -4.38 -12.36
C LEU N 126 26.05 -5.30 -11.18
N GLY N 127 26.05 -4.73 -9.97
CA GLY N 127 25.76 -5.50 -8.76
C GLY N 127 25.52 -4.63 -7.55
N GLY N 128 25.49 -5.26 -6.39
CA GLY N 128 25.26 -4.57 -5.12
C GLY N 128 25.77 -5.34 -3.93
N ALA N 129 26.12 -4.60 -2.88
CA ALA N 129 26.60 -5.17 -1.63
C ALA N 129 26.08 -4.34 -0.46
N GLN N 130 25.77 -4.99 0.66
CA GLN N 130 25.22 -4.31 1.83
C GLN N 130 25.55 -5.10 3.10
N GLY N 131 25.99 -4.38 4.14
CA GLY N 131 26.32 -4.99 5.44
C GLY N 131 27.64 -4.48 5.98
N GLN N 132 28.43 -5.38 6.56
CA GLN N 132 29.71 -5.04 7.20
C GLN N 132 30.79 -4.72 6.16
N ALA N 133 31.82 -3.99 6.60
CA ALA N 133 32.92 -3.58 5.72
C ALA N 133 33.63 -4.77 5.07
N THR N 134 33.85 -5.84 5.83
CA THR N 134 34.46 -7.07 5.30
C THR N 134 33.54 -7.79 4.30
N GLU N 135 32.23 -7.71 4.50
CA GLU N 135 31.24 -8.25 3.54
C GLU N 135 31.21 -7.45 2.24
N ILE N 136 31.33 -6.12 2.36
CA ILE N 136 31.37 -5.23 1.19
CA ILE N 136 31.37 -5.25 1.18
C ILE N 136 32.66 -5.48 0.40
N GLU N 137 33.76 -5.71 1.13
CA GLU N 137 35.06 -6.04 0.52
C GLU N 137 34.99 -7.32 -0.31
N ILE N 138 34.34 -8.35 0.25
CA ILE N 138 34.17 -9.65 -0.41
C ILE N 138 33.33 -9.54 -1.69
N ALA N 139 32.24 -8.78 -1.62
CA ALA N 139 31.39 -8.53 -2.80
C ALA N 139 32.13 -7.71 -3.85
N ALA N 140 32.94 -6.74 -3.40
CA ALA N 140 33.75 -5.93 -4.30
C ALA N 140 34.82 -6.75 -5.02
N ASN N 141 35.55 -7.58 -4.28
CA ASN N 141 36.54 -8.47 -4.87
C ASN N 141 35.92 -9.48 -5.84
N HIS N 142 34.69 -9.92 -5.53
CA HIS N 142 33.96 -10.86 -6.37
C HIS N 142 33.59 -10.27 -7.73
N ILE N 143 32.92 -9.11 -7.72
CA ILE N 143 32.47 -8.47 -8.97
C ILE N 143 33.65 -7.97 -9.81
N LEU N 144 34.73 -7.53 -9.16
CA LEU N 144 35.96 -7.14 -9.85
C LEU N 144 36.62 -8.32 -10.58
N LYS N 145 36.72 -9.46 -9.90
CA LYS N 145 37.25 -10.69 -10.51
C LYS N 145 36.31 -11.23 -11.60
N THR N 146 35.01 -11.03 -11.44
CA THR N 146 34.03 -11.38 -12.48
C THR N 146 34.22 -10.53 -13.75
N ARG N 147 34.50 -9.24 -13.59
CA ARG N 147 34.80 -8.36 -14.73
C ARG N 147 36.10 -8.78 -15.43
N GLU N 148 37.14 -9.06 -14.65
CA GLU N 148 38.41 -9.57 -15.19
C GLU N 148 38.22 -10.85 -16.01
N LYS N 149 37.39 -11.75 -15.50
CA LYS N 149 37.03 -13.00 -16.17
C LYS N 149 36.29 -12.73 -17.49
N LEU N 150 35.32 -11.83 -17.45
CA LEU N 150 34.56 -11.42 -18.65
C LEU N 150 35.44 -10.73 -19.68
N ASN N 151 36.28 -9.80 -19.22
CA ASN N 151 37.15 -9.02 -20.11
C ASN N 151 38.27 -9.86 -20.75
N ARG N 152 38.77 -10.86 -20.02
CA ARG N 152 39.79 -11.78 -20.55
C ARG N 152 39.23 -12.61 -21.71
N ILE N 153 38.05 -13.18 -21.50
CA ILE N 153 37.38 -13.99 -22.52
C ILE N 153 36.95 -13.13 -23.72
N LEU N 154 36.44 -11.93 -23.47
CA LEU N 154 36.07 -11.00 -24.54
C LEU N 154 37.28 -10.56 -25.36
N SER N 155 38.43 -10.42 -24.71
CA SER N 155 39.71 -10.15 -25.40
C SER N 155 40.12 -11.30 -26.32
N GLU N 156 39.99 -12.53 -25.83
CA GLU N 156 40.30 -13.73 -26.61
C GLU N 156 39.42 -13.87 -27.86
N ARG N 157 38.13 -13.57 -27.72
CA ARG N 157 37.15 -13.78 -28.79
C ARG N 157 37.01 -12.62 -29.79
N THR N 158 37.32 -11.39 -29.36
CA THR N 158 37.29 -10.21 -30.24
C THR N 158 38.62 -9.89 -30.91
N GLY N 159 39.72 -10.26 -30.25
CA GLY N 159 41.07 -9.89 -30.70
C GLY N 159 41.58 -8.57 -30.11
N GLN N 160 40.72 -7.85 -29.39
CA GLN N 160 41.11 -6.59 -28.76
C GLN N 160 41.88 -6.90 -27.47
N SER N 161 42.67 -5.95 -26.99
CA SER N 161 43.40 -6.11 -25.74
C SER N 161 42.46 -6.00 -24.53
N ILE N 162 42.87 -6.61 -23.42
CA ILE N 162 42.14 -6.50 -22.13
C ILE N 162 42.09 -5.04 -21.66
N GLU N 163 43.15 -4.28 -21.93
CA GLU N 163 43.23 -2.86 -21.57
C GLU N 163 42.21 -2.03 -22.36
N LYS N 164 42.03 -2.34 -23.64
CA LYS N 164 41.07 -1.65 -24.50
C LYS N 164 39.62 -1.95 -24.08
N ILE N 165 39.33 -3.23 -23.83
CA ILE N 165 38.01 -3.65 -23.36
C ILE N 165 37.64 -3.01 -22.02
N GLN N 166 38.61 -2.92 -21.12
CA GLN N 166 38.42 -2.26 -19.82
C GLN N 166 37.95 -0.80 -19.99
N LYS N 167 38.64 -0.05 -20.85
CA LYS N 167 38.29 1.35 -21.12
C LYS N 167 36.97 1.48 -21.90
N ASP N 168 36.76 0.60 -22.87
CA ASP N 168 35.54 0.62 -23.70
C ASP N 168 34.28 0.10 -22.98
N THR N 169 34.43 -0.63 -21.87
CA THR N 169 33.29 -1.09 -21.08
C THR N 169 33.07 -0.31 -19.77
N ASP N 170 33.83 0.77 -19.56
CA ASP N 170 33.71 1.59 -18.34
C ASP N 170 32.32 2.18 -18.17
N ARG N 171 31.78 2.70 -19.27
CA ARG N 171 30.41 3.21 -19.36
C ARG N 171 29.65 2.41 -20.41
N ASP N 172 28.35 2.71 -20.55
CA ASP N 172 27.52 2.14 -21.63
C ASP N 172 28.10 2.53 -22.99
N ASN N 173 28.37 1.51 -23.82
CA ASN N 173 29.01 1.69 -25.12
C ASN N 173 28.14 1.02 -26.20
N PHE N 174 27.33 1.83 -26.86
CA PHE N 174 26.44 1.36 -27.93
C PHE N 174 27.17 1.30 -29.26
N LEU N 175 26.99 0.19 -29.97
CA LEU N 175 27.63 -0.05 -31.26
C LEU N 175 26.58 -0.42 -32.30
N THR N 176 26.76 0.06 -33.54
CA THR N 176 25.99 -0.41 -34.68
C THR N 176 26.49 -1.81 -35.06
N ALA N 177 25.76 -2.49 -35.94
CA ALA N 177 26.17 -3.82 -36.42
C ALA N 177 27.53 -3.78 -37.11
N GLU N 178 27.76 -2.74 -37.91
CA GLU N 178 29.04 -2.53 -38.60
C GLU N 178 30.18 -2.28 -37.62
N GLU N 179 29.95 -1.45 -36.61
CA GLU N 179 30.93 -1.19 -35.55
C GLU N 179 31.25 -2.45 -34.72
N ALA N 180 30.24 -3.28 -34.47
CA ALA N 180 30.44 -4.57 -33.79
C ALA N 180 31.35 -5.52 -34.60
N LYS N 181 31.24 -5.49 -35.93
CA LYS N 181 32.12 -6.26 -36.81
C LYS N 181 33.56 -5.77 -36.70
N GLU N 182 33.75 -4.45 -36.80
CA GLU N 182 35.06 -3.81 -36.65
C GLU N 182 35.70 -4.09 -35.28
N TYR N 183 34.87 -4.14 -34.24
CA TYR N 183 35.34 -4.43 -32.88
C TYR N 183 35.78 -5.89 -32.69
N GLY N 184 35.16 -6.80 -33.45
CA GLY N 184 35.41 -8.23 -33.34
C GLY N 184 34.36 -9.01 -32.56
N LEU N 185 33.27 -8.34 -32.17
CA LEU N 185 32.14 -9.00 -31.50
C LEU N 185 31.38 -9.93 -32.45
N ILE N 186 31.33 -9.55 -33.73
CA ILE N 186 30.76 -10.40 -34.79
C ILE N 186 31.72 -10.45 -35.99
N ASP N 187 31.44 -11.36 -36.91
CA ASP N 187 32.28 -11.58 -38.10
C ASP N 187 31.75 -10.91 -39.35
N GLU N 188 30.43 -10.94 -39.55
CA GLU N 188 29.79 -10.34 -40.72
C GLU N 188 28.49 -9.63 -40.36
N VAL N 189 28.20 -8.53 -41.07
CA VAL N 189 26.87 -7.93 -41.07
C VAL N 189 26.09 -8.65 -42.18
N MET N 190 25.04 -9.36 -41.80
CA MET N 190 24.26 -10.18 -42.74
C MET N 190 23.34 -9.28 -43.57
N VAL N 191 23.76 -9.02 -44.81
CA VAL N 191 22.98 -8.19 -45.75
C VAL N 191 21.79 -8.96 -46.35
N PRO N 192 20.83 -8.24 -46.95
CA PRO N 192 19.74 -8.91 -47.70
C PRO N 192 20.25 -9.70 -48.91
N1 A1EEK O . 3.29 13.10 46.87
C7 A1EEK O . 2.40 8.77 43.92
C8 A1EEK O . 2.95 9.29 42.78
N2 A1EEK O . 2.61 15.30 47.37
C9 A1EEK O . 2.18 9.60 41.66
O1 A1EEK O . -0.02 9.67 40.65
C1 A1EEK O . 0.24 10.36 48.38
C5 A1EEK O . 2.91 8.89 47.49
C6 A1EEK O . 3.29 8.48 45.12
N3 A1EEK O . 3.22 11.22 48.38
C4 A1EEK O . 2.74 9.85 48.67
C3 A1EEK O . 1.31 10.39 50.69
O3 A1EEK O . 4.15 11.42 50.43
C2 A1EEK O . 1.33 9.76 49.30
C27 A1EEK O . 3.99 11.84 49.29
C26 A1EEK O . 4.70 13.12 48.88
C25 A1EEK O . 4.65 13.30 47.37
C20 A1EEK O . 2.29 14.06 46.93
C21 A1EEK O . 1.73 16.43 47.17
C22 A1EEK O . 1.88 17.05 45.79
C23 A1EEK O . 0.94 16.39 44.78
C24 A1EEK O . 0.81 17.14 43.51
F2 A1EEK O . 0.12 16.46 42.60
F1 A1EEK O . 0.20 18.31 43.67
F A1EEK O . 2.00 17.40 42.96
O2 A1EEK O . 1.15 13.80 46.59
C A1EEK O . -1.17 10.07 48.83
C19 A1EEK O . 2.87 11.71 47.04
C18 A1EEK O . 3.58 10.75 46.00
N A1EEK O . 3.07 9.39 46.24
O A1EEK O . 2.92 7.70 47.73
C17 A1EEK O . 0.99 8.53 43.97
C16 A1EEK O . 0.33 7.96 45.11
C15 A1EEK O . -1.02 7.75 45.11
C14 A1EEK O . -1.79 8.07 44.00
C13 A1EEK O . -1.22 8.61 42.89
C12 A1EEK O . 0.18 8.85 42.83
C10 A1EEK O . 0.83 9.39 41.68
C11 A1EEK O . 0.47 10.49 39.57
C1 MPD P . 11.08 -8.52 35.66
C2 MPD P . 11.47 -9.19 34.35
O2 MPD P . 10.27 -9.65 33.74
CM MPD P . 12.36 -10.40 34.60
C3 MPD P . 12.16 -8.20 33.40
C4 MPD P . 12.30 -8.70 32.00
O4 MPD P . 11.01 -8.93 31.45
C5 MPD P . 13.04 -7.74 31.11
N1 A1EEK Q . 26.80 17.03 37.15
C7 A1EEK Q . 26.14 12.63 34.28
C8 A1EEK Q . 25.55 13.28 33.23
N2 A1EEK Q . 25.71 18.66 38.45
C9 A1EEK Q . 24.22 13.08 32.90
O1 A1EEK Q . 22.14 11.92 33.37
C1 A1EEK Q . 26.98 13.13 39.24
C5 A1EEK Q . 28.75 13.26 36.72
C6 A1EEK Q . 27.61 12.89 34.60
N3 A1EEK Q . 28.53 15.50 37.83
C4 A1EEK Q . 28.98 14.10 37.97
C3 A1EEK Q . 28.94 14.12 40.51
O3 A1EEK Q . 30.40 16.30 38.81
C2 A1EEK Q . 28.49 13.37 39.24
C27 A1EEK Q . 29.35 16.51 38.23
C26 A1EEK Q . 28.94 17.92 37.93
C25 A1EEK Q . 27.91 17.92 36.82
C20 A1EEK Q . 25.75 17.39 37.98
C21 A1EEK Q . 24.56 19.16 39.20
C22 A1EEK Q . 23.49 19.73 38.28
C23 A1EEK Q . 22.50 18.65 37.85
C24 A1EEK Q . 21.27 19.20 37.22
F2 A1EEK Q . 20.52 18.24 36.69
F1 A1EEK Q . 20.51 19.85 38.08
F A1EEK Q . 21.54 20.06 36.24
O2 A1EEK Q . 24.89 16.57 38.31
C A1EEK Q . 26.53 12.02 40.17
C19 A1EEK Q . 27.21 15.63 37.17
C18 A1EEK Q . 27.37 15.06 35.72
N A1EEK Q . 27.81 13.67 35.82
O A1EEK Q . 29.41 12.25 36.57
C17 A1EEK Q . 25.36 11.72 35.07
C16 A1EEK Q . 25.90 10.99 36.17
C15 A1EEK Q . 25.13 10.13 36.91
C14 A1EEK Q . 23.79 9.95 36.59
C13 A1EEK Q . 23.22 10.62 35.55
C12 A1EEK Q . 23.98 11.52 34.75
C10 A1EEK Q . 23.44 12.22 33.63
C11 A1EEK Q . 21.37 12.86 32.61
C1 MPD R . 34.77 0.26 16.12
C2 MPD R . 33.56 0.96 16.74
O2 MPD R . 32.51 0.00 16.94
CM MPD R . 33.96 1.52 18.09
C3 MPD R . 33.07 2.10 15.84
C4 MPD R . 32.45 1.66 14.50
O4 MPD R . 31.38 0.74 14.69
C5 MPD R . 31.90 2.87 13.76
N1 A1EEK S . 33.85 31.12 16.91
C7 A1EEK S . 33.39 27.01 13.81
C8 A1EEK S . 32.05 27.16 13.54
N2 A1EEK S . 33.13 32.05 18.87
C9 A1EEK S . 31.10 26.29 14.05
O1 A1EEK S . 30.61 24.35 15.39
C1 A1EEK S . 37.58 27.95 16.51
C5 A1EEK S . 36.33 29.00 14.27
C6 A1EEK S . 34.39 27.99 13.25
N3 A1EEK S . 35.99 30.90 15.84
C4 A1EEK S . 36.97 30.03 15.18
C3 A1EEK S . 38.29 30.22 17.37
O3 A1EEK S . 37.29 32.69 15.53
C2 A1EEK S . 38.00 29.36 16.13
C27 A1EEK S . 36.25 32.22 15.91
C26 A1EEK S . 35.18 33.13 16.46
C25 A1EEK S . 33.83 32.46 16.30
C20 A1EEK S . 33.63 30.97 18.24
C21 A1EEK S . 32.82 32.00 20.28
C22 A1EEK S . 31.33 31.97 20.54
C23 A1EEK S . 30.86 30.52 20.53
C24 A1EEK S . 29.42 30.39 20.75
F2 A1EEK S . 29.01 29.16 20.55
F1 A1EEK S . 29.05 30.72 21.96
F A1EEK S . 28.70 31.15 19.93
O2 A1EEK S . 33.88 29.93 18.81
C A1EEK S . 37.01 27.85 17.88
C19 A1EEK S . 34.76 30.20 16.25
C18 A1EEK S . 34.07 29.75 14.94
N A1EEK S . 34.99 28.85 14.26
O A1EEK S . 37.06 28.34 13.55
C17 A1EEK S . 33.82 25.91 14.62
C16 A1EEK S . 35.18 25.66 14.91
C15 A1EEK S . 35.55 24.59 15.68
C14 A1EEK S . 34.59 23.73 16.20
C13 A1EEK S . 33.27 23.93 15.96
C12 A1EEK S . 32.84 25.02 15.15
C10 A1EEK S . 31.47 25.25 14.85
C11 A1EEK S . 29.23 24.67 15.36
N1 A1EEK T . 18.43 45.20 1.47
C7 A1EEK T . 18.11 41.12 -1.74
C8 A1EEK T . 17.06 40.57 -1.07
N2 A1EEK T . 18.81 45.74 3.67
C9 A1EEK T . 17.18 39.40 -0.35
O1 A1EEK T . 18.61 37.59 0.40
C1 A1EEK T . 21.94 44.06 -1.19
C5 A1EEK T . 19.36 44.39 -2.56
C6 A1EEK T . 17.94 42.41 -2.50
N3 A1EEK T . 19.32 45.93 -0.62
C4 A1EEK T . 20.01 45.58 -1.87
C3 A1EEK T . 22.16 46.57 -0.95
O3 A1EEK T . 19.21 48.09 -1.23
C2 A1EEK T . 21.54 45.42 -1.75
C27 A1EEK T . 18.96 47.22 -0.42
C26 A1EEK T . 18.19 47.55 0.83
C25 A1EEK T . 17.49 46.31 1.33
C20 A1EEK T . 19.23 45.11 2.57
C21 A1EEK T . 19.62 45.77 4.87
C22 A1EEK T . 19.00 45.00 6.01
C23 A1EEK T . 19.09 43.52 5.71
C24 A1EEK T . 18.58 42.68 6.80
F2 A1EEK T . 18.78 41.41 6.55
F1 A1EEK T . 19.16 42.93 7.96
F A1EEK T . 17.29 42.84 7.02
O2 A1EEK T . 20.29 44.49 2.54
C A1EEK T . 23.39 43.96 -0.79
C19 A1EEK T . 19.01 44.77 0.22
C18 A1EEK T . 17.94 43.95 -0.57
N A1EEK T . 18.56 43.57 -1.84
O A1EEK T . 19.55 44.21 -3.74
C17 A1EEK T . 19.39 40.48 -1.68
C16 A1EEK T . 20.54 40.99 -2.35
C15 A1EEK T . 21.74 40.35 -2.27
C14 A1EEK T . 21.87 39.19 -1.54
C13 A1EEK T . 20.80 38.65 -0.89
C12 A1EEK T . 19.53 39.27 -0.94
C10 A1EEK T . 18.38 38.75 -0.28
C11 A1EEK T . 17.61 37.15 1.31
C1 MPD U . 32.25 19.02 -8.37
C2 MPD U . 31.62 19.05 -6.98
O2 MPD U . 31.51 17.73 -6.45
CM MPD U . 32.53 19.85 -6.05
C3 MPD U . 30.24 19.72 -7.00
C4 MPD U . 29.15 18.95 -7.77
O4 MPD U . 29.05 17.59 -7.32
C5 MPD U . 27.79 19.62 -7.58
N1 A1EEK V . -6.81 48.27 2.49
C7 A1EEK V . -7.51 44.33 -0.90
C8 A1EEK V . -7.51 43.36 0.07
N2 A1EEK V . -5.45 49.21 4.05
C9 A1EEK V . -6.48 42.44 0.18
O1 A1EEK V . -4.34 41.68 -0.62
C1 A1EEK V . -5.71 50.31 -1.06
C5 A1EEK V . -8.55 47.73 -1.30
C6 A1EEK V . -8.64 45.33 -0.97
N3 A1EEK V . -7.81 49.16 0.51
C4 A1EEK V . -7.93 49.07 -0.94
C3 A1EEK V . -6.80 49.44 -3.17
O3 A1EEK V . -9.11 50.98 0.59
C2 A1EEK V . -6.57 49.21 -1.67
C27 A1EEK V . -8.45 50.14 1.17
C26 A1EEK V . -8.36 50.16 2.67
C25 A1EEK V . -8.00 48.79 3.19
C20 A1EEK V . -5.56 48.68 2.83
C21 A1EEK V . -4.15 49.59 4.58
C22 A1EEK V . -3.61 48.58 5.56
C23 A1EEK V . -3.11 47.36 4.80
C24 A1EEK V . -2.42 46.39 5.66
F2 A1EEK V . -1.88 45.41 4.97
F1 A1EEK V . -1.45 46.92 6.36
F A1EEK V . -3.23 45.83 6.54
O2 A1EEK V . -4.63 48.58 2.05
C A1EEK V . -6.31 51.67 -1.17
C19 A1EEK V . -7.04 48.03 1.07
C18 A1EEK V . -7.93 46.77 0.91
N A1EEK V . -8.28 46.68 -0.51
O A1EEK V . -9.25 47.65 -2.28
C17 A1EEK V . -6.43 44.41 -1.83
C16 A1EEK V . -6.37 45.37 -2.87
C15 A1EEK V . -5.32 45.40 -3.73
C14 A1EEK V . -4.27 44.50 -3.61
C13 A1EEK V . -4.27 43.57 -2.62
C12 A1EEK V . -5.36 43.48 -1.70
C10 A1EEK V . -5.42 42.50 -0.68
C11 A1EEK V . -4.28 40.74 0.44
C1 MPD W . 6.37 31.72 -20.07
C2 MPD W . 6.91 31.53 -18.65
O2 MPD W . 7.79 30.40 -18.62
CM MPD W . 7.72 32.76 -18.27
C3 MPD W . 5.77 31.33 -17.65
C4 MPD W . 4.99 30.02 -17.80
O4 MPD W . 5.85 28.88 -17.74
C5 MPD W . 3.95 29.89 -16.68
C1 MPD X . -22.73 28.80 -10.60
C2 MPD X . -21.45 29.06 -9.80
O2 MPD X . -20.32 28.52 -10.50
CM MPD X . -21.26 30.56 -9.66
C3 MPD X . -21.53 28.44 -8.40
C4 MPD X . -21.56 26.91 -8.36
O4 MPD X . -20.49 26.33 -9.10
C5 MPD X . -21.48 26.41 -6.92
N1 A1EEK Y . -23.92 38.16 19.00
C7 A1EEK Y . -24.67 34.16 15.78
C8 A1EEK Y . -23.64 33.41 16.28
N2 A1EEK Y . -22.28 39.64 19.61
C9 A1EEK Y . -22.49 33.17 15.55
O1 A1EEK Y . -21.26 33.48 13.49
C1 A1EEK Y . -26.72 38.62 15.10
C5 A1EEK Y . -27.15 36.49 16.86
C6 A1EEK Y . -25.90 34.43 16.61
N3 A1EEK Y . -26.24 38.18 18.44
C4 A1EEK Y . -27.29 37.88 17.46
C3 A1EEK Y . -27.17 40.35 16.88
O3 A1EEK Y . -27.77 38.91 19.91
C2 A1EEK Y . -27.51 38.95 16.36
C27 A1EEK Y . -26.60 38.70 19.63
C26 A1EEK Y . -25.53 38.98 20.64
C25 A1EEK Y . -24.37 38.04 20.38
C20 A1EEK Y . -23.04 39.13 18.63
C21 A1EEK Y . -21.39 40.75 19.36
C22 A1EEK Y . -19.93 40.35 19.53
C23 A1EEK Y . -19.45 39.68 18.27
C24 A1EEK Y . -18.09 39.15 18.39
F2 A1EEK Y . -17.72 38.51 17.29
F1 A1EEK Y . -17.19 40.09 18.59
F A1EEK Y . -17.96 38.30 19.38
O2 A1EEK Y . -22.96 39.52 17.48
C A1EEK Y . -25.94 39.77 14.53
C19 A1EEK Y . -24.91 37.75 18.01
C18 A1EEK Y . -24.95 36.21 18.01
N A1EEK Y . -26.00 35.81 17.07
O A1EEK Y . -28.07 36.03 16.21
C17 A1EEK Y . -24.56 34.69 14.46
C16 A1EEK Y . -25.59 35.46 13.85
C15 A1EEK Y . -25.45 35.96 12.60
C14 A1EEK Y . -24.30 35.74 11.87
C13 A1EEK Y . -23.28 35.01 12.40
C12 A1EEK Y . -23.37 34.46 13.71
C10 A1EEK Y . -22.35 33.67 14.29
C11 A1EEK Y . -20.09 32.93 14.08
C1 MPD Z . -33.82 12.54 13.34
C2 MPD Z . -32.58 13.41 13.14
O2 MPD Z . -32.15 13.35 11.78
CM MPD Z . -32.94 14.86 13.45
C3 MPD Z . -31.44 12.96 14.07
C4 MPD Z . -30.81 11.61 13.72
O4 MPD Z . -30.30 11.60 12.39
C5 MPD Z . -29.67 11.29 14.68
N1 A1EEK AA . -19.35 22.43 38.84
C7 A1EEK AA . -20.19 18.28 35.77
C8 A1EEK AA . -18.91 18.22 35.26
N2 A1EEK AA . -18.66 24.60 38.80
C9 A1EEK AA . -18.63 18.54 33.94
O1 A1EEK AA . -19.45 19.29 31.80
C1 A1EEK AA . -23.78 21.01 37.92
C5 A1EEK AA . -21.90 19.10 38.80
C6 A1EEK AA . -20.43 17.98 37.22
N3 A1EEK AA . -21.09 21.16 39.89
C4 A1EEK AA . -22.22 20.23 39.76
C3 A1EEK AA . -23.74 22.24 40.11
O3 A1EEK AA . -21.39 21.26 42.11
C2 A1EEK AA . -23.57 20.89 39.42
C27 A1EEK AA . -20.75 21.57 41.13
C26 A1EEK AA . -19.51 22.41 41.28
C25 A1EEK AA . -18.62 22.19 40.08
C20 A1EEK AA . -19.50 23.67 38.32
C21 A1EEK AA . -18.71 25.97 38.31
C22 A1EEK AA . -17.52 26.31 37.42
C23 A1EEK AA . -17.68 25.63 36.08
C24 A1EEK AA . -16.66 26.04 35.09
F2 A1EEK AA . -16.94 25.57 33.89
F1 A1EEK AA . -16.56 27.36 34.96
F A1EEK AA . -15.45 25.62 35.39
O2 A1EEK AA . -20.35 23.91 37.48
C A1EEK AA . -24.03 22.40 37.45
C19 A1EEK AA . -20.41 21.46 38.62
C18 A1EEK AA . -19.74 20.13 38.21
N A1EEK AA . -20.81 19.16 38.01
O A1EEK AA . -22.66 18.16 38.76
C17 A1EEK AA . -21.26 18.67 34.91
C16 A1EEK AA . -22.60 18.74 35.34
C15 A1EEK AA . -23.60 19.12 34.49
C14 A1EEK AA . -23.32 19.46 33.18
C13 A1EEK AA . -22.04 19.40 32.71
C12 A1EEK AA . -20.97 19.00 33.55
C10 A1EEK AA . -19.63 18.93 33.10
C11 A1EEK AA . -18.13 19.57 31.38
C1 MPD BA . -18.12 -5.21 33.63
C2 MPD BA . -17.91 -3.84 33.00
O2 MPD BA . -18.52 -3.80 31.70
CM MPD BA . -18.60 -2.80 33.86
C3 MPD BA . -16.42 -3.51 32.90
C4 MPD BA . -15.64 -4.32 31.86
O4 MPD BA . -16.21 -4.20 30.56
C5 MPD BA . -14.18 -3.84 31.79
N1 A1EEK CA . 24.07 -37.00 -21.21
C7 A1EEK CA . 25.18 -32.90 -18.18
C8 A1EEK CA . 23.90 -32.77 -17.70
N2 A1EEK CA . 22.91 -37.78 -23.02
C9 A1EEK CA . 23.10 -31.71 -18.06
O1 A1EEK CA . 22.86 -29.65 -19.28
C1 A1EEK CA . 27.74 -36.03 -23.00
C5 A1EEK CA . 27.44 -35.46 -19.21
C6 A1EEK CA . 26.03 -34.09 -17.79
N3 A1EEK CA . 26.39 -37.05 -20.70
C4 A1EEK CA . 27.62 -36.28 -20.47
C3 A1EEK CA . 29.39 -34.83 -21.51
O3 A1EEK CA . 27.51 -38.99 -20.70
C2 A1EEK CA . 27.97 -35.36 -21.65
C27 A1EEK CA . 26.45 -38.40 -20.76
C26 A1EEK CA . 25.16 -39.16 -20.91
C25 A1EEK CA . 23.97 -38.29 -20.56
C20 A1EEK CA . 23.73 -36.85 -22.52
C21 A1EEK CA . 22.36 -37.65 -24.36
C22 A1EEK CA . 20.90 -37.28 -24.34
C23 A1EEK CA . 20.78 -35.77 -24.37
C24 A1EEK CA . 19.39 -35.28 -24.26
F2 A1EEK CA . 19.35 -33.99 -24.04
F1 A1EEK CA . 18.67 -35.50 -25.35
F A1EEK CA . 18.71 -35.85 -23.27
O2 A1EEK CA . 24.15 -35.91 -23.19
C A1EEK CA . 28.65 -37.19 -23.27
C19 A1EEK CA . 25.20 -36.19 -20.75
C18 A1EEK CA . 24.96 -35.74 -19.29
N A1EEK CA . 26.19 -35.07 -18.87
O A1EEK CA . 28.41 -35.17 -18.55
C17 A1EEK CA . 25.70 -31.90 -19.05
C16 A1EEK CA . 27.03 -31.94 -19.56
C15 A1EEK CA . 27.50 -30.96 -20.39
C14 A1EEK CA . 26.69 -29.90 -20.75
C13 A1EEK CA . 25.41 -29.81 -20.29
C12 A1EEK CA . 24.88 -30.80 -19.42
C10 A1EEK CA . 23.56 -30.74 -18.89
C11 A1EEK CA . 21.46 -29.66 -19.05
C1 MPD DA . 28.70 -24.95 3.96
C2 MPD DA . 27.86 -24.96 2.68
O2 MPD DA . 27.85 -23.65 2.11
CM MPD DA . 28.49 -25.93 1.69
C3 MPD DA . 26.42 -25.41 2.97
C4 MPD DA . 25.59 -24.45 3.82
O4 MPD DA . 25.58 -23.13 3.29
C5 MPD DA . 24.15 -24.94 3.92
N1 A1EEK EA . 9.21 -48.12 -3.35
C7 A1EEK EA . 10.06 -44.14 -0.19
C8 A1EEK EA . 9.04 -43.41 -0.72
N2 A1EEK EA . 9.13 -48.72 -5.55
C9 A1EEK EA . 9.25 -42.27 -1.49
O1 A1EEK EA . 10.83 -40.74 -2.46
C1 A1EEK EA . 13.23 -47.70 -0.86
C5 A1EEK EA . 10.81 -47.57 0.53
C6 A1EEK EA . 9.79 -45.36 0.63
N3 A1EEK EA . 10.21 -49.05 -1.37
C4 A1EEK EA . 11.08 -48.87 -0.20
C3 A1EEK EA . 12.87 -50.10 -1.54
O3 A1EEK EA . 9.80 -51.17 -0.78
C2 A1EEK EA . 12.58 -49.03 -0.49
C27 A1EEK EA . 9.60 -50.24 -1.54
C26 A1EEK EA . 8.64 -50.41 -2.69
C25 A1EEK EA . 8.10 -49.04 -3.07
C20 A1EEK EA . 9.82 -48.13 -4.56
C21 A1EEK EA . 9.62 -48.70 -6.92
C22 A1EEK EA . 8.90 -47.68 -7.77
C23 A1EEK EA . 9.75 -46.43 -7.90
C24 A1EEK EA . 9.13 -45.42 -8.76
F2 A1EEK EA . 9.68 -44.23 -8.60
F1 A1EEK EA . 9.24 -45.70 -10.05
F A1EEK EA . 7.84 -45.27 -8.53
O2 A1EEK EA . 10.92 -47.64 -4.73
C A1EEK EA . 13.97 -47.72 -2.15
C19 A1EEK EA . 10.03 -47.84 -2.18
C18 A1EEK EA . 9.25 -46.84 -1.28
N A1EEK EA . 10.07 -46.63 -0.07
O A1EEK EA . 11.28 -47.42 1.64
C17 A1EEK EA . 11.41 -43.70 -0.42
C16 A1EEK EA . 12.54 -44.39 0.10
C15 A1EEK EA . 13.81 -43.95 -0.14
C14 A1EEK EA . 14.03 -42.81 -0.91
C13 A1EEK EA . 12.98 -42.12 -1.43
C12 A1EEK EA . 11.64 -42.53 -1.20
C10 A1EEK EA . 10.52 -41.83 -1.72
C11 A1EEK EA . 9.76 -40.02 -3.07
C1 MPD FA . 3.09 -33.08 19.40
C2 MPD FA . 3.43 -32.91 17.92
O2 MPD FA . 4.42 -31.88 17.76
CM MPD FA . 4.05 -34.19 17.38
C3 MPD FA . 2.17 -32.56 17.12
C4 MPD FA . 1.60 -31.17 17.38
O4 MPD FA . 2.60 -30.15 17.28
C5 MPD FA . 0.50 -30.84 16.39
N1 A1EEK GA . -16.46 -46.22 -0.85
C7 A1EEK GA . -15.73 -42.30 2.54
C8 A1EEK GA . -15.68 -41.34 1.56
N2 A1EEK GA . -15.38 -47.14 -2.63
C9 A1EEK GA . -14.50 -40.68 1.25
O1 A1EEK GA . -12.14 -40.41 1.66
C1 A1EEK GA . -14.92 -46.87 3.33
C5 A1EEK GA . -17.38 -45.40 3.19
C6 A1EEK GA . -17.02 -43.04 2.82
N3 A1EEK GA . -17.38 -46.94 1.24
C4 A1EEK GA . -17.38 -46.84 2.71
C3 A1EEK GA . -16.12 -49.04 2.85
O3 A1EEK GA . -19.01 -48.48 1.31
C2 A1EEK GA . -16.25 -47.63 3.40
C27 A1EEK GA . -18.25 -47.79 0.66
C26 A1EEK GA . -18.27 -47.86 -0.85
C25 A1EEK GA . -17.77 -46.55 -1.41
C20 A1EEK GA . -15.37 -46.89 -1.32
C21 A1EEK GA . -14.40 -48.03 -3.24
C22 A1EEK GA . -13.60 -47.34 -4.32
C23 A1EEK GA . -13.00 -46.06 -3.77
C24 A1EEK GA . -12.09 -45.43 -4.73
F2 A1EEK GA . -11.22 -44.63 -4.13
F1 A1EEK GA . -11.38 -46.29 -5.41
F A1EEK GA . -12.73 -44.70 -5.63
O2 A1EEK GA . -14.47 -47.24 -0.58
C A1EEK GA . -13.79 -47.56 3.99
C19 A1EEK GA . -16.46 -45.99 0.58
C18 A1EEK GA . -17.03 -44.56 0.88
N A1EEK GA . -17.04 -44.42 2.33
O A1EEK GA . -17.69 -45.17 4.33
C17 A1EEK GA . -14.54 -42.63 3.26
C16 A1EEK GA . -14.52 -43.58 4.32
C15 A1EEK GA . -13.37 -43.85 5.00
C14 A1EEK GA . -12.19 -43.22 4.66
C13 A1EEK GA . -12.15 -42.31 3.65
C12 A1EEK GA . -13.33 -41.96 2.93
C10 A1EEK GA . -13.35 -40.99 1.91
C11 A1EEK GA . -12.04 -39.57 0.51
C1 MPD HA . -26.25 -24.33 13.94
C2 MPD HA . -25.18 -24.86 13.00
O2 MPD HA . -23.88 -24.61 13.54
CM MPD HA . -25.34 -26.38 12.89
C3 MPD HA . -25.30 -24.25 11.61
C4 MPD HA . -25.00 -22.76 11.52
O4 MPD HA . -23.74 -22.42 12.10
C5 MPD HA . -24.99 -22.30 10.06
N1 A1EEK IA . -33.19 -32.95 -15.26
C7 A1EEK IA . -32.79 -28.92 -11.93
C8 A1EEK IA . -31.70 -28.36 -12.54
N2 A1EEK IA . -32.04 -34.71 -16.12
C9 A1EEK IA . -30.45 -28.36 -11.95
O1 A1EEK IA . -29.09 -29.00 -10.06
C1 A1EEK IA . -35.76 -32.70 -11.07
C5 A1EEK IA . -35.82 -30.65 -12.90
C6 A1EEK IA . -34.12 -28.94 -12.64
N3 A1EEK IA . -35.39 -32.50 -14.50
C4 A1EEK IA . -36.29 -31.99 -13.45
C3 A1EEK IA . -36.43 -34.44 -12.76
O3 A1EEK IA . -37.17 -33.04 -15.76
C2 A1EEK IA . -36.59 -32.99 -12.32
C27 A1EEK IA . -35.96 -32.95 -15.64
C26 A1EEK IA . -35.07 -33.31 -16.79
C25 A1EEK IA . -33.73 -32.63 -16.58
C20 A1EEK IA . -32.54 -34.12 -15.04
C21 A1EEK IA . -31.27 -35.94 -16.02
C22 A1EEK IA . -29.79 -35.73 -16.28
C23 A1EEK IA . -29.17 -35.09 -15.05
C24 A1EEK IA . -27.72 -35.02 -15.14
F2 A1EEK IA . -27.20 -34.53 -14.03
F1 A1EEK IA . -27.16 -36.20 -15.30
F A1EEK IA . -27.28 -34.27 -16.13
O2 A1EEK IA . -32.44 -34.59 -13.91
C A1EEK IA . -35.05 -33.89 -10.52
C19 A1EEK IA . -33.97 -32.39 -14.18
C18 A1EEK IA . -33.65 -30.87 -14.10
N A1EEK IA . -34.54 -30.27 -13.11
O A1EEK IA . -36.62 -29.96 -12.31
C17 A1EEK IA . -32.65 -29.52 -10.65
C16 A1EEK IA . -33.73 -30.08 -9.93
C15 A1EEK IA . -33.56 -30.63 -8.70
C14 A1EEK IA . -32.31 -30.66 -8.11
C13 A1EEK IA . -31.23 -30.12 -8.75
C12 A1EEK IA . -31.36 -29.53 -10.03
C10 A1EEK IA . -30.28 -28.93 -10.72
C11 A1EEK IA . -27.91 -28.69 -10.79
C1 MPD JA . -36.98 -5.83 -8.59
C2 MPD JA . -35.96 -6.96 -8.62
O2 MPD JA . -35.37 -7.14 -7.33
CM MPD JA . -36.68 -8.25 -8.98
C3 MPD JA . -34.86 -6.71 -9.66
C4 MPD JA . -33.89 -5.56 -9.34
O4 MPD JA . -33.31 -5.69 -8.04
C5 MPD JA . -32.75 -5.51 -10.37
N1 A1EEK KA . -28.43 -18.14 -35.82
C7 A1EEK KA . -28.09 -14.01 -32.69
C8 A1EEK KA . -26.75 -14.19 -32.44
N2 A1EEK KA . -28.04 -20.39 -35.77
C9 A1EEK KA . -26.29 -14.59 -31.20
O1 A1EEK KA . -26.81 -15.15 -28.91
C1 A1EEK KA . -32.16 -15.95 -33.95
C5 A1EEK KA . -30.38 -14.39 -35.44
C6 A1EEK KA . -28.56 -13.57 -34.07
N3 A1EEK KA . -30.14 -16.60 -36.53
C4 A1EEK KA . -31.06 -15.52 -36.19
C3 A1EEK KA . -32.82 -17.35 -35.93
O3 A1EEK KA . -30.91 -16.67 -38.63
C2 A1EEK KA . -32.35 -15.97 -35.46
C27 A1EEK KA . -30.13 -17.06 -37.79
C26 A1EEK KA . -29.10 -18.09 -38.17
C25 A1EEK KA . -27.94 -18.03 -37.19
C20 A1EEK KA . -28.74 -19.35 -35.28
C21 A1EEK KA . -28.40 -21.75 -35.41
C22 A1EEK KA . -27.28 -22.48 -34.69
C23 A1EEK KA . -27.14 -21.94 -33.28
C24 A1EEK KA . -26.02 -22.54 -32.54
F2 A1EEK KA . -25.99 -22.12 -31.29
F1 A1EEK KA . -26.08 -23.85 -32.49
F A1EEK KA . -24.85 -22.24 -33.08
O2 A1EEK KA . -29.58 -19.47 -34.41
C A1EEK KA . -33.10 -16.83 -33.18
C19 A1EEK KA . -29.25 -16.99 -35.42
C18 A1EEK KA . -28.33 -15.77 -35.16
N A1EEK KA . -29.19 -14.63 -34.85
O A1EEK KA . -30.93 -13.32 -35.37
C17 A1EEK KA . -29.03 -14.24 -31.65
C16 A1EEK KA . -30.43 -14.04 -31.81
C15 A1EEK KA . -31.30 -14.26 -30.78
C14 A1EEK KA . -30.84 -14.68 -29.56
C13 A1EEK KA . -29.51 -14.88 -29.33
C12 A1EEK KA . -28.57 -14.66 -30.37
C10 A1EEK KA . -27.17 -14.81 -30.18
C11 A1EEK KA . -25.57 -15.81 -28.74
C1 MPD LA . -20.97 8.56 -30.90
C2 MPD LA . -20.95 7.14 -30.35
O2 MPD LA . -21.40 7.14 -28.99
CM MPD LA . -21.92 6.28 -31.14
C3 MPD LA . -19.55 6.54 -30.45
C4 MPD LA . -18.50 7.14 -29.51
O4 MPD LA . -18.94 7.20 -28.15
C5 MPD LA . -17.21 6.33 -29.55
N1 A1EEK MA . -5.54 -12.89 -47.33
C7 A1EEK MA . -5.26 -8.72 -44.21
C8 A1EEK MA . -4.67 -9.39 -43.17
N2 A1EEK MA . -6.45 -14.98 -47.37
C9 A1EEK MA . -5.35 -9.61 -41.97
O1 A1EEK MA . -7.38 -9.36 -40.70
C1 A1EEK MA . -7.88 -8.68 -48.46
C5 A1EEK MA . -5.17 -8.73 -47.81
C6 A1EEK MA . -4.50 -8.51 -45.49
N3 A1EEK MA . -5.40 -11.02 -48.81
C4 A1EEK MA . -5.56 -9.57 -49.02
C3 A1EEK MA . -7.58 -10.21 -50.45
O3 A1EEK MA . -4.58 -11.26 -50.88
C2 A1EEK MA . -6.93 -9.13 -49.57
C27 A1EEK MA . -4.85 -11.75 -49.81
C26 A1EEK MA . -4.57 -13.19 -49.54
C25 A1EEK MA . -4.37 -13.38 -48.06
C20 A1EEK MA . -6.64 -13.68 -47.17
C21 A1EEK MA . -7.56 -15.92 -47.29
C22 A1EEK MA . -7.50 -16.76 -46.02
C23 A1EEK MA . -8.28 -16.06 -44.92
C24 A1EEK MA . -8.40 -16.88 -43.69
F2 A1EEK MA . -8.92 -16.18 -42.71
F1 A1EEK MA . -9.15 -17.94 -43.84
F A1EEK MA . -7.24 -17.32 -43.23
O2 A1EEK MA . -7.72 -13.20 -46.85
C A1EEK MA . -8.89 -9.69 -48.09
C19 A1EEK MA . -5.76 -11.46 -47.45
C18 A1EEK MA . -4.77 -10.77 -46.48
N A1EEK MA . -4.99 -9.32 -46.61
O A1EEK MA . -5.03 -7.54 -47.97
C17 A1EEK MA . -6.59 -8.23 -44.07
C16 A1EEK MA . -7.26 -7.49 -45.09
C15 A1EEK MA . -8.52 -7.03 -44.91
C14 A1EEK MA . -9.20 -7.27 -43.73
C13 A1EEK MA . -8.61 -7.97 -42.72
C12 A1EEK MA . -7.29 -8.46 -42.85
C10 A1EEK MA . -6.63 -9.17 -41.82
C11 A1EEK MA . -6.89 -10.28 -39.74
C1 MPD NA . 6.99 7.32 -35.45
C2 MPD NA . 8.37 6.80 -35.79
O2 MPD NA . 9.30 7.89 -35.62
CM MPD NA . 8.44 6.36 -37.23
C3 MPD NA . 8.79 5.67 -34.83
C4 MPD NA . 9.48 6.14 -33.58
O4 MPD NA . 8.59 6.90 -32.80
C5 MPD NA . 9.97 4.99 -32.75
N1 A1EEK OA . 17.71 -21.65 -40.40
C7 A1EEK OA . 18.34 -17.33 -37.54
C8 A1EEK OA . 17.71 -17.86 -36.45
N2 A1EEK OA . 16.10 -22.99 -41.33
C9 A1EEK OA . 16.49 -17.39 -36.00
O1 A1EEK OA . 14.67 -15.84 -36.29
C1 A1EEK OA . 18.55 -17.64 -42.37
C5 A1EEK OA . 20.37 -18.41 -40.26
C6 A1EEK OA . 19.65 -17.90 -38.01
N3 A1EEK OA . 19.62 -20.53 -41.29
C4 A1EEK OA . 20.32 -19.26 -41.52
C3 A1EEK OA . 19.58 -19.32 -43.95
O3 A1EEK OA . 21.23 -21.66 -42.36
C2 A1EEK OA . 19.81 -18.44 -42.73
C27 A1EEK OA . 20.19 -21.67 -41.73
C26 A1EEK OA . 19.52 -22.97 -41.39
C25 A1EEK OA . 18.62 -22.78 -40.18
C20 A1EEK OA . 16.59 -21.75 -41.17
C21 A1EEK OA . 14.91 -23.21 -42.13
C22 A1EEK OA . 13.72 -23.64 -41.30
C23 A1EEK OA . 13.15 -22.42 -40.63
C24 A1EEK OA . 11.95 -22.70 -39.81
F2 A1EEK OA . 11.48 -21.59 -39.28
F1 A1EEK OA . 10.97 -23.24 -40.50
F A1EEK OA . 12.18 -23.52 -38.79
O2 A1EEK OA . 16.09 -20.77 -41.68
C A1EEK OA . 17.93 -16.97 -43.54
C19 A1EEK OA . 18.40 -20.38 -40.47
C18 A1EEK OA . 18.90 -20.00 -39.06
N A1EEK OA . 19.55 -18.69 -39.23
O A1EEK OA . 21.18 -17.51 -40.20
C17 A1EEK OA . 17.71 -16.25 -38.25
C16 A1EEK OA . 18.30 -15.63 -39.38
C15 A1EEK OA . 17.68 -14.60 -40.03
C14 A1EEK OA . 16.44 -14.15 -39.60
C13 A1EEK OA . 15.83 -14.71 -38.52
C12 A1EEK OA . 16.45 -15.77 -37.80
C10 A1EEK OA . 15.86 -16.37 -36.66
C11 A1EEK OA . 13.93 -16.50 -35.27
C1 MPD PA . 31.52 -6.97 -20.61
C2 MPD PA . 30.14 -7.36 -21.15
O2 MPD PA . 29.33 -6.20 -21.33
CM MPD PA . 30.33 -8.02 -22.52
C3 MPD PA . 29.45 -8.36 -20.22
C4 MPD PA . 29.04 -7.82 -18.85
O4 MPD PA . 28.26 -6.61 -18.95
C5 MPD PA . 28.19 -8.84 -18.11
#